data_5C0X
#
_entry.id   5C0X
#
_cell.length_a   106.150
_cell.length_b   177.390
_cell.length_c   299.900
_cell.angle_alpha   90.000
_cell.angle_beta   90.000
_cell.angle_gamma   90.000
#
_symmetry.space_group_name_H-M   'P 21 21 21'
#
loop_
_entity.id
_entity.type
_entity.pdbx_description
1 polymer 'Exosome complex component RRP45'
2 polymer 'Exosome complex component SKI6'
3 polymer 'Exosome complex component RRP43'
4 polymer 'Exosome complex component RRP46'
5 polymer 'Exosome complex component RRP42'
6 polymer 'Exosome complex component MTR3'
7 polymer 'Exosome complex component RRP40'
8 polymer 'Exosome complex component RRP4'
9 polymer 'Exosome complex component CSL4'
10 polymer 'Exosome complex exonuclease DIS3'
11 polymer 'Exosome complex exonuclease RRP6'
12 polymer 'RNA synthetic'
13 non-polymer 'ZINC ION'
#
loop_
_entity_poly.entity_id
_entity_poly.type
_entity_poly.pdbx_seq_one_letter_code
_entity_poly.pdbx_strand_id
1 'polypeptide(L)'
;MAKDIEISASESKFILEALRQNYRLDGRSFDQFRDVEITFGKEFGDVSVKMGNTKVHCRISCQIAQPYEDRPFEGLFVIS
TEISPMAGSQFENGNITGEDEVLCSRIIEKSVRRSGALDVEGLCIVAGSKCWAVRADVHFLDCDGGFIDASCIAVMAGLM
HFKKPDITVHGEQIIVHPVNEREPVPLGILHIPICVTFSFFNPQDTEENIKGETNSEISIIDATLKEELLRDGVLTVTLN
KNREVVQVSKAGGLPMDALTLMKCCHEAYSIIEKITDQILQLLKEDSEKRNKYAAMLTSENAREI
;
A
2 'polypeptide(L)'
;GHMSRLEIYSPEGLRLDGRRWNELRRFESSINTHPHAADGSSYMEQGNNKIITLVKGPKEPRLKSQMDTSKALLNVSVNI
TKFSKFERSKSSHKNERRVLEIQTSLVRMFEKNVMLNIYPRTVIDIEIHVLEQDGGIMGSLINGITLALIDAGISMFDYI
SGISVGLYDTTPLLDTNSLEENAMSTVTLGVVGKSEKLSLLLVEDKIPLDRLENVLAIGIAGAHRVRDLMDEELRKHAQK
RVSNASAR
;
B
3 'polypeptide(L)'
;MAESTTLETIEIHPITFPPEVLARISPELSLQRHLSLGIRPCLRKYEEFRDVAIENNTLSRYADAGNIDTKNNILGSNVL
KSGKTIVITSITGGIIEETSASIKDLDDFGEEELFEVTKEEDIIANYASVYPVVEVERGRVGACTDEEMTISQKLHDSIL
HSRILPKKALKVKAGVRSANEDGTFSVLYPDELEDDTLNETNLKMKRKWSYVLYAKIVVLSRTGPVFDLCWNSLMYALQS
VKLPRAFIDERASDLRMTIRTRGRSATIRETYEIICDQTKSVPLMINAKNIAFASNYGIVELDPECQLQNSDNSEEEEVD
IDMDKLNTVLIADLDTEAEETSIHSTISILAAPSGNYKQLTLMGGGAKITPEMIKRSLLLSRVRADDLSTRFNI
;
C
4 'polypeptide(L)'
;GHGNNKEPNTKNRLDSAEKKKKMSVQAEIGILDHVDGSSEFVSQDTKVICSVTGPIEPKARQELPTQLALEIIVRPAKGV
ATTREKVLEDKLRAVLTPLITRHCYPRQLCQITCQILESGEDEAEFSLRELSCCINAAFLALVDAGIALNSMCASIPIAI
IKDTSDIIVDPTAEQLKISLSVHTLALEFVNGGKVVKNVLLLDSNGDFNEDQLFSLLELGEQKCQELVTNIRRIIQDNIS
PRLVV
;
D
5 'polypeptide(L)'
;GHMSLSVAEKSYLYDSLASTPSIRPDGRLPHQFRPIEIFTDFLPSSNGSSRIIASDGSECIVSIKSKVVDHHVENELLQV
DVDIAGQRDDALVVETITSLLNKVLKSGSGVDSSKLQLTKKYSFKIFVDVLVISSHSHPISLISFAIYSALNSTYLPKLI
SAFDDLEVEELPTFHDYDMVKLDINPPLVFILAVVGNNMLLDPAANESEVANNGLIISWSNGKITSPIRSVALNDSNVKS
FKPHLLKQGLAMVEKYAPDVVRSLENL
;
E
6 'polypeptide(L)'
;MNVQDRRRLLGPAAAKPMAFSNTTTHVPEKKSTDLTPKGNESEQELSLHTGFIENCNGSALVEARSLGHQTSLISAVYGP
RSIRGSFTSQGTISIQLKNGLLEKYNTNELKEVSSFLMGIFNSVVNLSRYPKSGIDIFVYLTYDKDLTNNPQDDDSQSKM
TSSQISSLIPHCITSITLALADAGIELVDMAGAGEANGTVVSFIKNGEEIVGFWKDDGDDEDLLECLDRCKEQYNRYRDL
MISCLMNQET
;
F
7 'polypeptide(L)'
;GPHMSTFIFPGDSFPVDPTTPVKLGPGIYCDPNTQEIRPVNTGVLHVSAKGKSGVQTAYIDYSSKRYIPSVNDFVIGVII
GTFSDSYKVSLQNFSSSVSLSYMAFPNASKKNRPTLQVGDLVYARVCTAEKELEAEIECFDSTTGRDAGFGILEDGMIID
VNLNFARQLLFNNDFPLLKVLAAHTKFEVAIGLNGKIWVKCEELSNTLACYRTIMECCQKNDTAAFKDIAKRQFKEILTV
KEE
;
G
8 'polypeptide(L)'
;RSMSEVITITKRNGAFQNSSNLSYNNTGISDDENDEEDIYMHDVNSASKSESDSQIVTPGELVTDDPIWMRGHGTYFLDN
MTYSSVAGTVSRVNRLLSVIPLKGRYAPETGDHVVGRIAEVGNKRWKVDIGGKQHAVLMLGSVNLPGGILRRKSESDELQ
MRSFLKEGDLLNAEVQSLFQDGSASLHTRSLKYGKLRNGMFCQVPSSLIVRAKNHTHNLPGNITVVLGVNGYIWLRKTSQ
MDLARDTPSANNSSSIKSTGPTGAVSLNPSITRLEEESSWQIYSDENDPSISNNIRQAICRYANVIKALAFCEIGITQQR
IVSAYEASMVYSNVGELIEKNVMESIGSDILTAEKMRGNGN
;
H
9 'polypeptide(L)'
;GPHMACNFQFPEIAYPGKLICPQYGTENKDGEDIIFNYVPGPGTKLIQYEHNGRTLEAITATLVGTVRCEEEKKTDQEEE
REGTDQSTEEEKSVDASPNDVTRRTVKNILVSVLPGTEKGRKTNKYANNDFANNLPKEGDIVLTRVTRLSLQRANVEILA
VEDKPSPIDSGIGSNGSGIVAAGGGSGAATFSVSQASSDLGETFRGIIRSQDVRSTDRDRVKVIECFKPGDIVRAQVLSL
GDGTNYYLTTARNDLGVVFARAANGAGGLMYATDWQMMTSPVTGATEKRKCAKPF
;
I
10 'polypeptide(L)'
;GAMSVPAIAPRRKRLADGLSVTQKVFVRSRNGGATKIVREHYLRSDIPCLSRSCTKCPQIVVPDAQNELPKFILSDSPLE
LSAPIGKHYVVLDTNVVLQAIDLLENPNCFFDVIVPQIVLDEVRNKSYPVYTRLRTLCRDSDDHKRFIVFHNEFSEHTFV
ERLPNETINDRNNRAIRKTCQWYSEHLKPYDINVVLVTNDRLNREAATKEVESNIITKSLVQYIELLPNADDIRDSIPQM
DSFDKDLERDTFSDFTFPEYYSTARVMGGLKNGVLYQGNIQISEYNFLEGSVSLPRFSKPVLIVGQKNLNRAFNGDQVIV
ELLPQSEWKAPSSIVLDSEHFDVNDNPDIEAGDDDDNNESSSNTTVISDKQRRLLAKDAMIAQRSKKIQPTAKVVYIQRR
SWRQYVGQLAPSSVDPQSSSTQNVFVILMDKCLPKVRIRTRRAAELLDKRIVISIDSWPTTHKYPLGHFVRDLGTIESAQ
AETEALLLEHDVEYRPFSKKVLECLPAEGHDWKAPTKLDDPEAVSKDPLLTKRKDLRDKLICSIDPPGCVDINDALHAKK
LPNGNWEVGVHIADVTHFVKPGTALDAEGAARGTSVYLVDKRIDMLPMLLGTDLCSLKPYVDRFAFSVIWELDDSANIVN
VNFMKSVIRSREAFSYEQAQLRIDDKTQNDELTMGMRALLKLSVKLKQKRLEAGALNLASPEVKVHMDSETSDPNEVEIK
KLLATNSLVEEFMLLANISVARKIYDAFPQTAMLRRHAAPPSTNFEILNEMLNTRKNMSISLESSKALADSLDRCVDPED
PYFNTLVRIMSTRCMMAAQYFYSGAYSYPDFRHYGLAVDIYTHFTSPIRRYCDVVAHRQLAGAIGYEPLSLTHRDKNKMD
MICRNINRKHRNAQFAGRASIEYYVGQVMRNNESTETGYVIKVFNNGIVVLVPKFGVEGLIRLDNLTEDPNSAAFDEVEY
KLTFVPTNSDKPRDVYVFDKVEVQVRSVMDPITSKRKAELLLK
;
J
11 'polypeptide(L)'
;GAMASENPDVLLSRVINVVRAASSLASQDVDFYKNLDRGFSKDLKSKADKLADMANEIILSIDEHHESFELKEEDISDLW
NNFGNIMDNLLEMSDHSLDKLNCAINSKSRGSDLQYLGEFSGKNFSPTKRVEKPQLKFKSPIDNSESHPFIPLLKEKPNA
LKPLSESLRLVDDDENNPSHYPHPYEYEIDHQEYSPEILQIREEIPSKSWDDSVPIWVDTSTELESMLEDLKNTKEIAVD
LEHHDYRSYYGIVCLMQISTRERDYLVDTLKLRENLHILNEVFTNPSIVKVFHGAFMNIIWLQRDLGLYVVGLFDTYHAS
KAIGLPRHSLAYLLENFANFKTSKKYQLADWRIRPLSKPMTAYARADTHFLLNIYDQLRNKLIESNKLAGVLYESRNVAK
RRFEYSKYRPLTPSSEVYSPIEKESPWKILMYQYNIPPEREVLVRELYQWRDLIARRDDESPRFVMPNQLLAALVAYTPT
DVIGVVSLTNGVTEHVRQNAKLLANLIRDALRNIKNTNEEATPIPSSETKADGILLETISVPQIRDVMERFSVLCNSNIS
KSRAKPVTNSSILLGKILPREEHDIAYSKDGLPNKVKTEDIRIRAQNFKSALANLEDIIFEIEKPLVVPVKLEEIKTVDP
ASAPNHSPEIDNLDDLVVLKKKNIQKKQPAKEKGVTEKDAVDYSKIPNILSNKPG
;
K
12 'polyribonucleotide' CCCCCGAGAGGGGGUUUUUUUUUUUUUUUUUUUUUUUUUUUUUUU R
#
loop_
_chem_comp.id
_chem_comp.type
_chem_comp.name
_chem_comp.formula
A RNA linking ADENOSINE-5'-MONOPHOSPHATE 'C10 H14 N5 O7 P'
C RNA linking CYTIDINE-5'-MONOPHOSPHATE 'C9 H14 N3 O8 P'
G RNA linking GUANOSINE-5'-MONOPHOSPHATE 'C10 H14 N5 O8 P'
U RNA linking URIDINE-5'-MONOPHOSPHATE 'C9 H13 N2 O9 P'
ZN non-polymer 'ZINC ION' 'Zn 2'
#
# COMPACT_ATOMS: atom_id res chain seq x y z
N LYS A 3 -18.73 4.22 4.33
CA LYS A 3 -19.90 3.93 5.15
C LYS A 3 -19.70 4.45 6.58
N ASP A 4 -20.58 5.33 7.02
CA ASP A 4 -20.42 6.00 8.31
C ASP A 4 -21.18 5.32 9.44
N ILE A 5 -20.70 5.52 10.66
CA ILE A 5 -21.41 5.10 11.85
C ILE A 5 -22.12 6.30 12.46
N GLU A 6 -23.45 6.29 12.43
CA GLU A 6 -24.23 7.41 12.95
C GLU A 6 -24.32 7.35 14.46
N ILE A 7 -23.85 8.41 15.12
CA ILE A 7 -23.92 8.50 16.57
C ILE A 7 -24.80 9.68 17.00
N SER A 8 -25.92 9.36 17.65
CA SER A 8 -26.87 10.38 18.09
C SER A 8 -26.26 11.31 19.13
N ALA A 9 -26.87 12.47 19.29
CA ALA A 9 -26.44 13.42 20.31
C ALA A 9 -26.62 12.83 21.70
N SER A 10 -27.71 12.07 21.86
CA SER A 10 -28.03 11.44 23.13
C SER A 10 -26.96 10.45 23.57
N GLU A 11 -26.49 9.64 22.63
CA GLU A 11 -25.45 8.66 22.92
C GLU A 11 -24.12 9.34 23.22
N SER A 12 -23.83 10.40 22.48
CA SER A 12 -22.62 11.18 22.69
C SER A 12 -22.60 11.81 24.08
N LYS A 13 -23.73 12.39 24.47
CA LYS A 13 -23.85 13.06 25.76
C LYS A 13 -23.85 12.07 26.91
N PHE A 14 -24.45 10.91 26.70
CA PHE A 14 -24.58 9.90 27.75
C PHE A 14 -23.24 9.27 28.11
N ILE A 15 -22.52 8.79 27.11
CA ILE A 15 -21.24 8.11 27.31
C ILE A 15 -20.22 9.07 27.92
N LEU A 16 -20.26 10.33 27.50
CA LEU A 16 -19.35 11.33 28.04
C LEU A 16 -19.71 11.70 29.48
N GLU A 17 -21.00 11.82 29.76
CA GLU A 17 -21.47 12.14 31.11
C GLU A 17 -21.18 10.99 32.08
N ALA A 18 -21.25 9.77 31.57
CA ALA A 18 -20.94 8.59 32.37
C ALA A 18 -19.48 8.64 32.80
N LEU A 19 -18.62 9.08 31.90
CA LEU A 19 -17.19 9.23 32.20
C LEU A 19 -16.99 10.28 33.29
N ARG A 20 -17.83 11.32 33.27
CA ARG A 20 -17.78 12.36 34.30
C ARG A 20 -18.24 11.82 35.65
N GLN A 21 -18.87 10.66 35.63
CA GLN A 21 -19.33 10.03 36.87
C GLN A 21 -18.58 8.72 37.12
N ASN A 22 -17.36 8.63 36.59
CA ASN A 22 -16.52 7.44 36.72
C ASN A 22 -17.19 6.14 36.28
N TYR A 23 -18.00 6.23 35.23
CA TYR A 23 -18.68 5.07 34.69
C TYR A 23 -18.31 4.84 33.24
N ARG A 24 -17.98 3.59 32.91
CA ARG A 24 -17.89 3.19 31.51
C ARG A 24 -18.79 1.98 31.27
N LEU A 25 -19.40 1.94 30.09
CA LEU A 25 -20.51 1.01 29.79
C LEU A 25 -20.21 -0.46 30.07
N ASP A 26 -19.00 -0.91 29.77
CA ASP A 26 -18.63 -2.31 29.95
C ASP A 26 -18.38 -2.64 31.43
N GLY A 27 -18.39 -1.62 32.28
CA GLY A 27 -18.23 -1.81 33.70
C GLY A 27 -16.79 -1.85 34.16
N ARG A 28 -15.87 -1.64 33.22
CA ARG A 28 -14.45 -1.61 33.56
C ARG A 28 -14.08 -0.36 34.33
N SER A 29 -12.78 -0.26 34.65
CA SER A 29 -12.18 0.84 35.38
C SER A 29 -11.37 1.66 34.40
N PHE A 30 -11.30 2.97 34.62
CA PHE A 30 -10.60 3.85 33.69
C PHE A 30 -9.19 3.33 33.39
N ASP A 31 -8.58 2.70 34.38
CA ASP A 31 -7.22 2.18 34.24
C ASP A 31 -7.20 0.67 34.03
N GLN A 32 -8.37 0.10 33.74
CA GLN A 32 -8.49 -1.35 33.60
C GLN A 32 -8.35 -1.83 32.16
N PHE A 33 -7.42 -2.75 31.94
CA PHE A 33 -7.21 -3.34 30.63
C PHE A 33 -8.08 -4.60 30.51
N ARG A 34 -8.60 -4.85 29.31
CA ARG A 34 -9.45 -6.02 29.09
C ARG A 34 -8.69 -7.32 29.25
N ASP A 35 -9.39 -8.36 29.69
CA ASP A 35 -8.79 -9.67 29.85
C ASP A 35 -8.40 -10.26 28.50
N VAL A 36 -7.11 -10.54 28.34
CA VAL A 36 -6.59 -11.04 27.07
C VAL A 36 -6.51 -12.58 27.06
N GLU A 37 -7.19 -13.18 26.10
CA GLU A 37 -7.22 -14.63 25.97
C GLU A 37 -6.43 -15.08 24.76
N ILE A 38 -5.48 -15.99 24.97
CA ILE A 38 -4.59 -16.43 23.89
C ILE A 38 -4.76 -17.92 23.60
N THR A 39 -5.17 -18.24 22.38
CA THR A 39 -5.39 -19.62 21.98
C THR A 39 -4.49 -20.03 20.82
N PHE A 40 -3.74 -21.12 21.00
CA PHE A 40 -2.84 -21.60 19.97
C PHE A 40 -3.47 -22.72 19.16
N GLY A 41 -3.25 -22.68 17.85
CA GLY A 41 -3.79 -23.71 16.97
C GLY A 41 -2.91 -24.94 16.97
N LYS A 42 -3.17 -25.86 16.03
CA LYS A 42 -2.38 -27.08 15.94
C LYS A 42 -0.97 -26.77 15.42
N GLU A 43 -0.90 -25.93 14.40
CA GLU A 43 0.37 -25.56 13.79
C GLU A 43 1.07 -24.46 14.59
N PHE A 44 2.40 -24.42 14.50
CA PHE A 44 3.17 -23.38 15.15
C PHE A 44 3.03 -22.07 14.40
N GLY A 45 2.84 -20.98 15.15
CA GLY A 45 2.65 -19.68 14.54
C GLY A 45 1.17 -19.32 14.41
N ASP A 46 0.31 -20.26 14.78
CA ASP A 46 -1.12 -20.02 14.76
C ASP A 46 -1.59 -19.60 16.15
N VAL A 47 -2.01 -18.35 16.27
CA VAL A 47 -2.41 -17.80 17.56
C VAL A 47 -3.68 -16.94 17.42
N SER A 48 -4.59 -17.08 18.37
CA SER A 48 -5.82 -16.29 18.38
C SER A 48 -5.92 -15.45 19.65
N VAL A 49 -5.97 -14.14 19.49
CA VAL A 49 -6.06 -13.23 20.62
C VAL A 49 -7.47 -12.66 20.74
N LYS A 50 -8.00 -12.65 21.95
CA LYS A 50 -9.35 -12.16 22.20
C LYS A 50 -9.38 -11.20 23.38
N MET A 51 -9.90 -10.00 23.14
CA MET A 51 -10.08 -9.00 24.19
C MET A 51 -11.54 -8.59 24.26
N GLY A 52 -12.30 -9.21 25.15
CA GLY A 52 -13.73 -8.97 25.22
C GLY A 52 -14.38 -9.48 23.95
N ASN A 53 -14.94 -8.56 23.17
CA ASN A 53 -15.56 -8.93 21.90
C ASN A 53 -14.58 -8.84 20.74
N THR A 54 -13.48 -8.13 20.95
CA THR A 54 -12.45 -7.97 19.93
C THR A 54 -11.76 -9.30 19.64
N LYS A 55 -11.77 -9.69 18.36
CA LYS A 55 -11.16 -10.95 17.95
C LYS A 55 -10.16 -10.73 16.83
N VAL A 56 -8.90 -11.08 17.08
CA VAL A 56 -7.87 -11.04 16.05
C VAL A 56 -7.14 -12.37 15.96
N HIS A 57 -6.68 -12.71 14.76
CA HIS A 57 -5.96 -13.94 14.53
C HIS A 57 -4.67 -13.67 13.76
N CYS A 58 -3.57 -14.21 14.25
CA CYS A 58 -2.28 -14.02 13.58
C CYS A 58 -1.71 -15.36 13.12
N ARG A 59 -1.05 -15.35 11.96
CA ARG A 59 -0.43 -16.54 11.42
C ARG A 59 1.00 -16.25 10.98
N ILE A 60 1.95 -16.97 11.58
CA ILE A 60 3.36 -16.81 11.22
C ILE A 60 3.78 -17.86 10.20
N SER A 61 4.42 -17.40 9.12
CA SER A 61 4.89 -18.30 8.09
C SER A 61 6.28 -17.87 7.61
N CYS A 62 7.00 -18.79 6.99
CA CYS A 62 8.33 -18.47 6.47
C CYS A 62 8.65 -19.32 5.24
N GLN A 63 9.49 -18.78 4.37
CA GLN A 63 9.92 -19.50 3.18
C GLN A 63 11.34 -19.07 2.78
N ILE A 64 12.06 -19.96 2.10
CA ILE A 64 13.41 -19.67 1.67
C ILE A 64 13.42 -18.53 0.65
N ALA A 65 14.23 -17.52 0.91
CA ALA A 65 14.34 -16.36 0.03
C ALA A 65 15.75 -15.80 0.04
N GLN A 66 16.01 -14.84 -0.85
CA GLN A 66 17.31 -14.20 -0.92
C GLN A 66 17.29 -12.81 -0.31
N PRO A 67 18.26 -12.52 0.58
CA PRO A 67 18.32 -11.23 1.27
C PRO A 67 18.61 -10.08 0.33
N TYR A 68 18.34 -8.85 0.77
CA TYR A 68 18.61 -7.66 -0.03
C TYR A 68 20.12 -7.49 -0.18
N GLU A 69 20.52 -6.76 -1.22
CA GLU A 69 21.93 -6.51 -1.46
C GLU A 69 22.56 -5.70 -0.33
N ASP A 70 21.79 -4.77 0.21
CA ASP A 70 22.26 -3.91 1.30
C ASP A 70 22.50 -4.69 2.59
N ARG A 71 21.67 -5.71 2.83
CA ARG A 71 21.79 -6.50 4.05
C ARG A 71 21.95 -7.98 3.74
N PRO A 72 23.19 -8.42 3.47
CA PRO A 72 23.49 -9.81 3.12
C PRO A 72 23.47 -10.75 4.32
N PHE A 73 23.46 -10.21 5.53
CA PHE A 73 23.48 -11.04 6.74
C PHE A 73 22.12 -11.10 7.42
N GLU A 74 21.17 -10.30 6.95
CA GLU A 74 19.85 -10.24 7.56
C GLU A 74 18.77 -10.91 6.72
N GLY A 75 17.84 -11.57 7.39
CA GLY A 75 16.71 -12.19 6.74
C GLY A 75 15.60 -11.19 6.49
N LEU A 76 14.50 -11.68 5.91
CA LEU A 76 13.37 -10.80 5.59
C LEU A 76 12.25 -10.97 6.60
N PHE A 77 11.60 -9.87 6.96
CA PHE A 77 10.48 -9.91 7.90
C PHE A 77 9.45 -8.84 7.57
N VAL A 78 8.20 -9.26 7.37
CA VAL A 78 7.13 -8.34 7.03
C VAL A 78 5.90 -8.60 7.88
N ILE A 79 5.12 -7.56 8.15
CA ILE A 79 3.90 -7.66 8.93
C ILE A 79 2.72 -7.13 8.15
N SER A 80 1.71 -7.98 7.94
CA SER A 80 0.53 -7.60 7.19
C SER A 80 -0.68 -7.43 8.10
N THR A 81 -1.39 -6.31 7.95
CA THR A 81 -2.56 -6.03 8.76
C THR A 81 -3.70 -5.46 7.91
N GLU A 82 -4.01 -6.12 6.81
CA GLU A 82 -5.09 -5.67 5.92
C GLU A 82 -6.46 -5.87 6.55
N ILE A 83 -7.25 -4.80 6.58
CA ILE A 83 -8.59 -4.84 7.17
C ILE A 83 -9.59 -5.39 6.16
N SER A 84 -10.74 -5.86 6.65
CA SER A 84 -11.79 -6.39 5.80
C SER A 84 -13.15 -6.09 6.41
N PRO A 85 -14.21 -6.11 5.60
CA PRO A 85 -15.57 -5.86 6.10
C PRO A 85 -16.06 -6.88 7.15
N MET A 86 -15.29 -7.93 7.38
CA MET A 86 -15.64 -8.93 8.39
C MET A 86 -15.64 -8.33 9.80
N ALA A 87 -14.74 -7.38 10.04
CA ALA A 87 -14.65 -6.73 11.34
C ALA A 87 -15.73 -5.65 11.49
N GLY A 88 -16.44 -5.39 10.40
CA GLY A 88 -17.47 -4.36 10.37
C GLY A 88 -17.52 -3.67 9.03
N SER A 89 -18.72 -3.24 8.62
CA SER A 89 -18.90 -2.62 7.32
C SER A 89 -18.29 -1.21 7.25
N GLN A 90 -17.79 -0.73 8.39
CA GLN A 90 -17.12 0.56 8.44
C GLN A 90 -15.80 0.51 7.70
N PHE A 91 -15.22 -0.67 7.63
CA PHE A 91 -13.93 -0.85 6.97
C PHE A 91 -14.11 -1.20 5.49
N GLU A 92 -13.41 -0.48 4.63
CA GLU A 92 -13.41 -0.78 3.20
C GLU A 92 -12.42 -1.89 2.92
N ASN A 93 -12.78 -2.80 2.02
CA ASN A 93 -11.93 -3.93 1.69
C ASN A 93 -10.65 -3.50 0.97
N GLY A 94 -9.52 -3.66 1.64
CA GLY A 94 -8.22 -3.35 1.05
C GLY A 94 -7.80 -1.91 1.24
N ASN A 95 -8.57 -1.17 2.03
CA ASN A 95 -8.23 0.22 2.33
C ASN A 95 -6.97 0.31 3.20
N ILE A 96 -5.82 0.40 2.54
CA ILE A 96 -4.54 0.41 3.23
C ILE A 96 -3.88 1.78 3.21
N THR A 97 -4.67 2.82 2.98
CA THR A 97 -4.15 4.18 2.94
C THR A 97 -4.94 5.13 3.83
N GLY A 98 -5.99 4.61 4.48
CA GLY A 98 -6.80 5.40 5.39
C GLY A 98 -6.03 5.83 6.60
N GLU A 99 -6.46 6.92 7.24
CA GLU A 99 -5.76 7.49 8.39
C GLU A 99 -5.50 6.47 9.49
N ASP A 100 -6.57 5.85 9.97
CA ASP A 100 -6.47 4.90 11.07
C ASP A 100 -5.69 3.65 10.68
N GLU A 101 -5.84 3.24 9.43
CA GLU A 101 -5.15 2.03 8.94
C GLU A 101 -3.64 2.23 8.90
N VAL A 102 -3.20 3.35 8.31
CA VAL A 102 -1.78 3.64 8.20
C VAL A 102 -1.13 3.82 9.57
N LEU A 103 -1.86 4.48 10.47
CA LEU A 103 -1.39 4.63 11.85
C LEU A 103 -1.15 3.28 12.51
N CYS A 104 -2.19 2.45 12.53
CA CYS A 104 -2.10 1.10 13.10
C CYS A 104 -0.97 0.31 12.49
N SER A 105 -0.86 0.38 11.16
CA SER A 105 0.22 -0.30 10.44
C SER A 105 1.59 0.20 10.88
N ARG A 106 1.68 1.50 11.14
CA ARG A 106 2.95 2.10 11.55
C ARG A 106 3.28 1.84 13.01
N ILE A 107 2.26 1.74 13.86
CA ILE A 107 2.49 1.44 15.27
C ILE A 107 3.08 0.05 15.44
N ILE A 108 2.47 -0.93 14.78
CA ILE A 108 2.92 -2.30 14.85
C ILE A 108 4.34 -2.43 14.30
N GLU A 109 4.59 -1.77 13.17
CA GLU A 109 5.89 -1.81 12.52
C GLU A 109 6.99 -1.25 13.41
N LYS A 110 6.71 -0.13 14.08
CA LYS A 110 7.68 0.49 14.97
C LYS A 110 7.83 -0.26 16.28
N SER A 111 6.85 -1.12 16.58
CA SER A 111 6.87 -1.89 17.82
C SER A 111 7.59 -3.22 17.68
N VAL A 112 7.51 -3.81 16.48
CA VAL A 112 8.08 -5.14 16.25
C VAL A 112 9.23 -5.13 15.27
N ARG A 113 8.98 -4.62 14.07
CA ARG A 113 10.00 -4.53 13.03
C ARG A 113 11.16 -3.63 13.44
N ARG A 114 10.90 -2.34 13.52
CA ARG A 114 11.90 -1.33 13.81
C ARG A 114 12.60 -1.57 15.15
N SER A 115 11.85 -2.04 16.13
CA SER A 115 12.37 -2.24 17.48
C SER A 115 13.36 -3.40 17.53
N GLY A 116 13.32 -4.24 16.52
CA GLY A 116 14.19 -5.40 16.47
C GLY A 116 13.78 -6.45 17.49
N ALA A 117 12.49 -6.68 17.62
CA ALA A 117 11.97 -7.70 18.52
C ALA A 117 12.37 -9.09 18.00
N LEU A 118 12.44 -9.20 16.68
CA LEU A 118 12.84 -10.44 16.04
C LEU A 118 14.30 -10.38 15.58
N ASP A 119 15.05 -11.42 15.88
CA ASP A 119 16.46 -11.50 15.49
C ASP A 119 16.57 -11.84 14.01
N VAL A 120 16.62 -10.81 13.17
CA VAL A 120 16.69 -11.01 11.73
C VAL A 120 18.05 -11.54 11.28
N GLU A 121 19.07 -11.34 12.11
CA GLU A 121 20.40 -11.86 11.82
C GLU A 121 20.41 -13.38 11.88
N GLY A 122 19.57 -13.94 12.74
CA GLY A 122 19.47 -15.38 12.88
C GLY A 122 18.54 -15.99 11.85
N LEU A 123 18.10 -15.18 10.90
CA LEU A 123 17.25 -15.65 9.81
C LEU A 123 18.08 -15.94 8.57
N CYS A 124 19.38 -15.70 8.67
CA CYS A 124 20.29 -15.91 7.55
C CYS A 124 20.83 -17.34 7.53
N ILE A 125 20.72 -17.99 6.38
CA ILE A 125 21.23 -19.34 6.22
C ILE A 125 22.64 -19.30 5.64
N VAL A 126 22.76 -18.68 4.46
CA VAL A 126 24.05 -18.42 3.85
C VAL A 126 24.14 -16.96 3.41
N ALA A 127 25.16 -16.26 3.91
CA ALA A 127 25.28 -14.81 3.74
C ALA A 127 25.21 -14.35 2.29
N GLY A 128 24.31 -13.41 2.02
CA GLY A 128 24.17 -12.81 0.72
C GLY A 128 23.60 -13.75 -0.35
N SER A 129 23.09 -14.89 0.08
CA SER A 129 22.58 -15.89 -0.85
C SER A 129 21.17 -16.35 -0.49
N LYS A 130 21.05 -17.11 0.60
CA LYS A 130 19.76 -17.65 1.01
C LYS A 130 19.47 -17.39 2.49
N CYS A 131 18.23 -17.02 2.78
CA CYS A 131 17.81 -16.73 4.14
C CYS A 131 16.33 -17.04 4.33
N TRP A 132 15.86 -16.97 5.57
CA TRP A 132 14.45 -17.15 5.86
C TRP A 132 13.68 -15.84 5.71
N ALA A 133 12.45 -15.94 5.24
CA ALA A 133 11.59 -14.76 5.12
C ALA A 133 10.35 -14.93 5.99
N VAL A 134 10.43 -14.46 7.23
CA VAL A 134 9.33 -14.58 8.18
C VAL A 134 8.21 -13.58 7.88
N ARG A 135 6.99 -14.08 7.86
CA ARG A 135 5.82 -13.24 7.58
C ARG A 135 4.79 -13.34 8.69
N ALA A 136 4.34 -12.19 9.18
CA ALA A 136 3.29 -12.15 10.20
C ALA A 136 2.01 -11.57 9.60
N ASP A 137 1.01 -12.45 9.43
CA ASP A 137 -0.26 -12.02 8.86
C ASP A 137 -1.34 -11.89 9.92
N VAL A 138 -1.75 -10.65 10.18
CA VAL A 138 -2.80 -10.38 11.16
C VAL A 138 -4.16 -10.30 10.50
N HIS A 139 -5.13 -11.05 11.03
CA HIS A 139 -6.47 -11.08 10.48
C HIS A 139 -7.46 -10.50 11.50
N PHE A 140 -8.04 -9.35 11.17
CA PHE A 140 -8.99 -8.68 12.05
C PHE A 140 -10.39 -9.27 11.87
N LEU A 141 -10.78 -10.14 12.79
CA LEU A 141 -12.04 -10.86 12.67
C LEU A 141 -13.23 -10.04 13.16
N ASP A 142 -13.11 -9.51 14.38
CA ASP A 142 -14.21 -8.78 15.01
C ASP A 142 -13.68 -7.55 15.73
N CYS A 143 -14.22 -6.39 15.42
CA CYS A 143 -13.73 -5.13 15.98
C CYS A 143 -14.60 -4.58 17.11
N ASP A 144 -14.00 -4.48 18.30
CA ASP A 144 -14.62 -3.77 19.41
C ASP A 144 -13.56 -2.91 20.07
N GLY A 145 -12.78 -2.23 19.24
CA GLY A 145 -11.70 -1.38 19.71
C GLY A 145 -10.43 -2.17 20.03
N GLY A 146 -9.38 -1.44 20.37
CA GLY A 146 -8.10 -2.02 20.77
C GLY A 146 -7.43 -2.91 19.76
N PHE A 147 -7.54 -2.55 18.49
CA PHE A 147 -6.89 -3.30 17.42
C PHE A 147 -5.37 -3.30 17.52
N ILE A 148 -4.81 -2.15 17.87
CA ILE A 148 -3.36 -1.99 17.97
C ILE A 148 -2.75 -2.86 19.07
N ASP A 149 -3.43 -2.92 20.21
CA ASP A 149 -2.98 -3.72 21.34
C ASP A 149 -3.17 -5.21 21.06
N ALA A 150 -4.27 -5.54 20.41
CA ALA A 150 -4.58 -6.93 20.08
C ALA A 150 -3.60 -7.48 19.05
N SER A 151 -3.24 -6.65 18.09
CA SER A 151 -2.32 -7.06 17.02
C SER A 151 -0.90 -7.27 17.56
N CYS A 152 -0.44 -6.35 18.40
CA CYS A 152 0.91 -6.43 18.94
C CYS A 152 1.08 -7.69 19.77
N ILE A 153 0.03 -8.09 20.49
CA ILE A 153 0.06 -9.33 21.26
C ILE A 153 -0.04 -10.52 20.33
N ALA A 154 -0.86 -10.41 19.30
CA ALA A 154 -1.03 -11.49 18.33
C ALA A 154 0.25 -11.79 17.57
N VAL A 155 0.95 -10.73 17.15
CA VAL A 155 2.20 -10.89 16.43
C VAL A 155 3.28 -11.49 17.31
N MET A 156 3.44 -10.94 18.51
CA MET A 156 4.48 -11.40 19.43
C MET A 156 4.24 -12.82 19.93
N ALA A 157 3.00 -13.14 20.28
CA ALA A 157 2.66 -14.49 20.74
C ALA A 157 2.91 -15.50 19.63
N GLY A 158 2.63 -15.08 18.38
CA GLY A 158 2.85 -15.93 17.24
C GLY A 158 4.31 -16.18 16.97
N LEU A 159 5.11 -15.13 17.00
CA LEU A 159 6.55 -15.23 16.76
C LEU A 159 7.25 -16.10 17.81
N MET A 160 6.77 -16.01 19.04
CA MET A 160 7.35 -16.78 20.13
C MET A 160 6.86 -18.23 20.13
N HIS A 161 5.76 -18.47 19.43
CA HIS A 161 5.18 -19.80 19.36
C HIS A 161 5.62 -20.52 18.09
N PHE A 162 5.98 -19.75 17.07
CA PHE A 162 6.37 -20.31 15.78
C PHE A 162 7.69 -21.07 15.86
N LYS A 163 7.82 -22.09 15.02
CA LYS A 163 9.06 -22.84 14.90
C LYS A 163 9.33 -23.14 13.43
N LYS A 164 10.53 -22.80 12.96
CA LYS A 164 10.90 -23.02 11.56
C LYS A 164 11.63 -24.35 11.41
N PRO A 165 11.43 -24.99 10.25
CA PRO A 165 12.01 -26.30 9.97
C PRO A 165 13.52 -26.20 9.85
N ASP A 166 14.22 -27.21 10.34
CA ASP A 166 15.67 -27.20 10.27
C ASP A 166 16.15 -27.21 8.83
N ILE A 167 17.14 -26.38 8.55
CA ILE A 167 17.78 -26.37 7.25
C ILE A 167 19.30 -26.61 7.32
N THR A 168 19.77 -27.59 6.56
CA THR A 168 21.19 -27.82 6.39
C THR A 168 21.60 -27.36 5.00
N VAL A 169 22.70 -26.62 4.90
CA VAL A 169 23.14 -26.12 3.60
C VAL A 169 24.54 -26.56 3.22
N HIS A 170 24.66 -27.16 2.04
CA HIS A 170 25.96 -27.44 1.47
C HIS A 170 26.06 -26.76 0.13
N GLY A 171 27.06 -25.90 -0.01
CA GLY A 171 27.28 -25.20 -1.26
C GLY A 171 26.03 -24.43 -1.68
N GLU A 172 25.70 -24.53 -2.96
CA GLU A 172 24.46 -23.96 -3.48
C GLU A 172 23.20 -24.63 -2.91
N GLN A 173 23.26 -25.95 -2.76
CA GLN A 173 22.08 -26.75 -2.41
C GLN A 173 21.50 -26.46 -1.03
N ILE A 174 20.17 -26.51 -0.95
CA ILE A 174 19.45 -26.32 0.31
C ILE A 174 18.65 -27.57 0.64
N ILE A 175 18.77 -28.03 1.88
CA ILE A 175 18.12 -29.25 2.33
C ILE A 175 17.11 -28.94 3.43
N VAL A 176 15.85 -28.80 3.04
CA VAL A 176 14.80 -28.46 3.99
C VAL A 176 14.26 -29.71 4.69
N HIS A 177 14.71 -29.93 5.92
CA HIS A 177 14.27 -31.06 6.71
C HIS A 177 12.83 -30.91 7.15
N PRO A 178 12.04 -31.95 6.91
CA PRO A 178 10.65 -32.00 7.37
C PRO A 178 10.61 -32.12 8.90
N VAL A 179 9.52 -31.65 9.51
CA VAL A 179 9.41 -31.61 10.95
C VAL A 179 9.49 -32.99 11.58
N ASN A 180 8.86 -33.97 10.95
CA ASN A 180 8.86 -35.32 11.50
C ASN A 180 10.24 -35.95 11.60
N GLU A 181 11.07 -35.78 10.57
CA GLU A 181 12.42 -36.33 10.58
C GLU A 181 13.28 -35.71 11.69
N ARG A 182 13.17 -34.39 11.83
CA ARG A 182 13.87 -33.66 12.88
C ARG A 182 12.95 -32.55 13.37
N GLU A 183 13.10 -32.14 14.63
CA GLU A 183 12.18 -31.13 15.15
C GLU A 183 12.50 -29.75 14.57
N PRO A 184 11.47 -28.88 14.48
CA PRO A 184 11.68 -27.51 14.00
C PRO A 184 12.36 -26.61 15.03
N VAL A 185 12.90 -25.49 14.57
CA VAL A 185 13.66 -24.59 15.42
C VAL A 185 12.90 -23.29 15.68
N PRO A 186 12.82 -22.86 16.96
CA PRO A 186 12.15 -21.62 17.34
C PRO A 186 12.87 -20.37 16.81
N LEU A 187 12.19 -19.23 16.90
CA LEU A 187 12.77 -17.96 16.45
C LEU A 187 13.51 -17.25 17.58
N GLY A 188 14.35 -16.29 17.23
CA GLY A 188 15.08 -15.52 18.21
C GLY A 188 14.39 -14.21 18.55
N ILE A 189 13.98 -14.07 19.80
CA ILE A 189 13.30 -12.87 20.24
C ILE A 189 14.18 -12.06 21.21
N LEU A 190 14.55 -10.85 20.80
CA LEU A 190 15.42 -10.01 21.59
C LEU A 190 14.67 -9.40 22.77
N HIS A 191 13.43 -9.02 22.54
CA HIS A 191 12.58 -8.47 23.59
C HIS A 191 11.10 -8.65 23.23
N ILE A 192 10.23 -8.48 24.22
CA ILE A 192 8.80 -8.66 24.01
C ILE A 192 8.04 -7.34 24.17
N PRO A 193 7.77 -6.65 23.05
CA PRO A 193 7.06 -5.38 23.05
C PRO A 193 5.56 -5.58 23.20
N ILE A 194 4.93 -4.77 24.05
CA ILE A 194 3.49 -4.83 24.25
C ILE A 194 2.91 -3.43 24.15
N CYS A 195 1.83 -3.27 23.39
CA CYS A 195 1.19 -1.98 23.23
C CYS A 195 0.02 -1.78 24.18
N VAL A 196 -0.09 -0.56 24.72
CA VAL A 196 -1.24 -0.18 25.53
C VAL A 196 -1.76 1.17 25.02
N THR A 197 -3.03 1.19 24.61
CA THR A 197 -3.61 2.38 24.01
C THR A 197 -4.51 3.14 24.96
N PHE A 198 -4.29 4.45 25.06
CA PHE A 198 -5.09 5.31 25.92
C PHE A 198 -6.00 6.19 25.08
N SER A 199 -7.22 6.39 25.56
CA SER A 199 -8.20 7.23 24.87
C SER A 199 -8.54 8.45 25.71
N PHE A 200 -8.55 9.62 25.08
CA PHE A 200 -8.77 10.85 25.82
C PHE A 200 -10.13 11.49 25.50
N PHE A 201 -10.75 12.06 26.52
CA PHE A 201 -12.05 12.70 26.38
C PHE A 201 -12.06 14.07 27.03
N ASN A 202 -12.51 15.14 26.28
CA ASN A 202 -12.66 16.48 26.84
C ASN A 202 -14.09 16.68 27.34
N PRO A 203 -14.26 16.70 28.68
CA PRO A 203 -15.58 16.83 29.29
C PRO A 203 -16.15 18.23 29.12
N GLN A 204 -15.28 19.19 28.81
CA GLN A 204 -15.71 20.57 28.62
C GLN A 204 -15.50 21.00 27.17
N ASP A 205 -15.17 22.26 26.95
CA ASP A 205 -14.98 22.77 25.59
C ASP A 205 -13.52 23.01 25.25
N THR A 206 -13.24 23.34 24.00
CA THR A 206 -11.88 23.53 23.51
C THR A 206 -11.19 24.70 24.23
N GLU A 207 -11.95 25.74 24.52
CA GLU A 207 -11.41 26.91 25.18
C GLU A 207 -10.84 26.55 26.54
N GLU A 208 -11.49 25.64 27.26
CA GLU A 208 -11.01 25.29 28.59
C GLU A 208 -9.89 24.26 28.50
N ASN A 209 -9.67 23.72 27.31
CA ASN A 209 -8.56 22.81 27.08
C ASN A 209 -7.29 23.57 26.71
N ILE A 210 -7.47 24.67 25.99
CA ILE A 210 -6.34 25.48 25.53
C ILE A 210 -5.89 26.49 26.59
N LYS A 211 -6.85 27.23 27.14
CA LYS A 211 -6.56 28.26 28.14
C LYS A 211 -7.05 27.97 29.56
N GLY A 212 -7.65 26.80 29.78
CA GLY A 212 -8.18 26.45 31.08
C GLY A 212 -7.09 26.22 32.12
N GLU A 213 -7.32 26.72 33.33
CA GLU A 213 -6.33 26.59 34.40
C GLU A 213 -6.17 25.14 34.85
N THR A 214 -7.20 24.60 35.48
CA THR A 214 -7.17 23.23 35.98
C THR A 214 -7.53 22.22 34.89
N ASN A 215 -6.68 21.21 34.71
CA ASN A 215 -6.91 20.17 33.72
C ASN A 215 -8.00 19.21 34.18
N SER A 216 -8.86 18.80 33.25
CA SER A 216 -9.99 17.95 33.58
C SER A 216 -10.24 16.87 32.53
N GLU A 217 -9.31 16.73 31.59
CA GLU A 217 -9.46 15.76 30.52
C GLU A 217 -9.42 14.33 31.05
N ILE A 218 -10.33 13.49 30.55
CA ILE A 218 -10.45 12.12 31.02
C ILE A 218 -9.67 11.16 30.12
N SER A 219 -8.94 10.23 30.73
CA SER A 219 -8.19 9.24 29.97
C SER A 219 -8.52 7.83 30.45
N ILE A 220 -8.91 6.97 29.52
CA ILE A 220 -9.22 5.57 29.83
C ILE A 220 -8.33 4.62 29.06
N ILE A 221 -8.09 3.45 29.63
CA ILE A 221 -7.22 2.44 29.01
C ILE A 221 -8.01 1.41 28.22
N ASP A 222 -7.55 1.13 27.00
CA ASP A 222 -8.15 0.11 26.16
C ASP A 222 -9.64 0.33 25.93
N ALA A 223 -9.98 1.32 25.10
CA ALA A 223 -11.36 1.69 24.87
C ALA A 223 -12.07 0.71 23.93
N THR A 224 -13.36 0.51 24.16
CA THR A 224 -14.18 -0.29 23.27
C THR A 224 -14.53 0.54 22.04
N LEU A 225 -15.29 -0.04 21.11
CA LEU A 225 -15.63 0.64 19.87
C LEU A 225 -16.42 1.92 20.13
N LYS A 226 -17.40 1.85 21.01
CA LYS A 226 -18.23 3.02 21.33
C LYS A 226 -17.42 4.14 21.98
N GLU A 227 -16.50 3.77 22.86
CA GLU A 227 -15.63 4.74 23.51
C GLU A 227 -14.60 5.28 22.53
N GLU A 228 -14.23 4.46 21.56
CA GLU A 228 -13.23 4.82 20.56
C GLU A 228 -13.79 5.84 19.55
N LEU A 229 -15.08 5.75 19.29
CA LEU A 229 -15.73 6.63 18.32
C LEU A 229 -16.06 8.00 18.91
N LEU A 230 -15.94 8.15 20.21
CA LEU A 230 -16.30 9.39 20.88
C LEU A 230 -15.13 10.07 21.59
N ARG A 231 -13.92 9.58 21.35
CA ARG A 231 -12.74 10.15 21.99
C ARG A 231 -12.22 11.36 21.22
N ASP A 232 -11.43 12.18 21.89
CA ASP A 232 -10.88 13.38 21.27
C ASP A 232 -9.38 13.25 20.99
N GLY A 233 -8.76 12.22 21.55
CA GLY A 233 -7.34 12.00 21.34
C GLY A 233 -6.91 10.58 21.69
N VAL A 234 -5.85 10.11 21.02
CA VAL A 234 -5.35 8.75 21.23
C VAL A 234 -3.88 8.75 21.60
N LEU A 235 -3.48 7.81 22.45
CA LEU A 235 -2.08 7.61 22.79
C LEU A 235 -1.74 6.14 22.85
N THR A 236 -0.75 5.72 22.05
CA THR A 236 -0.30 4.34 22.06
C THR A 236 1.14 4.26 22.54
N VAL A 237 1.35 3.62 23.70
CA VAL A 237 2.67 3.49 24.27
C VAL A 237 3.11 2.03 24.35
N THR A 238 4.31 1.74 23.87
CA THR A 238 4.83 0.37 23.84
C THR A 238 6.02 0.21 24.76
N LEU A 239 5.95 -0.77 25.67
CA LEU A 239 7.05 -1.04 26.59
C LEU A 239 7.38 -2.53 26.65
N ASN A 240 8.43 -2.86 27.41
CA ASN A 240 8.77 -4.25 27.69
C ASN A 240 9.18 -4.43 29.14
N LYS A 241 9.38 -5.67 29.56
CA LYS A 241 9.71 -5.96 30.95
C LYS A 241 11.04 -5.35 31.41
N ASN A 242 11.86 -4.90 30.46
CA ASN A 242 13.14 -4.28 30.77
C ASN A 242 13.01 -2.82 31.15
N ARG A 243 11.78 -2.39 31.43
CA ARG A 243 11.50 -1.03 31.85
C ARG A 243 11.93 0.03 30.85
N GLU A 244 11.75 -0.23 29.56
CA GLU A 244 12.12 0.74 28.54
C GLU A 244 10.97 1.00 27.58
N VAL A 245 10.87 2.23 27.10
CA VAL A 245 9.85 2.59 26.14
C VAL A 245 10.29 2.22 24.73
N VAL A 246 9.56 1.30 24.12
CA VAL A 246 9.85 0.89 22.76
C VAL A 246 9.46 1.96 21.75
N GLN A 247 8.23 2.48 21.91
CA GLN A 247 7.76 3.60 21.09
C GLN A 247 6.54 4.27 21.72
N VAL A 248 6.40 5.57 21.46
CA VAL A 248 5.23 6.31 21.90
C VAL A 248 4.67 7.10 20.72
N SER A 249 3.36 7.05 20.53
CA SER A 249 2.74 7.75 19.42
C SER A 249 1.44 8.43 19.81
N LYS A 250 1.51 9.74 20.04
CA LYS A 250 0.32 10.55 20.20
C LYS A 250 0.20 11.48 18.99
N ALA A 251 -0.29 10.93 17.89
CA ALA A 251 -0.38 11.66 16.64
C ALA A 251 -1.52 12.68 16.66
N GLY A 252 -1.26 13.84 17.25
CA GLY A 252 -2.25 14.89 17.30
C GLY A 252 -3.39 14.61 18.26
N GLY A 253 -4.57 15.11 17.94
CA GLY A 253 -5.73 14.91 18.77
C GLY A 253 -5.79 15.90 19.92
N LEU A 254 -6.57 15.57 20.94
CA LEU A 254 -6.75 16.44 22.09
C LEU A 254 -5.44 16.71 22.81
N PRO A 255 -5.04 17.99 22.90
CA PRO A 255 -3.86 18.41 23.65
C PRO A 255 -3.94 17.90 25.10
N MET A 256 -2.88 17.26 25.55
CA MET A 256 -2.88 16.61 26.86
C MET A 256 -1.67 17.01 27.68
N ASP A 257 -1.85 17.14 28.99
CA ASP A 257 -0.78 17.52 29.90
C ASP A 257 0.35 16.50 29.88
N ALA A 258 1.58 16.99 29.88
CA ALA A 258 2.76 16.14 29.78
C ALA A 258 2.87 15.14 30.94
N LEU A 259 2.55 15.61 32.14
CA LEU A 259 2.63 14.76 33.33
C LEU A 259 1.58 13.66 33.28
N THR A 260 0.45 13.94 32.64
CA THR A 260 -0.61 12.96 32.48
C THR A 260 -0.17 11.87 31.51
N LEU A 261 0.53 12.27 30.45
CA LEU A 261 1.05 11.32 29.48
C LEU A 261 2.13 10.44 30.11
N MET A 262 2.89 11.00 31.04
CA MET A 262 3.91 10.24 31.75
C MET A 262 3.25 9.24 32.70
N LYS A 263 2.15 9.65 33.31
CA LYS A 263 1.38 8.78 34.20
C LYS A 263 0.87 7.57 33.43
N CYS A 264 0.42 7.80 32.20
CA CYS A 264 -0.08 6.74 31.35
C CYS A 264 1.02 5.73 31.03
N CYS A 265 2.23 6.22 30.79
CA CYS A 265 3.35 5.35 30.48
C CYS A 265 3.70 4.45 31.66
N HIS A 266 3.59 4.99 32.87
CA HIS A 266 3.86 4.22 34.07
C HIS A 266 2.73 3.23 34.37
N GLU A 267 1.50 3.64 34.06
CA GLU A 267 0.35 2.75 34.23
C GLU A 267 0.39 1.60 33.23
N ALA A 268 0.86 1.90 32.02
CA ALA A 268 0.95 0.90 30.98
C ALA A 268 2.01 -0.15 31.30
N TYR A 269 3.03 0.27 32.04
CA TYR A 269 4.13 -0.62 32.39
C TYR A 269 3.67 -1.74 33.32
N SER A 270 2.71 -1.44 34.18
CA SER A 270 2.16 -2.45 35.08
C SER A 270 1.32 -3.45 34.31
N ILE A 271 0.72 -2.99 33.22
CA ILE A 271 -0.11 -3.85 32.38
C ILE A 271 0.73 -4.76 31.49
N ILE A 272 1.76 -4.20 30.88
CA ILE A 272 2.63 -4.97 29.99
C ILE A 272 3.41 -6.04 30.75
N GLU A 273 3.64 -5.81 32.03
CA GLU A 273 4.30 -6.81 32.87
C GLU A 273 3.40 -8.02 33.06
N LYS A 274 2.15 -7.77 33.41
CA LYS A 274 1.18 -8.84 33.61
C LYS A 274 0.91 -9.59 32.31
N ILE A 275 0.84 -8.84 31.22
CA ILE A 275 0.58 -9.44 29.91
C ILE A 275 1.74 -10.31 29.42
N THR A 276 2.96 -9.81 29.58
CA THR A 276 4.14 -10.57 29.16
C THR A 276 4.28 -11.89 29.90
N ASP A 277 4.15 -11.85 31.22
CA ASP A 277 4.19 -13.05 32.04
C ASP A 277 3.08 -14.01 31.65
N GLN A 278 1.93 -13.45 31.31
CA GLN A 278 0.77 -14.23 30.90
C GLN A 278 1.07 -14.99 29.61
N ILE A 279 1.66 -14.31 28.64
CA ILE A 279 2.03 -14.92 27.37
C ILE A 279 3.00 -16.08 27.56
N LEU A 280 4.01 -15.84 28.40
CA LEU A 280 5.03 -16.84 28.68
C LEU A 280 4.45 -18.10 29.31
N GLN A 281 3.51 -17.91 30.23
CA GLN A 281 2.88 -19.03 30.92
C GLN A 281 2.05 -19.89 29.96
N LEU A 282 1.30 -19.22 29.07
CA LEU A 282 0.46 -19.91 28.10
C LEU A 282 1.31 -20.63 27.06
N LEU A 283 2.54 -20.18 26.87
CA LEU A 283 3.48 -20.82 25.96
C LEU A 283 4.08 -22.07 26.59
N LYS A 284 4.35 -22.00 27.89
CA LYS A 284 4.88 -23.13 28.63
C LYS A 284 3.87 -24.27 28.66
N GLU A 285 2.63 -23.94 29.04
CA GLU A 285 1.56 -24.93 29.12
C GLU A 285 1.27 -25.55 27.76
N ASP A 286 1.38 -24.75 26.71
CA ASP A 286 1.20 -25.24 25.35
C ASP A 286 2.30 -26.22 24.98
N SER A 287 3.52 -25.94 25.47
CA SER A 287 4.65 -26.81 25.22
C SER A 287 4.51 -28.10 26.03
N GLU A 288 4.02 -27.98 27.26
CA GLU A 288 3.79 -29.14 28.12
C GLU A 288 2.67 -30.00 27.57
N LYS A 289 1.66 -29.36 26.99
CA LYS A 289 0.54 -30.05 26.34
C LYS A 289 0.95 -30.86 25.11
N ARG A 290 1.83 -30.28 24.30
CA ARG A 290 2.31 -30.93 23.08
C ARG A 290 3.28 -32.06 23.39
N ASN A 291 4.00 -31.94 24.51
CA ASN A 291 4.94 -32.97 24.92
C ASN A 291 4.22 -34.15 25.59
N LYS A 292 3.18 -33.86 26.34
CA LYS A 292 2.39 -34.89 27.01
C LYS A 292 1.65 -35.75 25.99
N TYR A 293 1.22 -35.13 24.91
CA TYR A 293 0.54 -35.85 23.82
C TYR A 293 1.57 -36.64 23.01
N ALA A 294 2.77 -36.13 22.92
CA ALA A 294 3.85 -36.81 22.21
C ALA A 294 4.29 -38.06 22.95
N ALA A 295 4.15 -38.03 24.28
CA ALA A 295 4.48 -39.17 25.11
C ALA A 295 3.36 -40.21 25.07
N MET A 296 2.13 -39.73 24.96
CA MET A 296 0.96 -40.62 24.88
C MET A 296 0.81 -41.20 23.47
N LEU A 297 1.45 -40.57 22.51
CA LEU A 297 1.43 -41.04 21.13
C LEU A 297 2.52 -42.09 20.90
N THR A 298 3.65 -41.91 21.57
CA THR A 298 4.76 -42.86 21.46
C THR A 298 4.49 -44.11 22.28
N SER A 299 3.86 -43.93 23.44
CA SER A 299 3.54 -45.06 24.32
C SER A 299 2.63 -46.06 23.62
N GLU A 300 1.46 -45.59 23.19
CA GLU A 300 0.50 -46.45 22.51
C GLU A 300 1.07 -46.99 21.20
N ASN A 301 1.78 -46.13 20.47
CA ASN A 301 2.38 -46.53 19.20
C ASN A 301 3.08 -47.88 19.29
N MET B 3 28.28 2.62 19.22
CA MET B 3 29.68 3.04 19.22
C MET B 3 29.94 4.14 18.20
N SER B 4 30.17 5.35 18.68
CA SER B 4 30.44 6.49 17.80
C SER B 4 31.85 7.01 18.04
N ARG B 5 32.62 7.15 16.95
CA ARG B 5 34.00 7.62 17.05
C ARG B 5 34.06 9.14 17.04
N LEU B 6 32.92 9.78 16.77
CA LEU B 6 32.84 11.24 16.78
C LEU B 6 32.38 11.76 18.14
N GLU B 7 32.81 12.97 18.49
CA GLU B 7 32.44 13.56 19.76
C GLU B 7 31.03 14.17 19.71
N ILE B 8 30.02 13.32 19.88
CA ILE B 8 28.63 13.76 19.87
C ILE B 8 28.39 14.78 20.97
N TYR B 9 28.95 14.51 22.15
CA TYR B 9 28.90 15.46 23.24
C TYR B 9 30.22 15.44 24.02
N SER B 10 31.11 16.35 23.67
CA SER B 10 32.44 16.43 24.27
C SER B 10 32.35 16.75 25.76
N PRO B 11 33.42 16.42 26.52
CA PRO B 11 33.49 16.77 27.94
C PRO B 11 33.41 18.28 28.17
N GLU B 12 33.67 19.05 27.12
CA GLU B 12 33.59 20.51 27.21
C GLU B 12 32.15 20.99 27.03
N GLY B 13 31.23 20.06 26.87
CA GLY B 13 29.81 20.38 26.73
C GLY B 13 29.48 20.92 25.35
N LEU B 14 30.31 20.61 24.37
CA LEU B 14 30.10 21.08 23.01
C LEU B 14 29.72 19.95 22.07
N ARG B 15 28.86 20.26 21.10
CA ARG B 15 28.41 19.27 20.14
C ARG B 15 29.18 19.37 18.81
N LEU B 16 28.85 18.50 17.87
CA LEU B 16 29.56 18.44 16.59
C LEU B 16 29.43 19.71 15.76
N ASP B 17 28.33 20.44 15.95
CA ASP B 17 28.07 21.65 15.20
C ASP B 17 28.49 22.90 15.98
N GLY B 18 28.78 22.72 17.26
CA GLY B 18 29.24 23.81 18.10
C GLY B 18 28.26 24.21 19.19
N ARG B 19 26.99 23.84 19.01
CA ARG B 19 25.95 24.18 19.98
C ARG B 19 26.17 23.44 21.30
N ARG B 20 25.54 23.94 22.36
CA ARG B 20 25.56 23.26 23.65
C ARG B 20 24.37 22.31 23.74
N TRP B 21 24.06 21.85 24.93
CA TRP B 21 22.87 21.03 25.14
C TRP B 21 21.56 21.72 24.84
N ASN B 22 21.44 22.98 25.25
CA ASN B 22 20.15 23.67 25.32
C ASN B 22 19.74 24.72 24.27
N GLU B 23 20.47 24.84 23.16
CA GLU B 23 20.21 25.94 22.22
C GLU B 23 19.52 25.55 20.91
N LEU B 24 18.47 26.29 20.53
CA LEU B 24 17.78 26.05 19.28
C LEU B 24 18.67 26.42 18.09
N ARG B 25 18.36 25.86 16.93
CA ARG B 25 19.14 26.12 15.72
C ARG B 25 18.58 27.32 14.95
N ARG B 26 19.40 27.91 14.10
CA ARG B 26 18.97 29.17 13.60
C ARG B 26 17.58 28.83 13.15
N PHE B 27 16.65 29.59 13.72
CA PHE B 27 15.24 29.53 13.40
C PHE B 27 14.77 30.81 12.69
N GLU B 28 14.72 30.75 11.36
CA GLU B 28 14.29 31.89 10.57
C GLU B 28 12.98 31.60 9.85
N SER B 29 11.94 32.34 10.20
CA SER B 29 10.63 32.17 9.60
C SER B 29 10.41 33.17 8.49
N SER B 30 9.39 32.93 7.67
CA SER B 30 9.07 33.84 6.56
C SER B 30 7.61 33.69 6.16
N ILE B 31 6.88 34.79 6.19
CA ILE B 31 5.44 34.78 5.96
C ILE B 31 5.12 35.45 4.62
N ASN B 32 4.03 35.01 3.98
CA ASN B 32 3.56 35.57 2.73
C ASN B 32 4.60 35.44 1.62
N THR B 33 5.10 34.22 1.42
CA THR B 33 6.15 33.97 0.45
C THR B 33 5.58 33.64 -0.92
N HIS B 34 4.37 33.10 -0.94
CA HIS B 34 3.72 32.72 -2.19
C HIS B 34 2.29 33.24 -2.26
N PRO B 35 2.12 34.57 -2.45
CA PRO B 35 0.80 35.20 -2.45
C PRO B 35 -0.05 34.79 -3.65
N HIS B 36 0.56 34.52 -4.83
CA HIS B 36 -0.15 34.19 -6.06
C HIS B 36 -0.40 32.69 -6.21
N ALA B 37 0.00 31.93 -5.20
CA ALA B 37 -0.12 30.48 -5.28
C ALA B 37 -1.00 29.90 -4.17
N ALA B 38 -1.17 30.66 -3.10
CA ALA B 38 -1.97 30.20 -1.96
C ALA B 38 -2.51 31.36 -1.14
N ASP B 39 -3.55 31.08 -0.35
CA ASP B 39 -4.14 32.07 0.53
C ASP B 39 -3.19 32.37 1.69
N GLY B 40 -2.43 31.36 2.09
CA GLY B 40 -1.42 31.51 3.12
C GLY B 40 -0.18 30.72 2.76
N SER B 41 0.99 31.25 3.11
CA SER B 41 2.24 30.60 2.75
C SER B 41 3.35 30.92 3.75
N SER B 42 4.25 29.96 3.95
CA SER B 42 5.39 30.17 4.84
C SER B 42 6.62 29.41 4.36
N TYR B 43 7.77 30.06 4.45
CA TYR B 43 9.05 29.42 4.14
C TYR B 43 9.87 29.26 5.41
N MET B 44 10.08 28.02 5.82
CA MET B 44 10.77 27.72 7.06
C MET B 44 12.24 27.35 6.88
N GLU B 45 13.10 27.97 7.67
CA GLU B 45 14.50 27.57 7.72
C GLU B 45 14.92 27.31 9.17
N GLN B 46 14.87 26.05 9.57
CA GLN B 46 15.29 25.66 10.91
C GLN B 46 16.52 24.78 10.79
N GLY B 47 17.70 25.40 10.91
CA GLY B 47 18.94 24.71 10.61
C GLY B 47 19.12 24.63 9.12
N ASN B 48 19.55 23.47 8.62
CA ASN B 48 19.65 23.26 7.19
C ASN B 48 18.31 22.84 6.57
N ASN B 49 17.31 22.66 7.41
CA ASN B 49 15.97 22.32 6.96
C ASN B 49 15.32 23.46 6.18
N LYS B 50 14.79 23.14 5.00
CA LYS B 50 14.12 24.13 4.17
C LYS B 50 12.74 23.64 3.73
N ILE B 51 11.71 24.33 4.19
CA ILE B 51 10.34 23.88 3.96
C ILE B 51 9.43 24.97 3.41
N ILE B 52 8.81 24.69 2.26
CA ILE B 52 7.76 25.54 1.72
C ILE B 52 6.40 25.00 2.14
N THR B 53 5.56 25.85 2.72
CA THR B 53 4.23 25.44 3.12
C THR B 53 3.16 26.32 2.46
N LEU B 54 2.20 25.69 1.81
CA LEU B 54 1.13 26.41 1.14
C LEU B 54 -0.24 26.03 1.72
N VAL B 55 -1.01 27.05 2.10
CA VAL B 55 -2.38 26.83 2.55
C VAL B 55 -3.36 27.36 1.52
N LYS B 56 -4.12 26.45 0.92
CA LYS B 56 -5.10 26.83 -0.10
C LYS B 56 -6.52 26.64 0.43
N GLY B 57 -7.17 27.74 0.79
CA GLY B 57 -8.53 27.69 1.29
C GLY B 57 -8.81 28.70 2.38
N PRO B 58 -10.02 28.66 2.97
CA PRO B 58 -11.11 27.72 2.65
C PRO B 58 -11.75 28.01 1.30
N LYS B 59 -12.06 26.96 0.54
CA LYS B 59 -12.62 27.11 -0.80
C LYS B 59 -13.60 25.98 -1.11
N GLU B 60 -14.23 26.06 -2.27
CA GLU B 60 -15.17 25.03 -2.71
C GLU B 60 -14.46 23.71 -2.96
N PRO B 61 -15.03 22.60 -2.45
CA PRO B 61 -14.52 21.26 -2.71
C PRO B 61 -14.63 20.95 -4.20
N ARG B 62 -13.69 20.18 -4.74
CA ARG B 62 -13.72 19.86 -6.17
C ARG B 62 -14.75 18.77 -6.46
N LEU B 63 -15.14 18.03 -5.42
CA LEU B 63 -16.16 17.00 -5.54
C LEU B 63 -17.19 17.12 -4.43
N LYS B 64 -18.45 17.29 -4.82
CA LYS B 64 -19.55 17.47 -3.86
C LYS B 64 -19.76 16.24 -2.98
N SER B 65 -19.27 15.10 -3.45
CA SER B 65 -19.32 13.87 -2.66
C SER B 65 -18.55 14.03 -1.36
N GLN B 66 -17.38 14.66 -1.46
CA GLN B 66 -16.56 14.95 -0.29
C GLN B 66 -16.85 16.36 0.22
N MET B 67 -17.94 16.49 0.95
CA MET B 67 -18.33 17.78 1.52
C MET B 67 -19.04 17.62 2.86
N ASP B 68 -18.56 18.33 3.86
CA ASP B 68 -19.17 18.30 5.19
C ASP B 68 -19.92 19.60 5.44
N THR B 69 -21.17 19.48 5.88
CA THR B 69 -22.01 20.65 6.10
C THR B 69 -21.87 21.21 7.51
N SER B 70 -21.02 20.57 8.31
CA SER B 70 -20.83 21.00 9.70
C SER B 70 -19.41 21.55 9.93
N LYS B 71 -18.48 21.15 9.09
CA LYS B 71 -17.09 21.59 9.23
C LYS B 71 -16.36 21.60 7.90
N ALA B 72 -15.17 22.21 7.89
CA ALA B 72 -14.33 22.22 6.71
C ALA B 72 -13.51 20.93 6.64
N LEU B 73 -13.14 20.53 5.43
CA LEU B 73 -12.29 19.36 5.24
C LEU B 73 -10.82 19.78 5.22
N LEU B 74 -10.04 19.22 6.14
CA LEU B 74 -8.63 19.56 6.24
C LEU B 74 -7.74 18.48 5.63
N ASN B 75 -6.94 18.88 4.64
CA ASN B 75 -6.04 17.95 3.96
C ASN B 75 -4.60 18.41 4.00
N VAL B 76 -3.69 17.46 4.20
CA VAL B 76 -2.26 17.78 4.25
C VAL B 76 -1.46 16.80 3.40
N SER B 77 -0.68 17.32 2.46
CA SER B 77 0.18 16.48 1.64
C SER B 77 1.63 16.93 1.73
N VAL B 78 2.47 16.05 2.29
CA VAL B 78 3.89 16.35 2.46
C VAL B 78 4.71 15.80 1.31
N ASN B 79 5.39 16.69 0.59
CA ASN B 79 6.27 16.27 -0.50
C ASN B 79 7.74 16.32 -0.11
N ILE B 80 8.26 15.19 0.36
CA ILE B 80 9.68 15.08 0.65
C ILE B 80 10.41 14.82 -0.66
N THR B 81 11.05 15.86 -1.19
CA THR B 81 11.72 15.79 -2.47
C THR B 81 12.88 14.80 -2.49
N LYS B 82 13.20 14.27 -3.67
CA LYS B 82 14.25 13.28 -3.81
C LYS B 82 15.64 13.86 -3.54
N PHE B 83 15.73 15.18 -3.46
CA PHE B 83 17.01 15.85 -3.24
C PHE B 83 17.08 16.50 -1.86
N SER B 84 16.25 16.02 -0.93
CA SER B 84 16.22 16.57 0.42
C SER B 84 17.45 16.15 1.23
N LYS B 85 17.96 14.96 0.92
CA LYS B 85 19.06 14.35 1.67
C LYS B 85 20.31 14.12 0.81
N PHE B 86 21.48 14.11 1.44
CA PHE B 86 22.76 14.11 0.73
C PHE B 86 22.74 13.09 -0.39
N GLU B 87 22.23 11.90 -0.07
CA GLU B 87 22.09 10.84 -1.07
C GLU B 87 20.69 10.88 -1.66
N ARG B 88 20.63 11.21 -2.96
CA ARG B 88 19.36 11.29 -3.67
C ARG B 88 18.62 9.95 -3.67
N SER B 89 17.36 9.97 -3.24
CA SER B 89 16.54 8.77 -3.23
C SER B 89 16.04 8.47 -4.63
N LYS B 90 16.15 7.21 -5.05
CA LYS B 90 15.75 6.81 -6.39
C LYS B 90 14.22 6.83 -6.55
N SER B 91 13.53 6.26 -5.57
CA SER B 91 12.08 6.18 -5.61
C SER B 91 11.42 7.41 -4.98
N SER B 92 10.14 7.60 -5.27
CA SER B 92 9.38 8.70 -4.69
C SER B 92 8.86 8.31 -3.30
N HIS B 93 8.47 9.31 -2.52
CA HIS B 93 7.98 9.08 -1.17
C HIS B 93 6.50 9.41 -1.05
N LYS B 94 5.88 9.72 -2.18
CA LYS B 94 4.49 10.19 -2.22
C LYS B 94 3.51 9.22 -1.57
N ASN B 95 3.68 7.93 -1.84
CA ASN B 95 2.76 6.91 -1.33
C ASN B 95 3.40 6.08 -0.22
N GLU B 96 4.56 6.51 0.25
CA GLU B 96 5.28 5.81 1.32
C GLU B 96 4.46 5.85 2.61
N ARG B 97 4.34 4.69 3.24
CA ARG B 97 3.57 4.57 4.48
C ARG B 97 4.04 5.58 5.52
N ARG B 98 5.36 5.80 5.57
CA ARG B 98 5.93 6.73 6.53
C ARG B 98 5.37 8.13 6.30
N VAL B 99 5.19 8.48 5.03
CA VAL B 99 4.69 9.80 4.66
C VAL B 99 3.18 9.93 4.92
N LEU B 100 2.44 8.87 4.63
CA LEU B 100 1.00 8.86 4.90
C LEU B 100 0.70 9.05 6.37
N GLU B 101 1.56 8.49 7.22
CA GLU B 101 1.43 8.64 8.66
C GLU B 101 1.71 10.08 9.08
N ILE B 102 2.73 10.68 8.48
CA ILE B 102 3.08 12.07 8.74
C ILE B 102 1.94 13.00 8.38
N GLN B 103 1.40 12.83 7.17
CA GLN B 103 0.26 13.62 6.72
C GLN B 103 -0.93 13.44 7.64
N THR B 104 -1.24 12.20 7.97
CA THR B 104 -2.33 11.88 8.89
C THR B 104 -2.09 12.54 10.25
N SER B 105 -0.88 12.40 10.76
CA SER B 105 -0.51 12.98 12.05
C SER B 105 -0.76 14.49 12.10
N LEU B 106 -0.29 15.20 11.07
CA LEU B 106 -0.46 16.65 10.99
C LEU B 106 -1.93 17.07 10.97
N VAL B 107 -2.74 16.32 10.22
CA VAL B 107 -4.18 16.58 10.17
C VAL B 107 -4.81 16.42 11.54
N ARG B 108 -4.50 15.31 12.20
CA ARG B 108 -5.06 15.02 13.52
C ARG B 108 -4.63 16.07 14.56
N MET B 109 -3.53 16.76 14.28
CA MET B 109 -3.04 17.80 15.18
C MET B 109 -3.86 19.08 15.06
N PHE B 110 -4.09 19.52 13.83
CA PHE B 110 -4.72 20.82 13.60
C PHE B 110 -6.24 20.76 13.51
N GLU B 111 -6.80 19.55 13.46
CA GLU B 111 -8.24 19.38 13.52
C GLU B 111 -8.80 19.87 14.85
N LYS B 112 -7.96 19.81 15.89
CA LYS B 112 -8.34 20.21 17.24
C LYS B 112 -7.81 21.59 17.58
N ASN B 113 -7.29 22.29 16.58
CA ASN B 113 -6.78 23.64 16.76
C ASN B 113 -7.43 24.62 15.81
N VAL B 114 -7.46 24.25 14.53
CA VAL B 114 -8.14 25.05 13.51
C VAL B 114 -9.65 24.95 13.71
N MET B 115 -10.31 26.08 13.79
CA MET B 115 -11.77 26.11 13.96
C MET B 115 -12.46 25.76 12.65
N LEU B 116 -12.50 24.46 12.34
CA LEU B 116 -13.09 23.98 11.09
C LEU B 116 -14.60 24.15 11.11
N ASN B 117 -15.17 24.27 12.31
CA ASN B 117 -16.61 24.37 12.46
C ASN B 117 -17.20 25.67 11.91
N ILE B 118 -16.37 26.70 11.83
CA ILE B 118 -16.84 27.99 11.33
C ILE B 118 -16.64 28.12 9.82
N TYR B 119 -16.17 27.06 9.18
CA TYR B 119 -16.02 27.04 7.73
C TYR B 119 -16.71 25.83 7.11
N PRO B 120 -18.04 25.70 7.32
CA PRO B 120 -18.70 24.51 6.78
C PRO B 120 -18.75 24.53 5.26
N ARG B 121 -18.87 23.36 4.65
CA ARG B 121 -19.02 23.28 3.20
C ARG B 121 -17.84 23.94 2.50
N THR B 122 -16.66 23.83 3.11
CA THR B 122 -15.42 24.28 2.46
C THR B 122 -14.30 23.28 2.64
N VAL B 123 -13.17 23.53 1.98
CA VAL B 123 -12.01 22.66 2.05
C VAL B 123 -10.74 23.47 2.28
N ILE B 124 -9.91 23.01 3.22
CA ILE B 124 -8.60 23.62 3.44
C ILE B 124 -7.50 22.64 3.03
N ASP B 125 -6.82 22.95 1.92
CA ASP B 125 -5.75 22.10 1.43
C ASP B 125 -4.37 22.65 1.81
N ILE B 126 -3.57 21.83 2.48
CA ILE B 126 -2.24 22.22 2.89
C ILE B 126 -1.17 21.44 2.13
N GLU B 127 -0.46 22.12 1.24
CA GLU B 127 0.61 21.50 0.47
C GLU B 127 1.96 21.87 1.04
N ILE B 128 2.81 20.87 1.27
CA ILE B 128 4.14 21.09 1.82
C ILE B 128 5.23 20.54 0.93
N HIS B 129 6.29 21.32 0.74
CA HIS B 129 7.45 20.87 -0.03
C HIS B 129 8.71 20.97 0.81
N VAL B 130 9.30 19.82 1.11
CA VAL B 130 10.55 19.79 1.86
C VAL B 130 11.73 19.83 0.89
N LEU B 131 12.41 20.98 0.85
CA LEU B 131 13.51 21.18 -0.09
C LEU B 131 14.82 20.61 0.43
N GLU B 132 15.01 20.68 1.74
CA GLU B 132 16.23 20.17 2.36
C GLU B 132 15.96 19.64 3.77
N GLN B 133 16.63 18.55 4.12
CA GLN B 133 16.35 17.84 5.37
C GLN B 133 17.65 17.63 6.16
N ASP B 134 17.59 17.87 7.46
CA ASP B 134 18.76 17.69 8.32
C ASP B 134 18.36 17.52 9.79
N GLY B 135 17.49 16.54 10.05
CA GLY B 135 17.08 16.23 11.41
C GLY B 135 15.95 17.12 11.89
N GLY B 136 15.06 16.54 12.69
CA GLY B 136 13.94 17.27 13.26
C GLY B 136 13.00 17.80 12.20
N ILE B 137 12.80 17.03 11.14
CA ILE B 137 11.94 17.46 10.04
C ILE B 137 10.46 17.50 10.45
N MET B 138 10.09 16.67 11.43
CA MET B 138 8.71 16.64 11.89
C MET B 138 8.35 17.91 12.64
N GLY B 139 9.27 18.35 13.50
CA GLY B 139 9.06 19.58 14.24
C GLY B 139 9.00 20.79 13.34
N SER B 140 9.81 20.78 12.29
CA SER B 140 9.83 21.88 11.32
C SER B 140 8.55 21.89 10.49
N LEU B 141 8.00 20.70 10.23
CA LEU B 141 6.74 20.59 9.49
C LEU B 141 5.60 21.23 10.28
N ILE B 142 5.62 21.04 11.59
CA ILE B 142 4.59 21.59 12.47
C ILE B 142 4.63 23.11 12.48
N ASN B 143 5.82 23.68 12.59
CA ASN B 143 6.00 25.12 12.62
C ASN B 143 5.63 25.79 11.30
N GLY B 144 5.86 25.07 10.20
CA GLY B 144 5.55 25.60 8.88
C GLY B 144 4.06 25.71 8.63
N ILE B 145 3.31 24.72 9.11
CA ILE B 145 1.87 24.70 8.95
C ILE B 145 1.21 25.77 9.82
N THR B 146 1.68 25.90 11.05
CA THR B 146 1.13 26.88 11.98
C THR B 146 1.30 28.30 11.45
N LEU B 147 2.47 28.61 10.90
CA LEU B 147 2.73 29.93 10.33
C LEU B 147 1.88 30.18 9.10
N ALA B 148 1.83 29.21 8.20
CA ALA B 148 1.10 29.37 6.95
C ALA B 148 -0.39 29.52 7.17
N LEU B 149 -0.92 28.76 8.13
CA LEU B 149 -2.34 28.84 8.46
C LEU B 149 -2.72 30.22 9.01
N ILE B 150 -1.85 30.79 9.83
CA ILE B 150 -2.08 32.11 10.38
C ILE B 150 -2.04 33.17 9.27
N ASP B 151 -1.12 33.01 8.33
CA ASP B 151 -1.00 33.92 7.20
C ASP B 151 -2.26 33.91 6.35
N ALA B 152 -2.95 32.77 6.32
CA ALA B 152 -4.16 32.63 5.51
C ALA B 152 -5.38 33.23 6.22
N GLY B 153 -5.17 33.72 7.43
CA GLY B 153 -6.25 34.30 8.20
C GLY B 153 -7.27 33.28 8.65
N ILE B 154 -6.82 32.03 8.79
CA ILE B 154 -7.68 30.95 9.24
C ILE B 154 -7.66 30.84 10.76
N SER B 155 -8.83 30.92 11.37
CA SER B 155 -8.95 30.94 12.83
C SER B 155 -8.44 29.66 13.49
N MET B 156 -7.67 29.85 14.57
CA MET B 156 -7.20 28.73 15.37
C MET B 156 -7.07 29.17 16.82
N PHE B 157 -7.13 28.21 17.74
CA PHE B 157 -7.12 28.52 19.16
C PHE B 157 -5.77 29.00 19.68
N ASP B 158 -4.68 28.42 19.17
CA ASP B 158 -3.34 28.78 19.65
C ASP B 158 -2.26 28.30 18.70
N TYR B 159 -1.02 28.70 18.98
CA TYR B 159 0.14 28.21 18.24
C TYR B 159 0.38 26.74 18.55
N ILE B 160 0.95 26.02 17.59
CA ILE B 160 1.47 24.70 17.84
C ILE B 160 2.93 24.65 17.43
N SER B 161 3.83 24.57 18.41
CA SER B 161 5.26 24.56 18.14
C SER B 161 5.82 23.14 18.21
N GLY B 162 6.68 22.82 17.25
CA GLY B 162 7.27 21.49 17.19
C GLY B 162 8.76 21.52 17.50
N ILE B 163 9.23 20.48 18.18
CA ILE B 163 10.63 20.37 18.54
C ILE B 163 11.05 18.91 18.68
N SER B 164 12.34 18.65 18.51
CA SER B 164 12.88 17.30 18.70
C SER B 164 13.97 17.32 19.77
N VAL B 165 14.01 16.28 20.57
CA VAL B 165 15.03 16.17 21.62
C VAL B 165 15.66 14.78 21.63
N GLY B 166 16.97 14.74 21.48
CA GLY B 166 17.70 13.48 21.49
C GLY B 166 18.15 13.12 22.90
N LEU B 167 18.49 11.85 23.09
CA LEU B 167 18.99 11.37 24.37
C LEU B 167 20.27 10.56 24.17
N TYR B 168 21.42 11.21 24.25
CA TYR B 168 22.68 10.50 24.07
C TYR B 168 23.18 10.11 25.44
N ASP B 169 23.19 8.81 25.70
CA ASP B 169 23.47 8.33 27.04
C ASP B 169 22.47 9.04 27.94
N THR B 170 22.96 9.51 29.09
CA THR B 170 22.16 10.29 30.03
C THR B 170 21.72 11.64 29.46
N THR B 171 22.63 12.28 28.73
CA THR B 171 22.45 13.66 28.27
C THR B 171 21.29 13.85 27.30
N PRO B 172 20.63 15.01 27.41
CA PRO B 172 19.53 15.37 26.51
C PRO B 172 19.95 16.51 25.59
N LEU B 173 19.73 16.34 24.29
CA LEU B 173 20.20 17.30 23.30
C LEU B 173 19.03 17.95 22.58
N LEU B 174 18.84 19.25 22.77
CA LEU B 174 17.79 19.99 22.08
C LEU B 174 18.06 20.17 20.58
N ASP B 175 16.99 20.14 19.78
CA ASP B 175 17.05 20.49 18.35
C ASP B 175 18.06 19.70 17.51
N THR B 176 18.11 18.38 17.71
CA THR B 176 19.08 17.54 16.98
C THR B 176 19.00 17.51 15.44
N ASN B 177 20.16 17.35 14.82
CA ASN B 177 20.39 17.28 13.38
C ASN B 177 20.46 15.82 12.94
N SER B 178 20.74 15.60 11.65
CA SER B 178 20.73 14.26 11.09
C SER B 178 21.79 13.34 11.72
N LEU B 179 22.96 13.90 12.00
CA LEU B 179 24.05 13.12 12.58
C LEU B 179 23.69 12.62 13.98
N GLU B 180 23.06 13.47 14.77
CA GLU B 180 22.69 13.14 16.14
C GLU B 180 21.54 12.13 16.18
N GLU B 181 20.61 12.26 15.24
CA GLU B 181 19.48 11.34 15.17
C GLU B 181 19.93 9.94 14.77
N ASN B 182 21.00 9.85 13.99
CA ASN B 182 21.54 8.57 13.58
C ASN B 182 22.34 7.90 14.70
N ALA B 183 22.67 8.67 15.74
CA ALA B 183 23.52 8.18 16.81
C ALA B 183 22.80 8.02 18.13
N MET B 184 21.51 8.36 18.17
CA MET B 184 20.73 8.26 19.40
C MET B 184 19.23 8.27 19.13
N SER B 185 18.45 7.96 20.16
CA SER B 185 17.00 8.02 20.06
C SER B 185 16.55 9.45 20.27
N THR B 186 15.53 9.86 19.52
CA THR B 186 15.02 11.21 19.63
C THR B 186 13.52 11.22 19.94
N VAL B 187 13.04 12.31 20.57
CA VAL B 187 11.63 12.48 20.88
C VAL B 187 11.11 13.75 20.23
N THR B 188 10.04 13.63 19.45
CA THR B 188 9.45 14.78 18.79
C THR B 188 8.21 15.26 19.54
N LEU B 189 8.21 16.54 19.91
CA LEU B 189 7.13 17.07 20.74
C LEU B 189 6.43 18.25 20.09
N GLY B 190 5.11 18.20 20.08
CA GLY B 190 4.31 19.33 19.64
C GLY B 190 3.66 19.92 20.87
N VAL B 191 3.89 21.21 21.10
CA VAL B 191 3.37 21.86 22.28
C VAL B 191 2.38 22.94 21.90
N VAL B 192 1.20 22.90 22.51
CA VAL B 192 0.18 23.91 22.24
C VAL B 192 0.44 25.19 23.01
N GLY B 193 0.71 26.28 22.29
CA GLY B 193 0.90 27.58 22.89
C GLY B 193 2.03 27.66 23.90
N LYS B 194 1.75 28.23 25.02
CA LYS B 194 2.73 28.31 26.12
C LYS B 194 2.47 27.21 27.15
N SER B 195 1.52 26.33 26.86
CA SER B 195 1.03 25.37 27.83
C SER B 195 1.98 24.18 27.99
N GLU B 196 1.57 23.25 28.84
CA GLU B 196 2.33 22.01 29.05
C GLU B 196 1.65 20.87 28.31
N LYS B 197 0.59 21.20 27.58
CA LYS B 197 -0.19 20.20 26.86
C LYS B 197 0.43 19.85 25.52
N LEU B 198 0.57 18.56 25.25
CA LEU B 198 1.17 18.10 24.01
C LEU B 198 0.11 17.70 22.99
N SER B 199 0.25 18.23 21.78
CA SER B 199 -0.61 17.83 20.66
C SER B 199 -0.03 16.57 20.04
N LEU B 200 1.30 16.50 20.00
CA LEU B 200 2.00 15.39 19.38
C LEU B 200 3.15 14.89 20.25
N LEU B 201 3.10 13.61 20.61
CA LEU B 201 4.22 12.97 21.30
C LEU B 201 4.69 11.79 20.45
N LEU B 202 5.90 11.89 19.92
CA LEU B 202 6.41 10.89 18.99
C LEU B 202 7.75 10.32 19.40
N VAL B 203 7.74 9.04 19.76
CA VAL B 203 8.97 8.31 20.10
C VAL B 203 9.06 7.06 19.23
N GLU B 204 10.07 7.01 18.37
CA GLU B 204 10.18 5.89 17.43
C GLU B 204 11.32 4.92 17.77
N ASP B 205 12.23 5.35 18.64
CA ASP B 205 13.34 4.50 19.07
C ASP B 205 13.32 4.27 20.58
N LYS B 206 14.15 3.35 21.04
CA LYS B 206 14.16 2.95 22.44
C LYS B 206 14.61 4.07 23.39
N ILE B 207 13.82 4.28 24.43
CA ILE B 207 14.11 5.27 25.47
C ILE B 207 13.79 4.67 26.83
N PRO B 208 14.73 4.76 27.78
CA PRO B 208 14.45 4.29 29.14
C PRO B 208 13.28 5.05 29.75
N LEU B 209 12.44 4.35 30.50
CA LEU B 209 11.23 4.94 31.07
C LEU B 209 11.54 6.07 32.05
N ASP B 210 12.72 6.00 32.67
CA ASP B 210 13.13 6.97 33.67
C ASP B 210 13.58 8.30 33.05
N ARG B 211 14.08 8.23 31.82
CA ARG B 211 14.61 9.41 31.14
C ARG B 211 13.54 10.18 30.38
N LEU B 212 12.41 9.53 30.09
CA LEU B 212 11.39 10.10 29.22
C LEU B 212 10.78 11.40 29.76
N GLU B 213 10.53 11.44 31.06
CA GLU B 213 9.91 12.62 31.66
C GLU B 213 10.79 13.85 31.57
N ASN B 214 12.09 13.66 31.79
CA ASN B 214 13.05 14.74 31.72
C ASN B 214 13.23 15.25 30.29
N VAL B 215 13.21 14.32 29.33
CA VAL B 215 13.30 14.65 27.91
C VAL B 215 12.11 15.51 27.49
N LEU B 216 10.93 15.13 27.95
CA LEU B 216 9.72 15.90 27.69
C LEU B 216 9.85 17.32 28.23
N ALA B 217 10.43 17.43 29.42
CA ALA B 217 10.61 18.73 30.08
C ALA B 217 11.52 19.65 29.25
N ILE B 218 12.57 19.08 28.68
CA ILE B 218 13.49 19.83 27.83
C ILE B 218 12.79 20.29 26.55
N GLY B 219 12.06 19.38 25.93
CA GLY B 219 11.37 19.68 24.69
C GLY B 219 10.32 20.77 24.83
N ILE B 220 9.52 20.68 25.88
CA ILE B 220 8.48 21.68 26.12
C ILE B 220 9.07 23.08 26.30
N ALA B 221 10.16 23.16 27.04
CA ALA B 221 10.85 24.43 27.25
C ALA B 221 11.39 24.97 25.94
N GLY B 222 11.95 24.09 25.12
CA GLY B 222 12.50 24.47 23.83
C GLY B 222 11.42 24.88 22.85
N ALA B 223 10.28 24.19 22.90
CA ALA B 223 9.17 24.49 22.02
C ALA B 223 8.57 25.86 22.32
N HIS B 224 8.60 26.24 23.60
CA HIS B 224 8.12 27.55 24.01
C HIS B 224 8.97 28.65 23.39
N ARG B 225 10.27 28.39 23.24
CA ARG B 225 11.17 29.34 22.60
C ARG B 225 10.88 29.43 21.10
N VAL B 226 10.51 28.30 20.50
CA VAL B 226 10.14 28.27 19.10
C VAL B 226 8.87 29.08 18.89
N ARG B 227 7.96 28.99 19.85
CA ARG B 227 6.70 29.74 19.81
C ARG B 227 6.98 31.23 19.86
N ASP B 228 7.93 31.62 20.71
CA ASP B 228 8.28 33.03 20.86
C ASP B 228 8.90 33.59 19.59
N LEU B 229 9.76 32.80 18.96
CA LEU B 229 10.41 33.21 17.71
C LEU B 229 9.38 33.34 16.59
N MET B 230 8.45 32.40 16.53
CA MET B 230 7.37 32.44 15.54
C MET B 230 6.47 33.65 15.79
N ASP B 231 6.16 33.89 17.05
CA ASP B 231 5.29 35.00 17.43
C ASP B 231 5.98 36.35 17.16
N GLU B 232 7.27 36.41 17.46
CA GLU B 232 8.07 37.61 17.25
C GLU B 232 8.10 38.00 15.77
N GLU B 233 8.44 37.05 14.92
CA GLU B 233 8.57 37.30 13.48
C GLU B 233 7.21 37.65 12.87
N LEU B 234 6.15 37.16 13.50
CA LEU B 234 4.80 37.37 12.99
C LEU B 234 4.30 38.78 13.31
N ARG B 235 4.62 39.25 14.52
CA ARG B 235 4.26 40.61 14.91
C ARG B 235 5.08 41.63 14.12
N LYS B 236 6.32 41.27 13.81
CA LYS B 236 7.18 42.12 13.00
C LYS B 236 6.60 42.30 11.61
N HIS B 237 6.16 41.21 11.00
CA HIS B 237 5.56 41.24 9.68
C HIS B 237 4.23 41.98 9.73
N ALA B 238 3.53 41.82 10.85
CA ALA B 238 2.25 42.45 11.02
C ALA B 238 2.44 43.94 11.15
N GLN B 239 3.39 44.31 12.01
CA GLN B 239 3.56 45.71 12.34
C GLN B 239 3.91 46.52 11.10
N LYS B 240 4.80 45.97 10.28
CA LYS B 240 5.21 46.69 9.09
C LYS B 240 4.04 46.91 8.16
N ARG B 241 3.24 45.86 7.98
CA ARG B 241 2.09 45.92 7.10
C ARG B 241 1.10 46.96 7.59
N VAL B 242 0.92 47.01 8.92
CA VAL B 242 -0.01 47.96 9.50
C VAL B 242 0.49 49.37 9.29
N SER B 243 1.80 49.54 9.45
CA SER B 243 2.42 50.84 9.29
C SER B 243 2.24 51.33 7.88
N ASN B 244 2.48 50.46 6.91
CA ASN B 244 2.44 50.85 5.50
C ASN B 244 1.02 50.97 4.96
N ALA B 245 0.14 50.10 5.43
CA ALA B 245 -1.25 50.11 4.99
C ALA B 245 -2.01 51.27 5.60
N SER B 246 -1.77 51.54 6.88
CA SER B 246 -2.43 52.62 7.58
C SER B 246 -1.53 53.85 7.70
N GLU C 8 -64.15 -9.50 -18.54
CA GLU C 8 -63.59 -8.46 -19.40
C GLU C 8 -62.69 -9.06 -20.47
N THR C 9 -63.28 -9.41 -21.61
CA THR C 9 -62.53 -9.97 -22.72
C THR C 9 -62.06 -8.89 -23.69
N ILE C 10 -60.75 -8.78 -23.87
CA ILE C 10 -60.18 -7.72 -24.69
C ILE C 10 -59.06 -8.20 -25.61
N GLU C 11 -58.86 -7.47 -26.70
CA GLU C 11 -57.78 -7.76 -27.64
C GLU C 11 -56.77 -6.62 -27.67
N ILE C 12 -55.49 -6.96 -27.53
CA ILE C 12 -54.42 -5.96 -27.52
C ILE C 12 -53.34 -6.30 -28.53
N HIS C 13 -52.74 -5.28 -29.14
CA HIS C 13 -51.70 -5.49 -30.14
C HIS C 13 -50.36 -5.01 -29.68
N PRO C 14 -49.38 -5.90 -29.77
CA PRO C 14 -47.99 -5.60 -29.37
C PRO C 14 -47.25 -4.68 -30.35
N ILE C 15 -46.25 -3.97 -29.85
CA ILE C 15 -45.40 -3.14 -30.69
C ILE C 15 -44.04 -3.81 -30.80
N THR C 16 -43.55 -3.97 -32.04
CA THR C 16 -42.37 -4.80 -32.28
C THR C 16 -41.13 -3.99 -32.65
N PHE C 17 -40.00 -4.33 -32.04
CA PHE C 17 -38.75 -3.60 -32.23
C PHE C 17 -37.69 -4.39 -32.99
N PRO C 18 -37.09 -3.74 -33.99
CA PRO C 18 -36.05 -4.33 -34.84
C PRO C 18 -35.13 -5.23 -34.04
N PRO C 19 -34.58 -6.26 -34.67
CA PRO C 19 -33.81 -7.29 -33.96
C PRO C 19 -32.61 -6.68 -33.25
N GLU C 20 -31.93 -5.73 -33.90
CA GLU C 20 -30.85 -5.01 -33.22
C GLU C 20 -31.36 -4.23 -32.02
N VAL C 21 -32.54 -3.63 -32.17
CA VAL C 21 -33.16 -2.88 -31.08
C VAL C 21 -33.59 -3.80 -29.96
N LEU C 22 -34.26 -4.89 -30.34
CA LEU C 22 -34.74 -5.88 -29.38
C LEU C 22 -33.60 -6.50 -28.57
N ALA C 23 -32.46 -6.72 -29.24
CA ALA C 23 -31.29 -7.30 -28.59
C ALA C 23 -30.74 -6.36 -27.52
N ARG C 24 -30.88 -5.05 -27.77
CA ARG C 24 -30.39 -4.04 -26.83
C ARG C 24 -31.40 -3.80 -25.73
N ILE C 25 -32.68 -3.81 -26.09
CA ILE C 25 -33.77 -3.57 -25.15
C ILE C 25 -33.95 -4.73 -24.17
N SER C 26 -34.07 -5.93 -24.71
CA SER C 26 -34.26 -7.12 -23.88
C SER C 26 -33.54 -8.32 -24.49
N PRO C 27 -32.31 -8.59 -24.00
CA PRO C 27 -31.48 -9.71 -24.47
C PRO C 27 -32.16 -11.06 -24.27
N GLU C 28 -32.84 -11.22 -23.14
CA GLU C 28 -33.55 -12.45 -22.83
C GLU C 28 -34.65 -12.74 -23.85
N LEU C 29 -35.44 -11.71 -24.17
CA LEU C 29 -36.52 -11.86 -25.14
C LEU C 29 -35.97 -12.09 -26.54
N SER C 30 -34.88 -11.40 -26.87
CA SER C 30 -34.24 -11.55 -28.16
C SER C 30 -33.73 -12.98 -28.35
N LEU C 31 -33.26 -13.58 -27.26
CA LEU C 31 -32.81 -14.95 -27.28
C LEU C 31 -33.98 -15.91 -27.54
N GLN C 32 -35.04 -15.77 -26.75
CA GLN C 32 -36.20 -16.64 -26.85
C GLN C 32 -36.88 -16.56 -28.23
N ARG C 33 -36.93 -15.37 -28.80
CA ARG C 33 -37.51 -15.17 -30.12
C ARG C 33 -36.75 -15.97 -31.17
N HIS C 34 -35.42 -15.91 -31.11
CA HIS C 34 -34.58 -16.66 -32.04
C HIS C 34 -34.72 -18.16 -31.84
N LEU C 35 -34.75 -18.58 -30.58
CA LEU C 35 -34.82 -20.01 -30.24
C LEU C 35 -36.12 -20.65 -30.72
N SER C 36 -37.17 -19.85 -30.86
CA SER C 36 -38.45 -20.35 -31.31
C SER C 36 -38.42 -20.68 -32.80
N LEU C 37 -37.43 -20.16 -33.50
CA LEU C 37 -37.25 -20.42 -34.91
C LEU C 37 -36.02 -21.30 -35.15
N GLY C 38 -35.60 -22.01 -34.11
CA GLY C 38 -34.51 -22.96 -34.21
C GLY C 38 -33.13 -22.33 -34.38
N ILE C 39 -33.04 -21.02 -34.20
CA ILE C 39 -31.76 -20.33 -34.35
C ILE C 39 -31.37 -19.57 -33.09
N ARG C 40 -30.26 -18.83 -33.18
CA ARG C 40 -29.73 -18.07 -32.07
C ARG C 40 -29.47 -16.63 -32.49
N PRO C 41 -29.39 -15.70 -31.52
CA PRO C 41 -29.12 -14.29 -31.82
C PRO C 41 -27.88 -14.07 -32.68
N CYS C 42 -26.93 -15.01 -32.63
CA CYS C 42 -25.74 -14.92 -33.48
C CYS C 42 -25.97 -15.64 -34.81
N LEU C 43 -27.25 -15.85 -35.15
CA LEU C 43 -27.66 -16.43 -36.42
C LEU C 43 -27.21 -17.87 -36.64
N ARG C 44 -26.74 -18.52 -35.57
CA ARG C 44 -26.34 -19.92 -35.66
C ARG C 44 -27.46 -20.82 -35.14
N LYS C 45 -27.32 -22.11 -35.41
CA LYS C 45 -28.27 -23.09 -34.88
C LYS C 45 -27.80 -23.61 -33.53
N TYR C 46 -28.65 -24.38 -32.86
CA TYR C 46 -28.42 -24.83 -31.49
C TYR C 46 -27.03 -25.43 -31.26
N GLU C 47 -26.59 -26.28 -32.17
CA GLU C 47 -25.33 -26.99 -31.99
C GLU C 47 -24.26 -26.61 -33.01
N GLU C 48 -24.35 -25.40 -33.56
CA GLU C 48 -23.35 -24.92 -34.49
C GLU C 48 -22.24 -24.14 -33.77
N PHE C 49 -21.00 -24.54 -34.01
CA PHE C 49 -19.85 -23.86 -33.43
C PHE C 49 -19.34 -22.77 -34.36
N ARG C 50 -18.54 -21.86 -33.82
CA ARG C 50 -17.84 -20.89 -34.66
C ARG C 50 -16.63 -21.58 -35.28
N ASP C 51 -16.32 -21.22 -36.53
CA ASP C 51 -15.14 -21.76 -37.20
C ASP C 51 -13.90 -21.19 -36.55
N VAL C 52 -12.74 -21.79 -36.84
CA VAL C 52 -11.49 -21.36 -36.24
C VAL C 52 -10.39 -21.23 -37.29
N ALA C 53 -9.70 -20.10 -37.27
CA ALA C 53 -8.56 -19.87 -38.17
C ALA C 53 -7.35 -19.40 -37.37
N ILE C 54 -6.21 -20.07 -37.55
CA ILE C 54 -5.01 -19.73 -36.79
C ILE C 54 -3.78 -19.54 -37.68
N GLU C 55 -2.76 -18.92 -37.10
CA GLU C 55 -1.45 -18.79 -37.72
C GLU C 55 -0.37 -18.92 -36.65
N ASN C 56 0.38 -20.02 -36.69
CA ASN C 56 1.39 -20.29 -35.67
C ASN C 56 2.78 -19.78 -36.02
N ASN C 57 3.53 -19.40 -34.98
CA ASN C 57 4.94 -19.00 -35.10
C ASN C 57 5.21 -17.85 -36.08
N THR C 58 4.19 -17.04 -36.36
CA THR C 58 4.36 -15.92 -37.29
C THR C 58 5.05 -14.75 -36.61
N LEU C 59 4.99 -14.71 -35.28
CA LEU C 59 5.56 -13.60 -34.51
C LEU C 59 6.86 -14.02 -33.82
N SER C 60 7.15 -15.31 -33.86
CA SER C 60 8.34 -15.84 -33.21
C SER C 60 9.62 -15.48 -33.96
N ARG C 61 10.74 -15.45 -33.27
CA ARG C 61 12.02 -15.14 -33.90
C ARG C 61 12.36 -16.20 -34.94
N TYR C 62 12.05 -17.45 -34.61
CA TYR C 62 12.47 -18.61 -35.39
C TYR C 62 11.52 -18.89 -36.56
N ALA C 63 10.62 -17.94 -36.83
CA ALA C 63 9.59 -18.16 -37.84
C ALA C 63 10.20 -18.43 -39.21
N ASP C 64 11.26 -17.71 -39.57
CA ASP C 64 12.03 -18.10 -40.75
C ASP C 64 13.29 -18.81 -40.31
N ALA C 65 13.38 -20.11 -40.59
CA ALA C 65 14.55 -20.89 -40.22
C ALA C 65 15.78 -20.41 -40.96
N GLY C 66 15.58 -19.83 -42.13
CA GLY C 66 16.67 -19.30 -42.93
C GLY C 66 17.13 -17.92 -42.46
N ASN C 67 16.16 -17.11 -42.00
CA ASN C 67 16.47 -15.78 -41.51
C ASN C 67 15.92 -15.55 -40.11
N ILE C 68 16.63 -16.07 -39.10
CA ILE C 68 16.22 -15.92 -37.72
C ILE C 68 16.42 -14.48 -37.23
N ASP C 69 15.36 -13.90 -36.67
CA ASP C 69 15.42 -12.54 -36.15
C ASP C 69 16.41 -12.44 -34.98
N THR C 70 17.10 -11.31 -34.89
CA THR C 70 18.10 -11.12 -33.85
C THR C 70 17.56 -10.29 -32.68
N LYS C 71 16.70 -9.32 -33.00
CA LYS C 71 16.13 -8.44 -31.98
C LYS C 71 14.71 -8.87 -31.61
N ASN C 72 14.51 -10.17 -31.42
CA ASN C 72 13.22 -10.71 -31.04
C ASN C 72 13.38 -11.77 -29.96
N ASN C 73 12.50 -11.74 -28.96
CA ASN C 73 12.59 -12.69 -27.86
C ASN C 73 11.37 -13.59 -27.74
N ILE C 74 10.58 -13.66 -28.80
CA ILE C 74 9.39 -14.51 -28.82
C ILE C 74 9.75 -15.93 -29.25
N LEU C 75 9.48 -16.89 -28.38
CA LEU C 75 9.84 -18.29 -28.63
C LEU C 75 8.76 -18.99 -29.46
N GLY C 76 7.52 -18.58 -29.28
CA GLY C 76 6.41 -19.15 -30.01
C GLY C 76 5.22 -18.21 -29.99
N SER C 77 4.35 -18.33 -30.98
CA SER C 77 3.20 -17.44 -31.07
C SER C 77 2.02 -18.09 -31.78
N ASN C 78 0.85 -17.50 -31.61
CA ASN C 78 -0.35 -17.95 -32.29
C ASN C 78 -1.40 -16.85 -32.42
N VAL C 79 -1.79 -16.55 -33.65
CA VAL C 79 -2.87 -15.60 -33.91
C VAL C 79 -4.13 -16.36 -34.26
N LEU C 80 -5.13 -16.28 -33.39
CA LEU C 80 -6.36 -17.05 -33.56
C LEU C 80 -7.59 -16.15 -33.69
N LYS C 81 -8.41 -16.43 -34.69
CA LYS C 81 -9.69 -15.74 -34.82
C LYS C 81 -10.84 -16.73 -34.96
N SER C 82 -11.83 -16.60 -34.08
CA SER C 82 -13.00 -17.47 -34.08
C SER C 82 -14.27 -16.63 -34.12
N GLY C 83 -14.91 -16.58 -35.27
CA GLY C 83 -16.11 -15.77 -35.43
C GLY C 83 -15.78 -14.30 -35.61
N LYS C 84 -15.88 -13.54 -34.53
CA LYS C 84 -15.59 -12.12 -34.57
C LYS C 84 -14.54 -11.74 -33.52
N THR C 85 -14.15 -12.70 -32.71
CA THR C 85 -13.17 -12.46 -31.64
C THR C 85 -11.76 -12.84 -32.06
N ILE C 86 -10.80 -11.97 -31.76
CA ILE C 86 -9.40 -12.20 -32.12
C ILE C 86 -8.53 -12.38 -30.88
N VAL C 87 -7.66 -13.39 -30.92
CA VAL C 87 -6.75 -13.67 -29.80
C VAL C 87 -5.31 -13.76 -30.29
N ILE C 88 -4.43 -12.96 -29.71
CA ILE C 88 -3.01 -12.98 -30.07
C ILE C 88 -2.14 -13.41 -28.89
N THR C 89 -1.49 -14.57 -29.04
CA THR C 89 -0.66 -15.11 -27.96
C THR C 89 0.81 -15.15 -28.36
N SER C 90 1.67 -14.71 -27.45
CA SER C 90 3.11 -14.78 -27.66
C SER C 90 3.82 -15.35 -26.42
N ILE C 91 4.72 -16.30 -26.63
CA ILE C 91 5.44 -16.93 -25.53
C ILE C 91 6.87 -16.42 -25.45
N THR C 92 7.23 -15.85 -24.31
CA THR C 92 8.61 -15.48 -24.05
C THR C 92 9.16 -16.33 -22.91
N GLY C 93 10.47 -16.27 -22.69
CA GLY C 93 11.09 -17.13 -21.70
C GLY C 93 12.07 -16.48 -20.76
N GLY C 94 12.39 -17.20 -19.68
CA GLY C 94 13.39 -16.77 -18.71
C GLY C 94 14.13 -17.96 -18.17
N ILE C 95 15.22 -17.73 -17.47
CA ILE C 95 16.01 -18.80 -16.88
C ILE C 95 16.23 -18.56 -15.39
N ILE C 96 16.08 -19.61 -14.59
CA ILE C 96 16.26 -19.53 -13.14
C ILE C 96 17.17 -20.65 -12.65
N GLU C 97 18.03 -20.35 -11.68
CA GLU C 97 18.88 -21.38 -11.09
C GLU C 97 18.07 -22.27 -10.14
N GLU C 98 18.37 -23.57 -10.15
CA GLU C 98 17.62 -24.53 -9.36
C GLU C 98 18.44 -25.03 -8.16
N THR C 99 17.80 -25.12 -7.00
CA THR C 99 18.46 -25.64 -5.81
C THR C 99 17.54 -26.56 -5.04
N GLU C 121 6.64 -39.90 -10.88
CA GLU C 121 5.33 -40.46 -11.13
C GLU C 121 4.44 -39.47 -11.88
N ASP C 122 3.13 -39.60 -11.68
CA ASP C 122 2.17 -38.71 -12.34
C ASP C 122 1.61 -37.71 -11.33
N ILE C 123 2.33 -37.51 -10.23
CA ILE C 123 1.89 -36.56 -9.20
C ILE C 123 2.10 -35.12 -9.69
N ILE C 124 1.30 -34.20 -9.14
CA ILE C 124 1.26 -32.82 -9.62
C ILE C 124 2.52 -32.03 -9.25
N ALA C 125 3.31 -32.57 -8.33
CA ALA C 125 4.51 -31.89 -7.87
C ALA C 125 5.64 -31.93 -8.89
N ASN C 126 5.47 -32.77 -9.92
CA ASN C 126 6.51 -32.93 -10.93
C ASN C 126 6.17 -32.24 -12.24
N TYR C 127 5.25 -31.29 -12.21
CA TYR C 127 4.83 -30.58 -13.41
C TYR C 127 4.89 -29.08 -13.25
N ALA C 128 5.28 -28.40 -14.33
CA ALA C 128 5.36 -26.94 -14.32
C ALA C 128 4.21 -26.34 -15.11
N SER C 129 4.28 -25.03 -15.34
CA SER C 129 3.23 -24.33 -16.08
C SER C 129 3.78 -23.04 -16.69
N VAL C 130 2.97 -22.38 -17.50
CA VAL C 130 3.33 -21.08 -18.03
C VAL C 130 2.67 -20.00 -17.20
N TYR C 131 3.25 -18.81 -17.20
CA TYR C 131 2.68 -17.67 -16.47
C TYR C 131 2.10 -16.66 -17.44
N PRO C 132 0.77 -16.73 -17.64
CA PRO C 132 0.07 -15.94 -18.65
C PRO C 132 -0.43 -14.60 -18.12
N VAL C 133 -0.34 -13.59 -18.97
CA VAL C 133 -0.94 -12.29 -18.70
C VAL C 133 -1.89 -11.97 -19.83
N VAL C 134 -3.19 -12.08 -19.57
CA VAL C 134 -4.19 -11.86 -20.60
C VAL C 134 -4.81 -10.48 -20.46
N GLU C 135 -4.76 -9.72 -21.55
CA GLU C 135 -5.31 -8.38 -21.55
C GLU C 135 -6.45 -8.29 -22.55
N VAL C 136 -7.57 -7.75 -22.08
CA VAL C 136 -8.75 -7.59 -22.93
C VAL C 136 -8.98 -6.11 -23.18
N GLU C 137 -9.15 -5.73 -24.44
CA GLU C 137 -9.34 -4.33 -24.78
C GLU C 137 -10.81 -4.06 -24.98
N ARG C 138 -11.32 -3.08 -24.23
CA ARG C 138 -12.73 -2.71 -24.30
C ARG C 138 -12.92 -1.19 -24.27
N GLY C 139 -11.86 -0.46 -24.61
CA GLY C 139 -11.92 0.99 -24.70
C GLY C 139 -11.87 1.69 -23.37
N ARG C 140 -11.30 1.04 -22.37
CA ARG C 140 -11.17 1.63 -21.05
C ARG C 140 -9.70 1.72 -20.64
N VAL C 141 -9.42 2.51 -19.61
CA VAL C 141 -8.07 2.63 -19.08
C VAL C 141 -8.09 2.57 -17.55
N GLY C 142 -7.22 1.75 -16.99
CA GLY C 142 -7.15 1.58 -15.55
C GLY C 142 -6.55 0.26 -15.13
N ALA C 143 -6.88 -0.17 -13.91
CA ALA C 143 -6.34 -1.40 -13.35
C ALA C 143 -6.87 -2.64 -14.08
N CYS C 144 -6.29 -3.79 -13.78
CA CYS C 144 -6.72 -5.06 -14.38
C CYS C 144 -8.14 -5.39 -13.93
N THR C 145 -8.99 -5.76 -14.89
CA THR C 145 -10.35 -6.17 -14.57
C THR C 145 -10.35 -7.53 -13.90
N ASP C 146 -11.49 -7.90 -13.32
CA ASP C 146 -11.64 -9.21 -12.71
C ASP C 146 -11.66 -10.29 -13.79
N GLU C 147 -12.08 -9.91 -15.00
CA GLU C 147 -12.07 -10.82 -16.14
C GLU C 147 -10.65 -11.23 -16.49
N GLU C 148 -9.80 -10.23 -16.67
CA GLU C 148 -8.40 -10.46 -17.05
C GLU C 148 -7.64 -11.24 -15.98
N MET C 149 -7.84 -10.88 -14.71
CA MET C 149 -7.14 -11.54 -13.62
C MET C 149 -7.51 -13.01 -13.49
N THR C 150 -8.80 -13.32 -13.65
CA THR C 150 -9.27 -14.70 -13.52
C THR C 150 -8.90 -15.56 -14.73
N ILE C 151 -8.88 -14.96 -15.91
CA ILE C 151 -8.54 -15.71 -17.11
C ILE C 151 -7.13 -16.27 -17.00
N SER C 152 -6.22 -15.47 -16.43
CA SER C 152 -4.84 -15.89 -16.25
C SER C 152 -4.69 -17.10 -15.32
N GLN C 153 -5.45 -17.11 -14.23
CA GLN C 153 -5.35 -18.19 -13.26
C GLN C 153 -5.81 -19.53 -13.82
N LYS C 154 -6.99 -19.53 -14.43
CA LYS C 154 -7.58 -20.76 -14.97
C LYS C 154 -6.68 -21.36 -16.05
N LEU C 155 -6.04 -20.50 -16.83
CA LEU C 155 -5.08 -20.97 -17.83
C LEU C 155 -3.88 -21.61 -17.16
N HIS C 156 -3.37 -20.94 -16.12
CA HIS C 156 -2.21 -21.42 -15.40
C HIS C 156 -2.49 -22.75 -14.70
N ASP C 157 -3.64 -22.85 -14.05
CA ASP C 157 -3.99 -24.04 -13.28
C ASP C 157 -4.25 -25.25 -14.18
N SER C 158 -5.02 -25.04 -15.25
CA SER C 158 -5.40 -26.13 -16.14
C SER C 158 -4.21 -26.72 -16.90
N ILE C 159 -3.17 -25.92 -17.10
CA ILE C 159 -1.93 -26.41 -17.68
C ILE C 159 -1.24 -27.32 -16.68
N LEU C 160 -1.33 -26.95 -15.41
CA LEU C 160 -0.72 -27.74 -14.34
C LEU C 160 -1.55 -28.98 -14.03
N HIS C 161 -2.87 -28.86 -14.10
CA HIS C 161 -3.76 -29.97 -13.78
C HIS C 161 -3.80 -31.03 -14.88
N SER C 162 -3.80 -30.59 -16.14
CA SER C 162 -3.82 -31.52 -17.26
C SER C 162 -2.45 -32.12 -17.52
N ARG C 163 -1.45 -31.63 -16.79
CA ARG C 163 -0.09 -32.15 -16.85
C ARG C 163 0.50 -32.07 -18.26
N ILE C 164 0.51 -30.87 -18.81
CA ILE C 164 1.05 -30.63 -20.15
C ILE C 164 2.56 -30.46 -20.10
N LEU C 165 3.02 -29.69 -19.12
CA LEU C 165 4.43 -29.33 -19.02
CA LEU C 165 4.44 -29.34 -19.03
C LEU C 165 5.13 -29.93 -17.80
N PRO C 166 5.84 -31.05 -18.01
CA PRO C 166 6.62 -31.67 -16.93
C PRO C 166 7.85 -30.82 -16.65
N LYS C 167 8.28 -30.78 -15.38
CA LYS C 167 9.45 -29.98 -15.00
C LYS C 167 10.70 -30.42 -15.75
N LYS C 168 10.76 -31.71 -16.09
CA LYS C 168 11.90 -32.27 -16.79
C LYS C 168 12.05 -31.68 -18.19
N ALA C 169 10.95 -31.20 -18.75
CA ALA C 169 10.96 -30.66 -20.11
C ALA C 169 11.45 -29.23 -20.16
N LEU C 170 11.73 -28.66 -18.98
CA LEU C 170 12.21 -27.28 -18.90
C LEU C 170 13.63 -27.19 -18.36
N LYS C 171 14.25 -28.35 -18.11
CA LYS C 171 15.60 -28.40 -17.61
C LYS C 171 16.60 -27.92 -18.66
N VAL C 172 17.40 -26.94 -18.28
CA VAL C 172 18.39 -26.38 -19.19
C VAL C 172 19.63 -27.26 -19.29
N LYS C 173 19.87 -27.79 -20.48
CA LYS C 173 21.08 -28.56 -20.73
C LYS C 173 22.20 -27.61 -21.11
N ALA C 174 22.76 -26.96 -20.10
CA ALA C 174 23.73 -25.88 -20.30
C ALA C 174 25.03 -26.36 -20.94
N GLY C 175 25.51 -25.62 -21.92
CA GLY C 175 26.77 -25.91 -22.57
C GLY C 175 27.88 -25.01 -22.07
N VAL C 176 29.07 -25.14 -22.65
CA VAL C 176 30.21 -24.32 -22.25
C VAL C 176 30.88 -23.64 -23.46
N ARG C 177 31.08 -22.34 -23.34
CA ARG C 177 31.73 -21.58 -24.41
C ARG C 177 33.19 -21.32 -24.09
N SER C 178 34.09 -21.86 -24.91
CA SER C 178 35.52 -21.69 -24.71
C SER C 178 36.14 -20.95 -25.88
N ALA C 179 37.37 -20.49 -25.68
CA ALA C 179 38.11 -19.79 -26.74
C ALA C 179 39.07 -20.74 -27.45
N ASN C 180 38.67 -21.22 -28.61
CA ASN C 180 39.48 -22.16 -29.39
C ASN C 180 40.68 -21.49 -30.04
N GLU C 181 41.39 -22.26 -30.85
CA GLU C 181 42.57 -21.75 -31.56
C GLU C 181 42.19 -20.70 -32.58
N ASP C 182 43.19 -19.94 -33.04
CA ASP C 182 42.99 -18.87 -34.03
C ASP C 182 42.04 -17.78 -33.53
N GLY C 183 41.88 -17.68 -32.21
CA GLY C 183 41.05 -16.64 -31.61
C GLY C 183 39.59 -16.71 -32.00
N THR C 184 38.95 -17.84 -31.72
CA THR C 184 37.53 -18.01 -31.99
C THR C 184 36.81 -18.63 -30.80
N PHE C 185 35.50 -18.41 -30.73
CA PHE C 185 34.69 -18.94 -29.64
C PHE C 185 33.83 -20.10 -30.10
N SER C 186 33.87 -21.20 -29.37
CA SER C 186 33.06 -22.38 -29.68
C SER C 186 32.28 -22.84 -28.45
N VAL C 187 31.10 -23.39 -28.69
CA VAL C 187 30.23 -23.85 -27.61
C VAL C 187 29.99 -25.35 -27.69
N LEU C 188 30.25 -26.05 -26.59
CA LEU C 188 30.06 -27.49 -26.54
C LEU C 188 28.88 -27.88 -25.66
N TYR C 189 27.88 -28.52 -26.26
CA TYR C 189 26.68 -28.93 -25.54
C TYR C 189 26.70 -30.42 -25.18
N PRO C 190 26.31 -30.75 -23.93
CA PRO C 190 26.19 -32.14 -23.50
C PRO C 190 24.88 -32.75 -24.00
N ASP C 191 24.77 -34.08 -23.94
CA ASP C 191 23.55 -34.75 -24.38
C ASP C 191 23.40 -36.11 -23.71
N GLU C 192 22.20 -36.36 -23.18
CA GLU C 192 21.84 -37.65 -22.57
C GLU C 192 22.80 -38.04 -21.44
N LEU C 193 22.76 -37.29 -20.36
CA LEU C 193 23.62 -37.55 -19.21
C LEU C 193 22.82 -37.58 -17.91
N LYS C 206 27.10 -29.68 -9.13
CA LYS C 206 27.16 -28.73 -10.23
C LYS C 206 25.86 -27.94 -10.34
N ARG C 207 25.95 -26.71 -10.83
CA ARG C 207 24.80 -25.84 -10.99
C ARG C 207 23.79 -26.39 -11.99
N LYS C 208 22.51 -26.09 -11.76
CA LYS C 208 21.44 -26.51 -12.66
C LYS C 208 20.44 -25.39 -12.88
N TRP C 209 20.03 -25.23 -14.14
CA TRP C 209 19.08 -24.17 -14.50
C TRP C 209 17.78 -24.77 -15.06
N SER C 210 16.74 -23.95 -15.10
CA SER C 210 15.45 -24.37 -15.68
C SER C 210 14.85 -23.23 -16.49
N TYR C 211 14.15 -23.58 -17.56
CA TYR C 211 13.45 -22.59 -18.36
C TYR C 211 12.17 -22.14 -17.67
N VAL C 212 11.80 -20.89 -17.88
CA VAL C 212 10.52 -20.37 -17.38
C VAL C 212 9.75 -19.74 -18.53
N LEU C 213 8.53 -20.21 -18.74
CA LEU C 213 7.72 -19.72 -19.86
C LEU C 213 6.70 -18.67 -19.45
N TYR C 214 6.69 -17.55 -20.15
CA TYR C 214 5.69 -16.50 -19.92
C TYR C 214 4.81 -16.36 -21.15
N ALA C 215 3.64 -15.76 -20.98
CA ALA C 215 2.69 -15.62 -22.08
C ALA C 215 1.90 -14.33 -22.01
N LYS C 216 1.83 -13.63 -23.14
CA LYS C 216 0.95 -12.46 -23.25
C LYS C 216 -0.16 -12.75 -24.25
N ILE C 217 -1.40 -12.68 -23.77
CA ILE C 217 -2.56 -12.99 -24.59
C ILE C 217 -3.46 -11.77 -24.74
N VAL C 218 -3.41 -11.15 -25.93
CA VAL C 218 -4.25 -9.99 -26.21
C VAL C 218 -5.53 -10.42 -26.90
N VAL C 219 -6.67 -10.08 -26.29
CA VAL C 219 -7.96 -10.41 -26.85
C VAL C 219 -8.62 -9.19 -27.48
N LEU C 220 -8.83 -9.24 -28.79
CA LEU C 220 -9.46 -8.13 -29.50
C LEU C 220 -10.88 -8.50 -29.93
N SER C 221 -11.73 -7.49 -29.99
CA SER C 221 -13.11 -7.66 -30.46
C SER C 221 -13.87 -8.73 -29.68
N ARG C 222 -13.97 -8.54 -28.37
CA ARG C 222 -14.69 -9.46 -27.50
C ARG C 222 -16.19 -9.43 -27.80
N THR C 223 -16.80 -10.61 -27.86
CA THR C 223 -18.23 -10.71 -28.13
C THR C 223 -18.94 -11.68 -27.18
N GLY C 224 -18.22 -12.19 -26.19
CA GLY C 224 -18.77 -13.12 -25.23
C GLY C 224 -17.71 -13.79 -24.38
N PRO C 225 -18.04 -14.95 -23.80
CA PRO C 225 -17.10 -15.74 -23.01
C PRO C 225 -15.85 -16.03 -23.84
N VAL C 226 -14.69 -15.64 -23.35
CA VAL C 226 -13.49 -15.65 -24.16
C VAL C 226 -12.37 -16.55 -23.61
N PHE C 227 -12.64 -17.24 -22.51
CA PHE C 227 -11.66 -18.15 -21.93
C PHE C 227 -11.28 -19.27 -22.90
N ASP C 228 -12.30 -19.88 -23.51
CA ASP C 228 -12.09 -21.01 -24.42
C ASP C 228 -11.20 -20.65 -25.60
N LEU C 229 -11.30 -19.39 -26.04
CA LEU C 229 -10.48 -18.91 -27.14
C LEU C 229 -9.03 -18.66 -26.69
N CYS C 230 -8.88 -18.24 -25.44
CA CYS C 230 -7.57 -18.01 -24.87
C CYS C 230 -6.80 -19.32 -24.67
N TRP C 231 -7.53 -20.35 -24.24
CA TRP C 231 -6.92 -21.66 -24.00
C TRP C 231 -6.48 -22.32 -25.30
N ASN C 232 -7.37 -22.38 -26.27
CA ASN C 232 -7.07 -22.98 -27.56
C ASN C 232 -5.93 -22.28 -28.27
N SER C 233 -5.86 -20.96 -28.11
CA SER C 233 -4.77 -20.18 -28.68
C SER C 233 -3.46 -20.50 -27.97
N LEU C 234 -3.53 -20.61 -26.66
CA LEU C 234 -2.36 -20.94 -25.84
C LEU C 234 -1.82 -22.33 -26.17
N MET C 235 -2.73 -23.26 -26.44
CA MET C 235 -2.35 -24.62 -26.82
C MET C 235 -1.61 -24.63 -28.15
N TYR C 236 -2.16 -23.91 -29.14
CA TYR C 236 -1.53 -23.80 -30.44
C TYR C 236 -0.15 -23.14 -30.33
N ALA C 237 -0.05 -22.17 -29.43
CA ALA C 237 1.21 -21.46 -29.23
C ALA C 237 2.27 -22.33 -28.57
N LEU C 238 1.86 -23.12 -27.59
CA LEU C 238 2.78 -23.98 -26.87
C LEU C 238 3.38 -25.06 -27.76
N GLN C 239 2.66 -25.42 -28.81
CA GLN C 239 3.13 -26.45 -29.73
C GLN C 239 4.13 -25.91 -30.74
N SER C 240 4.43 -24.61 -30.64
CA SER C 240 5.37 -23.98 -31.54
C SER C 240 6.58 -23.42 -30.77
N VAL C 241 6.56 -23.59 -29.45
CA VAL C 241 7.61 -23.06 -28.59
C VAL C 241 8.94 -23.78 -28.80
N LYS C 242 9.98 -23.01 -29.12
CA LYS C 242 11.33 -23.53 -29.24
C LYS C 242 12.20 -22.93 -28.16
N LEU C 243 12.82 -23.78 -27.36
CA LEU C 243 13.68 -23.34 -26.27
C LEU C 243 15.11 -23.08 -26.75
N PRO C 244 15.61 -21.85 -26.56
CA PRO C 244 16.96 -21.49 -26.99
C PRO C 244 18.02 -22.26 -26.19
N ARG C 245 19.07 -22.68 -26.88
CA ARG C 245 20.20 -23.30 -26.21
C ARG C 245 20.85 -22.31 -25.25
N ALA C 246 21.24 -22.79 -24.07
CA ALA C 246 21.87 -21.92 -23.09
C ALA C 246 23.26 -22.41 -22.72
N PHE C 247 24.18 -21.47 -22.51
CA PHE C 247 25.56 -21.81 -22.18
C PHE C 247 26.19 -20.80 -21.23
N ILE C 248 27.31 -21.18 -20.63
CA ILE C 248 28.08 -20.29 -19.78
C ILE C 248 29.51 -20.18 -20.31
N ASP C 249 30.18 -19.08 -19.98
CA ASP C 249 31.59 -18.94 -20.33
C ASP C 249 32.42 -19.96 -19.58
N GLU C 250 33.43 -20.51 -20.26
CA GLU C 250 34.27 -21.56 -19.70
C GLU C 250 34.86 -21.16 -18.35
N ARG C 251 35.53 -20.02 -18.32
CA ARG C 251 36.13 -19.50 -17.10
C ARG C 251 35.96 -17.99 -17.00
N ALA C 252 34.75 -17.56 -16.66
CA ALA C 252 34.47 -16.13 -16.48
C ALA C 252 35.29 -15.60 -15.31
N SER C 253 35.93 -14.46 -15.53
CA SER C 253 36.82 -13.87 -14.53
C SER C 253 36.11 -13.56 -13.21
N ASP C 254 34.83 -13.22 -13.30
CA ASP C 254 34.04 -12.90 -12.12
C ASP C 254 33.88 -14.09 -11.19
N LEU C 255 34.57 -14.05 -10.05
CA LEU C 255 34.48 -15.10 -9.06
C LEU C 255 33.71 -14.63 -7.82
N ARG C 256 33.97 -15.26 -6.68
CA ARG C 256 33.25 -14.94 -5.45
C ARG C 256 33.47 -13.50 -4.99
N MET C 257 32.47 -12.96 -4.30
CA MET C 257 32.53 -11.60 -3.78
C MET C 257 32.58 -11.62 -2.25
N THR C 258 33.68 -11.16 -1.70
CA THR C 258 33.86 -11.17 -0.25
C THR C 258 33.09 -10.06 0.45
N ILE C 259 32.27 -10.44 1.43
CA ILE C 259 31.55 -9.48 2.24
C ILE C 259 31.92 -9.68 3.71
N ARG C 260 32.29 -8.57 4.37
CA ARG C 260 32.77 -8.64 5.75
C ARG C 260 31.66 -8.35 6.77
N THR C 261 31.70 -9.08 7.89
CA THR C 261 30.78 -8.84 8.99
C THR C 261 31.54 -8.11 10.10
N ARG C 262 31.00 -8.16 11.33
CA ARG C 262 31.64 -7.51 12.45
C ARG C 262 32.76 -8.36 13.07
N GLY C 263 33.81 -8.58 12.30
CA GLY C 263 34.93 -9.38 12.75
C GLY C 263 35.16 -10.60 11.89
N ARG C 264 34.07 -11.29 11.56
CA ARG C 264 34.14 -12.49 10.72
C ARG C 264 33.95 -12.14 9.25
N SER C 265 34.44 -13.01 8.38
CA SER C 265 34.34 -12.78 6.94
C SER C 265 33.51 -13.86 6.25
N ALA C 266 32.88 -13.48 5.14
CA ALA C 266 32.07 -14.41 4.36
C ALA C 266 32.23 -14.15 2.86
N THR C 267 31.99 -15.16 2.06
CA THR C 267 32.12 -15.03 0.60
C THR C 267 30.84 -15.44 -0.12
N ILE C 268 30.26 -14.47 -0.83
CA ILE C 268 29.07 -14.76 -1.65
C ILE C 268 29.47 -15.60 -2.86
N ARG C 269 28.71 -16.66 -3.10
CA ARG C 269 29.04 -17.62 -4.15
C ARG C 269 29.03 -16.98 -5.55
N GLU C 270 29.98 -17.41 -6.36
CA GLU C 270 30.16 -16.85 -7.70
C GLU C 270 28.92 -17.10 -8.58
N THR C 271 28.33 -16.02 -9.07
CA THR C 271 27.14 -16.12 -9.91
C THR C 271 27.53 -16.23 -11.39
N TYR C 272 27.20 -17.36 -11.99
CA TYR C 272 27.50 -17.58 -13.40
C TYR C 272 26.42 -17.00 -14.31
N GLU C 273 26.84 -16.15 -15.24
CA GLU C 273 25.92 -15.52 -16.17
C GLU C 273 25.54 -16.47 -17.30
N ILE C 274 24.33 -16.98 -17.27
CA ILE C 274 23.85 -17.90 -18.30
C ILE C 274 23.45 -17.12 -19.56
N ILE C 275 23.88 -17.59 -20.72
CA ILE C 275 23.65 -16.91 -21.98
C ILE C 275 22.90 -17.82 -22.96
N CYS C 276 21.93 -17.26 -23.66
CA CYS C 276 21.17 -18.02 -24.65
C CYS C 276 21.84 -17.95 -26.03
N ASP C 277 21.74 -19.06 -26.77
CA ASP C 277 22.31 -19.14 -28.11
C ASP C 277 21.48 -18.29 -29.07
N GLN C 278 22.18 -17.56 -29.94
CA GLN C 278 21.52 -16.67 -30.89
C GLN C 278 20.68 -17.44 -31.92
N THR C 279 21.12 -18.64 -32.25
CA THR C 279 20.50 -19.42 -33.32
C THR C 279 19.96 -20.76 -32.87
N LYS C 280 20.82 -21.60 -32.29
CA LYS C 280 20.47 -22.96 -31.93
C LYS C 280 19.32 -23.03 -30.92
N SER C 281 18.43 -23.98 -31.10
CA SER C 281 17.26 -24.13 -30.23
C SER C 281 16.71 -25.55 -30.26
N VAL C 282 16.05 -25.94 -29.16
CA VAL C 282 15.41 -27.25 -29.06
C VAL C 282 13.91 -27.10 -28.87
N PRO C 283 13.12 -28.00 -29.47
CA PRO C 283 11.67 -27.94 -29.37
C PRO C 283 11.16 -28.28 -27.96
N LEU C 284 10.05 -27.68 -27.56
CA LEU C 284 9.46 -27.92 -26.26
C LEU C 284 8.85 -29.32 -26.19
N MET C 285 9.14 -30.04 -25.10
CA MET C 285 8.65 -31.40 -24.93
C MET C 285 7.27 -31.44 -24.27
N ILE C 286 6.23 -31.34 -25.11
CA ILE C 286 4.86 -31.34 -24.63
C ILE C 286 4.25 -32.73 -24.68
N ASN C 287 3.62 -33.14 -23.57
CA ASN C 287 2.83 -34.37 -23.57
C ASN C 287 1.61 -34.20 -24.45
N ALA C 288 1.76 -34.50 -25.74
CA ALA C 288 0.70 -34.29 -26.72
C ALA C 288 -0.57 -35.09 -26.41
N LYS C 289 -0.43 -36.12 -25.59
CA LYS C 289 -1.55 -36.95 -25.17
C LYS C 289 -2.46 -36.17 -24.23
N ASN C 290 -1.91 -35.14 -23.60
CA ASN C 290 -2.63 -34.37 -22.60
C ASN C 290 -3.21 -33.06 -23.09
N ILE C 291 -2.80 -32.63 -24.28
CA ILE C 291 -3.29 -31.37 -24.84
C ILE C 291 -4.80 -31.46 -25.11
N ALA C 292 -5.57 -30.72 -24.32
CA ALA C 292 -7.01 -30.66 -24.48
C ALA C 292 -7.41 -29.39 -25.21
N PHE C 293 -8.59 -29.38 -25.81
CA PHE C 293 -9.12 -28.18 -26.46
C PHE C 293 -10.43 -27.75 -25.84
N ALA C 294 -10.69 -26.45 -25.86
CA ALA C 294 -11.78 -25.85 -25.10
C ALA C 294 -13.07 -25.69 -25.89
N SER C 295 -14.19 -25.88 -25.18
CA SER C 295 -15.52 -25.61 -25.74
C SER C 295 -16.50 -25.38 -24.59
N ASN C 296 -17.50 -24.55 -24.81
CA ASN C 296 -18.50 -24.29 -23.77
C ASN C 296 -19.93 -24.47 -24.28
N TYR C 297 -20.84 -24.78 -23.36
CA TYR C 297 -22.22 -25.07 -23.72
C TYR C 297 -23.20 -24.43 -22.74
N GLY C 298 -24.44 -24.21 -23.20
CA GLY C 298 -25.46 -23.61 -22.38
C GLY C 298 -26.78 -24.33 -22.47
N ILE C 299 -27.59 -24.24 -21.41
CA ILE C 299 -28.90 -24.87 -21.38
C ILE C 299 -30.00 -23.86 -21.08
N VAL C 300 -31.02 -23.82 -21.92
CA VAL C 300 -32.12 -22.88 -21.75
C VAL C 300 -33.48 -23.55 -21.83
N GLU C 301 -34.47 -22.97 -21.15
CA GLU C 301 -35.85 -23.44 -21.25
C GLU C 301 -36.62 -22.57 -22.22
N LEU C 302 -37.28 -23.22 -23.18
CA LEU C 302 -38.08 -22.51 -24.18
C LEU C 302 -39.33 -21.93 -23.55
N ASP C 303 -39.46 -20.60 -23.58
CA ASP C 303 -40.61 -19.92 -23.01
C ASP C 303 -41.76 -19.89 -24.02
N PRO C 304 -42.89 -20.52 -23.66
CA PRO C 304 -44.07 -20.64 -24.54
C PRO C 304 -44.61 -19.30 -25.02
N GLU C 305 -44.46 -18.26 -24.20
CA GLU C 305 -45.00 -16.94 -24.54
C GLU C 305 -44.02 -16.10 -25.35
N CYS C 306 -43.08 -16.75 -26.04
CA CYS C 306 -42.10 -16.05 -26.84
C CYS C 306 -41.97 -16.67 -28.24
N GLN C 307 -42.85 -17.62 -28.54
CA GLN C 307 -42.83 -18.29 -29.83
C GLN C 307 -43.38 -17.39 -30.93
N LEU C 308 -42.85 -17.56 -32.14
CA LEU C 308 -43.37 -16.89 -33.31
C LEU C 308 -44.02 -17.90 -34.25
N GLN C 309 -45.16 -17.52 -34.83
CA GLN C 309 -45.88 -18.40 -35.74
C GLN C 309 -45.25 -18.39 -37.13
N ASN C 310 -45.36 -19.52 -37.84
CA ASN C 310 -44.80 -19.64 -39.18
C ASN C 310 -44.63 -21.10 -39.57
N LEU C 326 -42.27 -28.83 -22.09
CA LEU C 326 -41.00 -28.48 -21.47
C LEU C 326 -39.85 -29.17 -22.19
N ASN C 327 -38.67 -28.55 -22.17
CA ASN C 327 -37.51 -29.11 -22.85
C ASN C 327 -36.20 -28.38 -22.54
N THR C 328 -35.14 -29.16 -22.35
CA THR C 328 -33.82 -28.60 -22.10
C THR C 328 -33.08 -28.39 -23.44
N VAL C 329 -32.54 -27.20 -23.63
CA VAL C 329 -31.86 -26.87 -24.89
C VAL C 329 -30.34 -26.81 -24.70
N LEU C 330 -29.61 -27.54 -25.54
CA LEU C 330 -28.16 -27.45 -25.51
C LEU C 330 -27.67 -26.49 -26.59
N ILE C 331 -26.91 -25.49 -26.15
CA ILE C 331 -26.39 -24.46 -27.06
C ILE C 331 -24.86 -24.48 -27.02
N ALA C 332 -24.23 -24.47 -28.19
CA ALA C 332 -22.78 -24.64 -28.27
C ALA C 332 -22.04 -23.34 -28.59
N ASP C 333 -20.92 -23.13 -27.91
CA ASP C 333 -20.05 -21.98 -28.15
C ASP C 333 -20.78 -20.65 -28.01
N LEU C 334 -20.94 -20.19 -26.78
CA LEU C 334 -21.72 -18.99 -26.50
C LEU C 334 -21.05 -17.71 -27.02
N ASP C 335 -21.83 -16.91 -27.73
CA ASP C 335 -21.39 -15.62 -28.23
C ASP C 335 -22.53 -14.63 -28.06
N THR C 336 -22.28 -13.35 -28.36
CA THR C 336 -23.28 -12.28 -28.26
C THR C 336 -23.66 -11.98 -26.80
N GLU C 337 -23.97 -10.72 -26.52
CA GLU C 337 -24.39 -10.31 -25.19
C GLU C 337 -25.63 -11.07 -24.73
N ALA C 338 -26.56 -11.30 -25.65
CA ALA C 338 -27.83 -11.95 -25.34
C ALA C 338 -27.65 -13.33 -24.69
N GLU C 339 -26.68 -14.09 -25.17
CA GLU C 339 -26.44 -15.43 -24.64
C GLU C 339 -25.61 -15.40 -23.34
N GLU C 340 -24.66 -14.48 -23.27
CA GLU C 340 -23.80 -14.37 -22.10
C GLU C 340 -24.57 -13.84 -20.89
N THR C 341 -25.59 -13.04 -21.16
CA THR C 341 -26.34 -12.37 -20.10
C THR C 341 -27.49 -13.22 -19.56
N SER C 342 -28.22 -13.97 -20.46
CA SER C 342 -29.48 -14.62 -20.09
C SER C 342 -29.38 -16.13 -19.82
N ILE C 343 -28.29 -16.76 -20.23
CA ILE C 343 -28.13 -18.20 -20.01
C ILE C 343 -27.30 -18.48 -18.75
N HIS C 344 -27.96 -18.97 -17.71
CA HIS C 344 -27.32 -19.14 -16.41
C HIS C 344 -26.91 -20.59 -16.11
N SER C 345 -27.33 -21.51 -16.97
CA SER C 345 -26.89 -22.90 -16.87
C SER C 345 -25.89 -23.20 -17.97
N THR C 346 -24.63 -23.32 -17.61
CA THR C 346 -23.55 -23.46 -18.59
C THR C 346 -22.61 -24.61 -18.28
N ILE C 347 -21.92 -25.09 -19.32
CA ILE C 347 -20.97 -26.19 -19.19
C ILE C 347 -19.69 -25.86 -19.94
N SER C 348 -18.55 -26.00 -19.26
CA SER C 348 -17.25 -25.76 -19.89
C SER C 348 -16.39 -27.02 -19.82
N ILE C 349 -15.79 -27.40 -20.96
CA ILE C 349 -15.02 -28.64 -21.03
C ILE C 349 -13.66 -28.46 -21.70
N LEU C 350 -12.63 -29.04 -21.10
CA LEU C 350 -11.35 -29.23 -21.79
C LEU C 350 -11.19 -30.71 -22.11
N ALA C 351 -11.41 -31.07 -23.36
CA ALA C 351 -11.39 -32.47 -23.76
C ALA C 351 -10.16 -32.80 -24.60
N ALA C 352 -9.45 -33.85 -24.21
CA ALA C 352 -8.31 -34.33 -24.98
C ALA C 352 -8.80 -35.29 -26.06
N PRO C 353 -8.09 -35.26 -27.20
CA PRO C 353 -8.43 -36.06 -28.37
C PRO C 353 -8.42 -37.55 -28.03
N SER C 354 -7.53 -37.91 -27.12
CA SER C 354 -7.48 -39.26 -26.59
C SER C 354 -8.83 -39.48 -25.91
N GLY C 355 -9.55 -38.38 -25.72
CA GLY C 355 -10.84 -38.38 -25.06
C GLY C 355 -10.75 -38.14 -23.57
N ASN C 356 -9.53 -37.94 -23.08
CA ASN C 356 -9.32 -37.53 -21.70
C ASN C 356 -9.82 -36.11 -21.48
N TYR C 357 -10.35 -35.83 -20.30
CA TYR C 357 -10.83 -34.49 -20.01
C TYR C 357 -9.94 -33.79 -18.98
N LYS C 358 -9.27 -32.72 -19.40
CA LYS C 358 -8.37 -32.00 -18.51
C LYS C 358 -9.11 -31.36 -17.34
N GLN C 359 -10.25 -30.74 -17.66
CA GLN C 359 -11.08 -30.12 -16.64
C GLN C 359 -12.52 -30.00 -17.13
N LEU C 360 -13.46 -29.88 -16.20
CA LEU C 360 -14.85 -29.63 -16.54
C LEU C 360 -15.46 -28.62 -15.57
N THR C 361 -16.40 -27.82 -16.05
CA THR C 361 -17.12 -26.92 -15.16
C THR C 361 -18.63 -26.96 -15.40
N LEU C 362 -19.38 -27.28 -14.36
CA LEU C 362 -20.83 -27.29 -14.44
C LEU C 362 -21.42 -26.21 -13.55
N MET C 363 -21.93 -25.17 -14.19
CA MET C 363 -22.54 -24.11 -13.45
C MET C 363 -24.00 -24.19 -13.80
N GLY C 364 -24.80 -24.62 -12.83
CA GLY C 364 -26.22 -24.61 -13.05
C GLY C 364 -26.74 -23.49 -12.22
N GLY C 365 -27.10 -22.40 -12.87
CA GLY C 365 -27.85 -21.37 -12.17
C GLY C 365 -29.23 -21.18 -12.77
N GLY C 366 -29.41 -21.70 -13.97
CA GLY C 366 -30.69 -21.62 -14.65
C GLY C 366 -31.38 -22.97 -14.71
N ALA C 367 -31.49 -23.52 -15.92
CA ALA C 367 -32.12 -24.82 -16.11
C ALA C 367 -31.30 -25.91 -15.44
N LYS C 368 -32.00 -26.98 -15.04
CA LYS C 368 -31.35 -28.07 -14.33
C LYS C 368 -30.42 -28.74 -15.32
N ILE C 369 -29.25 -29.15 -14.84
CA ILE C 369 -28.35 -29.87 -15.71
C ILE C 369 -28.68 -31.34 -15.57
N THR C 370 -29.38 -31.87 -16.56
CA THR C 370 -29.71 -33.29 -16.58
C THR C 370 -28.52 -34.10 -17.12
N PRO C 371 -28.44 -35.39 -16.74
CA PRO C 371 -27.40 -36.28 -17.26
C PRO C 371 -27.35 -36.31 -18.79
N GLU C 372 -28.51 -36.15 -19.43
CA GLU C 372 -28.58 -36.13 -20.88
C GLU C 372 -27.85 -34.91 -21.43
N MET C 373 -28.03 -33.77 -20.78
CA MET C 373 -27.35 -32.53 -21.17
C MET C 373 -25.85 -32.66 -20.99
N ILE C 374 -25.43 -33.34 -19.93
CA ILE C 374 -24.02 -33.55 -19.66
C ILE C 374 -23.39 -34.46 -20.72
N LYS C 375 -24.05 -35.58 -20.99
CA LYS C 375 -23.57 -36.55 -21.97
C LYS C 375 -23.47 -35.95 -23.37
N ARG C 376 -24.47 -35.15 -23.75
CA ARG C 376 -24.48 -34.51 -25.05
C ARG C 376 -23.35 -33.49 -25.16
N SER C 377 -23.07 -32.82 -24.05
CA SER C 377 -21.99 -31.84 -24.01
C SER C 377 -20.64 -32.51 -24.12
N LEU C 378 -20.46 -33.62 -23.40
CA LEU C 378 -19.22 -34.38 -23.44
C LEU C 378 -18.95 -34.93 -24.84
N LEU C 379 -20.03 -35.33 -25.51
CA LEU C 379 -19.93 -35.85 -26.87
C LEU C 379 -19.44 -34.76 -27.83
N LEU C 380 -20.10 -33.60 -27.76
CA LEU C 380 -19.74 -32.48 -28.63
C LEU C 380 -18.34 -31.95 -28.34
N SER C 381 -17.92 -32.01 -27.07
CA SER C 381 -16.58 -31.55 -26.70
C SER C 381 -15.51 -32.43 -27.34
N ARG C 382 -15.79 -33.72 -27.43
CA ARG C 382 -14.88 -34.65 -28.09
C ARG C 382 -14.81 -34.36 -29.58
N VAL C 383 -15.99 -34.19 -30.20
CA VAL C 383 -16.07 -33.92 -31.63
C VAL C 383 -15.38 -32.61 -31.98
N ARG C 384 -15.54 -31.61 -31.12
CA ARG C 384 -14.90 -30.31 -31.31
C ARG C 384 -13.38 -30.44 -31.14
N ALA C 385 -12.97 -31.21 -30.15
CA ALA C 385 -11.54 -31.40 -29.86
C ALA C 385 -10.84 -32.12 -31.01
N ASP C 386 -11.51 -33.12 -31.57
CA ASP C 386 -10.96 -33.87 -32.70
C ASP C 386 -10.74 -32.96 -33.90
N ASP C 387 -11.64 -31.99 -34.05
CA ASP C 387 -11.56 -31.05 -35.17
C ASP C 387 -10.40 -30.09 -34.98
N LEU C 388 -10.32 -29.48 -33.79
CA LEU C 388 -9.30 -28.46 -33.51
C LEU C 388 -7.88 -29.02 -33.52
N SER C 389 -7.73 -30.27 -33.08
CA SER C 389 -6.41 -30.89 -32.97
C SER C 389 -5.81 -31.26 -34.32
N THR C 390 -6.63 -31.75 -35.22
CA THR C 390 -6.15 -32.26 -36.50
C THR C 390 -6.20 -31.25 -37.63
N ARG C 391 -6.94 -30.16 -37.43
CA ARG C 391 -7.19 -29.19 -38.50
C ARG C 391 -5.93 -28.52 -39.05
N PHE C 392 -5.12 -27.97 -38.16
CA PHE C 392 -4.01 -27.12 -38.58
C PHE C 392 -2.65 -27.83 -38.58
N ASN C 393 -2.69 -29.16 -38.50
CA ASN C 393 -1.50 -30.01 -38.55
C ASN C 393 -0.30 -29.54 -37.72
N ILE C 394 -0.57 -28.87 -36.61
CA ILE C 394 0.49 -28.34 -35.75
C ILE C 394 1.09 -29.44 -34.89
N MET D 23 -16.77 -37.37 6.79
CA MET D 23 -17.77 -36.32 6.78
C MET D 23 -18.07 -35.82 8.18
N SER D 24 -17.07 -35.88 9.06
CA SER D 24 -17.23 -35.42 10.44
C SER D 24 -16.88 -33.95 10.56
N VAL D 25 -17.66 -33.10 9.88
CA VAL D 25 -17.43 -31.67 9.92
C VAL D 25 -17.98 -31.06 11.20
N GLN D 26 -17.51 -29.86 11.53
CA GLN D 26 -17.98 -29.15 12.71
C GLN D 26 -18.13 -27.66 12.42
N ALA D 27 -19.27 -27.11 12.80
CA ALA D 27 -19.57 -25.70 12.49
C ALA D 27 -20.19 -24.96 13.67
N GLU D 28 -19.95 -23.66 13.72
CA GLU D 28 -20.57 -22.80 14.71
C GLU D 28 -21.23 -21.61 14.02
N ILE D 29 -22.31 -21.11 14.59
CA ILE D 29 -23.09 -20.05 13.96
C ILE D 29 -23.22 -18.84 14.88
N GLY D 30 -23.09 -17.64 14.31
CA GLY D 30 -23.24 -16.41 15.07
C GLY D 30 -22.13 -16.15 16.05
N ILE D 31 -20.91 -16.05 15.55
CA ILE D 31 -19.73 -15.88 16.40
C ILE D 31 -19.21 -14.44 16.35
N LEU D 32 -19.63 -13.67 15.35
CA LEU D 32 -19.17 -12.30 15.19
C LEU D 32 -20.26 -11.30 15.59
N ASP D 33 -19.84 -10.19 16.19
CA ASP D 33 -20.77 -9.23 16.79
C ASP D 33 -21.17 -8.11 15.82
N HIS D 34 -20.21 -7.61 15.05
CA HIS D 34 -20.46 -6.45 14.21
C HIS D 34 -20.80 -6.81 12.77
N VAL D 35 -21.46 -7.97 12.60
CA VAL D 35 -21.87 -8.43 11.29
C VAL D 35 -23.30 -9.00 11.41
N ASP D 36 -24.09 -8.86 10.35
CA ASP D 36 -25.47 -9.36 10.36
C ASP D 36 -25.53 -10.88 10.53
N GLY D 37 -24.51 -11.57 10.02
CA GLY D 37 -24.46 -13.01 10.11
C GLY D 37 -23.04 -13.54 9.94
N SER D 38 -22.74 -14.65 10.62
CA SER D 38 -21.40 -15.22 10.56
C SER D 38 -21.40 -16.72 10.86
N SER D 39 -20.29 -17.38 10.56
CA SER D 39 -20.15 -18.81 10.81
C SER D 39 -18.69 -19.23 10.80
N GLU D 40 -18.44 -20.45 11.26
CA GLU D 40 -17.10 -21.03 11.24
C GLU D 40 -17.16 -22.50 10.88
N PHE D 41 -16.84 -22.83 9.63
CA PHE D 41 -16.92 -24.21 9.16
C PHE D 41 -15.55 -24.87 9.20
N VAL D 42 -15.52 -26.11 9.67
CA VAL D 42 -14.26 -26.85 9.78
C VAL D 42 -14.39 -28.27 9.25
N SER D 43 -13.60 -28.59 8.24
CA SER D 43 -13.53 -29.95 7.75
C SER D 43 -12.08 -30.37 7.86
N GLN D 44 -11.81 -31.44 8.61
CA GLN D 44 -10.43 -31.85 8.78
C GLN D 44 -9.65 -30.67 9.32
N ASP D 45 -8.57 -30.34 8.63
CA ASP D 45 -7.66 -29.25 8.99
C ASP D 45 -8.06 -27.94 8.33
N THR D 46 -9.02 -27.99 7.40
CA THR D 46 -9.49 -26.80 6.71
C THR D 46 -10.50 -26.03 7.55
N LYS D 47 -10.09 -24.85 8.04
CA LYS D 47 -10.98 -24.02 8.84
C LYS D 47 -11.21 -22.66 8.18
N VAL D 48 -12.48 -22.34 7.92
CA VAL D 48 -12.83 -21.08 7.29
C VAL D 48 -13.90 -20.33 8.09
N ILE D 49 -13.64 -19.06 8.38
CA ILE D 49 -14.64 -18.22 9.04
C ILE D 49 -15.25 -17.23 8.05
N CYS D 50 -16.58 -17.13 8.06
CA CYS D 50 -17.28 -16.29 7.09
C CYS D 50 -18.21 -15.29 7.77
N SER D 51 -18.40 -14.15 7.13
CA SER D 51 -19.30 -13.11 7.66
C SER D 51 -20.16 -12.53 6.55
N VAL D 52 -21.39 -12.16 6.90
CA VAL D 52 -22.34 -11.62 5.93
C VAL D 52 -23.10 -10.41 6.46
N THR D 53 -22.98 -9.28 5.78
CA THR D 53 -23.77 -8.10 6.10
C THR D 53 -24.66 -7.73 4.93
N GLY D 54 -25.96 -7.60 5.21
CA GLY D 54 -26.93 -7.28 4.18
C GLY D 54 -28.33 -7.64 4.60
N PRO D 55 -29.34 -7.05 3.93
CA PRO D 55 -29.18 -6.09 2.84
C PRO D 55 -28.83 -4.68 3.32
N ILE D 56 -27.89 -4.04 2.66
CA ILE D 56 -27.45 -2.69 3.02
C ILE D 56 -27.30 -1.79 1.80
N GLU D 57 -27.00 -0.51 2.05
CA GLU D 57 -26.82 0.47 0.98
C GLU D 57 -25.58 0.16 0.15
N PRO D 58 -25.75 0.04 -1.18
CA PRO D 58 -24.67 -0.29 -2.11
C PRO D 58 -23.98 0.94 -2.70
N LYS D 59 -22.72 0.77 -3.13
CA LYS D 59 -22.03 1.80 -3.88
C LYS D 59 -22.67 1.92 -5.26
N ALA D 60 -22.53 3.10 -5.87
CA ALA D 60 -23.16 3.37 -7.15
C ALA D 60 -22.75 2.38 -8.25
N ARG D 61 -21.49 1.98 -8.24
CA ARG D 61 -20.97 1.05 -9.23
C ARG D 61 -21.44 -0.38 -8.97
N GLN D 62 -21.96 -0.62 -7.76
CA GLN D 62 -22.43 -1.95 -7.40
C GLN D 62 -23.92 -2.12 -7.64
N GLU D 63 -24.65 -1.00 -7.64
CA GLU D 63 -26.11 -1.00 -7.74
C GLU D 63 -26.66 -1.80 -8.90
N LEU D 64 -27.64 -2.65 -8.60
CA LEU D 64 -28.42 -3.34 -9.62
C LEU D 64 -29.87 -2.91 -9.46
N PRO D 65 -30.47 -2.36 -10.53
CA PRO D 65 -31.81 -1.78 -10.49
C PRO D 65 -32.88 -2.70 -9.89
N THR D 66 -32.80 -3.99 -10.19
CA THR D 66 -33.86 -4.92 -9.80
C THR D 66 -33.44 -5.98 -8.77
N GLN D 67 -32.16 -6.35 -8.80
CA GLN D 67 -31.68 -7.45 -7.95
C GLN D 67 -30.71 -7.01 -6.86
N LEU D 68 -30.28 -7.98 -6.06
CA LEU D 68 -29.31 -7.74 -5.00
C LEU D 68 -27.89 -7.86 -5.56
N ALA D 69 -27.01 -6.96 -5.10
CA ALA D 69 -25.62 -7.01 -5.52
C ALA D 69 -24.77 -7.74 -4.49
N LEU D 70 -23.93 -8.67 -4.96
CA LEU D 70 -23.10 -9.45 -4.06
C LEU D 70 -21.65 -8.98 -4.07
N GLU D 71 -21.15 -8.63 -2.90
CA GLU D 71 -19.73 -8.33 -2.73
C GLU D 71 -19.04 -9.50 -2.05
N ILE D 72 -18.30 -10.29 -2.84
CA ILE D 72 -17.71 -11.51 -2.35
C ILE D 72 -16.19 -11.42 -2.24
N ILE D 73 -15.69 -11.65 -1.03
CA ILE D 73 -14.26 -11.49 -0.73
C ILE D 73 -13.70 -12.76 -0.12
N VAL D 74 -12.56 -13.22 -0.64
CA VAL D 74 -11.88 -14.38 -0.08
C VAL D 74 -10.46 -14.04 0.35
N ARG D 75 -10.16 -14.26 1.63
CA ARG D 75 -8.83 -14.01 2.16
C ARG D 75 -8.09 -15.31 2.44
N PRO D 76 -6.83 -15.40 1.99
CA PRO D 76 -5.99 -16.60 2.16
C PRO D 76 -5.47 -16.77 3.58
N ALA D 77 -5.04 -17.98 3.92
CA ALA D 77 -4.50 -18.26 5.24
C ALA D 77 -3.11 -17.67 5.43
N LYS D 78 -2.34 -17.62 4.34
CA LYS D 78 -1.02 -17.01 4.36
C LYS D 78 -0.89 -15.97 3.26
N GLY D 79 -0.17 -14.89 3.55
CA GLY D 79 0.06 -13.84 2.58
C GLY D 79 -1.19 -13.03 2.29
N VAL D 80 -1.12 -12.21 1.24
CA VAL D 80 -2.24 -11.36 0.86
C VAL D 80 -3.04 -12.01 -0.28
N ALA D 81 -4.22 -11.46 -0.55
CA ALA D 81 -5.08 -11.98 -1.61
C ALA D 81 -4.47 -11.75 -2.98
N THR D 82 -4.35 -12.82 -3.76
CA THR D 82 -3.82 -12.73 -5.11
C THR D 82 -4.88 -13.13 -6.13
N THR D 83 -4.45 -13.43 -7.35
CA THR D 83 -5.37 -13.85 -8.39
C THR D 83 -5.97 -15.21 -8.09
N ARG D 84 -5.27 -15.99 -7.25
CA ARG D 84 -5.76 -17.29 -6.83
C ARG D 84 -7.09 -17.17 -6.10
N GLU D 85 -7.13 -16.26 -5.13
CA GLU D 85 -8.34 -16.01 -4.36
C GLU D 85 -9.41 -15.34 -5.21
N LYS D 86 -8.99 -14.69 -6.28
CA LYS D 86 -9.92 -14.05 -7.21
C LYS D 86 -10.74 -15.11 -7.94
N VAL D 87 -10.15 -16.28 -8.12
CA VAL D 87 -10.85 -17.42 -8.72
C VAL D 87 -11.76 -18.08 -7.70
N LEU D 88 -11.31 -18.13 -6.44
CA LEU D 88 -12.14 -18.66 -5.36
C LEU D 88 -13.38 -17.79 -5.17
N GLU D 89 -13.22 -16.48 -5.35
CA GLU D 89 -14.34 -15.55 -5.25
C GLU D 89 -15.33 -15.78 -6.40
N ASP D 90 -14.80 -16.10 -7.58
CA ASP D 90 -15.62 -16.26 -8.77
C ASP D 90 -16.46 -17.53 -8.70
N LYS D 91 -15.85 -18.63 -8.28
CA LYS D 91 -16.55 -19.89 -8.17
C LYS D 91 -17.57 -19.86 -7.03
N LEU D 92 -17.20 -19.20 -5.93
CA LEU D 92 -18.10 -19.04 -4.80
C LEU D 92 -19.29 -18.18 -5.21
N ARG D 93 -19.08 -17.29 -6.17
CA ARG D 93 -20.15 -16.45 -6.68
C ARG D 93 -21.16 -17.26 -7.48
N ALA D 94 -20.66 -18.24 -8.23
CA ALA D 94 -21.51 -19.09 -9.06
C ALA D 94 -22.45 -19.95 -8.22
N VAL D 95 -22.07 -20.19 -6.98
CA VAL D 95 -22.86 -21.02 -6.08
C VAL D 95 -23.88 -20.19 -5.30
N LEU D 96 -23.42 -19.05 -4.77
CA LEU D 96 -24.26 -18.21 -3.91
C LEU D 96 -25.30 -17.40 -4.67
N THR D 97 -24.99 -17.03 -5.91
CA THR D 97 -25.91 -16.21 -6.71
C THR D 97 -27.29 -16.83 -6.93
N PRO D 98 -27.37 -18.09 -7.40
CA PRO D 98 -28.73 -18.62 -7.60
C PRO D 98 -29.39 -19.07 -6.30
N LEU D 99 -28.61 -19.18 -5.23
CA LEU D 99 -29.16 -19.59 -3.93
C LEU D 99 -30.01 -18.48 -3.29
N ILE D 100 -29.57 -17.24 -3.47
CA ILE D 100 -30.23 -16.10 -2.84
C ILE D 100 -31.38 -15.57 -3.68
N THR D 101 -32.53 -15.33 -3.03
CA THR D 101 -33.67 -14.72 -3.71
C THR D 101 -33.39 -13.24 -3.90
N ARG D 102 -32.61 -12.92 -4.92
CA ARG D 102 -32.07 -11.57 -5.12
C ARG D 102 -33.11 -10.51 -5.45
N HIS D 103 -34.22 -10.92 -6.05
CA HIS D 103 -35.25 -9.97 -6.46
C HIS D 103 -36.01 -9.38 -5.27
N CYS D 104 -35.76 -9.91 -4.08
CA CYS D 104 -36.34 -9.37 -2.86
C CYS D 104 -35.64 -8.11 -2.42
N TYR D 105 -34.41 -7.91 -2.91
CA TYR D 105 -33.61 -6.76 -2.50
C TYR D 105 -33.07 -5.98 -3.70
N PRO D 106 -33.94 -5.20 -4.37
CA PRO D 106 -33.49 -4.38 -5.50
C PRO D 106 -32.64 -3.20 -5.03
N ARG D 107 -31.66 -2.82 -5.84
CA ARG D 107 -30.76 -1.71 -5.54
C ARG D 107 -30.17 -1.81 -4.13
N GLN D 108 -29.76 -3.01 -3.76
CA GLN D 108 -29.26 -3.25 -2.42
C GLN D 108 -27.98 -4.11 -2.45
N LEU D 109 -27.25 -4.12 -1.34
CA LEU D 109 -25.97 -4.83 -1.30
C LEU D 109 -25.90 -5.88 -0.19
N CYS D 110 -25.18 -6.96 -0.46
CA CYS D 110 -24.89 -7.98 0.55
C CYS D 110 -23.41 -8.34 0.54
N GLN D 111 -22.69 -7.90 1.56
CA GLN D 111 -21.25 -8.19 1.67
C GLN D 111 -21.00 -9.59 2.24
N ILE D 112 -20.23 -10.38 1.50
CA ILE D 112 -19.90 -11.73 1.94
C ILE D 112 -18.37 -11.92 1.98
N THR D 113 -17.84 -12.04 3.19
CA THR D 113 -16.39 -12.16 3.37
C THR D 113 -15.98 -13.50 3.95
N CYS D 114 -15.01 -14.16 3.30
CA CYS D 114 -14.49 -15.42 3.78
C CYS D 114 -13.01 -15.29 4.16
N GLN D 115 -12.70 -15.56 5.43
CA GLN D 115 -11.32 -15.56 5.88
C GLN D 115 -10.85 -16.99 6.18
N ILE D 116 -10.13 -17.57 5.22
CA ILE D 116 -9.58 -18.90 5.40
C ILE D 116 -8.51 -18.87 6.49
N LEU D 117 -8.75 -19.57 7.57
CA LEU D 117 -7.84 -19.55 8.71
C LEU D 117 -6.77 -20.63 8.63
N GLU D 118 -7.11 -21.75 8.00
CA GLU D 118 -6.19 -22.86 7.87
C GLU D 118 -6.48 -23.64 6.60
N SER D 119 -5.46 -23.78 5.75
CA SER D 119 -5.62 -24.37 4.43
C SER D 119 -6.10 -25.82 4.47
N GLY D 120 -5.44 -26.62 5.30
CA GLY D 120 -5.76 -28.05 5.38
C GLY D 120 -5.30 -28.79 4.13
N GLU D 121 -4.44 -28.12 3.36
CA GLU D 121 -3.93 -28.67 2.11
C GLU D 121 -2.74 -27.85 1.64
N ASP D 122 -1.96 -28.40 0.73
CA ASP D 122 -0.83 -27.67 0.15
C ASP D 122 -1.39 -26.61 -0.81
N GLU D 123 -1.44 -25.37 -0.35
CA GLU D 123 -2.03 -24.28 -1.11
C GLU D 123 -1.27 -23.98 -2.39
N ALA D 124 -0.01 -24.44 -2.46
CA ALA D 124 0.80 -24.24 -3.64
C ALA D 124 0.39 -25.18 -4.77
N GLU D 125 -0.42 -26.18 -4.42
CA GLU D 125 -0.85 -27.18 -5.39
C GLU D 125 -2.37 -27.26 -5.51
N PHE D 126 -3.07 -27.15 -4.38
CA PHE D 126 -4.53 -27.33 -4.37
C PHE D 126 -5.27 -26.20 -3.68
N SER D 127 -6.54 -26.05 -4.03
CA SER D 127 -7.43 -25.09 -3.38
C SER D 127 -8.79 -25.74 -3.24
N LEU D 128 -8.79 -27.07 -3.26
CA LEU D 128 -10.01 -27.86 -3.27
C LEU D 128 -10.80 -27.70 -1.97
N ARG D 129 -10.18 -28.07 -0.86
CA ARG D 129 -10.85 -28.11 0.43
C ARG D 129 -11.24 -26.72 0.91
N GLU D 130 -10.44 -25.72 0.53
CA GLU D 130 -10.70 -24.34 0.93
C GLU D 130 -11.95 -23.80 0.25
N LEU D 131 -12.17 -24.20 -1.00
CA LEU D 131 -13.33 -23.76 -1.77
C LEU D 131 -14.63 -24.36 -1.23
N SER D 132 -14.61 -25.67 -0.96
CA SER D 132 -15.77 -26.36 -0.44
C SER D 132 -16.15 -25.83 0.94
N CYS D 133 -15.13 -25.59 1.76
CA CYS D 133 -15.35 -25.08 3.11
C CYS D 133 -15.89 -23.64 3.08
N CYS D 134 -15.48 -22.89 2.06
CA CYS D 134 -15.97 -21.52 1.89
C CYS D 134 -17.43 -21.51 1.45
N ILE D 135 -17.81 -22.48 0.61
CA ILE D 135 -19.19 -22.59 0.16
C ILE D 135 -20.12 -22.93 1.31
N ASN D 136 -19.73 -23.93 2.10
CA ASN D 136 -20.50 -24.34 3.26
C ASN D 136 -20.59 -23.24 4.32
N ALA D 137 -19.49 -22.54 4.53
CA ALA D 137 -19.45 -21.46 5.52
C ALA D 137 -20.28 -20.26 5.07
N ALA D 138 -20.18 -19.92 3.79
CA ALA D 138 -20.93 -18.80 3.25
C ALA D 138 -22.44 -19.05 3.34
N PHE D 139 -22.83 -20.29 3.04
CA PHE D 139 -24.24 -20.68 3.14
C PHE D 139 -24.73 -20.53 4.58
N LEU D 140 -23.94 -21.03 5.53
CA LEU D 140 -24.28 -20.94 6.94
C LEU D 140 -24.38 -19.50 7.41
N ALA D 141 -23.49 -18.65 6.91
CA ALA D 141 -23.49 -17.23 7.26
C ALA D 141 -24.70 -16.52 6.67
N LEU D 142 -25.13 -16.94 5.49
CA LEU D 142 -26.32 -16.39 4.87
C LEU D 142 -27.57 -16.80 5.66
N VAL D 143 -27.57 -18.03 6.15
CA VAL D 143 -28.67 -18.53 6.98
C VAL D 143 -28.74 -17.72 8.27
N ASP D 144 -27.60 -17.51 8.90
CA ASP D 144 -27.53 -16.77 10.15
C ASP D 144 -28.00 -15.33 9.97
N ALA D 145 -27.69 -14.74 8.82
CA ALA D 145 -28.00 -13.34 8.55
C ALA D 145 -29.48 -13.13 8.23
N GLY D 146 -30.19 -14.20 7.94
CA GLY D 146 -31.61 -14.12 7.66
C GLY D 146 -31.90 -13.55 6.28
N ILE D 147 -31.14 -13.98 5.29
CA ILE D 147 -31.32 -13.51 3.92
C ILE D 147 -32.11 -14.54 3.11
N ALA D 148 -33.04 -14.05 2.29
CA ALA D 148 -33.92 -14.89 1.49
C ALA D 148 -33.14 -15.87 0.61
N LEU D 149 -33.32 -17.16 0.87
CA LEU D 149 -32.68 -18.21 0.08
C LEU D 149 -33.73 -19.07 -0.61
N ASN D 150 -33.47 -19.41 -1.86
CA ASN D 150 -34.41 -20.22 -2.63
C ASN D 150 -34.38 -21.68 -2.20
N SER D 151 -33.27 -22.10 -1.61
CA SER D 151 -33.07 -23.50 -1.24
C SER D 151 -31.83 -23.67 -0.36
N MET D 152 -31.47 -24.93 -0.11
CA MET D 152 -30.28 -25.23 0.67
C MET D 152 -29.13 -25.69 -0.22
N CYS D 153 -27.98 -25.94 0.40
CA CYS D 153 -26.77 -26.22 -0.36
C CYS D 153 -25.69 -26.91 0.49
N ALA D 154 -24.91 -27.79 -0.15
CA ALA D 154 -23.78 -28.41 0.51
C ALA D 154 -22.67 -28.68 -0.49
N SER D 155 -21.42 -28.53 -0.05
CA SER D 155 -20.28 -28.74 -0.92
C SER D 155 -19.26 -29.68 -0.30
N ILE D 156 -18.74 -30.60 -1.11
CA ILE D 156 -17.70 -31.52 -0.67
C ILE D 156 -16.56 -31.58 -1.68
N PRO D 157 -15.33 -31.80 -1.19
CA PRO D 157 -14.18 -32.01 -2.08
C PRO D 157 -13.98 -33.51 -2.37
N ILE D 158 -13.68 -33.84 -3.62
CA ILE D 158 -13.45 -35.23 -3.98
C ILE D 158 -12.15 -35.37 -4.77
N ALA D 159 -11.50 -36.52 -4.62
CA ALA D 159 -10.23 -36.77 -5.31
C ALA D 159 -10.11 -38.21 -5.80
N ILE D 160 -9.26 -38.43 -6.80
CA ILE D 160 -9.02 -39.77 -7.35
C ILE D 160 -7.53 -40.13 -7.36
N ILE D 161 -7.22 -41.39 -7.06
CA ILE D 161 -5.83 -41.86 -7.03
C ILE D 161 -5.55 -42.92 -8.09
N LYS D 162 -4.49 -42.70 -8.86
CA LYS D 162 -4.13 -43.58 -9.98
C LYS D 162 -3.76 -45.02 -9.63
N ASP D 163 -2.91 -45.21 -8.62
CA ASP D 163 -2.61 -46.56 -8.18
C ASP D 163 -3.84 -47.24 -7.59
N THR D 164 -4.55 -46.53 -6.71
CA THR D 164 -5.78 -47.04 -6.09
C THR D 164 -6.95 -47.20 -7.05
N SER D 165 -7.16 -46.19 -7.90
CA SER D 165 -8.30 -46.15 -8.80
C SER D 165 -9.56 -45.74 -8.04
N ASP D 166 -9.39 -45.42 -6.76
CA ASP D 166 -10.49 -45.09 -5.86
C ASP D 166 -11.04 -43.66 -5.98
N ILE D 167 -12.30 -43.49 -5.57
CA ILE D 167 -12.89 -42.17 -5.41
C ILE D 167 -13.06 -41.86 -3.93
N ILE D 168 -12.20 -40.98 -3.43
CA ILE D 168 -12.20 -40.62 -2.01
C ILE D 168 -12.91 -39.29 -1.77
N VAL D 169 -14.01 -39.35 -1.01
CA VAL D 169 -14.75 -38.16 -0.63
C VAL D 169 -14.10 -37.55 0.62
N ASP D 170 -13.97 -36.22 0.62
CA ASP D 170 -13.29 -35.50 1.69
C ASP D 170 -11.86 -36.02 1.91
N PRO D 171 -11.01 -35.86 0.88
CA PRO D 171 -9.65 -36.41 0.99
C PRO D 171 -8.76 -35.57 1.89
N THR D 172 -7.74 -36.20 2.48
CA THR D 172 -6.78 -35.50 3.30
C THR D 172 -5.74 -34.82 2.41
N ALA D 173 -4.86 -34.03 3.01
CA ALA D 173 -3.82 -33.35 2.25
C ALA D 173 -2.86 -34.34 1.64
N GLU D 174 -2.57 -35.41 2.38
CA GLU D 174 -1.64 -36.44 1.93
C GLU D 174 -2.22 -37.21 0.75
N GLN D 175 -3.54 -37.37 0.75
CA GLN D 175 -4.21 -38.06 -0.34
C GLN D 175 -4.19 -37.22 -1.62
N LEU D 176 -4.28 -35.90 -1.45
CA LEU D 176 -4.27 -34.98 -2.59
C LEU D 176 -2.94 -35.02 -3.32
N LYS D 177 -1.85 -35.15 -2.56
CA LYS D 177 -0.50 -35.19 -3.13
C LYS D 177 -0.34 -36.33 -4.13
N ILE D 178 -1.05 -37.43 -3.89
CA ILE D 178 -0.96 -38.61 -4.74
C ILE D 178 -2.22 -38.81 -5.58
N SER D 179 -2.86 -37.71 -5.95
CA SER D 179 -4.11 -37.78 -6.70
C SER D 179 -3.89 -37.54 -8.19
N LEU D 180 -4.82 -38.05 -9.00
CA LEU D 180 -4.77 -37.84 -10.45
C LEU D 180 -5.76 -36.76 -10.87
N SER D 181 -6.79 -36.56 -10.05
CA SER D 181 -7.78 -35.52 -10.31
C SER D 181 -8.42 -35.03 -9.01
N VAL D 182 -8.79 -33.75 -9.00
CA VAL D 182 -9.43 -33.15 -7.82
C VAL D 182 -10.76 -32.51 -8.22
N HIS D 183 -11.77 -32.66 -7.37
CA HIS D 183 -13.12 -32.25 -7.72
C HIS D 183 -13.83 -31.48 -6.61
N THR D 184 -14.53 -30.42 -6.98
CA THR D 184 -15.40 -29.71 -6.04
C THR D 184 -16.85 -29.85 -6.50
N LEU D 185 -17.68 -30.42 -5.63
CA LEU D 185 -19.09 -30.64 -5.96
C LEU D 185 -20.01 -29.93 -4.98
N ALA D 186 -20.89 -29.08 -5.51
CA ALA D 186 -21.85 -28.36 -4.69
C ALA D 186 -23.25 -28.48 -5.27
N LEU D 187 -24.16 -29.11 -4.54
CA LEU D 187 -25.50 -29.37 -5.03
C LEU D 187 -26.56 -28.50 -4.35
N GLU D 188 -27.66 -28.26 -5.07
CA GLU D 188 -28.76 -27.47 -4.55
C GLU D 188 -29.91 -28.38 -4.12
N PHE D 189 -30.23 -28.38 -2.83
CA PHE D 189 -31.22 -29.27 -2.26
C PHE D 189 -32.53 -28.59 -1.89
N VAL D 190 -33.63 -29.30 -2.11
CA VAL D 190 -34.95 -28.85 -1.67
C VAL D 190 -35.70 -30.02 -1.03
N ASN D 191 -36.91 -29.76 -0.55
CA ASN D 191 -37.74 -30.80 0.08
C ASN D 191 -37.06 -31.51 1.24
N GLY D 192 -36.70 -30.75 2.27
CA GLY D 192 -36.07 -31.32 3.46
C GLY D 192 -34.74 -31.99 3.18
N GLY D 193 -34.03 -31.49 2.16
CA GLY D 193 -32.74 -32.01 1.82
C GLY D 193 -32.79 -33.41 1.23
N LYS D 194 -33.76 -33.65 0.36
CA LYS D 194 -33.91 -34.97 -0.24
C LYS D 194 -33.92 -34.89 -1.77
N VAL D 195 -34.27 -33.71 -2.29
CA VAL D 195 -34.36 -33.53 -3.73
C VAL D 195 -33.26 -32.61 -4.26
N VAL D 196 -32.39 -33.15 -5.12
CA VAL D 196 -31.36 -32.35 -5.76
C VAL D 196 -31.96 -31.47 -6.84
N LYS D 197 -32.13 -30.19 -6.53
CA LYS D 197 -32.75 -29.25 -7.45
C LYS D 197 -31.86 -29.02 -8.68
N ASN D 198 -30.56 -28.92 -8.44
CA ASN D 198 -29.59 -28.66 -9.50
C ASN D 198 -28.16 -28.85 -8.99
N VAL D 199 -27.21 -28.89 -9.90
CA VAL D 199 -25.80 -28.91 -9.54
C VAL D 199 -25.21 -27.51 -9.67
N LEU D 200 -25.07 -26.82 -8.55
CA LEU D 200 -24.62 -25.43 -8.52
C LEU D 200 -23.21 -25.30 -9.10
N LEU D 201 -22.31 -26.16 -8.64
CA LEU D 201 -20.93 -26.13 -9.12
C LEU D 201 -20.29 -27.51 -9.14
N LEU D 202 -19.67 -27.83 -10.28
CA LEU D 202 -18.78 -28.99 -10.36
C LEU D 202 -17.48 -28.55 -11.00
N ASP D 203 -16.42 -28.54 -10.20
CA ASP D 203 -15.11 -28.09 -10.68
C ASP D 203 -14.15 -29.27 -10.75
N SER D 204 -14.09 -29.92 -11.91
CA SER D 204 -13.25 -31.08 -12.10
C SER D 204 -11.93 -30.71 -12.78
N ASN D 205 -10.82 -31.09 -12.14
CA ASN D 205 -9.50 -30.80 -12.68
C ASN D 205 -8.59 -32.02 -12.64
N GLY D 206 -7.90 -32.28 -13.73
CA GLY D 206 -7.01 -33.44 -13.83
C GLY D 206 -7.48 -34.41 -14.89
N ASP D 207 -6.85 -35.58 -14.94
CA ASP D 207 -7.20 -36.59 -15.94
C ASP D 207 -8.31 -37.50 -15.43
N PHE D 208 -9.40 -37.59 -16.20
CA PHE D 208 -10.53 -38.45 -15.84
C PHE D 208 -11.39 -38.79 -17.05
N ASN D 209 -12.07 -39.92 -17.00
CA ASN D 209 -12.95 -40.33 -18.09
C ASN D 209 -14.43 -40.22 -17.72
N GLU D 210 -15.29 -40.43 -18.70
CA GLU D 210 -16.73 -40.25 -18.52
C GLU D 210 -17.33 -41.17 -17.45
N ASP D 211 -16.82 -42.40 -17.37
CA ASP D 211 -17.30 -43.35 -16.39
C ASP D 211 -16.94 -42.91 -14.98
N GLN D 212 -15.73 -42.40 -14.82
CA GLN D 212 -15.28 -41.88 -13.52
C GLN D 212 -16.13 -40.69 -13.08
N LEU D 213 -16.55 -39.88 -14.05
CA LEU D 213 -17.32 -38.67 -13.78
C LEU D 213 -18.67 -38.96 -13.14
N PHE D 214 -19.40 -39.92 -13.72
CA PHE D 214 -20.72 -40.25 -13.21
C PHE D 214 -20.68 -41.10 -11.94
N SER D 215 -19.62 -41.89 -11.79
CA SER D 215 -19.41 -42.63 -10.55
C SER D 215 -19.09 -41.63 -9.44
N LEU D 216 -18.41 -40.56 -9.81
CA LEU D 216 -18.09 -39.47 -8.90
C LEU D 216 -19.37 -38.73 -8.51
N LEU D 217 -20.22 -38.47 -9.50
CA LEU D 217 -21.46 -37.74 -9.28
C LEU D 217 -22.47 -38.55 -8.45
N GLU D 218 -22.42 -39.86 -8.60
CA GLU D 218 -23.34 -40.74 -7.87
C GLU D 218 -22.95 -40.82 -6.40
N LEU D 219 -21.66 -41.06 -6.13
CA LEU D 219 -21.17 -41.13 -4.77
C LEU D 219 -21.14 -39.74 -4.14
N GLY D 220 -20.86 -38.74 -4.97
CA GLY D 220 -20.80 -37.36 -4.51
C GLY D 220 -22.14 -36.86 -4.03
N GLU D 221 -23.21 -37.24 -4.73
CA GLU D 221 -24.55 -36.83 -4.37
C GLU D 221 -24.98 -37.41 -3.03
N GLN D 222 -24.56 -38.64 -2.76
CA GLN D 222 -24.87 -39.31 -1.51
C GLN D 222 -24.25 -38.58 -0.32
N LYS D 223 -22.96 -38.31 -0.40
CA LYS D 223 -22.24 -37.63 0.68
C LYS D 223 -22.67 -36.18 0.84
N CYS D 224 -23.11 -35.57 -0.25
CA CYS D 224 -23.66 -34.21 -0.19
C CYS D 224 -24.97 -34.20 0.57
N GLN D 225 -25.81 -35.18 0.29
CA GLN D 225 -27.13 -35.29 0.95
C GLN D 225 -26.95 -35.53 2.44
N GLU D 226 -25.92 -36.30 2.80
CA GLU D 226 -25.61 -36.55 4.20
C GLU D 226 -25.14 -35.27 4.87
N LEU D 227 -24.44 -34.43 4.11
CA LEU D 227 -23.92 -33.18 4.63
C LEU D 227 -25.03 -32.18 4.93
N VAL D 228 -25.99 -32.07 4.02
CA VAL D 228 -27.15 -31.19 4.22
C VAL D 228 -27.90 -31.55 5.49
N THR D 229 -28.11 -32.85 5.66
CA THR D 229 -28.78 -33.37 6.85
C THR D 229 -28.04 -32.96 8.10
N ASN D 230 -26.71 -33.04 8.06
CA ASN D 230 -25.89 -32.63 9.18
C ASN D 230 -25.95 -31.12 9.39
N ILE D 231 -25.94 -30.37 8.28
CA ILE D 231 -26.05 -28.92 8.33
CA ILE D 231 -26.05 -28.92 8.33
C ILE D 231 -27.38 -28.49 8.92
N ARG D 232 -28.46 -29.11 8.45
CA ARG D 232 -29.81 -28.83 8.96
C ARG D 232 -29.86 -29.03 10.47
N ARG D 233 -29.12 -30.02 10.95
CA ARG D 233 -29.03 -30.29 12.37
C ARG D 233 -28.31 -29.15 13.10
N ILE D 234 -27.18 -28.73 12.55
CA ILE D 234 -26.39 -27.65 13.13
C ILE D 234 -27.16 -26.35 13.16
N ILE D 235 -27.84 -26.04 12.06
CA ILE D 235 -28.62 -24.81 11.96
C ILE D 235 -29.73 -24.74 13.00
N GLN D 236 -30.47 -25.83 13.14
CA GLN D 236 -31.58 -25.88 14.10
C GLN D 236 -31.07 -25.85 15.54
N ASP D 237 -29.95 -26.51 15.80
CA ASP D 237 -29.38 -26.56 17.14
C ASP D 237 -28.94 -25.19 17.64
N ASN D 238 -28.47 -24.35 16.73
CA ASN D 238 -27.96 -23.02 17.10
C ASN D 238 -29.04 -21.93 17.10
N ILE D 239 -29.91 -21.97 16.10
CA ILE D 239 -30.88 -20.91 15.90
C ILE D 239 -32.13 -21.01 16.79
N SER D 240 -32.60 -22.24 17.01
CA SER D 240 -33.78 -22.47 17.83
C SER D 240 -33.77 -21.84 19.25
N PRO D 241 -32.63 -21.87 19.95
CA PRO D 241 -32.62 -21.19 21.25
C PRO D 241 -32.89 -19.69 21.16
N ARG D 242 -32.59 -19.08 20.02
CA ARG D 242 -32.81 -17.65 19.83
C ARG D 242 -34.29 -17.35 19.64
N LEU D 243 -34.99 -18.22 18.93
CA LEU D 243 -36.39 -18.03 18.64
C LEU D 243 -37.26 -18.40 19.84
N VAL D 244 -38.55 -18.07 19.75
CA VAL D 244 -39.49 -18.36 20.83
C VAL D 244 -40.46 -19.44 20.40
N VAL D 245 -41.03 -20.15 21.38
CA VAL D 245 -42.00 -21.20 21.09
C VAL D 245 -43.43 -20.70 21.16
N GLY E 1 -6.55 23.96 -21.22
CA GLY E 1 -5.84 25.03 -20.54
C GLY E 1 -6.20 25.11 -19.07
N HIS E 2 -5.73 26.16 -18.41
CA HIS E 2 -5.97 26.36 -16.98
C HIS E 2 -7.06 27.39 -16.74
N MET E 3 -6.81 28.61 -17.22
CA MET E 3 -7.71 29.74 -17.00
C MET E 3 -9.07 29.53 -17.66
N SER E 4 -10.13 29.91 -16.94
CA SER E 4 -11.49 29.83 -17.47
C SER E 4 -12.00 31.19 -17.92
N LEU E 5 -12.38 31.29 -19.20
CA LEU E 5 -12.86 32.54 -19.76
C LEU E 5 -14.20 32.34 -20.47
N SER E 6 -15.02 33.37 -20.49
CA SER E 6 -16.29 33.32 -21.20
C SER E 6 -16.07 33.46 -22.71
N VAL E 7 -17.10 33.15 -23.48
CA VAL E 7 -17.00 33.22 -24.94
C VAL E 7 -16.73 34.65 -25.41
N ALA E 8 -17.33 35.62 -24.72
CA ALA E 8 -17.14 37.03 -25.05
C ALA E 8 -15.70 37.47 -24.81
N GLU E 9 -15.13 37.07 -23.67
CA GLU E 9 -13.76 37.42 -23.34
C GLU E 9 -12.78 36.83 -24.36
N LYS E 10 -13.06 35.59 -24.77
CA LYS E 10 -12.21 34.90 -25.74
C LYS E 10 -12.27 35.57 -27.11
N SER E 11 -13.47 35.99 -27.51
CA SER E 11 -13.66 36.64 -28.79
C SER E 11 -12.94 37.99 -28.85
N TYR E 12 -13.04 38.74 -27.76
CA TYR E 12 -12.36 40.03 -27.66
C TYR E 12 -10.84 39.85 -27.70
N LEU E 13 -10.36 38.87 -26.94
CA LEU E 13 -8.92 38.59 -26.89
C LEU E 13 -8.39 38.12 -28.24
N TYR E 14 -9.14 37.24 -28.90
CA TYR E 14 -8.71 36.71 -30.19
C TYR E 14 -8.61 37.79 -31.24
N ASP E 15 -9.68 38.57 -31.40
CA ASP E 15 -9.71 39.66 -32.37
C ASP E 15 -8.58 40.65 -32.13
N SER E 16 -8.30 40.91 -30.84
CA SER E 16 -7.25 41.84 -30.46
C SER E 16 -5.88 41.28 -30.82
N LEU E 17 -5.71 39.97 -30.67
CA LEU E 17 -4.43 39.32 -30.94
C LEU E 17 -4.26 38.97 -32.41
N ALA E 18 -5.36 38.69 -33.09
CA ALA E 18 -5.30 38.28 -34.50
C ALA E 18 -5.20 39.50 -35.42
N SER E 19 -5.30 40.70 -34.84
CA SER E 19 -5.19 41.93 -35.61
C SER E 19 -3.82 42.05 -36.27
N THR E 20 -3.77 42.71 -37.41
CA THR E 20 -2.50 42.87 -38.14
C THR E 20 -1.46 43.62 -37.30
N PRO E 21 -1.84 44.74 -36.66
CA PRO E 21 -0.97 45.18 -35.58
C PRO E 21 -1.36 44.46 -34.28
N SER E 22 -0.74 43.30 -34.04
CA SER E 22 -1.11 42.44 -32.92
C SER E 22 -1.11 43.15 -31.57
N ILE E 23 -2.28 43.19 -30.93
CA ILE E 23 -2.43 43.85 -29.64
C ILE E 23 -2.46 42.84 -28.50
N ARG E 24 -1.43 42.85 -27.68
CA ARG E 24 -1.38 41.99 -26.49
C ARG E 24 -2.15 42.63 -25.35
N PRO E 25 -2.82 41.81 -24.52
CA PRO E 25 -3.63 42.30 -23.40
C PRO E 25 -2.83 43.10 -22.37
N ASP E 26 -1.52 42.88 -22.31
CA ASP E 26 -0.66 43.61 -21.39
CA ASP E 26 -0.66 43.61 -21.39
C ASP E 26 0.14 44.68 -22.11
N GLY E 27 -0.05 44.78 -23.42
CA GLY E 27 0.61 45.79 -24.22
C GLY E 27 1.98 45.41 -24.73
N ARG E 28 2.37 44.16 -24.51
CA ARG E 28 3.69 43.68 -24.94
C ARG E 28 3.82 43.63 -26.45
N LEU E 29 5.06 43.50 -26.92
CA LEU E 29 5.34 43.26 -28.32
C LEU E 29 5.49 41.75 -28.55
N PRO E 30 5.26 41.30 -29.78
CA PRO E 30 5.30 39.86 -30.11
C PRO E 30 6.62 39.14 -29.81
N HIS E 31 7.58 39.83 -29.21
CA HIS E 31 8.86 39.23 -28.88
C HIS E 31 9.31 39.54 -27.46
N GLN E 32 8.48 40.29 -26.73
CA GLN E 32 8.82 40.69 -25.37
C GLN E 32 8.38 39.66 -24.34
N PHE E 33 9.32 39.28 -23.46
CA PHE E 33 9.02 38.37 -22.36
C PHE E 33 8.58 39.17 -21.14
N ARG E 34 7.90 38.49 -20.23
CA ARG E 34 7.54 39.10 -18.95
C ARG E 34 8.70 38.96 -17.98
N PRO E 35 8.85 39.93 -17.06
CA PRO E 35 9.96 39.93 -16.09
C PRO E 35 9.96 38.68 -15.21
N ILE E 36 11.14 38.10 -15.01
CA ILE E 36 11.29 36.95 -14.15
C ILE E 36 12.40 37.17 -13.12
N GLU E 37 12.33 36.44 -12.01
CA GLU E 37 13.38 36.49 -10.99
C GLU E 37 14.00 35.12 -10.83
N ILE E 38 15.33 35.08 -10.74
CA ILE E 38 16.05 33.81 -10.62
C ILE E 38 17.00 33.78 -9.44
N PHE E 39 16.86 32.77 -8.59
CA PHE E 39 17.77 32.55 -7.47
C PHE E 39 18.59 31.30 -7.76
N THR E 40 19.86 31.31 -7.38
CA THR E 40 20.73 30.15 -7.59
C THR E 40 21.60 29.84 -6.37
N ASP E 41 22.07 28.60 -6.29
CA ASP E 41 22.99 28.15 -5.25
C ASP E 41 22.43 28.33 -3.84
N PHE E 42 21.20 27.88 -3.62
CA PHE E 42 20.59 27.97 -2.30
C PHE E 42 20.42 26.61 -1.65
N LEU E 43 20.70 25.55 -2.40
CA LEU E 43 20.68 24.20 -1.87
C LEU E 43 22.09 23.66 -1.76
N PRO E 44 22.71 23.80 -0.57
CA PRO E 44 24.09 23.37 -0.35
C PRO E 44 24.21 21.84 -0.41
N SER E 45 23.11 21.15 -0.15
CA SER E 45 23.10 19.69 -0.18
C SER E 45 23.26 19.17 -1.61
N SER E 46 22.90 20.00 -2.58
CA SER E 46 22.98 19.62 -3.98
C SER E 46 24.20 20.24 -4.66
N ASN E 47 24.52 19.74 -5.85
CA ASN E 47 25.64 20.27 -6.62
C ASN E 47 25.28 21.57 -7.31
N GLY E 48 23.99 21.78 -7.54
CA GLY E 48 23.51 22.99 -8.17
C GLY E 48 22.01 23.15 -7.99
N SER E 49 21.53 24.38 -8.01
CA SER E 49 20.12 24.64 -7.78
C SER E 49 19.68 25.99 -8.35
N SER E 50 18.40 26.10 -8.68
CA SER E 50 17.83 27.35 -9.16
C SER E 50 16.36 27.47 -8.77
N ARG E 51 15.87 28.71 -8.74
CA ARG E 51 14.47 28.98 -8.45
C ARG E 51 14.00 30.15 -9.31
N ILE E 52 13.03 29.90 -10.18
CA ILE E 52 12.53 30.95 -11.06
C ILE E 52 11.10 31.35 -10.70
N ILE E 53 10.87 32.67 -10.63
CA ILE E 53 9.55 33.20 -10.32
C ILE E 53 9.05 34.04 -11.49
N ALA E 54 7.87 33.71 -12.00
CA ALA E 54 7.27 34.47 -13.09
C ALA E 54 6.48 35.65 -12.52
N SER E 55 5.87 36.43 -13.42
CA SER E 55 5.10 37.60 -13.01
C SER E 55 3.69 37.22 -12.56
N ASP E 56 3.22 36.07 -13.02
CA ASP E 56 1.89 35.59 -12.65
C ASP E 56 1.92 34.66 -11.45
N GLY E 57 3.06 34.59 -10.78
CA GLY E 57 3.22 33.77 -9.60
C GLY E 57 3.74 32.38 -9.90
N SER E 58 3.93 32.07 -11.16
CA SER E 58 4.47 30.76 -11.57
C SER E 58 5.86 30.57 -10.99
N GLU E 59 6.07 29.45 -10.32
CA GLU E 59 7.32 29.20 -9.63
C GLU E 59 7.84 27.79 -9.89
N CYS E 60 9.13 27.68 -10.19
CA CYS E 60 9.75 26.39 -10.48
C CYS E 60 11.11 26.27 -9.78
N ILE E 61 11.37 25.10 -9.19
CA ILE E 61 12.61 24.86 -8.49
C ILE E 61 13.36 23.66 -9.08
N VAL E 62 14.62 23.88 -9.45
CA VAL E 62 15.44 22.83 -10.05
C VAL E 62 16.61 22.47 -9.15
N SER E 63 16.87 21.17 -8.99
CA SER E 63 18.01 20.70 -8.21
C SER E 63 18.91 19.82 -9.08
N ILE E 64 20.22 19.94 -8.87
CA ILE E 64 21.19 19.16 -9.64
C ILE E 64 22.04 18.28 -8.72
N LYS E 65 21.91 16.97 -8.87
CA LYS E 65 22.73 16.05 -8.10
C LYS E 65 23.55 15.15 -9.02
N SER E 66 24.69 14.68 -8.52
CA SER E 66 25.61 13.88 -9.33
C SER E 66 25.83 12.49 -8.73
N LYS E 67 26.21 11.55 -9.59
CA LYS E 67 26.53 10.21 -9.15
C LYS E 67 27.50 9.53 -10.11
N VAL E 68 28.54 8.92 -9.55
CA VAL E 68 29.53 8.22 -10.36
C VAL E 68 28.96 6.91 -10.91
N VAL E 69 28.99 6.76 -12.22
CA VAL E 69 28.44 5.58 -12.88
C VAL E 69 29.40 5.03 -13.93
N ASP E 70 29.19 3.77 -14.29
CA ASP E 70 29.93 3.16 -15.38
C ASP E 70 29.24 3.49 -16.70
N HIS E 71 29.87 4.34 -17.51
CA HIS E 71 29.25 4.81 -18.74
C HIS E 71 29.15 3.72 -19.82
N HIS E 72 29.69 2.54 -19.51
CA HIS E 72 29.58 1.40 -20.42
C HIS E 72 28.25 0.68 -20.23
N VAL E 73 27.64 0.85 -19.06
CA VAL E 73 26.35 0.23 -18.78
C VAL E 73 25.23 1.26 -18.64
N GLU E 74 25.60 2.48 -18.27
CA GLU E 74 24.64 3.56 -18.15
C GLU E 74 24.63 4.44 -19.40
N ASN E 75 23.70 4.16 -20.31
CA ASN E 75 23.62 4.86 -21.58
C ASN E 75 23.33 6.36 -21.38
N GLU E 76 22.26 6.66 -20.67
CA GLU E 76 21.86 8.04 -20.43
C GLU E 76 22.61 8.63 -19.24
N LEU E 77 23.37 9.68 -19.48
CA LEU E 77 24.21 10.29 -18.45
C LEU E 77 23.55 11.52 -17.82
N LEU E 78 22.36 11.87 -18.31
CA LEU E 78 21.62 13.01 -17.78
C LEU E 78 20.13 12.69 -17.72
N GLN E 79 19.61 12.56 -16.50
CA GLN E 79 18.22 12.20 -16.29
C GLN E 79 17.39 13.35 -15.71
N VAL E 80 16.34 13.74 -16.43
CA VAL E 80 15.47 14.82 -15.98
C VAL E 80 14.22 14.24 -15.32
N ASP E 81 13.93 14.72 -14.11
CA ASP E 81 12.76 14.27 -13.36
C ASP E 81 11.83 15.44 -13.07
N VAL E 82 10.60 15.37 -13.60
CA VAL E 82 9.66 16.47 -13.46
C VAL E 82 8.54 16.15 -12.49
N ASP E 83 8.27 17.08 -11.58
CA ASP E 83 7.20 16.94 -10.61
C ASP E 83 6.36 18.20 -10.55
N ILE E 84 5.16 18.15 -11.12
CA ILE E 84 4.25 19.27 -11.08
C ILE E 84 3.29 19.13 -9.90
N ALA E 85 3.31 20.11 -9.00
CA ALA E 85 2.47 20.07 -7.81
C ALA E 85 0.99 20.12 -8.18
N GLY E 86 0.23 19.16 -7.66
CA GLY E 86 -1.18 19.07 -7.95
C GLY E 86 -1.48 18.07 -9.07
N GLN E 87 -0.41 17.48 -9.61
CA GLN E 87 -0.55 16.50 -10.68
C GLN E 87 0.05 15.17 -10.29
N ARG E 88 -0.54 14.08 -10.76
CA ARG E 88 -0.01 12.74 -10.52
C ARG E 88 1.30 12.58 -11.26
N ASP E 89 2.14 11.66 -10.79
CA ASP E 89 3.41 11.38 -11.44
C ASP E 89 3.21 10.79 -12.82
N ASP E 90 2.08 10.14 -13.03
CA ASP E 90 1.76 9.52 -14.31
C ASP E 90 0.76 10.34 -15.12
N ALA E 91 0.65 11.63 -14.80
CA ALA E 91 -0.22 12.52 -15.55
C ALA E 91 0.30 12.70 -16.97
N LEU E 92 -0.58 13.08 -17.88
CA LEU E 92 -0.21 13.22 -19.28
C LEU E 92 0.76 14.37 -19.49
N VAL E 93 0.50 15.50 -18.82
CA VAL E 93 1.34 16.68 -18.94
C VAL E 93 2.72 16.46 -18.35
N VAL E 94 2.76 15.75 -17.23
CA VAL E 94 4.02 15.50 -16.54
C VAL E 94 4.96 14.64 -17.37
N GLU E 95 4.47 13.48 -17.81
CA GLU E 95 5.28 12.55 -18.58
C GLU E 95 5.72 13.12 -19.91
N THR E 96 4.84 13.90 -20.54
CA THR E 96 5.15 14.51 -21.83
C THR E 96 6.32 15.50 -21.69
N ILE E 97 6.23 16.37 -20.68
CA ILE E 97 7.29 17.33 -20.41
C ILE E 97 8.57 16.62 -19.98
N THR E 98 8.42 15.54 -19.22
CA THR E 98 9.55 14.74 -18.79
C THR E 98 10.27 14.12 -20.00
N SER E 99 9.49 13.48 -20.87
CA SER E 99 10.04 12.88 -22.08
C SER E 99 10.68 13.94 -22.97
N LEU E 100 10.01 15.08 -23.09
CA LEU E 100 10.50 16.18 -23.91
C LEU E 100 11.83 16.71 -23.39
N LEU E 101 11.87 17.02 -22.09
CA LEU E 101 13.06 17.59 -21.47
C LEU E 101 14.28 16.66 -21.54
N ASN E 102 14.04 15.37 -21.41
CA ASN E 102 15.13 14.39 -21.50
C ASN E 102 15.75 14.36 -22.90
N LYS E 103 14.94 14.66 -23.91
CA LYS E 103 15.43 14.72 -25.27
C LYS E 103 16.21 16.02 -25.50
N VAL E 104 15.74 17.10 -24.88
CA VAL E 104 16.41 18.39 -24.96
C VAL E 104 17.81 18.33 -24.37
N LEU E 105 17.96 17.56 -23.29
CA LEU E 105 19.23 17.46 -22.60
C LEU E 105 19.86 16.07 -22.73
N LYS E 106 19.82 15.49 -23.92
CA LYS E 106 20.44 14.19 -24.16
C LYS E 106 21.96 14.28 -24.05
N SER E 107 22.61 13.13 -23.86
CA SER E 107 24.06 13.07 -23.70
C SER E 107 24.80 13.49 -24.96
N GLY E 108 24.30 13.05 -26.11
CA GLY E 108 24.95 13.37 -27.38
C GLY E 108 24.02 14.10 -28.34
N SER E 109 23.36 15.14 -27.86
CA SER E 109 22.45 15.91 -28.70
C SER E 109 22.56 17.42 -28.44
N GLY E 110 22.33 17.82 -27.19
CA GLY E 110 22.40 19.23 -26.83
C GLY E 110 23.19 19.48 -25.57
N VAL E 111 24.10 18.56 -25.26
CA VAL E 111 24.92 18.65 -24.05
C VAL E 111 26.31 18.06 -24.28
N ASP E 112 27.34 18.81 -23.89
CA ASP E 112 28.72 18.31 -23.99
C ASP E 112 29.01 17.30 -22.89
N SER E 113 28.71 16.03 -23.16
CA SER E 113 28.84 14.98 -22.16
C SER E 113 30.30 14.62 -21.86
N SER E 114 31.23 15.25 -22.58
CA SER E 114 32.65 15.03 -22.36
C SER E 114 33.06 15.58 -21.00
N LYS E 115 32.39 16.65 -20.57
CA LYS E 115 32.72 17.30 -19.31
C LYS E 115 32.26 16.50 -18.09
N LEU E 116 31.53 15.42 -18.35
CA LEU E 116 31.03 14.55 -17.29
C LEU E 116 31.92 13.33 -17.11
N GLN E 117 32.82 13.11 -18.06
CA GLN E 117 33.69 11.94 -18.00
C GLN E 117 34.80 12.11 -16.98
N LEU E 118 34.99 11.09 -16.15
CA LEU E 118 36.04 11.11 -15.14
C LEU E 118 37.25 10.30 -15.58
N THR E 119 37.01 9.03 -15.85
CA THR E 119 38.07 8.13 -16.30
C THR E 119 37.66 7.43 -17.59
N LYS E 120 38.39 6.37 -17.96
CA LYS E 120 38.09 5.62 -19.17
C LYS E 120 36.89 4.71 -18.96
N LYS E 121 36.47 4.56 -17.70
CA LYS E 121 35.37 3.66 -17.37
C LYS E 121 34.22 4.38 -16.67
N TYR E 122 34.55 5.37 -15.84
CA TYR E 122 33.54 6.03 -15.03
C TYR E 122 33.26 7.48 -15.47
N SER E 123 32.00 7.88 -15.28
CA SER E 123 31.58 9.25 -15.60
C SER E 123 30.53 9.73 -14.61
N PHE E 124 30.24 11.03 -14.64
CA PHE E 124 29.27 11.63 -13.72
C PHE E 124 27.86 11.61 -14.30
N LYS E 125 26.96 10.91 -13.63
CA LYS E 125 25.55 10.94 -13.97
C LYS E 125 24.90 12.15 -13.33
N ILE E 126 24.21 12.96 -14.14
CA ILE E 126 23.58 14.17 -13.64
C ILE E 126 22.07 14.01 -13.51
N PHE E 127 21.56 14.19 -12.30
CA PHE E 127 20.13 14.13 -12.03
C PHE E 127 19.54 15.53 -11.94
N VAL E 128 18.72 15.90 -12.93
CA VAL E 128 18.06 17.20 -12.92
C VAL E 128 16.63 17.06 -12.44
N ASP E 129 16.40 17.38 -11.17
CA ASP E 129 15.07 17.26 -10.58
C ASP E 129 14.29 18.57 -10.65
N VAL E 130 13.14 18.53 -11.28
CA VAL E 130 12.30 19.71 -11.46
C VAL E 130 11.09 19.66 -10.54
N LEU E 131 10.83 20.78 -9.85
CA LEU E 131 9.65 20.90 -9.02
C LEU E 131 8.87 22.15 -9.38
N VAL E 132 7.70 21.97 -9.99
CA VAL E 132 6.85 23.09 -10.35
C VAL E 132 5.84 23.36 -9.25
N ILE E 133 6.10 24.40 -8.46
CA ILE E 133 5.21 24.76 -7.35
C ILE E 133 3.89 25.29 -7.87
N SER E 134 3.95 26.20 -8.84
CA SER E 134 2.76 26.81 -9.41
C SER E 134 2.99 27.17 -10.88
N SER E 135 1.95 27.02 -11.69
CA SER E 135 2.01 27.39 -13.10
C SER E 135 0.62 27.54 -13.68
N HIS E 136 0.45 28.53 -14.56
CA HIS E 136 -0.85 28.84 -15.13
C HIS E 136 -0.88 28.63 -16.64
N SER E 137 0.25 28.21 -17.19
CA SER E 137 0.35 27.87 -18.61
C SER E 137 1.33 26.73 -18.78
N HIS E 138 1.68 26.43 -20.03
CA HIS E 138 2.66 25.37 -20.32
C HIS E 138 4.02 25.78 -19.76
N PRO E 139 4.47 25.09 -18.72
CA PRO E 139 5.67 25.49 -17.96
C PRO E 139 6.98 25.04 -18.61
N ILE E 140 6.93 24.55 -19.84
CA ILE E 140 8.11 23.99 -20.50
C ILE E 140 9.25 25.00 -20.64
N SER E 141 8.92 26.24 -20.95
CA SER E 141 9.94 27.29 -21.11
C SER E 141 10.40 27.80 -19.76
N LEU E 142 9.49 27.78 -18.79
CA LEU E 142 9.81 28.19 -17.42
C LEU E 142 10.85 27.26 -16.81
N ILE E 143 10.60 25.96 -16.97
CA ILE E 143 11.51 24.93 -16.45
C ILE E 143 12.86 25.02 -17.16
N SER E 144 12.83 25.29 -18.45
CA SER E 144 14.04 25.36 -19.26
C SER E 144 14.99 26.44 -18.76
N PHE E 145 14.45 27.60 -18.41
CA PHE E 145 15.25 28.72 -17.91
C PHE E 145 15.89 28.37 -16.57
N ALA E 146 15.14 27.63 -15.74
CA ALA E 146 15.62 27.25 -14.42
C ALA E 146 16.72 26.20 -14.51
N ILE E 147 16.53 25.22 -15.39
CA ILE E 147 17.53 24.18 -15.62
C ILE E 147 18.84 24.79 -16.13
N TYR E 148 18.70 25.76 -17.04
CA TYR E 148 19.84 26.51 -17.57
C TYR E 148 20.63 27.16 -16.45
N SER E 149 19.94 27.98 -15.65
CA SER E 149 20.55 28.69 -14.55
C SER E 149 21.22 27.73 -13.56
N ALA E 150 20.57 26.61 -13.29
CA ALA E 150 21.08 25.63 -12.33
C ALA E 150 22.35 24.96 -12.85
N LEU E 151 22.34 24.56 -14.12
CA LEU E 151 23.49 23.87 -14.71
C LEU E 151 24.70 24.78 -14.91
N ASN E 152 24.46 26.10 -14.88
CA ASN E 152 25.54 27.06 -15.03
C ASN E 152 26.13 27.50 -13.69
N SER E 153 25.61 26.94 -12.61
CA SER E 153 26.12 27.23 -11.27
C SER E 153 26.30 25.92 -10.49
N THR E 154 26.64 24.86 -11.22
CA THR E 154 26.82 23.54 -10.62
C THR E 154 28.29 23.23 -10.39
N TYR E 155 28.59 22.66 -9.22
CA TYR E 155 29.96 22.30 -8.89
C TYR E 155 30.07 20.83 -8.52
N LEU E 156 30.95 20.12 -9.22
CA LEU E 156 31.11 18.68 -9.03
C LEU E 156 32.43 18.37 -8.34
N PRO E 157 32.47 17.20 -7.69
CA PRO E 157 33.66 16.72 -6.97
C PRO E 157 34.81 16.47 -7.93
N LYS E 158 36.04 16.68 -7.46
CA LYS E 158 37.22 16.53 -8.31
C LYS E 158 37.90 15.19 -8.07
N LEU E 159 38.29 14.52 -9.15
CA LEU E 159 38.94 13.21 -9.07
C LEU E 159 40.40 13.32 -8.65
N ILE E 160 40.87 12.32 -7.90
CA ILE E 160 42.26 12.25 -7.48
C ILE E 160 43.00 11.08 -8.14
N SER E 161 42.40 9.90 -8.06
CA SER E 161 43.01 8.68 -8.59
C SER E 161 43.24 8.75 -10.10
N ALA E 162 44.04 7.82 -10.62
CA ALA E 162 44.37 7.79 -12.03
C ALA E 162 43.14 7.50 -12.90
N PHE E 163 43.23 7.86 -14.18
CA PHE E 163 42.09 7.72 -15.08
C PHE E 163 42.30 6.65 -16.16
N ASP E 164 42.72 5.47 -15.71
CA ASP E 164 42.88 4.32 -16.61
C ASP E 164 42.51 3.02 -15.90
N ASP E 165 41.22 2.72 -15.87
CA ASP E 165 40.74 1.53 -15.20
C ASP E 165 41.30 0.28 -15.86
N LEU E 166 41.39 0.33 -17.19
CA LEU E 166 41.65 -0.85 -18.00
C LEU E 166 42.87 -1.61 -17.51
N GLU E 167 43.91 -0.87 -17.15
CA GLU E 167 45.16 -1.49 -16.69
C GLU E 167 45.26 -1.54 -15.18
N VAL E 168 45.68 -0.43 -14.57
CA VAL E 168 45.90 -0.36 -13.13
C VAL E 168 44.59 -0.58 -12.34
N GLU E 169 43.49 -0.06 -12.88
CA GLU E 169 42.16 -0.22 -12.27
C GLU E 169 42.08 0.28 -10.83
N GLU E 170 42.28 1.59 -10.65
CA GLU E 170 42.17 2.19 -9.32
C GLU E 170 40.73 2.57 -8.99
N LEU E 171 40.36 2.38 -7.73
CA LEU E 171 39.03 2.77 -7.26
C LEU E 171 38.90 4.29 -7.28
N PRO E 172 37.82 4.80 -7.86
CA PRO E 172 37.57 6.25 -7.99
C PRO E 172 37.58 6.97 -6.65
N THR E 173 38.60 7.78 -6.40
CA THR E 173 38.70 8.56 -5.18
C THR E 173 38.72 10.06 -5.51
N PHE E 174 38.10 10.85 -4.66
CA PHE E 174 37.95 12.28 -4.91
C PHE E 174 38.54 13.12 -3.80
N HIS E 175 38.84 14.38 -4.12
CA HIS E 175 39.43 15.32 -3.18
C HIS E 175 38.47 15.70 -2.08
N ASP E 176 38.99 16.02 -0.90
CA ASP E 176 38.13 16.20 0.26
C ASP E 176 37.38 17.54 0.26
N TYR E 177 37.90 18.53 -0.47
CA TYR E 177 37.31 19.87 -0.41
C TYR E 177 37.13 20.56 -1.76
N ASP E 178 38.09 20.41 -2.66
CA ASP E 178 38.03 21.10 -3.95
C ASP E 178 36.94 20.53 -4.86
N MET E 179 36.22 21.42 -5.54
CA MET E 179 35.23 21.02 -6.51
C MET E 179 35.37 21.83 -7.79
N VAL E 180 35.29 21.15 -8.93
CA VAL E 180 35.42 21.80 -10.23
C VAL E 180 34.05 22.20 -10.78
N LYS E 181 33.93 23.47 -11.19
CA LYS E 181 32.68 23.97 -11.77
C LYS E 181 32.33 23.23 -13.06
N LEU E 182 31.07 22.84 -13.18
CA LEU E 182 30.61 22.12 -14.35
C LEU E 182 30.50 23.04 -15.56
N ASP E 183 31.49 22.99 -16.43
CA ASP E 183 31.44 23.74 -17.67
C ASP E 183 30.61 22.98 -18.70
N ILE E 184 29.47 23.55 -19.08
CA ILE E 184 28.55 22.90 -19.98
C ILE E 184 27.69 23.95 -20.67
N ASN E 185 27.07 23.57 -21.79
CA ASN E 185 26.19 24.48 -22.51
C ASN E 185 24.75 23.97 -22.52
N PRO E 186 23.97 24.32 -21.48
CA PRO E 186 22.57 23.92 -21.39
C PRO E 186 21.75 24.57 -22.50
N PRO E 187 20.88 23.79 -23.13
CA PRO E 187 20.00 24.32 -24.18
C PRO E 187 18.80 25.04 -23.55
N LEU E 188 18.13 25.86 -24.36
CA LEU E 188 16.91 26.53 -23.90
C LEU E 188 15.71 26.07 -24.70
N VAL E 189 14.54 26.12 -24.09
CA VAL E 189 13.30 25.74 -24.76
C VAL E 189 12.34 26.91 -24.79
N PHE E 190 12.06 27.41 -25.99
CA PHE E 190 11.13 28.52 -26.16
C PHE E 190 9.77 28.02 -26.61
N ILE E 191 8.71 28.66 -26.10
CA ILE E 191 7.36 28.31 -26.49
C ILE E 191 6.63 29.49 -27.13
N LEU E 192 6.00 29.25 -28.27
CA LEU E 192 5.33 30.31 -29.03
C LEU E 192 3.85 30.05 -29.14
N ALA E 193 3.08 31.12 -29.38
CA ALA E 193 1.63 30.99 -29.55
C ALA E 193 1.22 31.46 -30.94
N VAL E 194 0.30 30.72 -31.56
CA VAL E 194 -0.18 31.06 -32.88
C VAL E 194 -1.62 31.55 -32.83
N VAL E 195 -1.81 32.86 -32.98
CA VAL E 195 -3.14 33.45 -33.01
C VAL E 195 -3.40 34.08 -34.37
N GLY E 196 -4.16 33.37 -35.21
CA GLY E 196 -4.40 33.82 -36.58
C GLY E 196 -3.15 33.66 -37.42
N ASN E 197 -2.52 34.79 -37.76
CA ASN E 197 -1.27 34.77 -38.51
C ASN E 197 -0.13 35.41 -37.73
N ASN E 198 -0.36 35.66 -36.45
CA ASN E 198 0.65 36.27 -35.58
C ASN E 198 1.31 35.25 -34.68
N MET E 199 2.58 35.49 -34.36
CA MET E 199 3.32 34.60 -33.46
C MET E 199 3.85 35.37 -32.26
N LEU E 200 3.54 34.86 -31.06
CA LEU E 200 3.90 35.54 -29.82
C LEU E 200 4.89 34.75 -29.00
N LEU E 201 5.94 35.43 -28.53
CA LEU E 201 6.89 34.82 -27.61
C LEU E 201 6.37 34.95 -26.18
N ASP E 202 6.59 33.91 -25.37
CA ASP E 202 6.12 33.87 -23.99
C ASP E 202 4.62 34.16 -23.90
N PRO E 203 3.80 33.16 -24.27
CA PRO E 203 2.33 33.32 -24.24
C PRO E 203 1.82 33.39 -22.81
N ALA E 204 0.97 34.38 -22.52
CA ALA E 204 0.34 34.48 -21.21
C ALA E 204 -0.78 33.43 -21.12
N ALA E 205 -1.38 33.33 -19.93
CA ALA E 205 -2.44 32.36 -19.71
C ALA E 205 -3.66 32.64 -20.59
N ASN E 206 -4.16 33.86 -20.54
CA ASN E 206 -5.31 34.26 -21.34
C ASN E 206 -5.02 34.20 -22.85
N GLU E 207 -3.78 34.48 -23.23
CA GLU E 207 -3.38 34.43 -24.62
C GLU E 207 -3.41 33.01 -25.17
N SER E 208 -2.92 32.08 -24.37
CA SER E 208 -2.84 30.67 -24.77
C SER E 208 -4.22 30.06 -24.95
N GLU E 209 -5.20 30.55 -24.19
CA GLU E 209 -6.56 30.02 -24.23
C GLU E 209 -7.24 30.25 -25.58
N VAL E 210 -6.89 31.35 -26.24
CA VAL E 210 -7.53 31.69 -27.51
C VAL E 210 -6.64 31.39 -28.71
N ALA E 211 -5.43 30.94 -28.45
CA ALA E 211 -4.47 30.65 -29.52
C ALA E 211 -4.97 29.52 -30.42
N ASN E 212 -4.63 29.60 -31.70
CA ASN E 212 -4.99 28.57 -32.66
C ASN E 212 -4.05 27.38 -32.58
N ASN E 213 -2.78 27.66 -32.26
CA ASN E 213 -1.78 26.61 -32.11
C ASN E 213 -0.57 27.14 -31.35
N GLY E 214 0.46 26.31 -31.24
CA GLY E 214 1.66 26.70 -30.53
C GLY E 214 2.90 25.95 -30.99
N LEU E 215 4.06 26.46 -30.64
CA LEU E 215 5.32 25.83 -31.02
C LEU E 215 6.27 25.70 -29.84
N ILE E 216 6.97 24.55 -29.79
CA ILE E 216 8.01 24.35 -28.80
C ILE E 216 9.33 24.16 -29.52
N ILE E 217 10.18 25.17 -29.44
CA ILE E 217 11.43 25.19 -30.19
C ILE E 217 12.64 25.24 -29.27
N SER E 218 13.53 24.26 -29.39
CA SER E 218 14.73 24.21 -28.58
C SER E 218 15.83 25.08 -29.16
N TRP E 219 16.81 25.42 -28.34
CA TRP E 219 17.88 26.33 -28.73
C TRP E 219 19.19 25.97 -28.05
N SER E 220 20.23 25.75 -28.87
CA SER E 220 21.55 25.39 -28.34
C SER E 220 22.66 25.79 -29.28
N ASN E 221 23.79 26.23 -28.71
CA ASN E 221 24.97 26.62 -29.47
C ASN E 221 24.70 27.71 -30.52
N GLY E 222 23.79 28.61 -30.21
CA GLY E 222 23.50 29.73 -31.09
C GLY E 222 22.71 29.35 -32.34
N LYS E 223 21.98 28.25 -32.26
CA LYS E 223 21.16 27.81 -33.39
C LYS E 223 19.95 27.00 -32.95
N ILE E 224 18.95 26.91 -33.82
CA ILE E 224 17.77 26.10 -33.58
C ILE E 224 18.13 24.62 -33.61
N THR E 225 17.60 23.87 -32.65
CA THR E 225 17.85 22.44 -32.58
C THR E 225 16.62 21.67 -32.12
N SER E 226 16.61 20.37 -32.37
CA SER E 226 15.54 19.50 -31.89
C SER E 226 15.69 19.36 -30.37
N PRO E 227 14.59 19.03 -29.67
CA PRO E 227 13.23 18.76 -30.14
C PRO E 227 12.47 20.01 -30.56
N ILE E 228 11.78 19.92 -31.69
CA ILE E 228 10.86 20.95 -32.12
C ILE E 228 9.47 20.34 -32.22
N ARG E 229 8.53 20.88 -31.45
CA ARG E 229 7.20 20.30 -31.38
C ARG E 229 6.11 21.37 -31.51
N SER E 230 5.14 21.11 -32.37
CA SER E 230 3.92 21.91 -32.39
C SER E 230 3.06 21.42 -31.23
N VAL E 231 2.36 22.33 -30.58
CA VAL E 231 1.60 21.98 -29.38
C VAL E 231 0.29 22.77 -29.30
N ALA E 232 -0.78 22.07 -28.94
CA ALA E 232 -2.06 22.72 -28.71
C ALA E 232 -2.09 23.31 -27.30
N LEU E 233 -2.02 24.64 -27.22
CA LEU E 233 -2.02 25.34 -25.93
C LEU E 233 -3.37 25.18 -25.24
N ASN E 234 -4.44 25.15 -26.04
CA ASN E 234 -5.75 24.77 -25.56
C ASN E 234 -6.30 23.67 -26.45
N ASP E 235 -7.54 23.26 -26.23
CA ASP E 235 -8.12 22.17 -27.01
C ASP E 235 -9.47 22.50 -27.65
N SER E 236 -9.89 23.75 -27.50
CA SER E 236 -11.18 24.17 -28.04
C SER E 236 -11.04 25.01 -29.30
N ASN E 237 -9.87 25.58 -29.52
CA ASN E 237 -9.65 26.48 -30.65
C ASN E 237 -8.43 26.09 -31.48
N VAL E 238 -8.13 24.80 -31.55
CA VAL E 238 -6.97 24.32 -32.30
C VAL E 238 -7.25 24.22 -33.79
N LYS E 239 -6.43 24.89 -34.59
CA LYS E 239 -6.59 24.87 -36.03
C LYS E 239 -5.25 24.60 -36.72
N SER E 240 -5.32 24.14 -37.96
CA SER E 240 -4.12 23.92 -38.76
C SER E 240 -3.49 25.26 -39.12
N PHE E 241 -2.18 25.26 -39.37
CA PHE E 241 -1.46 26.49 -39.70
C PHE E 241 -0.67 26.37 -40.98
N LYS E 242 -0.55 27.48 -41.69
CA LYS E 242 0.25 27.55 -42.91
C LYS E 242 1.73 27.33 -42.57
N PRO E 243 2.45 26.66 -43.49
CA PRO E 243 3.88 26.37 -43.32
C PRO E 243 4.74 27.62 -43.08
N HIS E 244 4.34 28.77 -43.65
CA HIS E 244 5.11 29.99 -43.48
C HIS E 244 5.14 30.47 -42.03
N LEU E 245 4.09 30.13 -41.29
CA LEU E 245 4.03 30.44 -39.86
C LEU E 245 5.10 29.64 -39.11
N LEU E 246 5.25 28.38 -39.49
CA LEU E 246 6.27 27.52 -38.88
C LEU E 246 7.65 28.08 -39.14
N LYS E 247 7.88 28.56 -40.36
CA LYS E 247 9.17 29.14 -40.73
C LYS E 247 9.35 30.51 -40.08
N GLN E 248 8.24 31.18 -39.82
CA GLN E 248 8.28 32.48 -39.14
C GLN E 248 8.68 32.30 -37.69
N GLY E 249 8.15 31.27 -37.04
CA GLY E 249 8.44 30.98 -35.66
C GLY E 249 9.91 30.65 -35.44
N LEU E 250 10.44 29.79 -36.29
CA LEU E 250 11.85 29.41 -36.21
C LEU E 250 12.74 30.62 -36.42
N ALA E 251 12.32 31.50 -37.32
CA ALA E 251 13.08 32.72 -37.60
C ALA E 251 12.99 33.69 -36.42
N MET E 252 11.83 33.74 -35.78
CA MET E 252 11.60 34.64 -34.66
C MET E 252 12.49 34.26 -33.47
N VAL E 253 12.56 32.96 -33.18
CA VAL E 253 13.41 32.46 -32.10
C VAL E 253 14.88 32.71 -32.44
N GLU E 254 15.22 32.51 -33.69
CA GLU E 254 16.61 32.59 -34.14
C GLU E 254 17.25 33.96 -33.96
N LYS E 255 16.42 34.98 -33.78
CA LYS E 255 16.93 36.35 -33.66
C LYS E 255 16.74 36.94 -32.26
N TYR E 256 15.83 36.37 -31.48
CA TYR E 256 15.56 36.91 -30.14
C TYR E 256 16.14 36.05 -29.03
N ALA E 257 16.49 34.81 -29.36
CA ALA E 257 17.12 33.92 -28.39
C ALA E 257 18.45 34.41 -27.81
N PRO E 258 19.37 34.93 -28.67
CA PRO E 258 20.64 35.41 -28.09
C PRO E 258 20.44 36.54 -27.09
N ASP E 259 19.39 37.35 -27.29
CA ASP E 259 19.08 38.41 -26.35
C ASP E 259 18.67 37.81 -25.01
N VAL E 260 17.90 36.74 -25.05
CA VAL E 260 17.46 36.06 -23.84
C VAL E 260 18.65 35.41 -23.14
N VAL E 261 19.49 34.73 -23.91
CA VAL E 261 20.68 34.08 -23.37
C VAL E 261 21.63 35.08 -22.75
N ARG E 262 21.75 36.25 -23.39
CA ARG E 262 22.63 37.31 -22.89
C ARG E 262 22.19 37.81 -21.53
N SER E 263 20.87 37.95 -21.35
CA SER E 263 20.31 38.38 -20.08
C SER E 263 20.34 37.24 -19.06
N LEU E 264 20.59 36.03 -19.56
CA LEU E 264 20.54 34.84 -18.73
C LEU E 264 21.94 34.34 -18.39
N GLU E 265 22.91 34.74 -19.22
CA GLU E 265 24.29 34.33 -19.02
C GLU E 265 25.08 35.42 -18.28
N ASN E 266 24.37 36.27 -17.56
CA ASN E 266 25.00 37.36 -16.82
C ASN E 266 25.90 36.84 -15.71
N LEU E 267 27.03 37.52 -15.50
CA LEU E 267 27.98 37.13 -14.46
C LEU E 267 27.66 37.82 -13.14
N GLN F 4 5.35 -11.65 -6.22
CA GLN F 4 5.65 -10.34 -6.81
C GLN F 4 4.40 -9.46 -6.83
N ASP F 5 3.64 -9.55 -7.92
CA ASP F 5 2.40 -8.80 -8.06
C ASP F 5 1.21 -9.67 -7.72
N ARG F 6 0.23 -9.09 -7.01
CA ARG F 6 -0.93 -9.83 -6.52
C ARG F 6 -2.08 -9.83 -7.53
N ARG F 7 -1.86 -9.23 -8.69
CA ARG F 7 -2.90 -9.14 -9.71
C ARG F 7 -2.50 -9.87 -10.99
N ARG F 8 -1.23 -10.25 -11.08
CA ARG F 8 -0.72 -10.96 -12.25
C ARG F 8 0.15 -12.15 -11.84
N LEU F 9 0.35 -13.07 -12.78
CA LEU F 9 1.27 -14.18 -12.56
C LEU F 9 2.57 -13.94 -13.31
N LEU F 10 3.57 -13.44 -12.59
CA LEU F 10 4.84 -13.05 -13.21
C LEU F 10 5.91 -14.12 -13.00
N GLY F 11 5.53 -15.21 -12.34
CA GLY F 11 6.46 -16.31 -12.11
C GLY F 11 7.39 -16.09 -10.93
N PRO F 12 8.44 -16.92 -10.83
CA PRO F 12 9.41 -16.83 -9.74
C PRO F 12 10.29 -15.59 -9.84
N ALA F 13 10.73 -15.06 -8.70
CA ALA F 13 11.49 -13.83 -8.66
C ALA F 13 12.97 -14.03 -8.99
N ALA F 14 13.48 -15.21 -8.68
CA ALA F 14 14.88 -15.52 -8.92
C ALA F 14 15.16 -15.77 -10.40
N ALA F 15 14.09 -15.79 -11.20
CA ALA F 15 14.22 -15.99 -12.64
C ALA F 15 14.74 -14.75 -13.33
N LYS F 16 15.61 -14.93 -14.33
CA LYS F 16 16.14 -13.82 -15.09
C LYS F 16 15.83 -14.03 -16.58
N PRO F 17 15.36 -12.96 -17.25
CA PRO F 17 14.98 -12.99 -18.66
C PRO F 17 16.09 -13.52 -19.56
N MET F 18 15.71 -14.19 -20.65
CA MET F 18 16.68 -14.76 -21.56
C MET F 18 17.38 -13.68 -22.39
N ALA F 19 18.71 -13.64 -22.32
CA ALA F 19 19.48 -12.68 -23.11
C ALA F 19 20.34 -13.35 -24.20
N PHE F 20 20.18 -12.89 -25.44
CA PHE F 20 20.89 -13.43 -26.59
C PHE F 20 22.37 -13.01 -26.72
N SER F 21 23.15 -13.82 -27.43
CA SER F 21 24.56 -13.54 -27.63
C SER F 21 24.96 -13.71 -29.10
N ASN F 22 26.23 -13.51 -29.38
CA ASN F 22 26.75 -13.64 -30.75
C ASN F 22 27.78 -14.77 -30.87
N THR F 23 27.59 -15.63 -31.87
CA THR F 23 28.50 -16.74 -32.09
C THR F 23 28.81 -16.89 -33.57
N GLU F 41 16.83 7.08 -51.59
CA GLU F 41 15.63 6.81 -50.80
C GLU F 41 15.07 5.42 -51.10
N SER F 42 14.31 4.87 -50.16
CA SER F 42 13.72 3.55 -50.32
C SER F 42 12.20 3.64 -50.31
N GLU F 43 11.56 2.97 -51.28
CA GLU F 43 10.10 2.93 -51.37
C GLU F 43 9.44 2.16 -50.23
N GLN F 44 8.25 2.61 -49.83
CA GLN F 44 7.50 2.00 -48.72
C GLN F 44 6.11 1.49 -49.14
N GLU F 45 5.78 0.28 -48.70
CA GLU F 45 4.48 -0.35 -49.01
C GLU F 45 3.67 -0.69 -47.76
N LEU F 46 2.38 -0.37 -47.77
CA LEU F 46 1.53 -0.59 -46.61
C LEU F 46 0.20 -1.29 -46.94
N SER F 47 -0.37 -1.97 -45.94
CA SER F 47 -1.64 -2.69 -46.08
C SER F 47 -2.69 -2.14 -45.10
N LEU F 48 -3.92 -1.96 -45.59
CA LEU F 48 -4.95 -1.30 -44.80
C LEU F 48 -6.25 -2.11 -44.69
N HIS F 49 -6.80 -2.16 -43.49
CA HIS F 49 -8.07 -2.82 -43.23
C HIS F 49 -8.84 -2.07 -42.15
N THR F 50 -10.16 -1.98 -42.29
CA THR F 50 -10.98 -1.27 -41.30
C THR F 50 -12.19 -2.09 -40.88
N GLY F 51 -12.68 -1.80 -39.67
CA GLY F 51 -13.91 -2.38 -39.16
C GLY F 51 -13.87 -3.88 -38.95
N PHE F 52 -12.92 -4.34 -38.14
CA PHE F 52 -12.82 -5.76 -37.82
C PHE F 52 -12.96 -6.01 -36.32
N ILE F 53 -13.23 -4.95 -35.58
CA ILE F 53 -13.43 -5.06 -34.14
C ILE F 53 -14.87 -4.68 -33.77
N GLU F 54 -15.67 -5.69 -33.43
CA GLU F 54 -17.08 -5.47 -33.11
C GLU F 54 -17.24 -4.85 -31.73
N ASN F 55 -16.18 -4.90 -30.94
CA ASN F 55 -16.21 -4.39 -29.57
C ASN F 55 -16.36 -2.87 -29.50
N CYS F 56 -15.87 -2.18 -30.52
CA CYS F 56 -15.87 -0.72 -30.52
C CYS F 56 -16.67 -0.13 -31.68
N ASN F 57 -16.52 1.18 -31.88
CA ASN F 57 -17.24 1.90 -32.93
C ASN F 57 -16.46 1.97 -34.23
N GLY F 58 -15.14 2.04 -34.13
CA GLY F 58 -14.28 2.10 -35.31
C GLY F 58 -12.92 1.50 -35.04
N SER F 59 -12.38 0.81 -36.03
CA SER F 59 -11.07 0.16 -35.88
C SER F 59 -10.33 0.11 -37.21
N ALA F 60 -9.01 0.00 -37.13
CA ALA F 60 -8.18 -0.05 -38.33
C ALA F 60 -6.92 -0.89 -38.13
N LEU F 61 -6.49 -1.53 -39.21
CA LEU F 61 -5.26 -2.30 -39.20
C LEU F 61 -4.30 -1.70 -40.22
N VAL F 62 -3.15 -1.24 -39.74
CA VAL F 62 -2.15 -0.65 -40.64
C VAL F 62 -0.83 -1.40 -40.56
N GLU F 63 -0.42 -1.99 -41.68
CA GLU F 63 0.83 -2.73 -41.75
C GLU F 63 1.76 -2.13 -42.81
N ALA F 64 3.00 -1.87 -42.40
CA ALA F 64 3.98 -1.31 -43.31
C ALA F 64 5.28 -2.11 -43.30
N ARG F 65 5.83 -2.35 -44.49
CA ARG F 65 7.06 -3.11 -44.63
C ARG F 65 8.06 -2.36 -45.51
N SER F 66 9.24 -2.09 -44.98
CA SER F 66 10.26 -1.37 -45.72
C SER F 66 11.66 -1.60 -45.17
N LEU F 67 12.60 -1.92 -46.07
CA LEU F 67 14.00 -2.11 -45.72
C LEU F 67 14.22 -3.13 -44.60
N GLY F 68 14.67 -2.66 -43.46
CA GLY F 68 14.93 -3.53 -42.32
C GLY F 68 14.04 -3.21 -41.13
N HIS F 69 12.78 -2.90 -41.40
CA HIS F 69 11.83 -2.57 -40.35
C HIS F 69 10.38 -2.68 -40.83
N GLN F 70 9.63 -3.56 -40.19
CA GLN F 70 8.20 -3.69 -40.49
C GLN F 70 7.37 -3.37 -39.26
N THR F 71 6.17 -2.85 -39.48
CA THR F 71 5.30 -2.45 -38.39
C THR F 71 3.85 -2.86 -38.62
N SER F 72 3.25 -3.47 -37.60
CA SER F 72 1.84 -3.82 -37.64
C SER F 72 1.12 -3.28 -36.41
N LEU F 73 0.38 -2.19 -36.59
CA LEU F 73 -0.34 -1.57 -35.48
C LEU F 73 -1.85 -1.56 -35.69
N ILE F 74 -2.59 -1.60 -34.59
CA ILE F 74 -4.04 -1.64 -34.63
C ILE F 74 -4.63 -0.46 -33.85
N SER F 75 -5.59 0.23 -34.47
CA SER F 75 -6.26 1.34 -33.81
C SER F 75 -7.71 0.99 -33.50
N ALA F 76 -8.22 1.55 -32.41
CA ALA F 76 -9.59 1.30 -31.99
C ALA F 76 -10.21 2.56 -31.39
N VAL F 77 -11.35 2.97 -31.93
CA VAL F 77 -12.04 4.16 -31.46
C VAL F 77 -13.29 3.82 -30.66
N TYR F 78 -13.36 4.34 -29.45
CA TYR F 78 -14.52 4.14 -28.58
C TYR F 78 -15.21 5.46 -28.33
N GLY F 79 -16.35 5.67 -28.97
CA GLY F 79 -17.11 6.90 -28.80
C GLY F 79 -18.05 7.18 -29.95
N PRO F 80 -18.88 8.23 -29.81
CA PRO F 80 -18.93 9.10 -28.63
C PRO F 80 -19.69 8.47 -27.47
N ARG F 81 -19.07 8.44 -26.30
CA ARG F 81 -19.71 7.90 -25.11
C ARG F 81 -19.83 8.94 -24.01
N SER F 82 -20.48 8.55 -22.91
CA SER F 82 -20.84 9.48 -21.84
C SER F 82 -19.66 10.06 -21.09
N ILE F 83 -19.74 11.34 -20.73
CA ILE F 83 -18.69 11.95 -19.91
C ILE F 83 -19.24 12.38 -18.55
N ARG F 84 -18.74 11.73 -17.50
CA ARG F 84 -19.11 12.07 -16.13
C ARG F 84 -18.63 13.44 -15.66
N GLY F 85 -17.39 13.78 -16.01
CA GLY F 85 -16.68 14.89 -15.40
C GLY F 85 -17.21 16.30 -15.56
N SER F 86 -17.63 16.68 -16.77
CA SER F 86 -18.08 18.05 -16.99
C SER F 86 -19.02 18.23 -18.18
N PHE F 87 -19.77 19.33 -18.15
CA PHE F 87 -20.59 19.73 -19.29
C PHE F 87 -19.69 20.21 -20.43
N THR F 88 -20.12 19.98 -21.66
CA THR F 88 -19.33 20.37 -22.83
C THR F 88 -20.20 20.68 -24.05
N SER F 89 -20.03 21.86 -24.63
CA SER F 89 -20.69 22.21 -25.89
C SER F 89 -20.18 21.31 -27.01
N GLN F 90 -18.87 21.07 -27.00
CA GLN F 90 -18.18 20.23 -27.97
C GLN F 90 -17.68 18.95 -27.33
N GLY F 91 -17.20 18.04 -28.18
CA GLY F 91 -16.64 16.76 -27.76
C GLY F 91 -15.24 16.77 -27.17
N THR F 92 -14.91 15.71 -26.43
CA THR F 92 -13.58 15.55 -25.83
C THR F 92 -12.86 14.30 -26.36
N ILE F 93 -11.58 14.44 -26.73
CA ILE F 93 -10.81 13.34 -27.32
C ILE F 93 -9.57 12.92 -26.52
N SER F 94 -9.40 11.61 -26.36
CA SER F 94 -8.25 11.04 -25.65
C SER F 94 -7.59 9.99 -26.52
N ILE F 95 -6.26 10.00 -26.53
CA ILE F 95 -5.49 9.04 -27.31
C ILE F 95 -4.45 8.36 -26.42
N GLN F 96 -4.44 7.03 -26.44
CA GLN F 96 -3.49 6.26 -25.65
C GLN F 96 -2.77 5.23 -26.51
N LEU F 97 -1.44 5.25 -26.49
CA LEU F 97 -0.66 4.25 -27.19
C LEU F 97 -0.24 3.15 -26.24
N LYS F 98 -0.39 1.90 -26.67
CA LYS F 98 0.03 0.76 -25.86
C LYS F 98 1.17 0.00 -26.51
N ASN F 99 2.13 -0.43 -25.70
CA ASN F 99 3.21 -1.29 -26.18
C ASN F 99 2.65 -2.62 -26.65
N GLY F 100 3.28 -3.20 -27.67
CA GLY F 100 2.84 -4.47 -28.21
C GLY F 100 3.59 -5.64 -27.61
N LEU F 101 3.64 -6.73 -28.37
CA LEU F 101 4.15 -8.02 -27.87
C LEU F 101 5.63 -8.10 -27.54
N LEU F 102 6.49 -7.57 -28.41
CA LEU F 102 7.94 -7.73 -28.22
C LEU F 102 8.69 -6.41 -28.10
N GLU F 103 8.56 -5.56 -29.12
CA GLU F 103 9.19 -4.25 -29.08
C GLU F 103 8.56 -3.42 -27.97
N LYS F 104 9.40 -2.66 -27.26
CA LYS F 104 8.92 -1.85 -26.15
C LYS F 104 9.43 -0.41 -26.22
N TYR F 105 8.61 0.54 -25.79
CA TYR F 105 9.00 1.94 -25.76
C TYR F 105 8.77 2.50 -24.35
N ASN F 106 9.49 3.58 -24.03
CA ASN F 106 9.30 4.25 -22.75
C ASN F 106 7.89 4.80 -22.65
N THR F 107 7.31 4.70 -21.45
CA THR F 107 5.96 5.20 -21.23
C THR F 107 5.90 6.71 -21.50
N ASN F 108 6.96 7.42 -21.13
CA ASN F 108 7.09 8.84 -21.42
C ASN F 108 6.99 9.12 -22.92
N GLU F 109 7.69 8.31 -23.70
CA GLU F 109 7.75 8.49 -25.14
C GLU F 109 6.39 8.20 -25.78
N LEU F 110 5.66 7.23 -25.23
CA LEU F 110 4.33 6.92 -25.72
C LEU F 110 3.33 8.01 -25.34
N LYS F 111 3.54 8.62 -24.18
CA LYS F 111 2.70 9.73 -23.74
C LYS F 111 2.94 10.96 -24.62
N GLU F 112 4.19 11.17 -24.99
CA GLU F 112 4.56 12.33 -25.80
C GLU F 112 3.93 12.25 -27.19
N VAL F 113 3.96 11.07 -27.79
CA VAL F 113 3.34 10.86 -29.09
C VAL F 113 1.82 11.00 -28.97
N SER F 114 1.27 10.52 -27.87
CA SER F 114 -0.16 10.65 -27.61
C SER F 114 -0.59 12.11 -27.58
N SER F 115 0.22 12.94 -26.91
CA SER F 115 -0.06 14.38 -26.83
C SER F 115 0.05 15.02 -28.21
N PHE F 116 1.04 14.60 -28.97
CA PHE F 116 1.27 15.10 -30.32
C PHE F 116 0.12 14.71 -31.24
N LEU F 117 -0.44 13.52 -31.01
CA LEU F 117 -1.57 13.04 -31.81
C LEU F 117 -2.87 13.73 -31.42
N MET F 118 -3.02 14.05 -30.14
CA MET F 118 -4.20 14.76 -29.65
C MET F 118 -4.31 16.13 -30.29
N GLY F 119 -3.20 16.82 -30.41
CA GLY F 119 -3.16 18.14 -31.02
C GLY F 119 -3.57 18.09 -32.48
N ILE F 120 -3.16 17.02 -33.17
CA ILE F 120 -3.46 16.86 -34.57
C ILE F 120 -4.95 16.64 -34.83
N PHE F 121 -5.56 15.70 -34.12
CA PHE F 121 -6.95 15.35 -34.35
C PHE F 121 -7.93 16.30 -33.67
N ASN F 122 -7.42 17.22 -32.86
CA ASN F 122 -8.24 18.30 -32.33
C ASN F 122 -8.37 19.41 -33.35
N SER F 123 -7.68 19.24 -34.48
CA SER F 123 -7.73 20.18 -35.58
C SER F 123 -8.53 19.58 -36.74
N VAL F 124 -8.85 18.29 -36.63
CA VAL F 124 -9.50 17.56 -37.71
C VAL F 124 -10.91 17.10 -37.32
N VAL F 125 -11.06 16.56 -36.12
CA VAL F 125 -12.35 16.07 -35.66
C VAL F 125 -13.33 17.20 -35.42
N ASN F 126 -14.50 17.11 -36.05
CA ASN F 126 -15.55 18.12 -35.86
C ASN F 126 -16.20 17.96 -34.49
N LEU F 127 -15.53 18.48 -33.46
CA LEU F 127 -15.94 18.31 -32.08
C LEU F 127 -17.31 18.93 -31.77
N SER F 128 -17.71 19.91 -32.58
CA SER F 128 -18.95 20.64 -32.35
C SER F 128 -20.18 19.74 -32.45
N ARG F 129 -20.03 18.59 -33.10
CA ARG F 129 -21.15 17.70 -33.35
C ARG F 129 -21.36 16.70 -32.21
N TYR F 130 -20.51 16.76 -31.19
CA TYR F 130 -20.59 15.81 -30.08
C TYR F 130 -20.51 16.45 -28.71
N PRO F 131 -21.58 17.15 -28.30
CA PRO F 131 -21.62 17.79 -26.98
C PRO F 131 -21.62 16.77 -25.84
N LYS F 132 -20.99 17.13 -24.73
CA LYS F 132 -20.83 16.25 -23.56
C LYS F 132 -20.53 14.80 -23.88
N SER F 133 -19.67 14.58 -24.87
CA SER F 133 -19.32 13.23 -25.31
C SER F 133 -17.81 13.02 -25.29
N GLY F 134 -17.41 11.75 -25.22
CA GLY F 134 -16.01 11.40 -25.20
C GLY F 134 -15.64 10.44 -26.32
N ILE F 135 -14.56 10.77 -27.03
CA ILE F 135 -14.07 9.90 -28.09
C ILE F 135 -12.69 9.38 -27.71
N ASP F 136 -12.65 8.14 -27.21
CA ASP F 136 -11.41 7.55 -26.76
C ASP F 136 -10.77 6.68 -27.83
N ILE F 137 -9.61 7.11 -28.29
CA ILE F 137 -8.91 6.43 -29.38
C ILE F 137 -7.71 5.64 -28.87
N PHE F 138 -7.71 4.34 -29.12
CA PHE F 138 -6.61 3.48 -28.69
C PHE F 138 -5.80 3.03 -29.89
N VAL F 139 -4.47 3.11 -29.77
CA VAL F 139 -3.59 2.60 -30.81
C VAL F 139 -2.65 1.56 -30.23
N TYR F 140 -2.81 0.32 -30.66
CA TYR F 140 -1.99 -0.78 -30.16
C TYR F 140 -0.80 -1.01 -31.08
N LEU F 141 0.40 -0.77 -30.55
CA LEU F 141 1.63 -1.01 -31.30
C LEU F 141 1.95 -2.51 -31.30
N THR F 142 1.02 -3.31 -31.81
CA THR F 142 1.05 -4.76 -31.70
C THR F 142 2.39 -5.39 -32.08
N TYR F 143 2.79 -5.25 -33.33
CA TYR F 143 4.01 -5.90 -33.80
C TYR F 143 4.95 -4.93 -34.51
N ASP F 144 6.01 -4.53 -33.83
CA ASP F 144 7.01 -3.64 -34.40
C ASP F 144 8.37 -4.34 -34.44
N LYS F 145 8.72 -4.89 -35.60
CA LYS F 145 9.96 -5.65 -35.74
C LYS F 145 11.11 -4.77 -36.21
N ASP F 146 12.24 -4.86 -35.53
CA ASP F 146 13.45 -4.13 -35.91
C ASP F 146 14.50 -5.08 -36.47
N LEU F 147 14.69 -5.03 -37.78
CA LEU F 147 15.46 -6.05 -38.45
C LEU F 147 16.83 -5.58 -38.92
N THR F 148 17.34 -4.54 -38.25
CA THR F 148 18.64 -4.00 -38.56
C THR F 148 19.70 -4.95 -38.09
N ASN F 149 19.34 -6.21 -37.98
CA ASN F 149 20.31 -7.25 -37.67
C ASN F 149 21.46 -6.72 -36.84
N SER F 163 15.73 7.27 -31.02
CA SER F 163 14.28 7.47 -31.10
C SER F 163 13.70 6.83 -32.36
N GLN F 164 13.35 5.54 -32.26
CA GLN F 164 12.77 4.83 -33.39
C GLN F 164 11.27 5.13 -33.51
N ILE F 165 10.74 5.82 -32.50
CA ILE F 165 9.31 6.09 -32.44
C ILE F 165 8.85 7.08 -33.53
N SER F 166 9.80 7.79 -34.12
CA SER F 166 9.49 8.80 -35.12
C SER F 166 8.99 8.20 -36.41
N SER F 167 9.43 6.98 -36.71
CA SER F 167 9.04 6.30 -37.95
C SER F 167 7.67 5.63 -37.84
N LEU F 168 7.17 5.53 -36.61
CA LEU F 168 5.87 4.90 -36.38
C LEU F 168 4.73 5.93 -36.37
N ILE F 169 5.08 7.18 -36.13
CA ILE F 169 4.09 8.27 -36.04
C ILE F 169 3.17 8.43 -37.27
N PRO F 170 3.73 8.45 -38.49
CA PRO F 170 2.84 8.59 -39.64
C PRO F 170 1.84 7.44 -39.78
N HIS F 171 2.24 6.24 -39.35
CA HIS F 171 1.36 5.08 -39.43
C HIS F 171 0.27 5.15 -38.39
N CYS F 172 0.55 5.78 -37.26
CA CYS F 172 -0.45 5.98 -36.21
C CYS F 172 -1.54 6.90 -36.70
N ILE F 173 -1.15 8.03 -37.27
CA ILE F 173 -2.09 9.00 -37.80
C ILE F 173 -2.98 8.39 -38.87
N THR F 174 -2.39 7.52 -39.70
CA THR F 174 -3.14 6.81 -40.72
C THR F 174 -4.17 5.87 -40.10
N SER F 175 -3.78 5.18 -39.04
CA SER F 175 -4.68 4.26 -38.36
C SER F 175 -5.83 4.98 -37.66
N ILE F 176 -5.51 6.07 -36.97
CA ILE F 176 -6.51 6.84 -36.26
C ILE F 176 -7.50 7.50 -37.22
N THR F 177 -6.99 8.00 -38.34
CA THR F 177 -7.84 8.60 -39.37
C THR F 177 -8.79 7.57 -39.95
N LEU F 178 -8.27 6.38 -40.25
CA LEU F 178 -9.08 5.29 -40.77
C LEU F 178 -10.14 4.85 -39.76
N ALA F 179 -9.73 4.73 -38.50
CA ALA F 179 -10.62 4.27 -37.45
C ALA F 179 -11.75 5.27 -37.18
N LEU F 180 -11.41 6.55 -37.14
CA LEU F 180 -12.40 7.61 -36.94
C LEU F 180 -13.41 7.65 -38.07
N ALA F 181 -12.92 7.54 -39.30
CA ALA F 181 -13.79 7.51 -40.48
C ALA F 181 -14.65 6.26 -40.48
N ASP F 182 -14.08 5.16 -40.00
CA ASP F 182 -14.81 3.89 -39.92
C ASP F 182 -15.84 3.94 -38.80
N ALA F 183 -15.56 4.76 -37.78
CA ALA F 183 -16.48 4.91 -36.66
C ALA F 183 -17.67 5.80 -37.03
N GLY F 184 -17.45 6.70 -37.98
CA GLY F 184 -18.48 7.63 -38.39
C GLY F 184 -18.31 8.98 -37.72
N ILE F 185 -17.11 9.23 -37.21
CA ILE F 185 -16.79 10.51 -36.58
C ILE F 185 -16.41 11.53 -37.67
N GLU F 186 -17.07 12.69 -37.63
CA GLU F 186 -16.86 13.72 -38.65
C GLU F 186 -15.43 14.26 -38.66
N LEU F 187 -14.84 14.33 -39.84
CA LEU F 187 -13.50 14.86 -40.01
C LEU F 187 -13.51 16.00 -41.03
N VAL F 188 -12.79 17.07 -40.73
CA VAL F 188 -12.67 18.20 -41.65
C VAL F 188 -11.96 17.77 -42.93
N ASP F 189 -10.94 16.94 -42.78
CA ASP F 189 -10.18 16.44 -43.93
C ASP F 189 -9.37 15.20 -43.55
N MET F 190 -9.03 14.39 -44.55
CA MET F 190 -8.22 13.20 -44.33
C MET F 190 -6.81 13.56 -43.88
N ALA F 191 -6.56 13.45 -42.57
CA ALA F 191 -5.25 13.78 -42.04
C ALA F 191 -4.24 12.66 -42.25
N GLY F 192 -3.13 12.98 -42.92
CA GLY F 192 -2.06 12.03 -43.14
C GLY F 192 -0.73 12.68 -42.80
N ALA F 193 0.35 11.91 -42.90
CA ALA F 193 1.68 12.43 -42.54
C ALA F 193 2.81 11.74 -43.29
N GLY F 194 4.02 12.18 -43.01
CA GLY F 194 5.22 11.59 -43.58
C GLY F 194 6.40 11.73 -42.65
N GLU F 195 7.46 10.96 -42.89
CA GLU F 195 8.66 11.01 -42.07
C GLU F 195 9.90 11.09 -42.94
N ALA F 196 10.83 11.98 -42.58
CA ALA F 196 12.07 12.13 -43.31
C ALA F 196 13.19 12.61 -42.41
N ASN F 197 14.15 11.74 -42.15
CA ASN F 197 15.32 12.05 -41.32
C ASN F 197 14.94 12.56 -39.93
N GLY F 198 14.08 11.81 -39.24
CA GLY F 198 13.69 12.14 -37.90
C GLY F 198 12.68 13.27 -37.81
N THR F 199 12.26 13.80 -38.95
CA THR F 199 11.28 14.87 -38.99
C THR F 199 9.92 14.36 -39.46
N VAL F 200 8.90 14.58 -38.65
CA VAL F 200 7.55 14.15 -38.98
C VAL F 200 6.60 15.34 -39.05
N VAL F 201 5.89 15.45 -40.16
CA VAL F 201 4.93 16.55 -40.35
C VAL F 201 3.63 16.06 -40.99
N SER F 202 2.51 16.36 -40.34
CA SER F 202 1.21 15.91 -40.79
C SER F 202 0.48 17.00 -41.56
N PHE F 203 -0.11 16.65 -42.69
CA PHE F 203 -0.77 17.62 -43.56
C PHE F 203 -2.27 17.40 -43.68
N ILE F 204 -2.99 18.46 -44.02
CA ILE F 204 -4.37 18.37 -44.49
C ILE F 204 -4.54 19.33 -45.67
N LYS F 205 -5.73 19.35 -46.26
CA LYS F 205 -6.05 20.24 -47.37
C LYS F 205 -5.06 20.13 -48.53
N ASN F 206 -4.90 18.92 -49.06
CA ASN F 206 -3.98 18.66 -50.17
C ASN F 206 -2.55 19.09 -49.90
N GLY F 207 -2.16 19.10 -48.63
CA GLY F 207 -0.80 19.43 -48.25
C GLY F 207 -0.53 20.92 -48.16
N GLU F 208 -1.59 21.72 -48.27
CA GLU F 208 -1.45 23.17 -48.20
C GLU F 208 -1.09 23.64 -46.79
N GLU F 209 -1.66 23.01 -45.78
CA GLU F 209 -1.44 23.42 -44.40
C GLU F 209 -0.94 22.27 -43.53
N ILE F 210 -0.45 22.61 -42.34
CA ILE F 210 0.14 21.64 -41.43
C ILE F 210 -0.62 21.54 -40.12
N VAL F 211 -0.94 20.31 -39.71
CA VAL F 211 -1.67 20.08 -38.47
C VAL F 211 -0.77 19.57 -37.34
N GLY F 212 0.51 19.38 -37.66
CA GLY F 212 1.47 18.91 -36.67
C GLY F 212 2.88 18.82 -37.21
N PHE F 213 3.84 19.23 -36.39
CA PHE F 213 5.26 19.18 -36.78
C PHE F 213 6.12 18.56 -35.69
N TRP F 214 6.89 17.55 -36.07
CA TRP F 214 7.71 16.79 -35.13
C TRP F 214 9.12 16.66 -35.68
N LYS F 215 10.13 16.93 -34.83
CA LYS F 215 11.51 16.82 -35.27
C LYS F 215 12.46 16.39 -34.15
N ASP F 216 13.08 15.23 -34.34
CA ASP F 216 14.13 14.73 -33.46
C ASP F 216 15.38 14.47 -34.28
N ASP F 217 16.55 14.71 -33.68
CA ASP F 217 17.84 14.49 -34.32
C ASP F 217 17.94 15.24 -35.66
N GLY F 218 18.11 14.49 -36.74
CA GLY F 218 18.17 15.08 -38.06
C GLY F 218 19.37 15.97 -38.28
N ASP F 219 19.30 16.82 -39.31
CA ASP F 219 20.40 17.73 -39.63
C ASP F 219 19.97 19.18 -39.53
N ASP F 220 20.82 20.09 -39.99
CA ASP F 220 20.54 21.52 -39.93
C ASP F 220 20.09 22.04 -41.28
N GLU F 221 19.14 22.98 -41.26
CA GLU F 221 18.63 23.64 -42.46
C GLU F 221 18.12 22.63 -43.50
N ASP F 222 17.43 21.60 -43.02
CA ASP F 222 16.89 20.57 -43.90
C ASP F 222 15.37 20.56 -43.87
N LEU F 223 14.79 21.68 -43.45
CA LEU F 223 13.34 21.81 -43.32
C LEU F 223 12.60 21.66 -44.64
N LEU F 224 13.08 22.35 -45.67
CA LEU F 224 12.43 22.34 -46.97
C LEU F 224 12.42 20.96 -47.63
N GLU F 225 13.52 20.23 -47.46
CA GLU F 225 13.64 18.90 -48.04
C GLU F 225 12.70 17.92 -47.34
N CYS F 226 12.59 18.05 -46.02
CA CYS F 226 11.73 17.17 -45.24
C CYS F 226 10.25 17.39 -45.57
N LEU F 227 9.86 18.66 -45.72
CA LEU F 227 8.47 19.00 -46.04
C LEU F 227 8.03 18.39 -47.36
N ASP F 228 8.92 18.40 -48.35
CA ASP F 228 8.61 17.84 -49.67
C ASP F 228 8.51 16.32 -49.63
N ARG F 229 9.45 15.69 -48.93
CA ARG F 229 9.47 14.23 -48.84
C ARG F 229 8.27 13.70 -48.04
N CYS F 230 7.91 14.42 -46.99
CA CYS F 230 6.78 14.01 -46.16
C CYS F 230 5.45 14.23 -46.86
N LYS F 231 5.36 15.29 -47.65
CA LYS F 231 4.14 15.59 -48.41
C LYS F 231 3.90 14.52 -49.46
N GLU F 232 4.98 13.93 -49.98
CA GLU F 232 4.88 12.84 -50.93
C GLU F 232 4.32 11.59 -50.26
N GLN F 233 4.76 11.34 -49.03
CA GLN F 233 4.25 10.21 -48.25
C GLN F 233 2.81 10.49 -47.82
N TYR F 234 2.55 11.74 -47.44
CA TYR F 234 1.21 12.17 -47.05
C TYR F 234 0.21 11.95 -48.18
N ASN F 235 0.61 12.30 -49.40
CA ASN F 235 -0.24 12.13 -50.57
C ASN F 235 -0.52 10.67 -50.88
N ARG F 236 0.52 9.85 -50.80
CA ARG F 236 0.40 8.41 -51.04
C ARG F 236 -0.48 7.71 -50.00
N TYR F 237 -0.31 8.09 -48.73
CA TYR F 237 -1.09 7.53 -47.64
C TYR F 237 -2.56 7.94 -47.74
N ARG F 238 -2.80 9.19 -48.13
CA ARG F 238 -4.15 9.69 -48.24
C ARG F 238 -4.92 9.00 -49.36
N ASP F 239 -4.24 8.73 -50.46
CA ASP F 239 -4.86 8.03 -51.59
C ASP F 239 -5.24 6.61 -51.22
N LEU F 240 -4.34 5.91 -50.53
CA LEU F 240 -4.60 4.54 -50.11
C LEU F 240 -5.69 4.47 -49.05
N MET F 241 -5.75 5.48 -48.21
CA MET F 241 -6.77 5.57 -47.17
C MET F 241 -8.17 5.74 -47.78
N ILE F 242 -8.29 6.69 -48.71
CA ILE F 242 -9.55 6.92 -49.40
C ILE F 242 -9.95 5.68 -50.19
N SER F 243 -8.96 5.04 -50.81
CA SER F 243 -9.20 3.81 -51.56
C SER F 243 -9.70 2.70 -50.65
N CYS F 244 -9.24 2.71 -49.41
CA CYS F 244 -9.65 1.70 -48.43
C CYS F 244 -11.03 1.99 -47.87
N LEU F 245 -11.31 3.27 -47.61
CA LEU F 245 -12.59 3.67 -47.03
C LEU F 245 -13.74 3.51 -48.04
N MET F 246 -13.40 3.52 -49.32
CA MET F 246 -14.41 3.42 -50.37
C MET F 246 -14.64 1.99 -50.84
N ASN F 247 -13.64 1.40 -51.48
CA ASN F 247 -13.76 0.09 -52.10
C ASN F 247 -14.06 -1.04 -51.11
N GLN F 248 -13.33 -1.06 -49.99
CA GLN F 248 -13.52 -2.09 -48.98
C GLN F 248 -14.90 -1.99 -48.33
N MET G 4 -39.80 -26.32 21.97
CA MET G 4 -39.87 -27.19 20.81
C MET G 4 -40.84 -26.63 19.77
N SER G 5 -40.36 -26.50 18.53
CA SER G 5 -41.18 -25.99 17.44
C SER G 5 -40.93 -26.74 16.14
N THR G 6 -41.75 -26.48 15.14
CA THR G 6 -41.65 -27.15 13.86
C THR G 6 -40.80 -26.33 12.88
N PHE G 7 -39.49 -26.58 12.90
CA PHE G 7 -38.54 -25.82 12.08
C PHE G 7 -38.67 -26.07 10.58
N ILE G 8 -38.38 -25.04 9.79
CA ILE G 8 -38.43 -25.13 8.33
C ILE G 8 -37.18 -24.54 7.68
N PHE G 9 -36.85 -25.04 6.49
CA PHE G 9 -35.67 -24.59 5.75
C PHE G 9 -36.03 -24.27 4.29
N PRO G 10 -35.28 -23.35 3.69
CA PRO G 10 -35.59 -22.90 2.33
C PRO G 10 -35.53 -24.08 1.37
N GLY G 11 -36.50 -24.13 0.45
CA GLY G 11 -36.59 -25.23 -0.49
C GLY G 11 -37.39 -26.41 0.04
N ASP G 12 -37.97 -26.26 1.23
CA ASP G 12 -38.85 -27.29 1.76
C ASP G 12 -40.27 -27.11 1.27
N SER G 13 -41.05 -28.20 1.27
CA SER G 13 -42.43 -28.16 0.83
C SER G 13 -43.29 -27.37 1.81
N PHE G 14 -44.18 -26.54 1.27
CA PHE G 14 -45.07 -25.74 2.10
C PHE G 14 -46.29 -26.55 2.53
N PRO G 15 -46.45 -26.75 3.85
CA PRO G 15 -47.49 -27.60 4.45
C PRO G 15 -48.91 -27.25 3.99
N VAL G 16 -49.27 -25.98 4.04
CA VAL G 16 -50.63 -25.56 3.71
C VAL G 16 -50.99 -25.86 2.26
N ASP G 17 -52.25 -26.24 2.04
CA ASP G 17 -52.75 -26.58 0.71
C ASP G 17 -53.27 -25.33 -0.01
N PRO G 18 -53.11 -25.29 -1.34
CA PRO G 18 -53.55 -24.17 -2.18
C PRO G 18 -55.07 -23.96 -2.13
N THR G 19 -55.82 -24.96 -1.69
CA THR G 19 -57.27 -24.85 -1.61
C THR G 19 -57.71 -23.91 -0.50
N THR G 20 -56.78 -23.60 0.40
CA THR G 20 -57.06 -22.70 1.51
C THR G 20 -56.45 -21.33 1.24
N PRO G 21 -57.27 -20.27 1.35
CA PRO G 21 -56.78 -18.89 1.17
C PRO G 21 -55.79 -18.51 2.28
N VAL G 22 -54.56 -18.18 1.89
CA VAL G 22 -53.52 -17.88 2.85
C VAL G 22 -52.85 -16.53 2.61
N LYS G 23 -52.83 -15.69 3.63
CA LYS G 23 -52.11 -14.42 3.58
C LYS G 23 -50.65 -14.66 3.94
N LEU G 24 -49.74 -14.31 3.04
CA LEU G 24 -48.33 -14.59 3.23
C LEU G 24 -47.60 -13.48 4.00
N GLY G 25 -46.89 -13.87 5.05
CA GLY G 25 -46.12 -12.93 5.83
C GLY G 25 -44.62 -13.10 5.59
N PRO G 26 -43.80 -12.65 6.55
CA PRO G 26 -42.34 -12.75 6.46
C PRO G 26 -41.87 -14.20 6.33
N GLY G 27 -40.83 -14.42 5.52
CA GLY G 27 -40.26 -15.73 5.34
C GLY G 27 -40.85 -16.50 4.17
N ILE G 28 -42.12 -16.26 3.88
CA ILE G 28 -42.81 -16.95 2.81
C ILE G 28 -42.73 -16.15 1.51
N TYR G 29 -42.45 -16.84 0.41
CA TYR G 29 -42.26 -16.17 -0.88
C TYR G 29 -43.14 -16.80 -1.96
N CYS G 30 -43.81 -15.94 -2.73
CA CYS G 30 -44.61 -16.39 -3.86
C CYS G 30 -43.88 -16.10 -5.17
N ASP G 31 -43.43 -17.16 -5.83
CA ASP G 31 -42.64 -17.02 -7.06
C ASP G 31 -43.47 -16.40 -8.18
N PRO G 32 -43.02 -15.24 -8.69
CA PRO G 32 -43.72 -14.51 -9.74
C PRO G 32 -43.80 -15.27 -11.06
N ASN G 33 -42.92 -16.24 -11.25
CA ASN G 33 -42.85 -16.98 -12.50
C ASN G 33 -43.63 -18.29 -12.48
N THR G 34 -43.43 -19.08 -11.43
CA THR G 34 -44.06 -20.40 -11.33
C THR G 34 -45.29 -20.39 -10.42
N GLN G 35 -45.57 -19.23 -9.82
CA GLN G 35 -46.75 -19.05 -8.97
C GLN G 35 -46.79 -19.93 -7.72
N GLU G 36 -45.71 -20.66 -7.47
CA GLU G 36 -45.66 -21.55 -6.31
C GLU G 36 -45.30 -20.77 -5.04
N ILE G 37 -45.85 -21.22 -3.91
CA ILE G 37 -45.56 -20.61 -2.62
C ILE G 37 -44.51 -21.45 -1.90
N ARG G 38 -43.37 -20.83 -1.58
CA ARG G 38 -42.25 -21.55 -0.97
C ARG G 38 -41.54 -20.71 0.09
N PRO G 39 -41.08 -21.37 1.16
CA PRO G 39 -40.33 -20.70 2.23
C PRO G 39 -38.91 -20.34 1.80
N VAL G 40 -38.46 -19.15 2.15
CA VAL G 40 -37.11 -18.71 1.80
C VAL G 40 -36.26 -18.39 3.02
N ASN G 41 -36.87 -18.46 4.19
CA ASN G 41 -36.15 -18.21 5.44
C ASN G 41 -36.13 -19.43 6.36
N THR G 42 -35.19 -19.44 7.29
CA THR G 42 -35.00 -20.58 8.17
C THR G 42 -35.45 -20.27 9.59
N GLY G 43 -36.43 -21.04 10.08
CA GLY G 43 -36.92 -20.85 11.44
C GLY G 43 -38.18 -21.63 11.73
N VAL G 44 -39.03 -21.05 12.59
CA VAL G 44 -40.27 -21.69 12.99
C VAL G 44 -41.45 -21.19 12.17
N LEU G 45 -42.20 -22.11 11.58
CA LEU G 45 -43.38 -21.76 10.81
C LEU G 45 -44.58 -21.54 11.73
N HIS G 46 -45.23 -20.39 11.58
CA HIS G 46 -46.42 -20.07 12.35
C HIS G 46 -47.62 -19.90 11.45
N VAL G 47 -48.66 -20.69 11.68
CA VAL G 47 -49.88 -20.58 10.89
C VAL G 47 -51.06 -20.25 11.79
N SER G 48 -51.76 -19.15 11.47
CA SER G 48 -52.90 -18.71 12.25
C SER G 48 -54.06 -19.68 12.13
N ALA G 49 -54.84 -19.81 13.20
CA ALA G 49 -55.96 -20.74 13.24
C ALA G 49 -57.06 -20.33 12.28
N LYS G 50 -57.83 -21.31 11.81
CA LYS G 50 -58.94 -21.05 10.88
C LYS G 50 -60.08 -20.34 11.60
N GLY G 51 -60.90 -19.62 10.82
CA GLY G 51 -62.01 -18.88 11.37
C GLY G 51 -61.69 -17.39 11.46
N LYS G 52 -60.43 -17.05 11.23
CA LYS G 52 -60.00 -15.66 11.26
C LYS G 52 -60.47 -14.93 10.00
N SER G 53 -61.77 -14.68 9.92
CA SER G 53 -62.39 -14.01 8.78
C SER G 53 -62.15 -14.76 7.47
N GLY G 54 -61.98 -16.08 7.56
CA GLY G 54 -61.79 -16.91 6.39
C GLY G 54 -60.41 -16.81 5.77
N VAL G 55 -59.51 -16.08 6.43
CA VAL G 55 -58.15 -15.90 5.92
C VAL G 55 -57.11 -16.30 6.96
N GLN G 56 -56.28 -17.28 6.61
CA GLN G 56 -55.21 -17.72 7.49
C GLN G 56 -53.88 -17.04 7.14
N THR G 57 -53.20 -16.54 8.17
CA THR G 57 -51.93 -15.87 7.99
C THR G 57 -50.76 -16.78 8.36
N ALA G 58 -49.90 -17.05 7.37
CA ALA G 58 -48.74 -17.91 7.59
C ALA G 58 -47.43 -17.15 7.38
N TYR G 59 -46.50 -17.30 8.31
CA TYR G 59 -45.20 -16.65 8.22
C TYR G 59 -44.14 -17.49 8.92
N ILE G 60 -42.88 -17.09 8.78
CA ILE G 60 -41.78 -17.77 9.44
C ILE G 60 -41.02 -16.84 10.38
N ASP G 61 -40.92 -17.22 11.64
CA ASP G 61 -40.11 -16.47 12.59
C ASP G 61 -38.65 -16.89 12.43
N TYR G 62 -37.84 -16.00 11.86
CA TYR G 62 -36.43 -16.30 11.65
C TYR G 62 -35.53 -15.27 12.34
N SER G 63 -34.34 -15.71 12.72
CA SER G 63 -33.38 -14.84 13.39
C SER G 63 -32.77 -13.84 12.41
N SER G 64 -32.78 -12.56 12.79
CA SER G 64 -32.20 -11.51 11.96
C SER G 64 -31.90 -10.27 12.78
N LYS G 65 -30.98 -9.44 12.29
CA LYS G 65 -30.64 -8.19 12.95
C LYS G 65 -30.59 -7.02 11.97
N ARG G 66 -30.70 -7.33 10.69
CA ARG G 66 -30.74 -6.28 9.65
C ARG G 66 -32.19 -5.94 9.31
N TYR G 67 -32.62 -4.74 9.70
CA TYR G 67 -34.01 -4.34 9.53
C TYR G 67 -34.37 -4.00 8.09
N ILE G 68 -35.56 -4.42 7.68
CA ILE G 68 -36.10 -4.07 6.37
C ILE G 68 -37.46 -3.41 6.56
N PRO G 69 -37.57 -2.14 6.15
CA PRO G 69 -38.75 -1.30 6.39
C PRO G 69 -40.05 -1.92 5.91
N SER G 70 -41.03 -1.99 6.80
CA SER G 70 -42.37 -2.43 6.43
C SER G 70 -43.41 -1.45 6.98
N VAL G 71 -44.50 -1.28 6.24
CA VAL G 71 -45.55 -0.33 6.61
C VAL G 71 -46.13 -0.64 8.00
N ASN G 72 -46.53 0.41 8.71
CA ASN G 72 -47.10 0.30 10.06
C ASN G 72 -46.13 -0.25 11.10
N ASP G 73 -44.88 0.23 11.06
CA ASP G 73 -43.88 -0.18 12.04
C ASP G 73 -43.39 1.02 12.85
N PHE G 74 -43.32 0.85 14.17
CA PHE G 74 -42.77 1.88 15.04
C PHE G 74 -41.25 1.72 15.14
N VAL G 75 -40.52 2.73 14.68
CA VAL G 75 -39.07 2.65 14.60
C VAL G 75 -38.39 3.83 15.28
N ILE G 76 -37.13 3.64 15.66
CA ILE G 76 -36.33 4.73 16.23
C ILE G 76 -35.23 5.13 15.25
N GLY G 77 -35.37 6.32 14.68
CA GLY G 77 -34.41 6.80 13.71
C GLY G 77 -33.57 7.94 14.23
N VAL G 78 -32.47 8.22 13.54
CA VAL G 78 -31.61 9.34 13.92
C VAL G 78 -31.54 10.28 12.75
N ILE G 79 -31.83 11.55 12.98
CA ILE G 79 -31.74 12.52 11.90
C ILE G 79 -30.28 12.57 11.49
N ILE G 80 -30.03 12.54 10.18
CA ILE G 80 -28.66 12.63 9.69
C ILE G 80 -28.53 13.62 8.53
N GLY G 81 -29.63 14.20 8.07
CA GLY G 81 -29.54 14.98 6.86
C GLY G 81 -30.62 16.00 6.62
N THR G 82 -30.34 16.94 5.72
CA THR G 82 -31.36 17.89 5.30
C THR G 82 -31.60 17.84 3.83
N PHE G 83 -32.86 17.69 3.45
CA PHE G 83 -33.24 17.66 2.05
C PHE G 83 -34.46 18.55 1.92
N SER G 84 -34.62 19.18 0.77
CA SER G 84 -35.80 20.04 0.62
C SER G 84 -37.00 19.14 0.76
N ASP G 85 -37.96 19.56 1.58
CA ASP G 85 -39.20 18.82 1.75
C ASP G 85 -39.13 17.63 2.70
N SER G 86 -38.01 17.40 3.39
CA SER G 86 -38.01 16.28 4.33
C SER G 86 -36.68 16.11 5.06
N TYR G 87 -36.68 15.26 6.08
CA TYR G 87 -35.46 14.88 6.78
C TYR G 87 -34.91 13.60 6.20
N LYS G 88 -33.59 13.50 6.14
CA LYS G 88 -32.93 12.22 5.86
C LYS G 88 -32.63 11.55 7.19
N VAL G 89 -33.24 10.39 7.43
CA VAL G 89 -33.11 9.70 8.69
C VAL G 89 -32.58 8.28 8.50
N SER G 90 -31.69 7.83 9.38
CA SER G 90 -31.17 6.47 9.26
C SER G 90 -31.67 5.54 10.36
N LEU G 91 -32.42 4.51 9.96
CA LEU G 91 -32.90 3.48 10.87
C LEU G 91 -31.78 2.63 11.48
N GLN G 92 -30.80 2.29 10.65
CA GLN G 92 -29.74 1.35 11.02
C GLN G 92 -28.48 1.65 10.22
N ASN G 93 -27.32 1.49 10.87
CA ASN G 93 -26.05 1.75 10.21
C ASN G 93 -25.86 0.97 8.92
N PHE G 94 -25.30 1.65 7.92
CA PHE G 94 -25.01 1.08 6.60
C PHE G 94 -26.26 0.75 5.77
N SER G 95 -27.44 0.94 6.35
CA SER G 95 -28.68 0.70 5.63
C SER G 95 -29.06 1.91 4.79
N SER G 96 -29.97 1.70 3.84
CA SER G 96 -30.45 2.77 2.99
C SER G 96 -31.25 3.77 3.82
N SER G 97 -31.01 5.05 3.59
CA SER G 97 -31.67 6.11 4.35
C SER G 97 -33.17 6.14 4.11
N VAL G 98 -33.89 6.70 5.08
CA VAL G 98 -35.34 6.84 5.00
C VAL G 98 -35.67 8.34 5.01
N SER G 99 -36.82 8.71 4.47
CA SER G 99 -37.20 10.12 4.42
C SER G 99 -38.31 10.46 5.41
N LEU G 100 -38.17 11.60 6.07
CA LEU G 100 -39.18 12.10 7.00
C LEU G 100 -39.60 13.50 6.58
N SER G 101 -40.79 13.60 5.99
CA SER G 101 -41.28 14.86 5.43
C SER G 101 -41.48 15.94 6.51
N TYR G 102 -41.28 17.19 6.11
CA TYR G 102 -41.50 18.32 7.01
C TYR G 102 -42.99 18.49 7.31
N MET G 103 -43.81 17.98 6.39
CA MET G 103 -45.26 18.07 6.47
C MET G 103 -45.86 17.32 7.65
N ALA G 104 -45.33 16.13 7.93
CA ALA G 104 -45.92 15.29 8.96
C ALA G 104 -45.28 15.49 10.32
N PHE G 105 -45.99 16.22 11.17
CA PHE G 105 -45.57 16.50 12.54
C PHE G 105 -46.82 16.82 13.35
N PRO G 106 -46.67 16.78 14.67
CA PRO G 106 -47.79 16.68 15.63
C PRO G 106 -48.76 17.84 15.56
N ASN G 107 -48.25 19.04 15.33
CA ASN G 107 -49.10 20.18 15.08
C ASN G 107 -48.59 20.73 13.77
N ALA G 108 -48.84 19.93 12.74
CA ALA G 108 -48.30 20.18 11.41
C ALA G 108 -48.93 21.35 10.71
N SER G 109 -48.10 22.08 9.98
CA SER G 109 -48.55 23.11 9.05
C SER G 109 -47.58 23.17 7.87
N LYS G 110 -48.10 23.45 6.68
CA LYS G 110 -47.22 23.57 5.53
C LYS G 110 -46.28 24.75 5.76
N LYS G 111 -46.84 25.85 6.24
CA LYS G 111 -46.04 26.99 6.67
C LYS G 111 -45.18 26.63 7.88
N ASN G 112 -45.78 25.89 8.81
CA ASN G 112 -45.12 25.51 10.05
C ASN G 112 -43.98 24.52 9.85
N ARG G 113 -42.88 24.71 10.58
CA ARG G 113 -41.73 23.83 10.40
C ARG G 113 -41.20 23.21 11.68
N PRO G 114 -40.61 22.04 11.53
CA PRO G 114 -40.02 21.29 12.63
C PRO G 114 -38.74 21.93 13.16
N THR G 115 -38.53 21.85 14.47
CA THR G 115 -37.35 22.43 15.12
C THR G 115 -36.19 21.45 15.25
N LEU G 116 -36.38 20.23 14.76
CA LEU G 116 -35.39 19.16 14.94
C LEU G 116 -34.05 19.47 14.26
N GLN G 117 -32.96 19.08 14.93
CA GLN G 117 -31.61 19.31 14.44
C GLN G 117 -30.85 18.00 14.27
N VAL G 118 -30.22 17.84 13.11
CA VAL G 118 -29.49 16.63 12.78
C VAL G 118 -28.80 16.04 14.01
N GLY G 119 -29.05 14.77 14.27
CA GLY G 119 -28.49 14.11 15.44
C GLY G 119 -29.56 13.79 16.48
N ASP G 120 -30.77 14.25 16.22
CA ASP G 120 -31.90 13.99 17.12
C ASP G 120 -32.48 12.60 16.88
N LEU G 121 -32.94 11.97 17.96
CA LEU G 121 -33.64 10.70 17.86
C LEU G 121 -35.14 10.96 17.68
N VAL G 122 -35.75 10.23 16.76
CA VAL G 122 -37.17 10.41 16.51
C VAL G 122 -37.92 9.11 16.71
N TYR G 123 -39.03 9.17 17.45
CA TYR G 123 -39.90 8.03 17.56
C TYR G 123 -40.86 8.21 16.40
N ALA G 124 -40.73 7.35 15.40
CA ALA G 124 -41.45 7.53 14.15
C ALA G 124 -42.07 6.25 13.65
N ARG G 125 -43.15 6.42 12.90
CA ARG G 125 -43.85 5.29 12.29
C ARG G 125 -43.58 5.25 10.79
N VAL G 126 -43.28 4.07 10.26
CA VAL G 126 -43.04 3.97 8.82
C VAL G 126 -44.33 3.68 8.06
N CYS G 127 -44.99 4.74 7.60
CA CYS G 127 -46.25 4.60 6.86
C CYS G 127 -46.12 3.88 5.53
N THR G 128 -45.07 4.22 4.77
CA THR G 128 -44.87 3.62 3.45
C THR G 128 -43.47 3.02 3.30
N ALA G 129 -43.42 1.77 2.82
CA ALA G 129 -42.15 1.11 2.59
C ALA G 129 -42.08 0.40 1.23
N GLU G 130 -41.97 1.16 0.15
CA GLU G 130 -41.83 0.53 -1.17
C GLU G 130 -40.47 -0.16 -1.27
N LYS G 131 -40.46 -1.32 -1.90
CA LYS G 131 -39.27 -2.15 -1.98
C LYS G 131 -38.17 -1.51 -2.82
N GLU G 132 -38.58 -0.82 -3.88
CA GLU G 132 -37.64 -0.22 -4.82
C GLU G 132 -37.65 1.29 -4.73
N LEU G 133 -37.79 1.81 -3.51
CA LEU G 133 -37.91 3.24 -3.30
C LEU G 133 -37.55 3.57 -1.85
N GLU G 134 -37.08 4.80 -1.62
CA GLU G 134 -36.62 5.20 -0.30
C GLU G 134 -37.75 5.15 0.72
N ALA G 135 -37.42 4.67 1.92
CA ALA G 135 -38.40 4.55 3.00
C ALA G 135 -38.87 5.92 3.47
N GLU G 136 -40.16 6.01 3.82
CA GLU G 136 -40.73 7.25 4.32
C GLU G 136 -41.21 7.07 5.76
N ILE G 137 -40.78 7.98 6.63
CA ILE G 137 -41.16 7.91 8.04
C ILE G 137 -41.97 9.14 8.44
N GLU G 138 -43.11 8.91 9.09
CA GLU G 138 -43.97 10.01 9.53
C GLU G 138 -44.19 10.00 11.05
N CYS G 139 -44.03 11.17 11.67
CA CYS G 139 -44.23 11.31 13.11
C CYS G 139 -45.70 11.15 13.51
N PHE G 140 -46.59 11.75 12.71
CA PHE G 140 -48.03 11.60 12.91
C PHE G 140 -48.64 10.78 11.78
N ASP G 141 -49.51 9.84 12.16
CA ASP G 141 -50.14 8.94 11.19
C ASP G 141 -51.65 9.09 11.16
N SER G 142 -52.21 8.93 9.96
CA SER G 142 -53.66 8.96 9.76
C SER G 142 -54.28 7.81 10.55
N THR G 143 -53.57 6.69 10.59
CA THR G 143 -53.98 5.54 11.38
C THR G 143 -54.03 5.96 12.84
N THR G 144 -53.10 6.83 13.22
CA THR G 144 -53.05 7.37 14.58
C THR G 144 -54.34 8.13 14.86
N GLY G 145 -54.89 8.77 13.84
CA GLY G 145 -56.16 9.46 13.98
C GLY G 145 -56.20 10.51 15.07
N ARG G 146 -55.21 11.38 15.06
CA ARG G 146 -55.14 12.51 16.00
C ARG G 146 -54.40 12.21 17.29
N ASP G 147 -53.91 10.98 17.44
CA ASP G 147 -53.05 10.66 18.57
C ASP G 147 -51.67 10.24 18.07
N ALA G 148 -50.64 10.96 18.48
CA ALA G 148 -49.28 10.64 18.08
C ALA G 148 -48.31 10.56 19.27
N GLY G 149 -47.57 9.45 19.36
CA GLY G 149 -46.50 9.34 20.33
C GLY G 149 -45.19 9.76 19.71
N PHE G 150 -45.25 10.08 18.42
CA PHE G 150 -44.06 10.41 17.63
C PHE G 150 -43.40 11.73 18.00
N GLY G 151 -42.08 11.75 17.90
CA GLY G 151 -41.29 12.96 18.06
C GLY G 151 -39.92 12.72 18.66
N ILE G 152 -39.29 13.80 19.09
CA ILE G 152 -37.93 13.76 19.61
C ILE G 152 -37.82 12.97 20.92
N LEU G 153 -36.69 12.29 21.08
CA LEU G 153 -36.34 11.67 22.34
C LEU G 153 -35.19 12.49 22.91
N GLU G 154 -35.32 12.92 24.16
CA GLU G 154 -34.34 13.82 24.74
C GLU G 154 -33.38 13.08 25.65
N ASP G 155 -32.08 13.26 25.38
CA ASP G 155 -31.05 12.60 26.17
C ASP G 155 -31.23 11.09 26.14
N GLY G 156 -31.23 10.48 27.31
CA GLY G 156 -31.33 9.04 27.45
C GLY G 156 -30.19 8.31 26.78
N MET G 157 -30.32 6.99 26.68
CA MET G 157 -29.33 6.17 26.00
C MET G 157 -30.02 5.19 25.06
N ILE G 158 -29.43 4.97 23.88
CA ILE G 158 -30.02 4.06 22.90
C ILE G 158 -29.28 2.73 22.90
N ILE G 159 -30.00 1.65 22.65
CA ILE G 159 -29.36 0.33 22.65
C ILE G 159 -29.62 -0.55 21.42
N ASP G 160 -28.55 -1.14 20.90
CA ASP G 160 -28.64 -2.05 19.76
C ASP G 160 -29.16 -3.41 20.23
N VAL G 161 -30.04 -4.00 19.44
CA VAL G 161 -30.75 -5.21 19.82
C VAL G 161 -31.25 -5.92 18.55
N ASN G 162 -31.16 -7.25 18.53
CA ASN G 162 -31.63 -8.01 17.37
C ASN G 162 -33.14 -7.90 17.19
N LEU G 163 -33.60 -7.96 15.94
CA LEU G 163 -35.00 -7.74 15.60
C LEU G 163 -35.98 -8.60 16.40
N ASN G 164 -35.58 -9.83 16.69
CA ASN G 164 -36.43 -10.75 17.45
C ASN G 164 -36.64 -10.26 18.87
N PHE G 165 -35.56 -9.82 19.52
CA PHE G 165 -35.62 -9.34 20.88
C PHE G 165 -36.46 -8.08 20.99
N ALA G 166 -36.39 -7.25 19.96
CA ALA G 166 -37.14 -6.00 19.93
C ALA G 166 -38.62 -6.26 19.68
N ARG G 167 -38.91 -7.20 18.79
CA ARG G 167 -40.29 -7.58 18.49
C ARG G 167 -40.99 -8.16 19.72
N GLN G 168 -40.27 -9.00 20.46
CA GLN G 168 -40.80 -9.61 21.67
C GLN G 168 -41.03 -8.55 22.75
N LEU G 169 -40.19 -7.52 22.77
CA LEU G 169 -40.28 -6.48 23.77
C LEU G 169 -41.45 -5.54 23.50
N LEU G 170 -41.89 -5.49 22.25
CA LEU G 170 -42.93 -4.55 21.84
C LEU G 170 -44.33 -5.17 21.80
N PHE G 171 -44.41 -6.44 21.41
CA PHE G 171 -45.69 -7.08 21.20
C PHE G 171 -46.05 -8.14 22.26
N ASN G 172 -45.04 -8.69 22.92
CA ASN G 172 -45.26 -9.73 23.92
C ASN G 172 -45.33 -9.16 25.33
N ASN G 173 -46.46 -9.35 25.99
CA ASN G 173 -46.66 -8.84 27.34
C ASN G 173 -46.11 -9.78 28.41
N ASP G 174 -45.79 -11.00 28.01
CA ASP G 174 -45.24 -11.99 28.93
C ASP G 174 -43.73 -11.82 29.09
N PHE G 175 -43.14 -10.92 28.32
CA PHE G 175 -41.71 -10.64 28.39
C PHE G 175 -41.41 -9.88 29.67
N PRO G 176 -40.67 -10.51 30.59
CA PRO G 176 -40.45 -10.00 31.96
C PRO G 176 -39.51 -8.81 32.04
N LEU G 177 -38.84 -8.48 30.93
CA LEU G 177 -37.80 -7.45 30.94
C LEU G 177 -38.27 -6.09 31.46
N LEU G 178 -39.41 -5.63 30.96
CA LEU G 178 -39.96 -4.37 31.45
C LEU G 178 -40.30 -4.45 32.93
N LYS G 179 -40.91 -5.55 33.34
CA LYS G 179 -41.31 -5.75 34.74
C LYS G 179 -40.12 -5.81 35.72
N VAL G 180 -39.07 -6.52 35.34
CA VAL G 180 -37.90 -6.66 36.18
C VAL G 180 -37.19 -5.33 36.36
N LEU G 181 -37.34 -4.44 35.37
CA LEU G 181 -36.72 -3.12 35.43
C LEU G 181 -37.60 -2.12 36.15
N ALA G 182 -38.86 -2.49 36.36
CA ALA G 182 -39.81 -1.62 37.05
C ALA G 182 -39.79 -1.87 38.55
N ALA G 183 -39.31 -3.03 38.96
CA ALA G 183 -39.23 -3.39 40.37
C ALA G 183 -37.96 -2.86 41.00
N HIS G 184 -37.22 -2.05 40.25
CA HIS G 184 -35.97 -1.47 40.73
C HIS G 184 -35.94 0.05 40.63
N THR G 185 -36.46 0.56 39.52
CA THR G 185 -36.48 1.98 39.24
C THR G 185 -37.57 2.27 38.22
N LYS G 186 -37.94 3.55 38.09
CA LYS G 186 -38.97 3.95 37.15
C LYS G 186 -38.40 4.84 36.04
N PHE G 187 -38.54 4.39 34.80
CA PHE G 187 -38.04 5.14 33.66
C PHE G 187 -38.88 4.89 32.42
N GLU G 188 -38.70 5.74 31.41
CA GLU G 188 -39.44 5.60 30.16
C GLU G 188 -38.64 4.84 29.11
N VAL G 189 -39.34 4.21 28.17
CA VAL G 189 -38.69 3.45 27.12
C VAL G 189 -39.41 3.54 25.77
N ALA G 190 -38.64 3.78 24.72
CA ALA G 190 -39.15 3.73 23.35
C ALA G 190 -38.62 2.48 22.67
N ILE G 191 -39.50 1.75 22.00
CA ILE G 191 -39.12 0.50 21.37
C ILE G 191 -39.31 0.53 19.85
N GLY G 192 -38.23 0.30 19.12
CA GLY G 192 -38.28 0.31 17.67
C GLY G 192 -38.14 -1.07 17.07
N LEU G 193 -38.96 -1.35 16.05
CA LEU G 193 -38.92 -2.65 15.38
C LEU G 193 -37.66 -2.80 14.51
N ASN G 194 -36.89 -1.72 14.40
CA ASN G 194 -35.63 -1.75 13.68
C ASN G 194 -34.46 -2.14 14.58
N GLY G 195 -34.79 -2.70 15.74
CA GLY G 195 -33.78 -3.17 16.67
C GLY G 195 -33.11 -2.08 17.47
N LYS G 196 -33.86 -1.05 17.84
CA LYS G 196 -33.35 0.04 18.66
C LYS G 196 -34.22 0.21 19.90
N ILE G 197 -33.58 0.36 21.06
CA ILE G 197 -34.31 0.58 22.31
C ILE G 197 -33.79 1.82 23.02
N TRP G 198 -34.68 2.77 23.27
CA TRP G 198 -34.31 4.01 23.93
C TRP G 198 -34.71 3.98 25.41
N VAL G 199 -33.75 4.26 26.28
CA VAL G 199 -34.00 4.21 27.73
C VAL G 199 -33.55 5.51 28.39
N LYS G 200 -34.41 6.05 29.25
CA LYS G 200 -34.08 7.23 30.02
C LYS G 200 -34.55 7.09 31.46
N CYS G 201 -33.75 7.58 32.39
CA CYS G 201 -34.16 7.72 33.78
C CYS G 201 -33.86 9.13 34.27
N GLU G 202 -34.13 9.38 35.55
CA GLU G 202 -33.84 10.67 36.14
C GLU G 202 -32.34 10.82 36.39
N GLU G 203 -31.69 9.73 36.78
CA GLU G 203 -30.25 9.73 37.02
C GLU G 203 -29.54 8.84 36.01
N LEU G 204 -28.31 9.22 35.67
CA LEU G 204 -27.54 8.49 34.66
C LEU G 204 -27.20 7.07 35.11
N SER G 205 -26.94 6.91 36.41
CA SER G 205 -26.56 5.60 36.94
C SER G 205 -27.65 4.56 36.74
N ASN G 206 -28.90 5.01 36.80
CA ASN G 206 -30.04 4.12 36.58
C ASN G 206 -30.22 3.78 35.10
N THR G 207 -30.04 4.77 34.24
CA THR G 207 -30.11 4.56 32.81
C THR G 207 -29.00 3.61 32.37
N LEU G 208 -27.80 3.82 32.92
CA LEU G 208 -26.66 2.97 32.65
C LEU G 208 -26.93 1.54 33.10
N ALA G 209 -27.55 1.41 34.27
CA ALA G 209 -27.88 0.09 34.81
C ALA G 209 -28.90 -0.61 33.91
N CYS G 210 -29.84 0.16 33.38
CA CYS G 210 -30.83 -0.39 32.46
C CYS G 210 -30.17 -0.83 31.16
N TYR G 211 -29.25 0.00 30.66
CA TYR G 211 -28.50 -0.31 29.45
C TYR G 211 -27.79 -1.64 29.58
N ARG G 212 -27.07 -1.80 30.68
CA ARG G 212 -26.28 -3.01 30.91
C ARG G 212 -27.16 -4.26 31.05
N THR G 213 -28.32 -4.10 31.66
CA THR G 213 -29.25 -5.23 31.81
C THR G 213 -29.81 -5.66 30.47
N ILE G 214 -30.28 -4.71 29.67
CA ILE G 214 -30.91 -5.06 28.41
C ILE G 214 -29.94 -5.82 27.50
N MET G 215 -28.68 -5.37 27.46
CA MET G 215 -27.67 -6.06 26.66
C MET G 215 -27.39 -7.47 27.15
N GLU G 216 -27.29 -7.63 28.47
CA GLU G 216 -27.03 -8.94 29.06
C GLU G 216 -28.16 -9.93 28.81
N CYS G 217 -29.38 -9.43 28.93
CA CYS G 217 -30.59 -10.22 28.71
C CYS G 217 -30.79 -10.55 27.24
N CYS G 218 -30.39 -9.61 26.38
CA CYS G 218 -30.46 -9.82 24.95
C CYS G 218 -29.44 -10.87 24.52
N GLN G 219 -28.33 -10.92 25.24
CA GLN G 219 -27.23 -11.84 24.92
C GLN G 219 -27.57 -13.28 25.32
N LYS G 220 -28.10 -13.45 26.53
CA LYS G 220 -28.40 -14.78 27.05
C LYS G 220 -29.68 -15.37 26.45
N ASN G 221 -30.69 -14.52 26.28
CA ASN G 221 -31.99 -14.94 25.78
C ASN G 221 -32.62 -16.04 26.62
N ASP G 222 -32.32 -16.03 27.91
CA ASP G 222 -32.93 -16.96 28.85
C ASP G 222 -33.90 -16.20 29.75
N THR G 223 -35.18 -16.43 29.52
CA THR G 223 -36.23 -15.60 30.06
C THR G 223 -36.11 -15.59 31.56
N ALA G 224 -35.74 -16.71 32.14
CA ALA G 224 -35.62 -16.86 33.60
C ALA G 224 -34.57 -15.94 34.23
N ALA G 225 -33.45 -15.77 33.52
CA ALA G 225 -32.25 -15.12 34.06
C ALA G 225 -32.39 -13.65 34.48
N PHE G 226 -33.19 -12.87 33.74
CA PHE G 226 -33.16 -11.41 33.85
C PHE G 226 -33.51 -10.83 35.23
N LYS G 227 -34.51 -11.39 35.91
CA LYS G 227 -34.90 -10.87 37.22
C LYS G 227 -33.77 -11.02 38.22
N ASP G 228 -33.09 -12.16 38.16
CA ASP G 228 -31.92 -12.46 38.96
C ASP G 228 -30.68 -11.79 38.37
N ILE G 229 -30.57 -11.82 37.06
CA ILE G 229 -29.46 -11.18 36.35
C ILE G 229 -29.50 -9.67 36.59
N ALA G 230 -30.70 -9.13 36.60
CA ALA G 230 -30.91 -7.70 36.84
C ALA G 230 -30.44 -7.34 38.25
N LYS G 231 -30.68 -8.23 39.20
CA LYS G 231 -30.34 -7.97 40.60
C LYS G 231 -28.85 -7.75 40.80
N ARG G 232 -28.02 -8.54 40.12
CA ARG G 232 -26.58 -8.36 40.22
C ARG G 232 -26.11 -7.06 39.57
N GLN G 233 -26.79 -6.67 38.49
CA GLN G 233 -26.46 -5.44 37.77
C GLN G 233 -26.71 -4.18 38.59
N PHE G 234 -27.85 -4.16 39.30
CA PHE G 234 -28.20 -3.02 40.13
C PHE G 234 -27.20 -2.86 41.25
N LYS G 235 -26.80 -4.00 41.81
CA LYS G 235 -25.85 -4.03 42.91
C LYS G 235 -24.48 -3.47 42.51
N GLU G 236 -24.03 -3.80 41.30
CA GLU G 236 -22.66 -3.45 40.91
C GLU G 236 -22.48 -1.94 40.74
N ILE G 237 -23.55 -1.26 40.34
CA ILE G 237 -23.49 0.18 40.14
C ILE G 237 -23.20 0.91 41.45
N LEU G 238 -23.83 0.44 42.53
CA LEU G 238 -23.65 1.04 43.85
C LEU G 238 -22.28 0.68 44.43
N THR G 239 -21.54 -0.18 43.73
CA THR G 239 -20.22 -0.60 44.17
C THR G 239 -19.26 0.57 44.25
N VAL G 240 -19.34 1.46 43.26
CA VAL G 240 -18.48 2.64 43.19
C VAL G 240 -17.04 2.30 43.56
N SER H 4 16.73 48.22 -27.37
CA SER H 4 15.74 47.16 -27.28
C SER H 4 16.19 46.04 -26.35
N GLU H 5 15.32 45.66 -25.42
CA GLU H 5 15.63 44.60 -24.47
C GLU H 5 14.69 43.41 -24.63
N VAL H 6 15.27 42.23 -24.86
CA VAL H 6 14.48 41.03 -25.08
C VAL H 6 13.67 40.62 -23.84
N ILE H 7 14.31 40.69 -22.69
CA ILE H 7 13.70 40.28 -21.43
C ILE H 7 14.38 40.92 -20.24
N THR H 8 13.70 40.92 -19.09
CA THR H 8 14.33 41.34 -17.85
C THR H 8 14.37 40.12 -16.92
N ILE H 9 15.57 39.75 -16.49
CA ILE H 9 15.75 38.67 -15.54
C ILE H 9 16.48 39.26 -14.34
N THR H 10 15.98 39.01 -13.14
CA THR H 10 16.64 39.51 -11.93
C THR H 10 17.25 38.34 -11.18
N LYS H 11 18.55 38.42 -10.91
CA LYS H 11 19.25 37.26 -10.35
C LYS H 11 19.73 37.46 -8.91
N ARG H 12 20.01 36.36 -8.24
CA ARG H 12 20.37 36.35 -6.82
C ARG H 12 21.00 35.02 -6.47
N ASN H 13 22.07 35.04 -5.68
CA ASN H 13 22.80 33.81 -5.34
C ASN H 13 22.82 33.50 -3.86
N GLY H 14 22.97 32.21 -3.54
CA GLY H 14 23.13 31.75 -2.18
C GLY H 14 21.92 31.91 -1.28
N ALA H 15 20.81 32.34 -1.86
CA ALA H 15 19.59 32.56 -1.08
C ALA H 15 18.32 32.12 -1.82
N PHE H 16 17.40 31.52 -1.07
CA PHE H 16 16.10 31.14 -1.62
C PHE H 16 15.26 32.35 -2.04
N GLN H 17 15.26 33.38 -1.20
CA GLN H 17 14.43 34.57 -1.43
C GLN H 17 15.08 35.84 -0.90
N ASN H 18 14.64 36.99 -1.41
CA ASN H 18 15.18 38.28 -0.97
C ASN H 18 14.80 38.54 0.49
N SER H 19 15.73 39.14 1.23
CA SER H 19 15.50 39.46 2.64
C SER H 19 16.66 40.25 3.22
N SER H 52 0.64 57.61 14.81
CA SER H 52 -0.49 56.70 14.68
C SER H 52 -0.10 55.27 15.05
N ASP H 53 -0.70 54.76 16.12
CA ASP H 53 -0.41 53.40 16.59
C ASP H 53 -1.66 52.53 16.54
N SER H 54 -1.51 51.35 15.95
CA SER H 54 -2.63 50.42 15.83
C SER H 54 -2.35 49.13 16.60
N GLN H 55 -3.31 48.72 17.43
CA GLN H 55 -3.17 47.51 18.23
C GLN H 55 -3.09 46.26 17.36
N ILE H 56 -2.25 45.32 17.76
CA ILE H 56 -2.10 44.06 17.02
C ILE H 56 -2.12 42.88 17.98
N VAL H 57 -2.57 41.73 17.48
CA VAL H 57 -2.65 40.53 18.30
C VAL H 57 -2.55 39.26 17.46
N THR H 58 -2.07 38.19 18.08
CA THR H 58 -1.92 36.89 17.41
C THR H 58 -2.86 35.88 18.06
N PRO H 59 -3.14 34.75 17.36
CA PRO H 59 -3.99 33.71 17.94
C PRO H 59 -3.50 33.23 19.32
N GLY H 60 -4.43 33.13 20.27
CA GLY H 60 -4.09 32.69 21.61
C GLY H 60 -3.78 33.82 22.57
N GLU H 61 -3.52 35.00 22.07
CA GLU H 61 -3.23 36.18 22.90
C GLU H 61 -4.47 36.67 23.63
N LEU H 62 -4.29 37.04 24.89
CA LEU H 62 -5.38 37.55 25.71
C LEU H 62 -5.69 39.01 25.37
N VAL H 63 -6.93 39.27 24.95
CA VAL H 63 -7.33 40.61 24.54
C VAL H 63 -7.91 41.40 25.72
N THR H 64 -8.80 40.78 26.47
CA THR H 64 -9.42 41.44 27.62
C THR H 64 -9.93 40.43 28.64
N ASP H 65 -10.28 40.93 29.82
CA ASP H 65 -10.82 40.07 30.87
C ASP H 65 -12.13 40.65 31.42
N ASP H 66 -12.82 41.41 30.58
CA ASP H 66 -14.10 41.98 30.95
C ASP H 66 -15.24 41.15 30.36
N PRO H 67 -15.97 40.42 31.23
CA PRO H 67 -17.03 39.50 30.80
C PRO H 67 -18.25 40.20 30.22
N ILE H 68 -18.32 41.53 30.35
CA ILE H 68 -19.45 42.28 29.83
C ILE H 68 -19.44 42.31 28.30
N TRP H 69 -18.24 42.25 27.72
CA TRP H 69 -18.08 42.29 26.26
C TRP H 69 -18.87 41.22 25.52
N MET H 70 -19.34 41.56 24.33
CA MET H 70 -19.90 40.57 23.41
C MET H 70 -18.83 40.18 22.41
N ARG H 71 -18.42 38.92 22.43
CA ARG H 71 -17.34 38.44 21.58
C ARG H 71 -17.81 38.25 20.14
N GLY H 72 -17.10 38.87 19.20
CA GLY H 72 -17.43 38.76 17.79
C GLY H 72 -16.47 37.87 17.04
N HIS H 73 -16.36 38.09 15.73
CA HIS H 73 -15.46 37.29 14.89
C HIS H 73 -14.01 37.52 15.26
N GLY H 74 -13.17 36.52 15.02
CA GLY H 74 -11.75 36.62 15.30
C GLY H 74 -11.40 36.38 16.76
N THR H 75 -12.41 36.08 17.57
CA THR H 75 -12.20 35.87 18.99
C THR H 75 -12.81 34.57 19.50
N TYR H 76 -12.41 34.18 20.70
CA TYR H 76 -13.07 33.11 21.44
C TYR H 76 -12.84 33.36 22.93
N PHE H 77 -13.69 32.79 23.77
CA PHE H 77 -13.66 33.13 25.19
C PHE H 77 -13.81 31.95 26.13
N LEU H 78 -13.38 32.17 27.37
CA LEU H 78 -13.55 31.19 28.44
C LEU H 78 -13.77 31.95 29.74
N ASP H 79 -15.01 31.94 30.22
CA ASP H 79 -15.43 32.74 31.38
C ASP H 79 -15.20 34.23 31.11
N ASN H 80 -14.27 34.83 31.86
CA ASN H 80 -14.00 36.26 31.72
C ASN H 80 -12.99 36.58 30.63
N MET H 81 -12.08 35.64 30.37
CA MET H 81 -11.01 35.85 29.41
C MET H 81 -11.49 35.77 27.96
N THR H 82 -11.09 36.76 27.16
CA THR H 82 -11.37 36.76 25.73
C THR H 82 -10.07 36.70 24.94
N TYR H 83 -9.93 35.67 24.11
CA TYR H 83 -8.73 35.49 23.30
C TYR H 83 -9.03 35.65 21.82
N SER H 84 -8.05 36.14 21.07
CA SER H 84 -8.20 36.34 19.63
C SER H 84 -8.15 35.01 18.88
N SER H 85 -8.90 34.94 17.79
CA SER H 85 -8.94 33.72 16.98
C SER H 85 -8.26 33.94 15.62
N VAL H 86 -7.47 34.99 15.53
CA VAL H 86 -6.76 35.32 14.30
C VAL H 86 -5.74 36.43 14.52
N ALA H 87 -4.85 36.60 13.54
CA ALA H 87 -3.81 37.61 13.63
C ALA H 87 -4.33 38.89 12.99
N GLY H 88 -4.53 39.92 13.82
CA GLY H 88 -5.04 41.20 13.33
C GLY H 88 -5.08 42.26 14.39
N THR H 89 -5.86 43.30 14.15
CA THR H 89 -5.96 44.43 15.07
C THR H 89 -7.24 44.36 15.90
N VAL H 90 -7.12 44.68 17.18
CA VAL H 90 -8.27 44.68 18.08
C VAL H 90 -9.21 45.83 17.74
N SER H 91 -10.50 45.51 17.57
CA SER H 91 -11.50 46.52 17.23
C SER H 91 -12.54 46.67 18.33
N ARG H 92 -12.80 47.92 18.73
CA ARG H 92 -13.81 48.19 19.74
C ARG H 92 -14.89 49.13 19.21
N VAL H 93 -16.05 48.58 18.91
CA VAL H 93 -17.21 49.37 18.52
C VAL H 93 -18.29 49.23 19.58
N ASN H 94 -18.56 50.32 20.29
CA ASN H 94 -19.47 50.31 21.43
C ASN H 94 -19.03 49.31 22.50
N ARG H 95 -19.86 48.29 22.72
CA ARG H 95 -19.54 47.22 23.67
C ARG H 95 -19.05 45.95 22.97
N LEU H 96 -18.89 46.02 21.65
CA LEU H 96 -18.60 44.84 20.83
C LEU H 96 -17.12 44.72 20.51
N LEU H 97 -16.43 43.82 21.22
CA LEU H 97 -15.01 43.61 20.99
C LEU H 97 -14.81 42.53 19.93
N SER H 98 -14.05 42.88 18.89
CA SER H 98 -13.72 41.93 17.83
C SER H 98 -12.30 42.19 17.33
N VAL H 99 -11.72 41.19 16.68
CA VAL H 99 -10.39 41.35 16.10
C VAL H 99 -10.44 41.25 14.58
N ILE H 100 -10.11 42.36 13.91
CA ILE H 100 -10.12 42.40 12.46
C ILE H 100 -8.86 41.76 11.89
N PRO H 101 -9.02 40.67 11.14
CA PRO H 101 -7.89 39.93 10.56
C PRO H 101 -7.11 40.77 9.56
N LEU H 102 -5.80 40.54 9.49
CA LEU H 102 -4.94 41.10 8.46
C LEU H 102 -5.24 40.56 7.06
N LYS H 103 -5.50 39.25 6.98
CA LYS H 103 -5.64 38.55 5.71
C LYS H 103 -6.85 37.61 5.70
N GLY H 104 -7.34 37.29 4.50
CA GLY H 104 -8.54 36.49 4.38
C GLY H 104 -9.26 36.77 3.07
N ARG H 105 -10.07 35.82 2.63
CA ARG H 105 -10.81 35.96 1.38
C ARG H 105 -11.90 37.03 1.48
N TYR H 106 -12.44 37.41 0.32
CA TYR H 106 -13.54 38.36 0.26
C TYR H 106 -14.76 37.83 1.00
N ALA H 107 -15.29 38.63 1.91
CA ALA H 107 -16.41 38.19 2.71
C ALA H 107 -17.65 38.90 2.20
N PRO H 108 -18.63 38.13 1.76
CA PRO H 108 -19.83 38.73 1.18
C PRO H 108 -20.65 39.45 2.25
N GLU H 109 -21.08 40.66 1.92
CA GLU H 109 -22.07 41.35 2.71
C GLU H 109 -23.31 41.57 1.86
N THR H 110 -24.48 41.67 2.49
CA THR H 110 -25.72 41.87 1.76
C THR H 110 -25.78 43.24 1.09
N GLY H 111 -25.92 43.24 -0.23
CA GLY H 111 -26.01 44.47 -0.99
C GLY H 111 -24.75 44.85 -1.73
N ASP H 112 -23.75 43.97 -1.70
CA ASP H 112 -22.49 44.23 -2.38
C ASP H 112 -22.64 44.10 -3.90
N HIS H 113 -21.90 44.94 -4.63
CA HIS H 113 -21.86 44.84 -6.08
C HIS H 113 -20.66 44.01 -6.50
N VAL H 114 -20.90 42.77 -6.91
CA VAL H 114 -19.81 41.85 -7.24
C VAL H 114 -19.81 41.45 -8.70
N VAL H 115 -18.65 41.02 -9.18
CA VAL H 115 -18.50 40.46 -10.51
C VAL H 115 -18.11 38.99 -10.35
N GLY H 116 -18.85 38.09 -10.99
CA GLY H 116 -18.61 36.67 -10.81
C GLY H 116 -18.68 35.88 -12.10
N ARG H 117 -18.15 34.66 -12.05
CA ARG H 117 -18.17 33.76 -13.20
C ARG H 117 -19.00 32.52 -12.89
N ILE H 118 -19.87 32.14 -13.81
CA ILE H 118 -20.70 30.96 -13.65
C ILE H 118 -19.85 29.69 -13.57
N ALA H 119 -19.89 29.03 -12.43
CA ALA H 119 -19.11 27.81 -12.22
C ALA H 119 -19.88 26.58 -12.69
N GLU H 120 -21.16 26.52 -12.36
CA GLU H 120 -21.99 25.39 -12.75
C GLU H 120 -23.45 25.79 -12.87
N VAL H 121 -24.22 24.99 -13.60
CA VAL H 121 -25.66 25.23 -13.79
C VAL H 121 -26.46 23.98 -13.46
N GLY H 122 -27.34 24.07 -12.47
CA GLY H 122 -28.11 22.92 -12.07
C GLY H 122 -29.51 23.29 -11.65
N ASN H 123 -30.46 22.40 -11.90
CA ASN H 123 -31.81 22.64 -11.43
C ASN H 123 -32.31 23.98 -11.96
N LYS H 124 -32.77 24.81 -11.04
CA LYS H 124 -33.33 26.12 -11.35
C LYS H 124 -32.46 27.22 -10.77
N ARG H 125 -31.16 26.98 -10.77
CA ARG H 125 -30.23 27.92 -10.13
C ARG H 125 -28.89 28.00 -10.86
N TRP H 126 -28.21 29.12 -10.68
CA TRP H 126 -26.88 29.29 -11.21
C TRP H 126 -25.90 29.47 -10.09
N LYS H 127 -24.82 28.71 -10.13
CA LYS H 127 -23.79 28.82 -9.11
C LYS H 127 -22.63 29.59 -9.72
N VAL H 128 -22.22 30.67 -9.06
CA VAL H 128 -21.24 31.57 -9.65
C VAL H 128 -20.03 31.78 -8.74
N ASP H 129 -18.85 31.80 -9.33
CA ASP H 129 -17.61 32.01 -8.60
C ASP H 129 -17.41 33.50 -8.32
N ILE H 130 -17.45 33.86 -7.04
CA ILE H 130 -17.24 35.25 -6.64
C ILE H 130 -15.82 35.45 -6.14
N GLY H 131 -15.32 34.47 -5.39
CA GLY H 131 -13.97 34.54 -4.86
C GLY H 131 -13.96 34.39 -3.35
N GLY H 132 -15.02 33.80 -2.82
CA GLY H 132 -15.14 33.57 -1.40
C GLY H 132 -14.88 32.13 -1.03
N LYS H 133 -15.30 31.74 0.17
CA LYS H 133 -15.13 30.37 0.63
C LYS H 133 -16.04 29.42 -0.14
N GLN H 134 -17.21 29.91 -0.54
CA GLN H 134 -18.18 29.09 -1.26
C GLN H 134 -18.70 29.81 -2.50
N HIS H 135 -19.18 29.03 -3.47
CA HIS H 135 -19.83 29.60 -4.64
C HIS H 135 -21.13 30.26 -4.21
N ALA H 136 -21.46 31.39 -4.82
CA ALA H 136 -22.74 32.04 -4.56
C ALA H 136 -23.80 31.41 -5.46
N VAL H 137 -25.06 31.50 -5.03
CA VAL H 137 -26.14 30.94 -5.83
C VAL H 137 -26.90 32.05 -6.58
N LEU H 138 -27.43 31.70 -7.74
CA LEU H 138 -28.23 32.63 -8.53
C LEU H 138 -29.47 31.92 -9.04
N MET H 139 -30.56 32.05 -8.29
CA MET H 139 -31.82 31.40 -8.64
C MET H 139 -32.33 31.89 -9.98
N LEU H 140 -33.08 31.03 -10.68
CA LEU H 140 -33.65 31.38 -11.97
C LEU H 140 -34.66 32.52 -11.84
N GLY H 141 -35.29 32.63 -10.68
CA GLY H 141 -36.29 33.66 -10.48
C GLY H 141 -35.79 35.10 -10.55
N SER H 142 -34.63 35.36 -9.98
CA SER H 142 -34.09 36.72 -9.87
C SER H 142 -33.77 37.40 -11.21
N VAL H 143 -33.18 36.66 -12.14
CA VAL H 143 -32.71 37.23 -13.40
C VAL H 143 -33.84 37.70 -14.31
N ASN H 144 -33.60 38.79 -15.04
CA ASN H 144 -34.55 39.27 -16.03
C ASN H 144 -34.50 38.41 -17.29
N LEU H 145 -35.56 37.65 -17.50
CA LEU H 145 -35.69 36.79 -18.67
C LEU H 145 -35.93 37.60 -19.93
N PRO H 146 -35.63 37.02 -21.09
CA PRO H 146 -35.79 37.73 -22.36
C PRO H 146 -37.25 38.13 -22.59
N GLY H 147 -37.43 39.33 -23.13
CA GLY H 147 -38.75 39.91 -23.31
C GLY H 147 -39.22 40.60 -22.04
N GLY H 148 -38.37 40.55 -21.03
CA GLY H 148 -38.60 41.26 -19.78
C GLY H 148 -39.90 40.94 -19.07
N ILE H 149 -40.59 41.99 -18.65
CA ILE H 149 -41.85 41.88 -17.93
C ILE H 149 -42.97 41.27 -18.77
N LEU H 150 -43.01 41.63 -20.04
CA LEU H 150 -44.13 41.24 -20.92
C LEU H 150 -44.27 39.73 -21.08
N ARG H 151 -43.15 39.03 -21.21
CA ARG H 151 -43.20 37.58 -21.41
C ARG H 151 -43.81 36.89 -20.20
N ARG H 152 -44.70 35.94 -20.45
CA ARG H 152 -45.30 35.15 -19.38
C ARG H 152 -44.25 34.22 -18.79
N LYS H 153 -44.37 33.91 -17.51
CA LYS H 153 -43.41 33.03 -16.87
C LYS H 153 -43.48 31.68 -17.57
N SER H 154 -42.32 31.09 -17.84
CA SER H 154 -42.27 29.87 -18.63
C SER H 154 -41.63 28.68 -17.91
N GLU H 155 -42.32 27.55 -17.95
CA GLU H 155 -41.77 26.28 -17.48
C GLU H 155 -40.51 25.90 -18.24
N SER H 156 -40.51 26.18 -19.53
CA SER H 156 -39.45 25.78 -20.46
C SER H 156 -38.08 26.36 -20.10
N ASP H 157 -38.07 27.60 -19.62
CA ASP H 157 -36.82 28.33 -19.39
C ASP H 157 -35.91 27.63 -18.40
N GLU H 158 -36.47 26.98 -17.39
CA GLU H 158 -35.63 26.32 -16.38
C GLU H 158 -34.78 25.23 -17.04
N LEU H 159 -35.40 24.48 -17.94
CA LEU H 159 -34.68 23.46 -18.72
C LEU H 159 -33.62 24.05 -19.64
N GLN H 160 -33.95 25.20 -20.23
CA GLN H 160 -33.16 25.81 -21.30
C GLN H 160 -32.21 26.92 -20.81
N MET H 161 -32.02 27.01 -19.51
CA MET H 161 -31.30 28.14 -18.92
C MET H 161 -29.86 28.27 -19.42
N ARG H 162 -29.14 27.15 -19.56
CA ARG H 162 -27.79 27.21 -20.09
C ARG H 162 -27.66 28.15 -21.28
N SER H 163 -28.66 28.15 -22.16
CA SER H 163 -28.61 29.02 -23.33
C SER H 163 -28.56 30.48 -22.90
N PHE H 164 -29.39 30.85 -21.93
CA PHE H 164 -29.36 32.19 -21.38
C PHE H 164 -28.05 32.49 -20.68
N LEU H 165 -27.57 31.52 -19.91
CA LEU H 165 -26.29 31.61 -19.22
C LEU H 165 -25.63 30.24 -19.15
N LYS H 166 -24.31 30.20 -19.07
CA LYS H 166 -23.60 28.92 -19.06
C LYS H 166 -22.27 29.03 -18.34
N GLU H 167 -21.57 27.91 -18.20
CA GLU H 167 -20.30 27.87 -17.50
C GLU H 167 -19.25 28.75 -18.16
N GLY H 168 -18.66 29.65 -17.39
CA GLY H 168 -17.60 30.52 -17.89
C GLY H 168 -18.02 31.95 -18.09
N ASP H 169 -19.33 32.19 -18.20
CA ASP H 169 -19.85 33.53 -18.43
C ASP H 169 -19.61 34.47 -17.26
N LEU H 170 -19.28 35.72 -17.58
CA LEU H 170 -19.10 36.75 -16.56
C LEU H 170 -20.35 37.61 -16.45
N LEU H 171 -20.58 38.18 -15.27
CA LEU H 171 -21.78 38.99 -15.06
C LEU H 171 -21.71 39.92 -13.85
N ASN H 172 -22.48 41.00 -13.91
CA ASN H 172 -22.69 41.86 -12.75
C ASN H 172 -23.79 41.25 -11.90
N ALA H 173 -23.69 41.42 -10.59
CA ALA H 173 -24.71 40.89 -9.69
C ALA H 173 -24.65 41.60 -8.33
N GLU H 174 -25.79 41.62 -7.65
CA GLU H 174 -25.86 42.21 -6.32
C GLU H 174 -26.17 41.13 -5.30
N VAL H 175 -25.45 41.15 -4.18
CA VAL H 175 -25.69 40.19 -3.10
C VAL H 175 -27.04 40.49 -2.46
N GLN H 176 -28.06 39.74 -2.88
CA GLN H 176 -29.41 39.94 -2.40
C GLN H 176 -29.57 39.55 -0.93
N SER H 177 -29.20 38.31 -0.62
CA SER H 177 -29.34 37.81 0.73
C SER H 177 -28.15 36.96 1.15
N LEU H 178 -28.17 36.48 2.39
CA LEU H 178 -27.08 35.66 2.92
C LEU H 178 -27.63 34.39 3.57
N PHE H 179 -26.92 33.29 3.37
CA PHE H 179 -27.29 32.03 3.99
C PHE H 179 -26.72 31.95 5.41
N GLN H 180 -27.10 30.90 6.13
CA GLN H 180 -26.70 30.74 7.53
C GLN H 180 -25.19 30.70 7.72
N ASP H 181 -24.51 29.95 6.85
CA ASP H 181 -23.06 29.83 6.93
C ASP H 181 -22.34 31.12 6.52
N GLY H 182 -22.99 31.90 5.66
CA GLY H 182 -22.41 33.14 5.19
C GLY H 182 -22.41 33.25 3.68
N SER H 183 -22.83 32.17 3.02
CA SER H 183 -22.89 32.15 1.56
C SER H 183 -23.82 33.23 1.04
N ALA H 184 -23.62 33.65 -0.20
CA ALA H 184 -24.40 34.74 -0.75
C ALA H 184 -25.39 34.25 -1.82
N SER H 185 -26.59 34.82 -1.78
CA SER H 185 -27.56 34.62 -2.84
C SER H 185 -27.56 35.87 -3.71
N LEU H 186 -27.35 35.67 -5.01
CA LEU H 186 -27.22 36.79 -5.93
C LEU H 186 -28.50 37.07 -6.69
N HIS H 187 -28.58 38.25 -7.29
CA HIS H 187 -29.69 38.60 -8.18
C HIS H 187 -29.21 39.59 -9.23
N THR H 188 -29.85 39.57 -10.39
CA THR H 188 -29.52 40.50 -11.46
C THR H 188 -30.79 41.21 -11.95
N ARG H 189 -31.74 41.39 -11.04
CA ARG H 189 -33.02 42.00 -11.38
C ARG H 189 -32.88 43.51 -11.62
N SER H 190 -32.10 43.87 -12.63
CA SER H 190 -31.86 45.26 -12.99
C SER H 190 -31.17 45.34 -14.33
N LEU H 191 -31.27 46.50 -14.98
CA LEU H 191 -30.58 46.73 -16.24
C LEU H 191 -29.10 46.95 -15.97
N LYS H 192 -28.81 47.46 -14.78
CA LYS H 192 -27.44 47.70 -14.35
C LYS H 192 -26.64 46.40 -14.26
N TYR H 193 -27.33 45.33 -13.88
CA TYR H 193 -26.70 44.02 -13.74
C TYR H 193 -26.97 43.13 -14.95
N GLY H 194 -26.10 42.15 -15.16
CA GLY H 194 -26.26 41.22 -16.27
C GLY H 194 -24.95 40.71 -16.83
N LYS H 195 -25.04 39.98 -17.93
CA LYS H 195 -23.88 39.38 -18.58
C LYS H 195 -22.91 40.42 -19.10
N LEU H 196 -21.61 40.15 -18.97
CA LEU H 196 -20.58 41.11 -19.35
C LEU H 196 -19.94 40.79 -20.70
N ARG H 197 -19.61 41.84 -21.45
CA ARG H 197 -19.00 41.68 -22.77
C ARG H 197 -18.23 42.93 -23.16
N ASN H 198 -17.77 42.98 -24.41
CA ASN H 198 -17.08 44.15 -24.95
C ASN H 198 -15.86 44.60 -24.15
N GLY H 199 -15.15 43.65 -23.55
CA GLY H 199 -13.99 44.00 -22.75
C GLY H 199 -13.11 42.86 -22.30
N MET H 200 -12.44 43.07 -21.17
CA MET H 200 -11.46 42.11 -20.66
C MET H 200 -11.54 42.03 -19.13
N PHE H 201 -11.17 40.88 -18.59
CA PHE H 201 -11.25 40.64 -17.15
C PHE H 201 -9.89 40.69 -16.47
N CYS H 202 -9.87 41.23 -15.25
CA CYS H 202 -8.69 41.20 -14.40
C CYS H 202 -9.13 41.25 -12.94
N GLN H 203 -8.28 40.75 -12.04
CA GLN H 203 -8.65 40.71 -10.62
C GLN H 203 -7.53 41.16 -9.70
N VAL H 204 -7.93 41.82 -8.61
CA VAL H 204 -7.01 42.27 -7.58
C VAL H 204 -7.52 41.74 -6.24
N PRO H 205 -6.64 41.71 -5.22
CA PRO H 205 -7.10 41.31 -3.88
C PRO H 205 -8.29 42.15 -3.43
N SER H 206 -9.31 41.49 -2.88
CA SER H 206 -10.56 42.16 -2.50
C SER H 206 -10.36 43.24 -1.44
N SER H 207 -9.24 43.18 -0.74
CA SER H 207 -8.94 44.16 0.30
C SER H 207 -8.64 45.54 -0.30
N LEU H 208 -8.30 45.57 -1.57
CA LEU H 208 -7.93 46.81 -2.25
C LEU H 208 -9.13 47.49 -2.88
N ILE H 209 -10.31 46.89 -2.73
CA ILE H 209 -11.54 47.50 -3.23
C ILE H 209 -12.61 47.49 -2.13
N VAL H 210 -13.05 48.69 -1.75
CA VAL H 210 -14.02 48.83 -0.67
C VAL H 210 -15.42 49.15 -1.20
N ARG H 211 -16.40 49.13 -0.30
CA ARG H 211 -17.77 49.48 -0.68
C ARG H 211 -17.88 50.98 -0.97
N ALA H 212 -18.79 51.33 -1.87
CA ALA H 212 -19.02 52.72 -2.23
C ALA H 212 -20.45 52.93 -2.73
N LYS H 213 -20.77 54.16 -3.07
CA LYS H 213 -22.10 54.50 -3.58
C LYS H 213 -22.34 53.83 -4.94
N ASN H 214 -21.26 53.69 -5.71
CA ASN H 214 -21.36 53.07 -7.02
C ASN H 214 -20.00 52.52 -7.47
N HIS H 215 -20.00 51.37 -8.12
CA HIS H 215 -18.76 50.70 -8.51
C HIS H 215 -18.52 50.70 -10.01
N THR H 216 -19.48 51.19 -10.78
CA THR H 216 -19.31 51.33 -12.22
C THR H 216 -18.90 52.77 -12.54
N HIS H 217 -17.78 52.94 -13.23
CA HIS H 217 -17.24 54.28 -13.46
C HIS H 217 -16.84 54.49 -14.92
N ASN H 218 -17.06 55.72 -15.40
CA ASN H 218 -16.64 56.09 -16.75
C ASN H 218 -15.31 56.80 -16.74
N LEU H 219 -14.42 56.39 -17.63
CA LEU H 219 -13.05 56.89 -17.64
C LEU H 219 -12.67 57.43 -19.03
N PRO H 220 -11.69 58.33 -19.09
CA PRO H 220 -11.21 58.85 -20.37
C PRO H 220 -10.69 57.74 -21.27
N GLY H 221 -11.03 57.81 -22.56
CA GLY H 221 -10.64 56.79 -23.52
C GLY H 221 -11.83 55.96 -23.95
N ASN H 222 -13.02 56.44 -23.57
CA ASN H 222 -14.28 55.76 -23.90
C ASN H 222 -14.39 54.34 -23.35
N ILE H 223 -13.77 54.10 -22.20
CA ILE H 223 -13.87 52.78 -21.55
C ILE H 223 -14.53 52.90 -20.19
N THR H 224 -15.13 51.80 -19.74
CA THR H 224 -15.84 51.78 -18.47
C THR H 224 -15.33 50.65 -17.58
N VAL H 225 -15.09 50.96 -16.31
CA VAL H 225 -14.63 49.96 -15.36
C VAL H 225 -15.78 49.49 -14.46
N VAL H 226 -15.77 48.20 -14.11
CA VAL H 226 -16.72 47.67 -13.14
C VAL H 226 -15.93 47.08 -11.98
N LEU H 227 -15.84 47.83 -10.88
CA LEU H 227 -15.03 47.44 -9.74
C LEU H 227 -15.83 46.64 -8.71
N GLY H 228 -15.91 45.33 -8.90
CA GLY H 228 -16.59 44.45 -7.96
C GLY H 228 -15.91 44.50 -6.60
N VAL H 229 -16.72 44.46 -5.54
CA VAL H 229 -16.20 44.53 -4.17
C VAL H 229 -15.37 43.29 -3.85
N ASN H 230 -15.65 42.21 -4.57
CA ASN H 230 -14.94 40.94 -4.37
C ASN H 230 -13.54 40.93 -4.97
N GLY H 231 -13.18 42.02 -5.67
CA GLY H 231 -11.88 42.12 -6.28
C GLY H 231 -11.89 41.81 -7.76
N TYR H 232 -13.00 41.29 -8.26
CA TYR H 232 -13.14 40.98 -9.67
C TYR H 232 -13.49 42.25 -10.45
N ILE H 233 -12.66 42.58 -11.43
CA ILE H 233 -12.80 43.84 -12.16
C ILE H 233 -13.06 43.59 -13.66
N TRP H 234 -14.00 44.35 -14.22
CA TRP H 234 -14.32 44.25 -15.63
C TRP H 234 -14.10 45.58 -16.35
N LEU H 235 -13.22 45.57 -17.34
CA LEU H 235 -12.94 46.75 -18.14
C LEU H 235 -13.53 46.57 -19.53
N ARG H 236 -14.48 47.42 -19.91
CA ARG H 236 -15.12 47.31 -21.21
C ARG H 236 -15.21 48.64 -21.93
N LYS H 237 -15.59 48.59 -23.20
CA LYS H 237 -15.89 49.78 -23.97
C LYS H 237 -17.17 50.42 -23.44
N THR H 238 -17.14 51.73 -23.24
CA THR H 238 -18.30 52.46 -22.72
C THR H 238 -19.51 52.28 -23.62
N SER H 239 -20.61 51.80 -23.03
CA SER H 239 -21.85 51.61 -23.77
C SER H 239 -22.80 52.79 -23.53
N GLN H 240 -23.94 52.78 -24.22
CA GLN H 240 -24.92 53.83 -24.09
C GLN H 240 -25.48 53.92 -22.67
N MET H 241 -25.60 52.76 -22.02
CA MET H 241 -26.07 52.70 -20.65
C MET H 241 -25.11 53.42 -19.71
N ASP H 242 -23.81 53.21 -19.94
CA ASP H 242 -22.76 53.83 -19.12
C ASP H 242 -22.81 55.35 -19.22
N LEU H 243 -23.23 55.86 -20.38
CA LEU H 243 -23.37 57.29 -20.58
C LEU H 243 -24.64 57.80 -19.93
N ALA H 244 -25.72 57.04 -20.05
CA ALA H 244 -27.02 57.43 -19.49
C ALA H 244 -27.04 57.35 -17.98
N ARG H 245 -26.04 56.68 -17.40
CA ARG H 245 -25.92 56.57 -15.94
C ARG H 245 -25.72 57.94 -15.30
N ASP H 246 -24.96 58.80 -15.96
CA ASP H 246 -24.68 60.14 -15.44
C ASP H 246 -25.28 61.21 -16.35
N THR H 247 -26.15 60.80 -17.27
CA THR H 247 -26.80 61.72 -18.19
C THR H 247 -28.22 61.27 -18.50
N SER H 278 -33.46 45.66 -27.29
CA SER H 278 -32.16 45.57 -26.62
C SER H 278 -32.23 44.68 -25.38
N SER H 279 -33.44 44.44 -24.89
CA SER H 279 -33.63 43.60 -23.72
C SER H 279 -33.59 42.12 -24.07
N TRP H 280 -33.49 41.82 -25.35
CA TRP H 280 -33.38 40.44 -25.81
C TRP H 280 -31.92 40.03 -25.92
N GLN H 281 -31.03 41.02 -26.01
CA GLN H 281 -29.61 40.77 -26.21
C GLN H 281 -28.79 41.17 -24.98
N ILE H 282 -29.34 40.91 -23.79
CA ILE H 282 -28.64 41.24 -22.55
C ILE H 282 -27.77 40.10 -22.06
N TYR H 283 -27.80 38.98 -22.78
CA TYR H 283 -27.00 37.81 -22.42
C TYR H 283 -26.18 37.31 -23.59
N SER H 284 -25.99 38.15 -24.61
CA SER H 284 -25.25 37.75 -25.80
C SER H 284 -23.74 37.80 -25.55
N ASP H 285 -23.04 36.77 -26.01
CA ASP H 285 -21.59 36.70 -25.87
C ASP H 285 -20.90 37.64 -26.86
N GLU H 286 -21.63 38.04 -27.90
CA GLU H 286 -20.97 38.72 -29.00
C GLU H 286 -20.40 40.06 -28.54
N ASN H 287 -19.11 40.24 -28.79
CA ASN H 287 -18.44 41.50 -28.52
C ASN H 287 -18.91 42.49 -29.57
N ASP H 288 -18.85 43.79 -29.25
CA ASP H 288 -19.32 44.77 -30.21
C ASP H 288 -18.46 44.60 -31.45
N PRO H 289 -19.11 44.61 -32.61
CA PRO H 289 -18.42 44.38 -33.88
C PRO H 289 -17.39 45.47 -34.13
N SER H 290 -17.75 46.69 -33.78
CA SER H 290 -16.91 47.85 -34.05
C SER H 290 -16.24 48.37 -32.78
N ILE H 291 -15.08 47.80 -32.46
CA ILE H 291 -14.29 48.28 -31.33
C ILE H 291 -12.90 48.69 -31.80
N SER H 292 -12.65 49.99 -31.73
CA SER H 292 -11.40 50.56 -32.25
C SER H 292 -10.17 50.09 -31.47
N ASN H 293 -9.02 50.18 -32.12
CA ASN H 293 -7.75 49.79 -31.52
C ASN H 293 -7.40 50.65 -30.31
N ASN H 294 -7.68 51.93 -30.40
CA ASN H 294 -7.40 52.86 -29.31
C ASN H 294 -8.19 52.47 -28.07
N ILE H 295 -9.43 52.07 -28.28
CA ILE H 295 -10.26 51.55 -27.19
C ILE H 295 -9.62 50.29 -26.64
N ARG H 296 -9.09 49.47 -27.54
CA ARG H 296 -8.39 48.24 -27.15
C ARG H 296 -7.05 48.54 -26.49
N GLN H 297 -6.32 49.50 -27.06
CA GLN H 297 -5.03 49.89 -26.51
C GLN H 297 -5.19 50.72 -25.24
N ALA H 298 -6.38 51.31 -25.07
CA ALA H 298 -6.71 52.02 -23.85
C ALA H 298 -6.98 51.04 -22.72
N ILE H 299 -7.73 49.98 -23.04
CA ILE H 299 -8.04 48.93 -22.08
C ILE H 299 -6.76 48.31 -21.53
N CYS H 300 -5.84 47.99 -22.43
CA CYS H 300 -4.55 47.41 -22.04
C CYS H 300 -3.79 48.32 -21.09
N ARG H 301 -3.85 49.63 -21.35
CA ARG H 301 -3.15 50.61 -20.54
C ARG H 301 -3.79 50.73 -19.17
N TYR H 302 -5.12 50.82 -19.14
CA TYR H 302 -5.85 50.93 -17.88
C TYR H 302 -5.66 49.69 -17.02
N ALA H 303 -5.69 48.51 -17.64
CA ALA H 303 -5.54 47.25 -16.92
C ALA H 303 -4.19 47.11 -16.23
N ASN H 304 -3.13 47.51 -16.92
CA ASN H 304 -1.78 47.42 -16.38
C ASN H 304 -1.60 48.28 -15.14
N VAL H 305 -2.17 49.48 -15.18
CA VAL H 305 -2.06 50.43 -14.07
C VAL H 305 -2.83 49.94 -12.84
N ILE H 306 -3.91 49.21 -13.08
CA ILE H 306 -4.68 48.60 -11.98
C ILE H 306 -3.82 47.53 -11.31
N LYS H 307 -3.15 46.72 -12.12
CA LYS H 307 -2.24 45.71 -11.60
C LYS H 307 -1.07 46.37 -10.88
N ALA H 308 -0.68 47.55 -11.33
CA ALA H 308 0.39 48.31 -10.71
C ALA H 308 -0.02 48.82 -9.33
N LEU H 309 -1.24 49.34 -9.24
CA LEU H 309 -1.79 49.79 -7.96
C LEU H 309 -1.91 48.62 -6.99
N ALA H 310 -2.31 47.47 -7.52
CA ALA H 310 -2.45 46.26 -6.72
C ALA H 310 -1.09 45.76 -6.24
N PHE H 311 -0.08 45.95 -7.08
CA PHE H 311 1.28 45.50 -6.75
C PHE H 311 1.86 46.28 -5.57
N CYS H 312 1.36 47.50 -5.38
CA CYS H 312 1.79 48.35 -4.30
C CYS H 312 0.94 48.10 -3.05
N GLU H 313 -0.01 47.18 -3.19
CA GLU H 313 -0.95 46.89 -2.11
C GLU H 313 -1.73 48.14 -1.74
N ILE H 314 -2.10 48.92 -2.75
CA ILE H 314 -2.89 50.13 -2.55
C ILE H 314 -4.26 49.99 -3.19
N GLY H 315 -5.31 50.28 -2.42
CA GLY H 315 -6.66 50.14 -2.90
C GLY H 315 -7.00 51.06 -4.05
N ILE H 316 -7.65 50.50 -5.06
CA ILE H 316 -7.97 51.21 -6.29
C ILE H 316 -9.01 52.30 -6.10
N THR H 317 -8.84 53.39 -6.84
CA THR H 317 -9.80 54.48 -6.84
C THR H 317 -10.07 54.90 -8.28
N GLN H 318 -11.26 55.42 -8.54
CA GLN H 318 -11.61 55.89 -9.87
C GLN H 318 -10.66 57.02 -10.23
N GLN H 319 -10.38 57.85 -9.23
CA GLN H 319 -9.47 58.98 -9.39
C GLN H 319 -8.03 58.50 -9.57
N ARG H 320 -7.63 57.52 -8.77
CA ARG H 320 -6.29 56.98 -8.84
C ARG H 320 -6.04 56.39 -10.22
N ILE H 321 -7.06 55.72 -10.76
CA ILE H 321 -6.92 55.04 -12.05
C ILE H 321 -6.67 56.03 -13.19
N VAL H 322 -7.54 57.04 -13.29
CA VAL H 322 -7.40 58.04 -14.35
C VAL H 322 -6.09 58.81 -14.20
N SER H 323 -5.73 59.12 -12.96
CA SER H 323 -4.48 59.81 -12.67
C SER H 323 -3.28 59.00 -13.15
N ALA H 324 -3.30 57.70 -12.86
CA ALA H 324 -2.22 56.81 -13.28
C ALA H 324 -2.20 56.64 -14.79
N TYR H 325 -3.40 56.60 -15.39
CA TYR H 325 -3.54 56.40 -16.82
C TYR H 325 -2.91 57.54 -17.62
N GLU H 326 -3.09 58.76 -17.14
CA GLU H 326 -2.53 59.93 -17.79
C GLU H 326 -1.04 60.08 -17.46
N ALA H 327 -0.66 59.68 -16.26
CA ALA H 327 0.72 59.75 -15.83
C ALA H 327 1.58 58.71 -16.56
N SER H 328 0.95 57.60 -16.95
CA SER H 328 1.66 56.52 -17.62
C SER H 328 1.94 56.86 -19.08
N MET H 329 1.36 57.96 -19.56
CA MET H 329 1.51 58.39 -20.94
C MET H 329 2.96 58.76 -21.27
N VAL H 330 3.76 58.97 -20.23
CA VAL H 330 5.20 59.22 -20.39
C VAL H 330 5.83 58.12 -21.21
N TYR H 331 5.44 56.88 -20.91
CA TYR H 331 5.98 55.71 -21.60
C TYR H 331 5.25 55.47 -22.92
N SER H 332 6.02 55.44 -24.01
CA SER H 332 5.48 55.26 -25.35
C SER H 332 4.73 53.94 -25.48
N ASN H 333 5.48 52.84 -25.40
CA ASN H 333 4.89 51.50 -25.51
C ASN H 333 4.12 51.11 -24.26
N VAL H 334 2.93 50.53 -24.45
CA VAL H 334 2.09 50.11 -23.34
C VAL H 334 2.71 48.94 -22.59
N GLY H 335 3.19 47.95 -23.33
CA GLY H 335 3.81 46.78 -22.74
C GLY H 335 4.89 47.13 -21.73
N GLU H 336 5.02 48.43 -21.46
CA GLU H 336 6.02 48.91 -20.50
C GLU H 336 5.37 49.29 -19.17
N LEU H 337 4.19 48.74 -18.92
CA LEU H 337 3.46 49.02 -17.69
C LEU H 337 3.43 47.79 -16.78
N ILE H 338 4.02 46.70 -17.25
CA ILE H 338 4.06 45.46 -16.48
C ILE H 338 5.32 45.38 -15.63
N GLU H 339 6.32 46.19 -15.97
CA GLU H 339 7.59 46.22 -15.24
C GLU H 339 7.45 46.82 -13.84
N LYS H 340 8.20 46.27 -12.88
CA LYS H 340 8.14 46.69 -11.48
C LYS H 340 8.60 48.12 -11.16
N ASN H 341 9.68 48.56 -11.78
CA ASN H 341 10.21 49.90 -11.57
C ASN H 341 9.16 50.97 -11.85
N VAL H 342 8.46 50.82 -12.98
CA VAL H 342 7.42 51.76 -13.36
C VAL H 342 6.28 51.74 -12.35
N MET H 343 5.97 50.56 -11.84
CA MET H 343 4.91 50.39 -10.86
C MET H 343 5.31 51.02 -9.52
N GLU H 344 6.54 50.75 -9.09
CA GLU H 344 7.04 51.29 -7.84
C GLU H 344 7.05 52.82 -7.88
N SER H 345 7.50 53.38 -9.00
CA SER H 345 7.54 54.82 -9.17
C SER H 345 6.13 55.39 -9.27
N ILE H 346 5.25 54.66 -9.94
CA ILE H 346 3.86 55.07 -10.11
C ILE H 346 3.14 55.07 -8.77
N GLY H 347 3.36 54.03 -7.98
CA GLY H 347 2.74 53.92 -6.67
C GLY H 347 3.11 55.08 -5.77
N SER H 348 4.38 55.46 -5.79
CA SER H 348 4.85 56.58 -4.98
C SER H 348 4.24 57.89 -5.46
N ASP H 349 4.04 58.00 -6.77
CA ASP H 349 3.43 59.20 -7.34
C ASP H 349 1.99 59.38 -6.85
N ILE H 350 1.25 58.29 -6.82
CA ILE H 350 -0.14 58.32 -6.35
C ILE H 350 -0.27 58.79 -4.89
N LEU H 351 0.68 58.35 -4.08
CA LEU H 351 0.71 58.43 -2.63
C LEU H 351 1.19 59.80 -2.18
N THR H 352 2.19 60.34 -2.85
CA THR H 352 2.72 61.66 -2.53
C THR H 352 1.64 62.72 -2.76
N ALA H 353 0.88 62.57 -3.85
CA ALA H 353 -0.21 63.49 -4.15
C ALA H 353 -1.27 63.42 -3.07
N GLU H 354 -1.56 62.20 -2.60
CA GLU H 354 -2.53 62.01 -1.53
C GLU H 354 -2.06 62.70 -0.25
N LYS H 355 -0.76 62.59 0.02
CA LYS H 355 -0.18 63.23 1.19
C LYS H 355 -0.31 64.75 1.09
N MET H 356 -0.07 65.27 -0.12
CA MET H 356 -0.20 66.70 -0.37
C MET H 356 -1.63 67.15 -0.12
N ARG H 357 -2.59 66.32 -0.57
CA ARG H 357 -4.00 66.62 -0.37
C ARG H 357 -4.35 66.65 1.11
N GLY H 358 -3.77 65.71 1.86
CA GLY H 358 -4.01 65.63 3.29
C GLY H 358 -5.48 65.74 3.63
N PRO I 11 -21.64 14.00 -57.35
CA PRO I 11 -21.14 13.63 -56.03
C PRO I 11 -21.16 12.11 -55.83
N GLU I 12 -20.34 11.40 -56.59
CA GLU I 12 -20.29 9.94 -56.53
C GLU I 12 -19.82 9.42 -55.18
N ILE I 13 -18.76 10.03 -54.63
CA ILE I 13 -18.18 9.54 -53.38
C ILE I 13 -17.91 10.65 -52.36
N ALA I 14 -18.08 10.31 -51.08
CA ALA I 14 -17.81 11.24 -49.99
C ALA I 14 -16.82 10.69 -48.96
N TYR I 15 -15.79 11.49 -48.63
CA TYR I 15 -14.82 11.15 -47.59
C TYR I 15 -14.50 12.41 -46.79
N PRO I 16 -14.08 12.25 -45.53
CA PRO I 16 -13.78 13.44 -44.72
C PRO I 16 -12.66 14.30 -45.30
N GLY I 17 -12.99 15.52 -45.69
CA GLY I 17 -12.02 16.46 -46.23
C GLY I 17 -12.21 16.73 -47.71
N LYS I 18 -13.12 15.98 -48.34
CA LYS I 18 -13.37 16.14 -49.76
C LYS I 18 -14.31 17.31 -50.05
N LEU I 19 -13.91 18.15 -50.99
CA LEU I 19 -14.72 19.31 -51.37
C LEU I 19 -15.99 18.89 -52.11
N ILE I 20 -17.10 19.56 -51.83
CA ILE I 20 -18.37 19.24 -52.47
C ILE I 20 -18.83 20.33 -53.41
N CYS I 21 -19.04 21.54 -52.87
CA CYS I 21 -19.56 22.64 -53.67
C CYS I 21 -19.31 23.98 -53.00
N PRO I 22 -19.28 25.07 -53.78
CA PRO I 22 -19.18 26.42 -53.22
C PRO I 22 -20.41 26.76 -52.38
N GLN I 23 -20.35 27.88 -51.66
CA GLN I 23 -21.46 28.29 -50.82
C GLN I 23 -22.66 28.71 -51.67
N TYR I 24 -22.39 29.22 -52.87
CA TYR I 24 -23.45 29.67 -53.77
C TYR I 24 -23.26 29.16 -55.19
N GLY I 25 -24.39 28.97 -55.88
CA GLY I 25 -24.37 28.55 -57.27
C GLY I 25 -25.44 29.26 -58.08
N THR I 26 -25.32 29.20 -59.40
CA THR I 26 -26.31 29.84 -60.27
C THR I 26 -26.38 29.19 -61.65
N GLU I 27 -27.50 29.42 -62.33
CA GLU I 27 -27.70 28.88 -63.68
C GLU I 27 -28.66 29.77 -64.46
N ASN I 28 -28.78 29.50 -65.76
CA ASN I 28 -29.69 30.27 -66.60
C ASN I 28 -30.81 29.40 -67.19
N LYS I 29 -32.03 29.65 -66.74
CA LYS I 29 -33.19 28.90 -67.21
C LYS I 29 -34.34 29.81 -67.58
N ASP I 30 -34.84 29.66 -68.81
CA ASP I 30 -35.97 30.43 -69.32
C ASP I 30 -35.73 31.94 -69.27
N GLY I 31 -34.51 32.36 -69.58
CA GLY I 31 -34.17 33.77 -69.62
C GLY I 31 -34.08 34.41 -68.25
N GLU I 32 -34.00 33.59 -67.21
CA GLU I 32 -33.91 34.11 -65.85
C GLU I 32 -32.83 33.34 -65.07
N ASP I 33 -32.06 34.08 -64.27
CA ASP I 33 -30.97 33.48 -63.50
C ASP I 33 -31.44 33.01 -62.13
N ILE I 34 -31.31 31.69 -61.89
CA ILE I 34 -31.74 31.09 -60.64
C ILE I 34 -30.56 31.00 -59.67
N ILE I 35 -30.77 31.46 -58.44
CA ILE I 35 -29.71 31.46 -57.43
C ILE I 35 -29.83 30.27 -56.48
N PHE I 36 -28.78 29.47 -56.41
CA PHE I 36 -28.76 28.30 -55.52
C PHE I 36 -27.99 28.61 -54.24
N ASN I 37 -28.72 28.62 -53.12
CA ASN I 37 -28.11 28.85 -51.81
C ASN I 37 -27.83 27.55 -51.08
N TYR I 38 -26.57 27.12 -51.12
CA TYR I 38 -26.18 25.84 -50.51
C TYR I 38 -25.94 25.97 -49.01
N VAL I 39 -26.63 25.14 -48.25
CA VAL I 39 -26.55 25.16 -46.78
C VAL I 39 -25.87 23.91 -46.25
N PRO I 40 -24.84 24.09 -45.40
CA PRO I 40 -24.14 22.98 -44.77
C PRO I 40 -25.07 22.15 -43.89
N GLY I 41 -25.34 20.91 -44.30
CA GLY I 41 -26.19 20.03 -43.53
C GLY I 41 -25.36 19.03 -42.73
N PRO I 42 -26.03 17.99 -42.19
CA PRO I 42 -25.36 16.94 -41.42
C PRO I 42 -24.34 16.18 -42.26
N GLY I 43 -23.09 16.18 -41.82
CA GLY I 43 -22.04 15.47 -42.53
C GLY I 43 -21.17 16.40 -43.36
N THR I 44 -21.51 17.68 -43.36
CA THR I 44 -20.75 18.69 -44.08
C THR I 44 -20.42 19.88 -43.19
N LYS I 45 -19.54 20.75 -43.67
CA LYS I 45 -19.17 21.94 -42.93
C LYS I 45 -18.50 22.96 -43.84
N LEU I 46 -18.86 24.23 -43.68
CA LEU I 46 -18.25 25.31 -44.45
C LEU I 46 -16.82 25.58 -43.98
N ILE I 47 -15.86 25.33 -44.85
CA ILE I 47 -14.45 25.54 -44.54
C ILE I 47 -13.82 26.56 -45.47
N GLN I 48 -13.12 27.53 -44.89
CA GLN I 48 -12.46 28.56 -45.68
C GLN I 48 -11.06 28.13 -46.09
N TYR I 49 -10.84 28.01 -47.40
CA TYR I 49 -9.54 27.61 -47.92
C TYR I 49 -8.83 28.79 -48.59
N GLU I 50 -7.56 28.62 -48.89
CA GLU I 50 -6.81 29.62 -49.63
C GLU I 50 -6.20 29.01 -50.89
N HIS I 51 -6.22 29.78 -51.98
CA HIS I 51 -5.69 29.34 -53.26
C HIS I 51 -5.57 30.54 -54.21
N ASN I 52 -4.47 30.60 -54.94
CA ASN I 52 -4.16 31.74 -55.84
C ASN I 52 -4.08 33.09 -55.14
N GLY I 53 -4.07 33.10 -53.81
CA GLY I 53 -3.99 34.34 -53.06
C GLY I 53 -5.33 34.78 -52.50
N ARG I 54 -6.41 34.37 -53.17
CA ARG I 54 -7.76 34.76 -52.74
C ARG I 54 -8.40 33.65 -51.90
N THR I 55 -9.07 34.05 -50.82
CA THR I 55 -9.72 33.09 -49.94
C THR I 55 -11.01 32.56 -50.56
N LEU I 56 -11.49 31.44 -50.04
CA LEU I 56 -12.68 30.77 -50.58
C LEU I 56 -13.31 29.84 -49.57
N GLU I 57 -14.63 29.97 -49.38
CA GLU I 57 -15.36 29.09 -48.48
C GLU I 57 -16.16 28.06 -49.29
N ALA I 58 -15.89 26.78 -49.03
CA ALA I 58 -16.53 25.71 -49.77
C ALA I 58 -17.07 24.62 -48.84
N ILE I 59 -18.19 24.02 -49.24
CA ILE I 59 -18.78 22.92 -48.48
C ILE I 59 -17.88 21.70 -48.50
N THR I 60 -17.52 21.21 -47.32
CA THR I 60 -16.62 20.07 -47.20
C THR I 60 -17.26 18.91 -46.44
N ALA I 61 -17.19 17.72 -47.03
CA ALA I 61 -17.72 16.53 -46.38
C ALA I 61 -16.90 16.17 -45.14
N THR I 62 -17.59 15.82 -44.06
CA THR I 62 -16.91 15.47 -42.82
C THR I 62 -17.12 14.00 -42.48
N LEU I 63 -17.88 13.30 -43.30
CA LEU I 63 -18.14 11.89 -43.11
C LEU I 63 -17.79 11.08 -44.36
N VAL I 64 -17.81 9.76 -44.23
CA VAL I 64 -17.59 8.89 -45.37
C VAL I 64 -18.91 8.30 -45.85
N GLY I 65 -19.33 8.64 -47.06
CA GLY I 65 -20.56 8.11 -47.60
C GLY I 65 -21.07 8.83 -48.83
N THR I 66 -22.30 8.52 -49.21
CA THR I 66 -22.93 9.11 -50.39
C THR I 66 -23.49 10.49 -50.08
N VAL I 67 -23.14 11.47 -50.90
CA VAL I 67 -23.61 12.84 -50.74
C VAL I 67 -25.09 12.96 -51.14
N ARG I 68 -25.88 13.53 -50.24
CA ARG I 68 -27.30 13.76 -50.52
C ARG I 68 -27.70 15.22 -50.30
N CYS I 69 -28.66 15.69 -51.08
CA CYS I 69 -29.16 17.06 -50.97
C CYS I 69 -30.67 17.08 -50.81
N GLU I 70 -31.17 18.09 -50.11
CA GLU I 70 -32.62 18.34 -50.00
C GLU I 70 -32.97 19.83 -50.01
N GLU I 71 -34.14 20.17 -50.56
CA GLU I 71 -34.63 21.56 -50.56
C GLU I 71 -36.15 21.61 -50.34
N GLU I 72 -36.64 22.67 -49.71
CA GLU I 72 -38.04 22.68 -49.35
C GLU I 72 -38.63 24.04 -49.01
N LYS I 73 -39.86 24.24 -49.46
CA LYS I 73 -40.67 25.39 -49.10
C LYS I 73 -41.96 24.89 -48.48
N LYS I 74 -42.36 25.48 -47.35
CA LYS I 74 -43.50 24.97 -46.61
C LYS I 74 -44.55 26.03 -46.31
N THR I 75 -45.77 25.60 -46.06
CA THR I 75 -46.87 26.51 -45.75
C THR I 75 -47.31 26.39 -44.30
N ASP I 76 -47.09 27.45 -43.54
CA ASP I 76 -47.46 27.47 -42.13
C ASP I 76 -48.21 28.75 -41.77
N THR I 105 -34.95 35.73 -57.45
CA THR I 105 -35.41 34.42 -57.01
C THR I 105 -34.24 33.56 -56.52
N VAL I 106 -34.41 32.96 -55.34
CA VAL I 106 -33.36 32.15 -54.73
C VAL I 106 -33.89 30.80 -54.24
N LYS I 107 -33.22 29.73 -54.64
CA LYS I 107 -33.57 28.39 -54.18
C LYS I 107 -32.57 27.89 -53.15
N ASN I 108 -33.07 27.52 -51.98
CA ASN I 108 -32.21 27.04 -50.90
C ASN I 108 -32.01 25.52 -50.94
N ILE I 109 -30.75 25.11 -51.10
CA ILE I 109 -30.43 23.68 -51.19
C ILE I 109 -29.65 23.22 -49.95
N LEU I 110 -30.04 22.07 -49.41
CA LEU I 110 -29.38 21.52 -48.24
C LEU I 110 -28.42 20.40 -48.64
N VAL I 111 -27.12 20.65 -48.45
CA VAL I 111 -26.09 19.66 -48.79
C VAL I 111 -25.65 18.88 -47.57
N SER I 112 -25.78 17.56 -47.64
CA SER I 112 -25.41 16.69 -46.54
C SER I 112 -24.74 15.41 -47.02
N VAL I 113 -24.13 14.67 -46.09
CA VAL I 113 -23.47 13.42 -46.41
C VAL I 113 -23.98 12.28 -45.52
N LEU I 114 -24.51 11.25 -46.15
CA LEU I 114 -25.03 10.09 -45.41
C LEU I 114 -24.05 8.92 -45.48
N PRO I 115 -24.15 8.03 -44.50
CA PRO I 115 -23.27 6.85 -44.43
C PRO I 115 -23.51 5.91 -45.62
N GLY I 116 -22.44 5.32 -46.13
CA GLY I 116 -22.54 4.41 -47.25
C GLY I 116 -22.05 3.01 -46.91
N THR I 117 -22.89 2.02 -47.15
CA THR I 117 -22.54 0.63 -46.86
C THR I 117 -23.60 -0.32 -47.40
N ASN I 129 -27.47 1.77 -36.93
CA ASN I 129 -26.24 1.00 -36.77
C ASN I 129 -25.22 1.71 -35.90
N ASP I 130 -25.05 3.01 -36.13
CA ASP I 130 -24.10 3.82 -35.38
C ASP I 130 -24.80 4.92 -34.59
N PHE I 131 -24.50 5.01 -33.31
CA PHE I 131 -25.10 6.03 -32.44
C PHE I 131 -24.23 7.28 -32.38
N ALA I 132 -23.19 7.31 -33.19
CA ALA I 132 -22.27 8.45 -33.22
C ALA I 132 -22.87 9.70 -33.86
N ASN I 133 -23.10 9.64 -35.17
CA ASN I 133 -23.57 10.79 -35.93
C ASN I 133 -24.97 11.24 -35.53
N ASN I 134 -25.70 10.36 -34.85
CA ASN I 134 -27.06 10.66 -34.42
C ASN I 134 -27.17 10.77 -32.90
N LEU I 135 -26.28 11.56 -32.31
CA LEU I 135 -26.28 11.77 -30.86
C LEU I 135 -27.54 12.50 -30.44
N PRO I 136 -28.11 12.11 -29.28
CA PRO I 136 -29.36 12.70 -28.78
C PRO I 136 -29.27 14.21 -28.59
N LYS I 137 -30.12 14.95 -29.32
CA LYS I 137 -30.18 16.39 -29.20
C LYS I 137 -31.59 16.79 -28.76
N GLU I 138 -31.75 18.05 -28.35
CA GLU I 138 -33.05 18.57 -27.92
C GLU I 138 -34.14 18.31 -28.96
N GLY I 139 -35.21 17.64 -28.53
CA GLY I 139 -36.33 17.35 -29.41
C GLY I 139 -36.37 15.92 -29.89
N ASP I 140 -35.24 15.24 -29.83
CA ASP I 140 -35.16 13.86 -30.30
C ASP I 140 -35.89 12.90 -29.35
N ILE I 141 -36.47 11.85 -29.92
CA ILE I 141 -37.13 10.82 -29.14
C ILE I 141 -36.17 9.66 -28.92
N VAL I 142 -36.11 9.15 -27.69
CA VAL I 142 -35.17 8.08 -27.37
C VAL I 142 -35.82 6.93 -26.61
N LEU I 143 -35.20 5.76 -26.67
CA LEU I 143 -35.64 4.63 -25.87
C LEU I 143 -34.63 4.42 -24.75
N THR I 144 -35.13 4.43 -23.52
CA THR I 144 -34.27 4.33 -22.34
C THR I 144 -34.85 3.37 -21.31
N ARG I 145 -33.97 2.82 -20.46
CA ARG I 145 -34.39 1.89 -19.42
C ARG I 145 -34.23 2.50 -18.04
N VAL I 146 -35.31 2.45 -17.26
CA VAL I 146 -35.32 2.95 -15.90
C VAL I 146 -34.34 2.20 -15.01
N THR I 147 -33.36 2.90 -14.46
CA THR I 147 -32.37 2.28 -13.59
C THR I 147 -32.72 2.40 -12.10
N ARG I 148 -33.23 3.56 -11.69
CA ARG I 148 -33.55 3.79 -10.29
C ARG I 148 -34.76 4.71 -10.06
N LEU I 149 -35.43 4.52 -8.92
CA LEU I 149 -36.53 5.39 -8.50
C LEU I 149 -36.37 5.82 -7.04
N SER I 150 -36.65 7.11 -6.85
CA SER I 150 -36.72 7.81 -5.58
C SER I 150 -37.89 8.75 -5.84
N LEU I 151 -38.45 9.34 -4.79
CA LEU I 151 -39.66 10.12 -4.96
C LEU I 151 -39.48 11.30 -5.92
N GLN I 152 -38.34 11.97 -5.86
CA GLN I 152 -38.11 13.16 -6.65
C GLN I 152 -38.13 13.00 -8.19
N ARG I 153 -37.50 11.95 -8.71
CA ARG I 153 -37.38 11.79 -10.16
C ARG I 153 -37.17 10.34 -10.64
N ALA I 154 -37.42 10.11 -11.92
CA ALA I 154 -37.17 8.80 -12.52
C ALA I 154 -35.91 8.86 -13.37
N ASN I 155 -35.01 7.90 -13.17
CA ASN I 155 -33.74 7.88 -13.88
C ASN I 155 -33.62 6.73 -14.87
N VAL I 156 -33.25 7.06 -16.10
CA VAL I 156 -33.09 6.06 -17.16
C VAL I 156 -31.82 6.31 -17.96
N GLU I 157 -31.30 5.25 -18.59
CA GLU I 157 -30.11 5.35 -19.41
C GLU I 157 -30.47 5.14 -20.88
N ILE I 158 -30.04 6.07 -21.73
CA ILE I 158 -30.42 6.04 -23.14
C ILE I 158 -29.83 4.82 -23.84
N LEU I 159 -30.69 4.03 -24.47
CA LEU I 159 -30.26 2.82 -25.17
C LEU I 159 -30.29 3.00 -26.69
N ALA I 160 -31.29 3.74 -27.16
CA ALA I 160 -31.51 3.91 -28.60
C ALA I 160 -32.26 5.20 -28.95
N VAL I 161 -32.16 5.64 -30.20
CA VAL I 161 -32.80 6.87 -30.65
C VAL I 161 -33.72 6.69 -31.87
N GLU I 162 -34.89 7.31 -31.82
CA GLU I 162 -35.85 7.31 -32.95
C GLU I 162 -35.58 8.27 -34.12
N ASP I 163 -36.20 8.00 -35.27
CA ASP I 163 -36.10 8.84 -36.47
C ASP I 163 -37.45 9.03 -37.19
N LYS I 164 -37.59 10.09 -38.00
CA LYS I 164 -38.85 10.39 -38.66
C LYS I 164 -39.10 9.42 -39.81
N PRO I 165 -40.35 8.96 -39.93
CA PRO I 165 -40.73 8.02 -40.99
C PRO I 165 -39.88 8.20 -42.24
N ALA I 189 -41.15 2.44 -37.92
CA ALA I 189 -40.06 3.38 -38.14
C ALA I 189 -38.71 2.71 -38.01
N THR I 190 -37.66 3.52 -37.86
CA THR I 190 -36.30 2.99 -37.73
C THR I 190 -35.66 3.46 -36.43
N PHE I 191 -34.62 2.78 -36.00
CA PHE I 191 -33.98 3.08 -34.72
C PHE I 191 -32.46 3.10 -34.78
N SER I 192 -31.86 3.86 -33.86
CA SER I 192 -30.41 3.91 -33.72
C SER I 192 -30.03 3.36 -32.36
N VAL I 193 -29.07 2.45 -32.32
CA VAL I 193 -28.72 1.77 -31.08
C VAL I 193 -27.33 2.12 -30.56
N SER I 194 -27.26 2.49 -29.29
CA SER I 194 -26.00 2.78 -28.62
C SER I 194 -25.23 1.49 -28.35
N GLN I 195 -24.00 1.42 -28.87
CA GLN I 195 -23.19 0.22 -28.73
C GLN I 195 -22.47 0.16 -27.38
N ALA I 196 -22.63 1.22 -26.58
CA ALA I 196 -22.00 1.30 -25.27
C ALA I 196 -22.52 0.22 -24.33
N SER I 197 -21.79 -0.03 -23.25
CA SER I 197 -22.16 -1.06 -22.29
C SER I 197 -22.89 -0.46 -21.09
N SER I 198 -23.97 -1.12 -20.67
CA SER I 198 -24.74 -0.67 -19.52
C SER I 198 -24.15 -1.20 -18.22
N ASP I 199 -23.08 -1.98 -18.34
CA ASP I 199 -22.44 -2.61 -17.20
C ASP I 199 -21.33 -1.74 -16.64
N LEU I 200 -20.82 -0.84 -17.47
CA LEU I 200 -19.68 0.00 -17.11
C LEU I 200 -20.06 1.47 -16.99
N GLY I 201 -21.36 1.75 -17.07
CA GLY I 201 -21.86 3.11 -17.02
C GLY I 201 -21.43 3.89 -18.25
N GLU I 202 -21.25 3.18 -19.35
CA GLU I 202 -20.76 3.77 -20.59
C GLU I 202 -21.89 4.47 -21.35
N THR I 203 -23.12 4.18 -20.97
CA THR I 203 -24.28 4.74 -21.63
C THR I 203 -24.65 6.12 -21.08
N PHE I 204 -25.15 6.99 -21.95
CA PHE I 204 -25.60 8.32 -21.56
C PHE I 204 -26.82 8.21 -20.67
N ARG I 205 -26.72 8.76 -19.46
CA ARG I 205 -27.83 8.69 -18.51
C ARG I 205 -28.72 9.92 -18.60
N GLY I 206 -29.98 9.75 -18.24
CA GLY I 206 -30.96 10.84 -18.32
C GLY I 206 -31.88 10.87 -17.12
N ILE I 207 -32.71 11.91 -17.05
CA ILE I 207 -33.63 12.08 -15.93
C ILE I 207 -35.01 12.53 -16.39
N ILE I 208 -36.04 11.82 -15.94
CA ILE I 208 -37.42 12.22 -16.19
C ILE I 208 -38.03 12.75 -14.89
N ARG I 209 -38.17 14.08 -14.82
CA ARG I 209 -38.74 14.72 -13.65
C ARG I 209 -40.21 14.37 -13.50
N SER I 210 -40.73 14.47 -12.28
CA SER I 210 -42.10 14.09 -11.99
C SER I 210 -43.13 14.96 -12.74
N GLN I 211 -42.77 16.21 -12.98
CA GLN I 211 -43.68 17.13 -13.67
C GLN I 211 -43.60 16.97 -15.20
N ASP I 212 -42.67 16.14 -15.65
CA ASP I 212 -42.53 15.88 -17.08
C ASP I 212 -43.01 14.49 -17.45
N VAL I 213 -43.62 13.80 -16.49
CA VAL I 213 -44.14 12.47 -16.72
C VAL I 213 -45.35 12.50 -17.67
N ARG I 214 -46.40 13.22 -17.25
CA ARG I 214 -47.58 13.38 -18.09
C ARG I 214 -47.92 14.85 -18.29
N SER I 215 -48.91 15.10 -19.15
CA SER I 215 -49.41 16.44 -19.47
C SER I 215 -50.45 17.04 -18.49
N THR I 216 -51.41 16.21 -18.04
CA THR I 216 -52.46 16.65 -17.14
C THR I 216 -52.14 16.30 -15.69
N ASP I 217 -52.44 17.24 -14.79
CA ASP I 217 -52.20 17.06 -13.35
C ASP I 217 -50.73 16.75 -13.09
N ARG I 218 -49.86 17.70 -13.40
CA ARG I 218 -48.42 17.50 -13.24
C ARG I 218 -47.96 17.79 -11.81
N ASP I 219 -48.87 18.29 -10.99
CA ASP I 219 -48.55 18.63 -9.61
C ASP I 219 -48.58 17.39 -8.70
N ARG I 220 -49.61 16.57 -8.88
CA ARG I 220 -49.76 15.36 -8.07
C ARG I 220 -49.44 14.11 -8.88
N VAL I 221 -48.17 13.75 -8.94
CA VAL I 221 -47.74 12.59 -9.70
C VAL I 221 -46.91 11.63 -8.85
N LYS I 222 -47.41 10.40 -8.69
CA LYS I 222 -46.66 9.37 -7.98
C LYS I 222 -45.75 8.63 -8.97
N VAL I 223 -44.46 8.65 -8.69
CA VAL I 223 -43.47 8.04 -9.58
C VAL I 223 -43.62 6.52 -9.61
N ILE I 224 -43.94 5.93 -8.47
CA ILE I 224 -44.04 4.48 -8.33
C ILE I 224 -45.20 3.90 -9.15
N GLU I 225 -46.14 4.76 -9.53
CA GLU I 225 -47.30 4.32 -10.29
C GLU I 225 -47.17 4.69 -11.77
N CYS I 226 -46.08 5.37 -12.11
CA CYS I 226 -45.75 5.73 -13.50
C CYS I 226 -44.67 4.85 -14.14
N PHE I 227 -43.57 4.61 -13.42
CA PHE I 227 -42.48 3.78 -13.93
C PHE I 227 -42.07 2.74 -12.89
N LYS I 228 -41.29 1.75 -13.35
CA LYS I 228 -40.70 0.74 -12.49
C LYS I 228 -39.29 0.43 -12.98
N PRO I 229 -38.43 -0.03 -12.08
CA PRO I 229 -37.06 -0.37 -12.48
C PRO I 229 -37.03 -1.44 -13.56
N GLY I 230 -36.31 -1.18 -14.64
CA GLY I 230 -36.19 -2.13 -15.73
C GLY I 230 -37.10 -1.81 -16.90
N ASP I 231 -38.10 -0.97 -16.66
CA ASP I 231 -39.04 -0.57 -17.71
C ASP I 231 -38.34 0.12 -18.88
N ILE I 232 -38.83 -0.13 -20.08
CA ILE I 232 -38.29 0.51 -21.26
C ILE I 232 -39.18 1.69 -21.65
N VAL I 233 -38.69 2.90 -21.37
CA VAL I 233 -39.49 4.10 -21.53
C VAL I 233 -39.10 4.90 -22.77
N ARG I 234 -40.08 5.15 -23.63
CA ARG I 234 -39.89 5.99 -24.80
C ARG I 234 -40.09 7.45 -24.42
N ALA I 235 -39.03 8.24 -24.50
CA ALA I 235 -39.08 9.64 -24.06
C ALA I 235 -38.48 10.58 -25.08
N GLN I 236 -38.73 11.88 -24.90
CA GLN I 236 -38.22 12.91 -25.80
C GLN I 236 -37.29 13.87 -25.06
N VAL I 237 -36.19 14.24 -25.70
CA VAL I 237 -35.18 15.10 -25.08
C VAL I 237 -35.65 16.54 -24.94
N LEU I 238 -35.57 17.06 -23.71
CA LEU I 238 -35.91 18.46 -23.45
C LEU I 238 -34.67 19.34 -23.58
N SER I 239 -33.58 18.91 -22.96
CA SER I 239 -32.32 19.63 -23.03
C SER I 239 -31.14 18.68 -22.80
N LEU I 240 -29.94 19.14 -23.12
CA LEU I 240 -28.74 18.32 -22.94
C LEU I 240 -28.40 18.21 -21.46
N GLY I 241 -28.84 19.18 -20.67
CA GLY I 241 -28.55 19.20 -19.25
C GLY I 241 -27.07 19.33 -18.99
N ASP I 242 -26.58 18.64 -17.95
CA ASP I 242 -25.15 18.61 -17.67
C ASP I 242 -24.52 17.37 -18.30
N GLY I 243 -23.24 17.16 -18.03
CA GLY I 243 -22.52 16.03 -18.58
C GLY I 243 -23.02 14.70 -18.04
N THR I 244 -23.65 14.75 -16.87
CA THR I 244 -24.13 13.54 -16.21
C THR I 244 -25.48 13.08 -16.77
N ASN I 245 -26.49 13.94 -16.66
CA ASN I 245 -27.85 13.54 -17.02
C ASN I 245 -28.47 14.38 -18.14
N TYR I 246 -29.08 13.69 -19.10
CA TYR I 246 -29.97 14.34 -20.07
C TYR I 246 -31.25 14.71 -19.34
N TYR I 247 -32.06 15.55 -19.95
CA TYR I 247 -33.39 15.85 -19.41
C TYR I 247 -34.47 15.48 -20.42
N LEU I 248 -35.30 14.51 -20.03
CA LEU I 248 -36.28 13.94 -20.94
C LEU I 248 -37.72 14.23 -20.49
N THR I 249 -38.67 13.87 -21.34
CA THR I 249 -40.08 14.03 -21.03
C THR I 249 -40.91 12.90 -21.65
N THR I 250 -42.06 12.61 -21.05
CA THR I 250 -42.98 11.61 -21.58
C THR I 250 -44.40 12.14 -21.59
N ALA I 251 -44.53 13.46 -21.65
CA ALA I 251 -45.83 14.10 -21.58
C ALA I 251 -46.57 14.15 -22.91
N ARG I 252 -46.57 13.02 -23.63
CA ARG I 252 -47.35 12.88 -24.85
C ARG I 252 -47.99 11.50 -24.92
N ASN I 253 -48.93 11.32 -25.84
CA ASN I 253 -49.64 10.05 -25.97
C ASN I 253 -48.77 8.89 -26.40
N ASP I 254 -47.81 9.17 -27.29
CA ASP I 254 -46.93 8.14 -27.82
C ASP I 254 -45.66 7.99 -26.99
N LEU I 255 -45.67 8.55 -25.79
CA LEU I 255 -44.53 8.46 -24.89
C LEU I 255 -44.90 7.74 -23.59
N GLY I 256 -43.92 7.12 -22.94
CA GLY I 256 -44.15 6.39 -21.72
C GLY I 256 -43.57 4.99 -21.76
N VAL I 257 -43.99 4.15 -20.82
CA VAL I 257 -43.52 2.77 -20.75
C VAL I 257 -43.99 1.97 -21.96
N VAL I 258 -43.03 1.40 -22.69
CA VAL I 258 -43.34 0.65 -23.91
C VAL I 258 -43.19 -0.86 -23.69
N PHE I 259 -42.06 -1.27 -23.15
CA PHE I 259 -41.81 -2.68 -22.86
C PHE I 259 -41.59 -2.90 -21.37
N ALA I 260 -42.25 -3.89 -20.80
CA ALA I 260 -42.13 -4.18 -19.38
C ALA I 260 -42.54 -5.60 -19.02
N ARG I 261 -41.99 -6.12 -17.94
CA ARG I 261 -42.39 -7.40 -17.39
C ARG I 261 -42.91 -7.21 -15.97
N ALA I 262 -43.74 -8.14 -15.52
CA ALA I 262 -44.31 -8.07 -14.18
C ALA I 262 -43.25 -8.26 -13.11
N ALA I 263 -43.43 -7.61 -11.97
CA ALA I 263 -42.54 -7.72 -10.82
C ALA I 263 -41.08 -7.45 -11.15
N ASN I 264 -40.85 -6.40 -11.94
CA ASN I 264 -39.50 -5.96 -12.31
C ASN I 264 -38.69 -7.01 -13.06
N GLY I 265 -39.34 -7.70 -14.00
CA GLY I 265 -38.65 -8.69 -14.82
C GLY I 265 -38.72 -10.09 -14.27
N ALA I 266 -39.29 -10.23 -13.08
CA ALA I 266 -39.41 -11.55 -12.44
C ALA I 266 -40.69 -12.26 -12.88
N GLY I 267 -41.50 -11.57 -13.68
CA GLY I 267 -42.77 -12.13 -14.12
C GLY I 267 -42.85 -12.24 -15.64
N GLY I 268 -44.07 -12.41 -16.14
CA GLY I 268 -44.29 -12.57 -17.57
C GLY I 268 -44.38 -11.25 -18.31
N LEU I 269 -44.57 -11.33 -19.62
CA LEU I 269 -44.66 -10.15 -20.46
C LEU I 269 -45.96 -9.38 -20.20
N MET I 270 -45.86 -8.05 -20.16
CA MET I 270 -47.03 -7.21 -20.00
C MET I 270 -47.20 -6.28 -21.21
N TYR I 271 -48.44 -6.21 -21.71
CA TYR I 271 -48.74 -5.33 -22.84
C TYR I 271 -49.61 -4.17 -22.40
N ALA I 272 -49.54 -3.07 -23.14
CA ALA I 272 -50.29 -1.87 -22.79
C ALA I 272 -51.74 -1.96 -23.26
N THR I 273 -52.61 -2.47 -22.39
CA THR I 273 -54.04 -2.54 -22.68
C THR I 273 -54.66 -1.16 -22.56
N ASP I 274 -54.52 -0.56 -21.39
CA ASP I 274 -54.96 0.81 -21.14
C ASP I 274 -53.74 1.72 -21.16
N TRP I 275 -53.98 3.02 -21.37
CA TRP I 275 -52.87 3.98 -21.40
C TRP I 275 -52.26 4.17 -20.02
N GLN I 276 -52.98 3.74 -18.99
CA GLN I 276 -52.53 3.89 -17.61
C GLN I 276 -52.43 2.53 -16.91
N MET I 277 -52.73 1.47 -17.64
CA MET I 277 -52.75 0.13 -17.05
C MET I 277 -51.96 -0.88 -17.87
N MET I 278 -51.28 -1.78 -17.18
CA MET I 278 -50.55 -2.87 -17.83
C MET I 278 -51.11 -4.22 -17.40
N THR I 279 -51.37 -5.09 -18.37
CA THR I 279 -51.93 -6.43 -18.10
C THR I 279 -51.07 -7.59 -18.61
N SER I 280 -50.97 -8.66 -17.82
CA SER I 280 -50.17 -9.85 -18.17
C SER I 280 -51.01 -11.13 -18.29
N PRO I 281 -50.82 -11.87 -19.39
CA PRO I 281 -51.62 -13.06 -19.69
C PRO I 281 -51.51 -14.27 -18.74
N VAL I 282 -50.31 -14.62 -18.30
CA VAL I 282 -50.14 -15.77 -17.42
C VAL I 282 -50.18 -15.38 -15.95
N THR I 283 -49.64 -14.21 -15.64
CA THR I 283 -49.55 -13.74 -14.26
C THR I 283 -50.92 -13.53 -13.63
N GLY I 284 -51.85 -12.97 -14.39
CA GLY I 284 -53.18 -12.68 -13.88
C GLY I 284 -53.17 -11.48 -12.97
N ALA I 285 -52.06 -10.74 -12.99
CA ALA I 285 -51.89 -9.57 -12.14
C ALA I 285 -51.69 -8.31 -12.98
N THR I 286 -52.38 -7.24 -12.61
CA THR I 286 -52.27 -5.98 -13.36
C THR I 286 -51.51 -4.92 -12.56
N GLU I 287 -50.50 -4.34 -13.18
CA GLU I 287 -49.73 -3.26 -12.54
C GLU I 287 -49.84 -1.95 -13.32
N LYS I 288 -50.20 -0.89 -12.62
CA LYS I 288 -50.36 0.43 -13.24
C LYS I 288 -49.03 1.04 -13.69
N ARG I 289 -49.04 1.66 -14.87
CA ARG I 289 -47.87 2.36 -15.38
C ARG I 289 -48.28 3.46 -16.36
N LYS I 290 -47.41 4.45 -16.58
CA LYS I 290 -47.71 5.52 -17.54
C LYS I 290 -47.33 5.07 -18.96
N CYS I 291 -48.08 4.13 -19.50
CA CYS I 291 -47.84 3.57 -20.83
C CYS I 291 -48.22 4.46 -22.04
N ALA I 292 -47.54 4.21 -23.15
CA ALA I 292 -47.78 4.93 -24.40
C ALA I 292 -49.10 4.48 -24.99
N LYS I 293 -49.82 5.40 -25.63
CA LYS I 293 -51.13 5.11 -26.18
C LYS I 293 -51.07 4.01 -27.24
N PRO I 294 -51.77 2.89 -26.97
CA PRO I 294 -51.81 1.74 -27.89
C PRO I 294 -52.66 2.03 -29.12
N ARG J 11 28.39 32.80 3.83
CA ARG J 11 28.35 33.93 4.74
C ARG J 11 28.47 33.50 6.20
N ARG J 12 28.34 34.45 7.11
CA ARG J 12 28.38 34.16 8.54
C ARG J 12 27.29 34.93 9.27
N LYS J 13 26.47 34.20 10.03
CA LYS J 13 25.37 34.82 10.76
C LYS J 13 25.65 34.94 12.25
N ARG J 14 25.29 36.08 12.81
CA ARG J 14 25.44 36.32 14.25
C ARG J 14 24.11 36.04 14.96
N LEU J 15 24.17 35.26 16.03
CA LEU J 15 22.96 34.91 16.77
C LEU J 15 22.83 35.72 18.06
N ALA J 16 21.79 35.45 18.83
CA ALA J 16 21.48 36.22 20.03
C ALA J 16 22.46 35.98 21.18
N ASP J 17 22.96 34.76 21.30
CA ASP J 17 23.84 34.39 22.40
C ASP J 17 25.26 34.89 22.18
N GLY J 18 25.47 35.61 21.09
CA GLY J 18 26.81 36.02 20.70
C GLY J 18 27.46 34.87 19.96
N LEU J 19 26.63 33.88 19.62
CA LEU J 19 27.06 32.70 18.90
C LEU J 19 27.00 32.99 17.40
N SER J 20 27.91 32.40 16.64
CA SER J 20 27.92 32.56 15.19
C SER J 20 27.69 31.21 14.53
N VAL J 21 27.41 31.24 13.22
CA VAL J 21 27.20 30.00 12.47
C VAL J 21 27.63 30.15 11.02
N THR J 22 28.41 29.20 10.54
CA THR J 22 28.85 29.18 9.15
C THR J 22 28.63 27.80 8.53
N GLN J 23 29.17 27.55 7.33
CA GLN J 23 28.93 26.30 6.63
C GLN J 23 30.23 25.51 6.41
N LYS J 24 30.31 24.33 7.02
CA LYS J 24 31.43 23.43 6.80
C LYS J 24 31.05 22.37 5.77
N VAL J 25 31.65 22.46 4.59
CA VAL J 25 31.33 21.54 3.50
C VAL J 25 32.56 20.76 3.02
N PHE J 26 32.44 19.44 2.99
CA PHE J 26 33.53 18.59 2.51
C PHE J 26 33.01 17.41 1.70
N VAL J 27 33.93 16.76 0.98
CA VAL J 27 33.56 15.64 0.13
C VAL J 27 34.20 14.35 0.65
N ARG J 28 33.38 13.33 0.82
CA ARG J 28 33.85 12.03 1.28
C ARG J 28 33.60 11.00 0.21
N SER J 29 34.62 10.21 -0.10
CA SER J 29 34.48 9.20 -1.13
C SER J 29 34.19 7.85 -0.49
N ARG J 30 33.09 7.24 -0.89
CA ARG J 30 32.67 5.95 -0.33
C ARG J 30 32.19 5.00 -1.42
N ASN J 31 32.84 3.83 -1.49
CA ASN J 31 32.49 2.80 -2.47
C ASN J 31 32.54 3.33 -3.90
N GLY J 32 33.53 4.17 -4.20
CA GLY J 32 33.68 4.73 -5.53
C GLY J 32 32.70 5.85 -5.78
N GLY J 33 32.01 6.29 -4.73
CA GLY J 33 31.03 7.36 -4.83
C GLY J 33 31.59 8.70 -4.40
N ALA J 34 30.94 9.77 -4.85
CA ALA J 34 31.31 11.11 -4.40
C ALA J 34 30.11 11.74 -3.74
N THR J 35 30.25 12.09 -2.46
CA THR J 35 29.15 12.67 -1.72
C THR J 35 29.57 14.02 -1.19
N LYS J 36 28.73 15.03 -1.40
CA LYS J 36 29.02 16.33 -0.85
C LYS J 36 28.36 16.39 0.50
N ILE J 37 29.18 16.35 1.55
CA ILE J 37 28.67 16.47 2.91
C ILE J 37 28.70 17.92 3.38
N VAL J 38 27.58 18.40 3.90
CA VAL J 38 27.50 19.75 4.41
C VAL J 38 26.90 19.78 5.82
N ARG J 39 27.68 20.32 6.77
CA ARG J 39 27.21 20.49 8.13
C ARG J 39 27.35 21.96 8.53
N GLU J 40 26.49 22.42 9.42
CA GLU J 40 26.59 23.79 9.91
C GLU J 40 27.64 23.89 11.02
N HIS J 41 28.33 25.03 11.05
CA HIS J 41 29.45 25.22 11.95
C HIS J 41 29.21 26.46 12.82
N TYR J 42 28.92 26.25 14.10
CA TYR J 42 28.62 27.35 15.00
C TYR J 42 29.87 27.94 15.65
N LEU J 43 29.97 29.26 15.61
CA LEU J 43 31.10 29.97 16.19
C LEU J 43 30.72 30.61 17.51
N ARG J 44 31.26 30.08 18.60
CA ARG J 44 30.91 30.55 19.94
C ARG J 44 31.77 31.73 20.37
N SER J 45 31.61 32.11 21.64
CA SER J 45 32.38 33.22 22.21
C SER J 45 32.67 32.94 23.68
N ASP J 46 32.32 31.74 24.13
CA ASP J 46 32.49 31.36 25.52
C ASP J 46 33.38 30.13 25.68
N ILE J 47 34.48 30.09 24.92
CA ILE J 47 35.42 28.96 25.00
C ILE J 47 36.52 29.26 26.02
N PRO J 48 36.55 28.51 27.12
CA PRO J 48 37.50 28.71 28.21
C PRO J 48 38.93 28.35 27.81
N CYS J 49 39.90 29.10 28.33
CA CYS J 49 41.31 28.81 28.10
C CYS J 49 41.76 27.67 29.00
N LEU J 50 40.96 27.40 30.02
CA LEU J 50 41.22 26.32 30.98
C LEU J 50 42.55 26.51 31.73
N SER J 51 42.89 27.76 32.04
CA SER J 51 44.10 28.07 32.78
C SER J 51 43.79 28.60 34.18
N ARG J 52 44.58 28.15 35.16
CA ARG J 52 44.41 28.61 36.53
C ARG J 52 44.71 30.10 36.68
N SER J 53 45.57 30.62 35.82
CA SER J 53 45.97 32.02 35.87
C SER J 53 44.86 32.96 35.39
N CYS J 54 44.06 32.48 34.44
CA CYS J 54 43.04 33.32 33.82
C CYS J 54 42.00 33.83 34.81
N THR J 55 41.63 35.10 34.64
CA THR J 55 40.67 35.75 35.53
C THR J 55 39.47 36.29 34.76
N LYS J 56 39.41 35.97 33.46
CA LYS J 56 38.32 36.43 32.61
C LYS J 56 37.37 35.30 32.21
N CYS J 57 37.96 34.18 31.81
CA CYS J 57 37.20 33.02 31.35
C CYS J 57 36.17 32.44 32.35
N PRO J 58 36.52 32.31 33.64
CA PRO J 58 35.53 31.78 34.57
C PRO J 58 34.26 32.62 34.67
N GLN J 59 34.33 33.87 34.22
CA GLN J 59 33.18 34.76 34.27
C GLN J 59 32.27 34.58 33.07
N ILE J 60 32.76 33.92 32.02
CA ILE J 60 32.00 33.73 30.79
C ILE J 60 31.68 32.26 30.54
N VAL J 61 32.10 31.39 31.44
CA VAL J 61 31.91 29.96 31.27
C VAL J 61 30.50 29.51 31.69
N VAL J 62 29.99 28.48 31.03
CA VAL J 62 28.66 27.97 31.32
C VAL J 62 28.70 26.47 31.66
N PRO J 63 27.74 26.03 32.49
CA PRO J 63 27.66 24.63 32.94
C PRO J 63 27.24 23.57 31.89
N ASP J 64 27.76 22.35 32.06
CA ASP J 64 27.45 21.20 31.20
C ASP J 64 26.10 20.51 31.49
N ALA J 65 25.64 19.70 30.53
CA ALA J 65 24.34 19.02 30.66
C ALA J 65 24.05 18.58 32.09
N GLN J 66 25.09 18.17 32.81
CA GLN J 66 24.93 17.67 34.17
C GLN J 66 25.13 18.78 35.20
N ASN J 67 24.98 20.02 34.77
CA ASN J 67 25.12 21.19 35.64
C ASN J 67 26.49 21.26 36.32
N GLU J 68 27.55 21.08 35.53
CA GLU J 68 28.90 21.07 36.06
C GLU J 68 29.85 21.93 35.22
N LEU J 69 30.32 23.02 35.80
CA LEU J 69 31.28 23.89 35.13
C LEU J 69 32.60 23.18 34.94
N PRO J 70 33.24 23.38 33.77
CA PRO J 70 34.52 22.72 33.48
C PRO J 70 35.64 23.25 34.36
N LYS J 71 36.57 22.38 34.73
CA LYS J 71 37.65 22.76 35.64
C LYS J 71 38.84 23.35 34.91
N PHE J 72 39.34 24.48 35.40
CA PHE J 72 40.55 25.10 34.89
C PHE J 72 41.76 24.38 35.49
N ILE J 73 42.49 23.64 34.66
CA ILE J 73 43.52 22.74 35.17
C ILE J 73 44.96 23.19 34.88
N LEU J 74 45.16 23.96 33.82
CA LEU J 74 46.49 24.43 33.46
C LEU J 74 47.11 25.26 34.58
N SER J 75 48.23 24.78 35.10
CA SER J 75 48.87 25.37 36.28
C SER J 75 49.22 26.84 36.13
N ASP J 76 49.10 27.58 37.23
CA ASP J 76 49.40 29.01 37.23
C ASP J 76 50.91 29.26 37.29
N SER J 77 51.67 28.20 37.54
CA SER J 77 53.13 28.28 37.54
C SER J 77 53.72 27.06 36.83
N PRO J 78 53.70 27.08 35.49
CA PRO J 78 54.19 25.94 34.69
C PRO J 78 55.70 25.82 34.71
N LEU J 79 56.23 24.86 33.94
CA LEU J 79 57.67 24.65 33.84
C LEU J 79 58.39 25.89 33.32
N GLU J 80 59.25 26.45 34.15
CA GLU J 80 60.00 27.65 33.78
C GLU J 80 61.32 27.29 33.10
N LEU J 81 61.56 27.91 31.95
CA LEU J 81 62.68 27.62 31.11
C LEU J 81 63.46 28.88 30.92
N SER J 82 64.72 28.74 30.51
CA SER J 82 65.59 29.89 30.28
C SER J 82 64.95 30.87 29.30
N ALA J 83 65.05 32.16 29.62
CA ALA J 83 64.49 33.20 28.76
C ALA J 83 64.87 32.99 27.31
N PRO J 84 64.11 33.58 26.40
CA PRO J 84 62.96 34.42 26.79
C PRO J 84 61.68 33.60 26.92
N ILE J 85 61.84 32.29 27.14
CA ILE J 85 60.69 31.40 27.28
C ILE J 85 60.02 31.58 28.64
N GLY J 86 60.82 31.56 29.70
CA GLY J 86 60.32 31.73 31.04
C GLY J 86 59.31 30.67 31.39
N LYS J 87 58.20 31.06 31.99
CA LYS J 87 57.10 30.17 32.25
C LYS J 87 56.42 29.97 30.93
N HIS J 88 55.89 28.80 30.66
CA HIS J 88 55.32 28.62 29.32
C HIS J 88 54.31 27.48 29.24
N TYR J 89 53.39 27.61 28.29
CA TYR J 89 52.49 26.52 27.93
C TYR J 89 52.93 25.96 26.58
N VAL J 90 52.63 24.69 26.32
CA VAL J 90 53.03 24.05 25.07
C VAL J 90 51.83 23.74 24.20
N VAL J 91 51.84 24.27 22.96
CA VAL J 91 50.82 23.94 21.98
C VAL J 91 51.39 22.98 20.94
N LEU J 92 50.70 21.88 20.71
CA LEU J 92 51.21 20.82 19.83
C LEU J 92 50.70 20.90 18.41
N ASP J 93 51.52 20.40 17.49
CA ASP J 93 51.13 20.26 16.08
C ASP J 93 50.61 18.85 15.88
N THR J 94 50.03 18.59 14.70
CA THR J 94 49.47 17.28 14.41
C THR J 94 50.55 16.22 14.29
N ASN J 95 51.65 16.57 13.62
CA ASN J 95 52.73 15.62 13.37
C ASN J 95 53.51 15.20 14.61
N VAL J 96 53.78 16.16 15.49
CA VAL J 96 54.54 15.86 16.71
C VAL J 96 53.75 14.97 17.67
N VAL J 97 52.42 14.96 17.51
CA VAL J 97 51.57 14.09 18.31
C VAL J 97 51.60 12.66 17.77
N LEU J 98 51.50 12.54 16.45
CA LEU J 98 51.49 11.24 15.79
C LEU J 98 52.82 10.49 15.95
N GLN J 99 53.91 11.25 16.03
CA GLN J 99 55.24 10.66 16.05
C GLN J 99 55.77 10.39 17.44
N ALA J 100 55.58 11.34 18.36
CA ALA J 100 56.13 11.22 19.71
C ALA J 100 55.06 11.18 20.79
N ILE J 101 54.06 10.31 20.61
CA ILE J 101 53.01 10.14 21.62
C ILE J 101 53.60 9.52 22.89
N ASP J 102 54.66 8.73 22.73
CA ASP J 102 55.35 8.12 23.86
C ASP J 102 56.03 9.18 24.72
N LEU J 103 56.64 10.15 24.06
CA LEU J 103 57.31 11.25 24.75
C LEU J 103 56.27 12.17 25.39
N LEU J 104 55.07 12.18 24.83
CA LEU J 104 53.98 12.99 25.36
C LEU J 104 53.34 12.33 26.58
N GLU J 105 53.71 11.08 26.85
CA GLU J 105 53.21 10.36 28.01
C GLU J 105 54.28 10.26 29.08
N ASN J 106 55.49 10.68 28.73
CA ASN J 106 56.62 10.65 29.65
C ASN J 106 56.41 11.58 30.83
N PRO J 107 56.54 11.00 32.00
CA PRO J 107 56.31 11.75 33.24
C PRO J 107 57.33 12.86 33.50
N ASN J 108 58.44 12.85 32.77
CA ASN J 108 59.52 13.80 33.03
C ASN J 108 59.56 14.98 32.07
N CYS J 109 58.51 15.14 31.27
CA CYS J 109 58.41 16.27 30.34
C CYS J 109 56.97 16.50 29.91
N PHE J 110 56.71 17.65 29.28
CA PHE J 110 55.38 18.04 28.84
C PHE J 110 54.36 17.99 29.97
N PHE J 111 54.33 19.03 30.79
CA PHE J 111 53.47 19.06 31.96
C PHE J 111 52.19 19.86 31.72
N ASP J 112 52.32 21.00 31.04
CA ASP J 112 51.17 21.81 30.68
C ASP J 112 51.09 21.95 29.17
N VAL J 113 50.11 21.24 28.56
CA VAL J 113 50.02 21.17 27.11
C VAL J 113 48.63 21.54 26.59
N ILE J 114 48.60 22.38 25.56
CA ILE J 114 47.35 22.78 24.93
CA ILE J 114 47.35 22.78 24.93
C ILE J 114 47.20 22.10 23.57
N VAL J 115 46.17 21.27 23.44
CA VAL J 115 45.90 20.57 22.19
C VAL J 115 44.71 21.17 21.46
N PRO J 116 44.99 21.87 20.34
CA PRO J 116 43.94 22.51 19.52
C PRO J 116 42.92 21.50 19.01
N GLN J 117 41.69 21.95 18.81
CA GLN J 117 40.63 21.08 18.30
C GLN J 117 40.98 20.52 16.94
N ILE J 118 41.52 21.38 16.07
CA ILE J 118 41.88 20.98 14.72
C ILE J 118 42.94 19.89 14.73
N VAL J 119 43.84 19.94 15.72
CA VAL J 119 44.85 18.91 15.89
C VAL J 119 44.20 17.61 16.31
N LEU J 120 43.35 17.70 17.34
CA LEU J 120 42.65 16.53 17.87
C LEU J 120 41.85 15.83 16.80
N ASP J 121 41.27 16.61 15.89
CA ASP J 121 40.48 16.07 14.79
C ASP J 121 41.34 15.34 13.77
N GLU J 122 42.45 15.97 13.38
CA GLU J 122 43.37 15.37 12.41
C GLU J 122 43.99 14.08 12.94
N VAL J 123 44.31 14.07 14.23
CA VAL J 123 44.89 12.89 14.86
C VAL J 123 43.87 11.75 14.88
N ARG J 124 42.61 12.09 15.13
CA ARG J 124 41.53 11.09 15.17
C ARG J 124 41.38 10.41 13.82
N ASN J 125 41.47 11.18 12.75
CA ASN J 125 41.29 10.66 11.40
C ASN J 125 42.51 9.88 10.92
N LYS J 126 43.70 10.36 11.27
CA LYS J 126 44.95 9.73 10.86
C LYS J 126 45.26 8.49 11.68
N SER J 127 45.11 8.58 13.00
CA SER J 127 45.21 7.40 13.86
C SER J 127 44.08 7.35 14.88
N TYR J 128 43.34 6.25 14.92
CA TYR J 128 42.35 6.09 15.97
C TYR J 128 42.98 5.94 17.38
N PRO J 129 44.00 5.10 17.46
CA PRO J 129 44.59 4.74 18.76
C PRO J 129 45.29 5.89 19.47
N VAL J 130 46.09 6.62 18.71
CA VAL J 130 46.85 7.76 19.24
C VAL J 130 45.90 8.81 19.80
N TYR J 131 44.79 9.01 19.10
CA TYR J 131 43.75 9.95 19.52
C TYR J 131 43.19 9.58 20.89
N THR J 132 43.02 8.28 21.12
CA THR J 132 42.52 7.78 22.39
C THR J 132 43.54 8.04 23.50
N ARG J 133 44.81 7.80 23.19
CA ARG J 133 45.89 8.02 24.15
C ARG J 133 46.03 9.50 24.49
N LEU J 134 45.76 10.36 23.51
CA LEU J 134 45.84 11.80 23.71
C LEU J 134 44.68 12.29 24.56
N ARG J 135 43.50 11.73 24.33
CA ARG J 135 42.32 12.06 25.13
C ARG J 135 42.48 11.61 26.57
N THR J 136 43.14 10.47 26.74
CA THR J 136 43.39 9.92 28.08
C THR J 136 44.28 10.87 28.88
N LEU J 137 45.26 11.47 28.21
CA LEU J 137 46.14 12.44 28.85
C LEU J 137 45.36 13.68 29.30
N CYS J 138 44.38 14.07 28.50
CA CYS J 138 43.54 15.22 28.83
C CYS J 138 42.61 14.88 29.99
N ARG J 139 41.95 13.73 29.87
CA ARG J 139 41.03 13.19 30.86
C ARG J 139 41.71 12.84 32.18
N ASP J 140 42.95 12.38 32.07
CA ASP J 140 43.66 11.77 33.20
C ASP J 140 44.54 12.76 33.96
N SER J 141 44.40 14.05 33.65
CA SER J 141 45.30 15.06 34.19
C SER J 141 45.28 15.14 35.71
N ASP J 142 46.49 15.29 36.27
CA ASP J 142 46.74 15.35 37.71
C ASP J 142 47.60 16.56 38.06
N ASP J 143 48.44 16.42 39.09
CA ASP J 143 49.35 17.49 39.49
C ASP J 143 50.71 17.34 38.85
N HIS J 144 50.87 16.31 38.03
CA HIS J 144 52.12 16.07 37.32
C HIS J 144 51.99 16.42 35.84
N LYS J 145 50.93 15.93 35.22
CA LYS J 145 50.69 16.16 33.80
C LYS J 145 49.32 16.77 33.56
N ARG J 146 49.27 17.79 32.70
CA ARG J 146 48.03 18.51 32.44
C ARG J 146 47.84 18.79 30.95
N PHE J 147 46.80 18.16 30.36
CA PHE J 147 46.48 18.35 28.94
C PHE J 147 45.05 18.85 28.78
N ILE J 148 44.85 19.80 27.87
CA ILE J 148 43.51 20.29 27.57
C ILE J 148 43.21 20.27 26.08
N VAL J 149 41.95 20.51 25.74
CA VAL J 149 41.55 20.62 24.36
C VAL J 149 40.84 21.95 24.14
N PHE J 150 41.55 22.89 23.49
CA PHE J 150 40.96 24.20 23.19
C PHE J 150 40.24 24.16 21.85
N HIS J 151 38.91 24.21 21.89
CA HIS J 151 38.11 24.17 20.68
C HIS J 151 38.27 25.44 19.86
N ASN J 152 39.36 25.51 19.08
CA ASN J 152 39.69 26.70 18.32
C ASN J 152 38.78 26.92 17.11
N GLU J 153 38.26 25.83 16.56
CA GLU J 153 37.38 25.91 15.40
C GLU J 153 36.01 26.48 15.79
N PHE J 154 35.63 26.27 17.04
CA PHE J 154 34.33 26.73 17.53
C PHE J 154 34.40 28.14 18.12
N SER J 155 35.61 28.59 18.44
CA SER J 155 35.81 29.92 18.98
C SER J 155 35.90 30.96 17.86
N GLU J 156 35.06 31.98 17.92
CA GLU J 156 35.04 33.01 16.90
C GLU J 156 36.34 33.80 16.85
N HIS J 157 37.02 33.86 17.99
CA HIS J 157 38.26 34.63 18.10
C HIS J 157 39.42 33.96 17.35
N THR J 158 39.38 32.63 17.28
CA THR J 158 40.50 31.89 16.71
C THR J 158 40.17 31.21 15.39
N PHE J 159 38.88 31.12 15.06
CA PHE J 159 38.47 30.45 13.84
C PHE J 159 38.94 31.18 12.59
N VAL J 160 39.67 30.45 11.73
CA VAL J 160 40.10 31.00 10.46
C VAL J 160 39.45 30.22 9.31
N GLU J 161 39.25 30.90 8.19
CA GLU J 161 38.65 30.26 7.02
C GLU J 161 39.62 30.23 5.85
N ARG J 162 39.45 29.22 4.99
CA ARG J 162 40.34 29.02 3.85
C ARG J 162 40.41 30.24 2.94
N LEU J 163 41.63 30.75 2.74
CA LEU J 163 41.87 31.85 1.84
C LEU J 163 41.86 31.33 0.40
N PRO J 164 41.54 32.22 -0.58
CA PRO J 164 41.58 31.84 -2.00
C PRO J 164 42.91 31.24 -2.39
N ASN J 165 42.88 30.08 -3.06
CA ASN J 165 44.08 29.37 -3.47
C ASN J 165 44.98 29.00 -2.29
N GLU J 166 44.42 28.27 -1.33
CA GLU J 166 45.18 27.82 -0.17
C GLU J 166 44.87 26.36 0.15
N THR J 167 45.90 25.54 0.28
CA THR J 167 45.73 24.14 0.62
C THR J 167 45.22 23.99 2.04
N ILE J 168 44.50 22.90 2.30
CA ILE J 168 43.90 22.63 3.60
C ILE J 168 44.96 22.47 4.68
N ASN J 169 46.14 21.95 4.29
CA ASN J 169 47.22 21.75 5.24
C ASN J 169 47.81 23.07 5.73
N ASP J 170 47.83 24.08 4.87
CA ASP J 170 48.34 25.40 5.23
C ASP J 170 47.33 26.17 6.07
N ARG J 171 46.05 25.95 5.81
CA ARG J 171 44.99 26.58 6.57
C ARG J 171 45.01 26.08 8.01
N ASN J 172 45.13 24.76 8.16
CA ASN J 172 45.18 24.13 9.46
C ASN J 172 46.40 24.56 10.27
N ASN J 173 47.55 24.66 9.60
CA ASN J 173 48.76 25.17 10.23
C ASN J 173 48.60 26.63 10.65
N ARG J 174 47.86 27.38 9.85
CA ARG J 174 47.57 28.78 10.16
C ARG J 174 46.57 28.86 11.32
N ALA J 175 45.68 27.88 11.40
CA ALA J 175 44.71 27.80 12.47
C ALA J 175 45.39 27.55 13.81
N ILE J 176 46.32 26.59 13.82
CA ILE J 176 47.10 26.29 15.02
C ILE J 176 47.92 27.51 15.43
N ARG J 177 48.50 28.17 14.45
CA ARG J 177 49.32 29.35 14.68
C ARG J 177 48.49 30.51 15.21
N LYS J 178 47.22 30.56 14.80
CA LYS J 178 46.30 31.58 15.26
C LYS J 178 45.92 31.33 16.73
N THR J 179 45.83 30.05 17.08
CA THR J 179 45.51 29.66 18.45
C THR J 179 46.65 30.05 19.40
N CYS J 180 47.88 29.80 18.96
CA CYS J 180 49.04 30.13 19.77
C CYS J 180 49.11 31.64 20.00
N GLN J 181 48.84 32.41 18.96
CA GLN J 181 48.85 33.87 19.07
C GLN J 181 47.75 34.34 20.03
N TRP J 182 46.58 33.74 19.91
CA TRP J 182 45.46 34.08 20.78
C TRP J 182 45.78 33.75 22.21
N TYR J 183 46.38 32.58 22.41
CA TYR J 183 46.80 32.15 23.74
C TYR J 183 47.87 33.09 24.29
N SER J 184 48.78 33.49 23.42
CA SER J 184 49.90 34.35 23.82
C SER J 184 49.39 35.70 24.30
N GLU J 185 48.53 36.33 23.49
CA GLU J 185 47.97 37.63 23.82
C GLU J 185 47.04 37.53 25.02
N HIS J 186 46.37 36.40 25.16
CA HIS J 186 45.39 36.18 26.22
C HIS J 186 46.05 35.96 27.57
N LEU J 187 47.30 35.50 27.55
CA LEU J 187 48.01 35.16 28.78
C LEU J 187 49.15 36.13 29.11
N LYS J 188 49.23 37.23 28.37
CA LYS J 188 50.23 38.26 28.62
C LYS J 188 50.23 38.83 30.05
N PRO J 189 49.05 39.16 30.61
CA PRO J 189 49.07 39.70 31.97
C PRO J 189 49.58 38.73 33.02
N TYR J 190 49.67 37.44 32.68
CA TYR J 190 50.10 36.43 33.63
C TYR J 190 51.54 35.99 33.38
N ASP J 191 52.20 36.67 32.45
CA ASP J 191 53.61 36.41 32.11
C ASP J 191 53.87 34.95 31.71
N ILE J 192 52.90 34.35 31.02
CA ILE J 192 53.04 32.98 30.53
C ILE J 192 53.10 32.95 29.02
N ASN J 193 54.26 32.64 28.47
CA ASN J 193 54.43 32.53 27.03
C ASN J 193 53.90 31.20 26.51
N VAL J 194 53.79 31.08 25.19
CA VAL J 194 53.38 29.82 24.58
C VAL J 194 54.43 29.33 23.57
N VAL J 195 54.72 28.04 23.63
CA VAL J 195 55.71 27.45 22.72
C VAL J 195 55.03 26.48 21.76
N LEU J 196 55.20 26.74 20.47
CA LEU J 196 54.62 25.89 19.43
C LEU J 196 55.61 24.81 19.01
N VAL J 197 55.36 23.57 19.44
CA VAL J 197 56.22 22.46 19.06
C VAL J 197 55.75 21.85 17.75
N THR J 198 56.51 22.10 16.68
CA THR J 198 56.15 21.62 15.35
C THR J 198 57.37 21.28 14.52
N ASN J 199 57.29 20.18 13.77
CA ASN J 199 58.35 19.81 12.84
C ASN J 199 58.16 20.39 11.45
N ASP J 200 57.02 21.04 11.22
CA ASP J 200 56.67 21.54 9.89
C ASP J 200 57.55 22.70 9.41
N ARG J 201 57.97 22.60 8.15
CA ARG J 201 58.71 23.67 7.46
C ARG J 201 57.90 24.94 7.26
N LEU J 202 56.62 24.76 6.93
CA LEU J 202 55.74 25.86 6.50
C LEU J 202 55.54 26.95 7.55
N ASN J 203 55.43 26.57 8.81
CA ASN J 203 55.11 27.50 9.87
C ASN J 203 56.15 28.61 10.04
N ARG J 204 57.43 28.26 9.89
CA ARG J 204 58.51 29.20 10.12
C ARG J 204 58.50 30.42 9.21
N GLU J 205 58.19 30.21 7.93
CA GLU J 205 58.21 31.31 6.97
C GLU J 205 57.23 32.41 7.37
N ALA J 206 56.06 32.00 7.85
CA ALA J 206 55.04 32.95 8.28
C ALA J 206 55.48 33.74 9.50
N ALA J 207 56.36 33.14 10.30
CA ALA J 207 56.87 33.78 11.51
C ALA J 207 58.11 34.61 11.20
N THR J 208 58.90 34.19 10.21
CA THR J 208 60.12 34.90 9.92
C THR J 208 59.80 36.34 9.51
N LYS J 209 58.75 36.52 8.71
CA LYS J 209 58.28 37.85 8.39
C LYS J 209 57.76 38.57 9.65
N GLU J 210 57.01 37.82 10.46
CA GLU J 210 56.49 38.35 11.72
C GLU J 210 55.66 39.62 11.51
N VAL J 211 54.89 39.65 10.42
CA VAL J 211 54.15 40.86 10.06
C VAL J 211 53.06 41.27 11.05
N GLU J 212 52.28 40.31 11.54
CA GLU J 212 51.15 40.63 12.41
C GLU J 212 51.42 40.49 13.91
N SER J 213 52.04 39.38 14.30
CA SER J 213 52.30 39.09 15.70
C SER J 213 53.47 38.13 15.86
N ASN J 214 54.04 38.08 17.06
CA ASN J 214 55.15 37.16 17.30
C ASN J 214 54.69 35.84 17.91
N ILE J 215 55.50 34.81 17.72
CA ILE J 215 55.19 33.49 18.26
C ILE J 215 56.44 32.64 18.43
N ILE J 216 56.59 32.00 19.58
CA ILE J 216 57.77 31.17 19.79
C ILE J 216 57.48 29.74 19.35
N THR J 217 58.19 29.30 18.31
CA THR J 217 58.02 27.96 17.78
C THR J 217 59.35 27.22 17.72
N LYS J 218 59.37 25.99 18.23
CA LYS J 218 60.57 25.16 18.19
C LYS J 218 60.28 23.82 17.54
N SER J 219 61.16 23.40 16.62
CA SER J 219 61.01 22.09 16.00
C SER J 219 61.15 21.06 17.12
N LEU J 220 60.34 20.01 17.08
CA LEU J 220 60.29 19.08 18.20
C LEU J 220 61.67 18.89 18.85
N VAL J 221 62.66 18.55 18.04
CA VAL J 221 64.03 18.37 18.54
C VAL J 221 64.60 19.67 19.10
N GLN J 222 64.28 20.79 18.45
CA GLN J 222 64.76 22.09 18.86
C GLN J 222 64.14 22.53 20.19
N TYR J 223 62.91 22.10 20.43
CA TYR J 223 62.21 22.44 21.68
C TYR J 223 62.76 21.64 22.85
N ILE J 224 63.03 20.35 22.61
CA ILE J 224 63.56 19.47 23.65
C ILE J 224 64.91 19.99 24.16
N GLU J 225 65.69 20.59 23.27
CA GLU J 225 67.01 21.09 23.61
C GLU J 225 66.95 22.39 24.43
N LEU J 226 65.73 22.78 24.82
CA LEU J 226 65.55 23.99 25.62
C LEU J 226 65.06 23.65 27.03
N LEU J 227 64.89 22.35 27.29
CA LEU J 227 64.39 21.89 28.58
C LEU J 227 65.54 21.56 29.53
N PRO J 228 65.30 21.71 30.84
CA PRO J 228 66.30 21.39 31.87
C PRO J 228 66.77 19.94 31.81
N ASN J 229 65.86 19.03 31.47
CA ASN J 229 66.18 17.61 31.39
C ASN J 229 66.30 17.12 29.96
N ALA J 230 66.95 17.91 29.12
CA ALA J 230 67.08 17.60 27.70
C ALA J 230 67.79 16.27 27.45
N ASP J 231 68.81 15.98 28.27
CA ASP J 231 69.59 14.77 28.11
C ASP J 231 68.81 13.52 28.52
N ASP J 232 67.78 13.70 29.33
CA ASP J 232 67.00 12.57 29.84
C ASP J 232 65.83 12.23 28.92
N ILE J 233 65.49 13.14 28.01
CA ILE J 233 64.33 12.94 27.14
C ILE J 233 64.66 13.04 25.66
N ARG J 234 65.94 13.22 25.33
CA ARG J 234 66.36 13.32 23.93
C ARG J 234 66.30 11.97 23.24
N ASP J 235 66.32 10.89 24.02
CA ASP J 235 66.31 9.54 23.49
C ASP J 235 64.91 9.10 23.06
N SER J 236 63.91 9.93 23.36
CA SER J 236 62.53 9.59 23.05
C SER J 236 62.03 10.27 21.78
N ILE J 237 62.88 11.10 21.19
CA ILE J 237 62.52 11.81 19.96
C ILE J 237 62.39 10.85 18.79
N PRO J 238 61.18 10.76 18.24
CA PRO J 238 60.90 9.87 17.10
C PRO J 238 61.68 10.30 15.86
N GLN J 239 62.16 9.32 15.10
CA GLN J 239 62.91 9.61 13.88
C GLN J 239 62.04 9.50 12.65
N ASP J 254 72.98 -2.00 -4.15
CA ASP J 254 71.70 -1.35 -4.43
C ASP J 254 70.55 -2.08 -3.76
N PHE J 255 70.08 -1.53 -2.63
CA PHE J 255 68.98 -2.13 -1.89
C PHE J 255 67.79 -1.18 -1.83
N THR J 256 66.61 -1.69 -2.17
CA THR J 256 65.39 -0.89 -2.15
C THR J 256 64.15 -1.77 -2.29
N PHE J 257 63.23 -1.64 -1.34
CA PHE J 257 62.02 -2.41 -1.36
C PHE J 257 61.09 -1.76 -2.33
N PRO J 258 60.14 -2.55 -2.88
CA PRO J 258 59.16 -1.99 -3.78
C PRO J 258 58.17 -1.20 -2.98
N GLU J 259 57.94 0.04 -3.40
CA GLU J 259 57.03 0.96 -2.74
C GLU J 259 55.69 0.29 -2.58
N TYR J 260 54.98 0.57 -1.50
CA TYR J 260 53.60 0.08 -1.35
C TYR J 260 52.75 0.80 -2.34
N TYR J 261 51.63 0.20 -2.68
CA TYR J 261 50.72 0.77 -3.62
C TYR J 261 50.08 2.00 -2.97
N SER J 262 49.57 2.89 -3.80
CA SER J 262 48.72 3.95 -3.29
C SER J 262 47.41 3.34 -2.77
N THR J 263 46.72 4.11 -1.94
CA THR J 263 45.52 3.65 -1.24
C THR J 263 44.38 3.30 -2.19
N ALA J 264 44.22 4.11 -3.23
CA ALA J 264 43.15 3.90 -4.20
C ALA J 264 43.33 2.56 -4.91
N ARG J 265 44.58 2.21 -5.19
CA ARG J 265 44.89 0.99 -5.92
C ARG J 265 44.46 -0.28 -5.20
N VAL J 266 44.65 -0.34 -3.88
CA VAL J 266 44.34 -1.57 -3.15
C VAL J 266 42.84 -1.70 -2.91
N MET J 267 42.15 -0.58 -2.82
CA MET J 267 40.72 -0.59 -2.60
C MET J 267 40.01 -1.09 -3.85
N GLY J 268 40.53 -0.71 -5.01
CA GLY J 268 40.01 -1.20 -6.27
C GLY J 268 40.42 -2.63 -6.54
N GLY J 269 41.59 -3.00 -6.02
CA GLY J 269 42.10 -4.35 -6.17
C GLY J 269 41.27 -5.36 -5.40
N LEU J 270 40.92 -5.03 -4.17
CA LEU J 270 40.08 -5.89 -3.34
C LEU J 270 38.69 -6.04 -3.95
N LYS J 271 38.21 -4.95 -4.55
CA LYS J 271 36.86 -4.92 -5.11
C LYS J 271 36.79 -5.67 -6.43
N ASN J 272 37.93 -5.75 -7.13
CA ASN J 272 37.99 -6.43 -8.42
C ASN J 272 38.56 -7.84 -8.33
N GLY J 273 38.72 -8.34 -7.11
CA GLY J 273 39.21 -9.69 -6.88
C GLY J 273 40.64 -9.89 -7.32
N VAL J 274 41.40 -8.81 -7.38
CA VAL J 274 42.80 -8.88 -7.79
C VAL J 274 43.72 -8.96 -6.58
N LEU J 275 43.45 -8.13 -5.57
CA LEU J 275 44.22 -8.15 -4.33
C LEU J 275 43.42 -8.79 -3.21
N TYR J 276 44.13 -9.29 -2.20
CA TYR J 276 43.49 -10.03 -1.11
C TYR J 276 44.13 -9.68 0.23
N GLN J 277 43.30 -9.47 1.25
CA GLN J 277 43.82 -9.12 2.57
C GLN J 277 43.62 -10.26 3.58
N GLY J 278 44.56 -10.36 4.51
CA GLY J 278 44.50 -11.36 5.56
C GLY J 278 45.64 -11.17 6.56
N ASN J 279 45.64 -11.99 7.61
CA ASN J 279 46.69 -11.94 8.61
C ASN J 279 47.88 -12.82 8.25
N ILE J 280 49.08 -12.26 8.32
CA ILE J 280 50.28 -12.98 7.91
C ILE J 280 50.98 -13.63 9.10
N GLN J 281 51.45 -14.86 8.91
CA GLN J 281 52.21 -15.56 9.94
C GLN J 281 53.69 -15.68 9.56
N ILE J 282 54.55 -15.26 10.47
CA ILE J 282 56.00 -15.40 10.29
C ILE J 282 56.59 -16.18 11.44
N SER J 283 57.12 -17.37 11.13
CA SER J 283 57.66 -18.25 12.15
C SER J 283 59.09 -17.87 12.55
N GLU J 284 59.45 -18.19 13.79
CA GLU J 284 60.78 -17.91 14.29
C GLU J 284 61.81 -18.87 13.68
N TYR J 285 61.30 -19.96 13.11
CA TYR J 285 62.16 -20.95 12.47
C TYR J 285 62.60 -20.48 11.09
N ASN J 286 61.82 -19.58 10.50
CA ASN J 286 62.14 -19.05 9.18
C ASN J 286 61.57 -17.65 8.98
N PHE J 287 62.45 -16.66 8.94
CA PHE J 287 62.05 -15.26 8.78
C PHE J 287 61.94 -14.84 7.33
N LEU J 288 62.32 -15.73 6.41
CA LEU J 288 62.31 -15.41 4.99
C LEU J 288 61.08 -15.97 4.28
N GLU J 289 60.15 -16.52 5.07
CA GLU J 289 58.93 -17.09 4.52
C GLU J 289 57.72 -16.79 5.39
N GLY J 290 56.67 -16.26 4.77
CA GLY J 290 55.44 -15.97 5.46
C GLY J 290 54.26 -16.61 4.76
N SER J 291 53.13 -16.69 5.45
CA SER J 291 51.93 -17.28 4.88
C SER J 291 50.68 -16.50 5.31
N VAL J 292 49.81 -16.21 4.35
CA VAL J 292 48.60 -15.45 4.63
C VAL J 292 47.35 -16.32 4.53
N SER J 293 46.40 -16.12 5.44
CA SER J 293 45.15 -16.86 5.42
C SER J 293 44.10 -16.09 4.63
N LEU J 294 43.78 -16.59 3.44
CA LEU J 294 42.81 -15.94 2.58
C LEU J 294 41.51 -16.74 2.50
N PRO J 295 40.37 -16.03 2.52
CA PRO J 295 39.05 -16.67 2.48
C PRO J 295 38.76 -17.37 1.16
N ARG J 296 39.24 -16.81 0.05
CA ARG J 296 39.00 -17.39 -1.26
C ARG J 296 39.84 -18.64 -1.52
N PHE J 297 40.90 -18.82 -0.73
CA PHE J 297 41.82 -19.94 -0.94
C PHE J 297 41.75 -20.94 0.20
N SER J 298 41.85 -22.22 -0.15
CA SER J 298 41.77 -23.30 0.84
C SER J 298 43.01 -23.36 1.73
N LYS J 299 44.18 -23.48 1.10
CA LYS J 299 45.44 -23.51 1.82
C LYS J 299 46.11 -22.14 1.81
N PRO J 300 46.77 -21.77 2.91
CA PRO J 300 47.39 -20.44 3.06
C PRO J 300 48.43 -20.16 1.98
N VAL J 301 48.35 -18.95 1.40
CA VAL J 301 49.28 -18.54 0.35
C VAL J 301 50.65 -18.19 0.94
N LEU J 302 51.68 -18.84 0.42
CA LEU J 302 53.05 -18.59 0.89
C LEU J 302 53.62 -17.29 0.34
N ILE J 303 54.49 -16.65 1.12
CA ILE J 303 55.18 -15.45 0.68
C ILE J 303 56.68 -15.63 0.86
N VAL J 304 57.38 -15.92 -0.24
CA VAL J 304 58.80 -16.23 -0.19
C VAL J 304 59.67 -15.05 -0.58
N GLY J 305 60.67 -14.76 0.23
CA GLY J 305 61.59 -13.67 -0.05
C GLY J 305 61.50 -12.57 0.98
N GLN J 306 62.47 -11.66 0.97
CA GLN J 306 62.47 -10.53 1.90
C GLN J 306 61.81 -9.31 1.27
N LYS J 307 61.94 -9.19 -0.05
CA LYS J 307 61.26 -8.14 -0.80
C LYS J 307 59.77 -8.43 -0.90
N ASN J 308 59.42 -9.71 -0.96
CA ASN J 308 58.03 -10.11 -1.05
C ASN J 308 57.26 -9.94 0.25
N LEU J 309 57.95 -10.16 1.37
CA LEU J 309 57.36 -9.91 2.69
C LEU J 309 57.16 -8.42 2.88
N ASN J 310 58.07 -7.64 2.32
CA ASN J 310 57.99 -6.18 2.32
C ASN J 310 57.76 -5.57 3.70
N ARG J 311 58.72 -5.74 4.59
CA ARG J 311 58.71 -5.08 5.88
C ARG J 311 57.42 -5.37 6.64
N ALA J 312 56.93 -6.60 6.54
CA ALA J 312 55.74 -6.99 7.29
C ALA J 312 56.11 -7.69 8.60
N PHE J 313 55.31 -7.45 9.63
CA PHE J 313 55.48 -8.10 10.92
C PHE J 313 54.52 -9.27 11.08
N ASN J 314 54.81 -10.15 12.03
CA ASN J 314 53.92 -11.26 12.33
C ASN J 314 52.62 -10.77 12.94
N GLY J 315 51.50 -11.18 12.37
CA GLY J 315 50.20 -10.82 12.87
C GLY J 315 49.59 -9.61 12.18
N ASP J 316 50.38 -9.00 11.29
CA ASP J 316 49.91 -7.84 10.55
C ASP J 316 48.85 -8.23 9.51
N GLN J 317 47.83 -7.38 9.36
CA GLN J 317 46.88 -7.55 8.28
C GLN J 317 47.48 -6.93 7.02
N VAL J 318 47.84 -7.78 6.07
CA VAL J 318 48.48 -7.31 4.85
C VAL J 318 47.63 -7.56 3.61
N ILE J 319 47.88 -6.77 2.57
CA ILE J 319 47.24 -6.98 1.28
C ILE J 319 48.24 -7.56 0.30
N VAL J 320 47.94 -8.74 -0.23
CA VAL J 320 48.89 -9.43 -1.09
C VAL J 320 48.44 -9.52 -2.55
N GLU J 321 49.42 -9.60 -3.44
CA GLU J 321 49.17 -9.78 -4.86
C GLU J 321 49.80 -11.07 -5.33
N LEU J 322 49.01 -11.90 -6.02
CA LEU J 322 49.50 -13.19 -6.50
C LEU J 322 50.62 -13.04 -7.53
N LEU J 323 51.74 -13.72 -7.27
CA LEU J 323 52.87 -13.72 -8.19
C LEU J 323 52.56 -14.65 -9.39
N PRO J 324 53.24 -14.42 -10.52
CA PRO J 324 53.10 -15.30 -11.69
C PRO J 324 53.33 -16.77 -11.35
N GLN J 325 52.73 -17.66 -12.12
CA GLN J 325 52.80 -19.09 -11.85
C GLN J 325 54.22 -19.64 -11.92
N SER J 326 55.08 -18.96 -12.67
CA SER J 326 56.47 -19.35 -12.79
C SER J 326 57.25 -19.07 -11.50
N GLU J 327 56.67 -18.26 -10.63
CA GLU J 327 57.26 -17.97 -9.32
C GLU J 327 56.82 -18.96 -8.23
N TRP J 328 55.97 -19.92 -8.60
CA TRP J 328 55.41 -20.87 -7.65
C TRP J 328 56.44 -21.78 -7.04
N LYS J 329 56.22 -22.16 -5.77
CA LYS J 329 57.19 -22.95 -5.02
C LYS J 329 56.61 -24.17 -4.29
N ALA J 330 57.48 -25.15 -4.05
CA ALA J 330 57.15 -26.40 -3.38
C ALA J 330 57.84 -26.45 -2.01
N VAL J 366 51.51 -11.55 -16.02
CA VAL J 366 50.17 -11.06 -16.30
C VAL J 366 50.11 -9.54 -16.30
N ILE J 367 49.11 -8.99 -16.99
CA ILE J 367 48.96 -7.54 -17.09
C ILE J 367 47.56 -7.09 -16.67
N SER J 368 46.56 -7.54 -17.42
CA SER J 368 45.18 -7.14 -17.17
C SER J 368 44.61 -7.78 -15.91
N ASP J 369 43.47 -7.26 -15.46
CA ASP J 369 42.80 -7.78 -14.27
C ASP J 369 42.17 -9.13 -14.56
N LYS J 370 41.79 -9.35 -15.82
CA LYS J 370 41.20 -10.61 -16.24
C LYS J 370 42.18 -11.77 -16.04
N GLN J 371 43.43 -11.54 -16.44
CA GLN J 371 44.48 -12.55 -16.31
C GLN J 371 44.82 -12.83 -14.85
N ARG J 372 44.68 -11.80 -14.02
CA ARG J 372 44.96 -11.93 -12.59
C ARG J 372 43.89 -12.76 -11.89
N ARG J 373 42.64 -12.64 -12.35
CA ARG J 373 41.56 -13.44 -11.82
C ARG J 373 41.66 -14.87 -12.32
N LEU J 374 42.22 -15.06 -13.52
CA LEU J 374 42.50 -16.38 -14.04
C LEU J 374 43.65 -17.02 -13.29
N LEU J 375 44.63 -16.19 -12.94
CA LEU J 375 45.77 -16.64 -12.15
C LEU J 375 45.27 -17.10 -10.79
N ALA J 376 44.29 -16.36 -10.27
CA ALA J 376 43.68 -16.70 -8.97
C ALA J 376 43.02 -18.07 -9.02
N LYS J 377 42.33 -18.35 -10.12
CA LYS J 377 41.66 -19.63 -10.30
C LYS J 377 42.67 -20.75 -10.45
N ASP J 378 43.75 -20.50 -11.18
CA ASP J 378 44.82 -21.48 -11.32
C ASP J 378 45.51 -21.72 -9.99
N ALA J 379 45.48 -20.73 -9.13
CA ALA J 379 46.06 -20.84 -7.79
C ALA J 379 45.21 -21.74 -6.90
N MET J 380 43.89 -21.63 -7.05
CA MET J 380 42.97 -22.45 -6.27
C MET J 380 43.08 -23.93 -6.72
N ILE J 381 43.27 -24.13 -8.01
CA ILE J 381 43.44 -25.47 -8.56
C ILE J 381 44.73 -26.09 -8.05
N ALA J 382 45.80 -25.31 -8.04
CA ALA J 382 47.12 -25.77 -7.63
C ALA J 382 47.14 -26.16 -6.15
N GLN J 383 46.30 -25.50 -5.36
CA GLN J 383 46.23 -25.79 -3.93
C GLN J 383 45.52 -27.12 -3.66
N ARG J 384 44.62 -27.50 -4.57
CA ARG J 384 43.91 -28.77 -4.44
C ARG J 384 44.80 -29.93 -4.87
N SER J 385 45.68 -29.67 -5.85
CA SER J 385 46.55 -30.71 -6.41
C SER J 385 47.67 -31.09 -5.46
N LYS J 386 48.05 -30.15 -4.59
CA LYS J 386 49.09 -30.36 -3.58
C LYS J 386 50.46 -30.73 -4.17
N LYS J 387 50.66 -30.42 -5.45
CA LYS J 387 51.95 -30.61 -6.09
C LYS J 387 52.78 -29.34 -6.00
N ILE J 388 52.24 -28.26 -6.54
CA ILE J 388 52.87 -26.95 -6.44
C ILE J 388 51.97 -26.01 -5.65
N GLN J 389 52.56 -25.10 -4.88
CA GLN J 389 51.80 -24.16 -4.07
C GLN J 389 52.07 -22.72 -4.46
N PRO J 390 50.99 -21.94 -4.66
CA PRO J 390 51.06 -20.54 -5.13
C PRO J 390 51.75 -19.61 -4.14
N THR J 391 52.49 -18.64 -4.66
CA THR J 391 53.13 -17.64 -3.82
C THR J 391 52.62 -16.23 -4.16
N ALA J 392 52.86 -15.30 -3.25
CA ALA J 392 52.41 -13.91 -3.45
C ALA J 392 53.39 -12.93 -2.83
N LYS J 393 53.04 -11.64 -2.91
CA LYS J 393 53.84 -10.59 -2.31
C LYS J 393 52.95 -9.56 -1.66
N VAL J 394 53.33 -9.10 -0.47
CA VAL J 394 52.56 -8.04 0.20
C VAL J 394 52.86 -6.70 -0.48
N VAL J 395 51.81 -5.93 -0.75
CA VAL J 395 51.97 -4.63 -1.41
C VAL J 395 51.36 -3.49 -0.62
N TYR J 396 50.82 -3.80 0.55
CA TYR J 396 50.17 -2.82 1.40
C TYR J 396 49.97 -3.40 2.79
N ILE J 397 50.14 -2.57 3.81
CA ILE J 397 49.90 -3.01 5.18
C ILE J 397 48.63 -2.32 5.71
N GLN J 398 47.55 -3.09 5.77
CA GLN J 398 46.27 -2.57 6.24
C GLN J 398 46.33 -2.12 7.69
N ARG J 399 46.60 -3.07 8.59
CA ARG J 399 46.68 -2.76 10.01
C ARG J 399 47.94 -3.35 10.63
N ARG J 400 48.82 -2.48 11.08
CA ARG J 400 50.04 -2.89 11.76
C ARG J 400 49.71 -3.48 13.12
N SER J 401 50.44 -4.53 13.51
CA SER J 401 50.27 -5.12 14.83
C SER J 401 51.24 -4.47 15.82
N TRP J 402 51.76 -3.30 15.44
CA TRP J 402 52.74 -2.59 16.25
C TRP J 402 52.17 -2.12 17.58
N ARG J 403 53.03 -2.17 18.59
CA ARG J 403 52.73 -1.80 19.96
C ARG J 403 54.08 -1.50 20.58
N GLN J 404 54.10 -0.91 21.77
CA GLN J 404 55.38 -0.59 22.38
C GLN J 404 56.16 -1.89 22.55
N TYR J 405 57.44 -1.85 22.23
CA TYR J 405 58.27 -3.05 22.19
C TYR J 405 59.42 -3.01 23.19
N VAL J 406 59.59 -4.09 23.94
CA VAL J 406 60.62 -4.17 24.95
C VAL J 406 61.83 -4.91 24.40
N GLY J 407 63.01 -4.36 24.62
CA GLY J 407 64.24 -5.00 24.15
C GLY J 407 65.46 -4.56 24.94
N GLN J 408 66.63 -4.89 24.42
CA GLN J 408 67.88 -4.50 25.04
C GLN J 408 68.93 -4.20 23.96
N LEU J 409 69.79 -3.22 24.25
CA LEU J 409 70.83 -2.84 23.31
C LEU J 409 71.82 -3.97 23.06
N ALA J 410 72.19 -4.16 21.80
CA ALA J 410 73.21 -5.14 21.44
C ALA J 410 74.59 -4.53 21.66
N PRO J 411 75.39 -5.14 22.54
CA PRO J 411 76.73 -4.65 22.90
C PRO J 411 77.67 -4.58 21.71
N SER J 412 77.29 -5.22 20.60
CA SER J 412 78.14 -5.29 19.41
C SER J 412 78.14 -3.99 18.61
N SER J 413 77.04 -3.25 18.69
CA SER J 413 76.87 -2.05 17.86
C SER J 413 77.10 -0.75 18.61
N VAL J 414 77.56 -0.84 19.84
CA VAL J 414 77.83 0.36 20.65
C VAL J 414 79.31 0.51 20.96
N ASP J 415 79.86 1.66 20.60
CA ASP J 415 81.27 1.95 20.84
C ASP J 415 81.46 2.77 22.11
N PRO J 416 82.14 2.19 23.12
CA PRO J 416 82.39 2.85 24.40
C PRO J 416 83.29 4.08 24.25
N GLN J 417 84.07 4.12 23.19
CA GLN J 417 84.99 5.24 22.96
C GLN J 417 84.26 6.48 22.44
N SER J 418 83.11 6.26 21.80
CA SER J 418 82.33 7.36 21.25
C SER J 418 81.66 8.19 22.34
N SER J 419 81.69 9.51 22.18
CA SER J 419 81.10 10.41 23.16
C SER J 419 79.88 11.13 22.59
N SER J 420 79.87 11.31 21.27
CA SER J 420 78.75 11.96 20.60
C SER J 420 77.62 10.97 20.35
N THR J 421 76.62 11.41 19.59
CA THR J 421 75.48 10.56 19.25
C THR J 421 75.90 9.47 18.28
N GLN J 422 75.48 8.24 18.54
CA GLN J 422 75.80 7.12 17.66
C GLN J 422 74.62 6.19 17.43
N ASN J 423 74.64 5.50 16.29
CA ASN J 423 73.62 4.52 15.96
C ASN J 423 73.90 3.17 16.60
N VAL J 424 72.89 2.59 17.22
CA VAL J 424 73.02 1.26 17.82
C VAL J 424 71.84 0.38 17.44
N PHE J 425 71.91 -0.90 17.79
CA PHE J 425 70.82 -1.83 17.55
C PHE J 425 70.20 -2.32 18.85
N VAL J 426 68.90 -2.55 18.84
CA VAL J 426 68.19 -3.08 20.00
C VAL J 426 67.51 -4.42 19.67
N ILE J 427 67.80 -5.43 20.48
CA ILE J 427 67.23 -6.75 20.27
C ILE J 427 65.89 -6.89 20.99
N LEU J 428 64.81 -6.93 20.21
CA LEU J 428 63.46 -7.04 20.78
C LEU J 428 63.25 -8.40 21.44
N MET J 429 62.42 -8.42 22.48
CA MET J 429 62.15 -9.66 23.21
C MET J 429 61.33 -10.64 22.38
N ASP J 430 60.70 -10.15 21.32
CA ASP J 430 59.96 -11.00 20.40
C ASP J 430 60.95 -11.66 19.43
N LYS J 431 61.07 -12.98 19.53
CA LYS J 431 62.02 -13.72 18.71
C LYS J 431 61.59 -13.80 17.25
N CYS J 432 60.35 -13.41 16.98
CA CYS J 432 59.82 -13.44 15.63
C CYS J 432 59.96 -12.08 14.95
N LEU J 433 60.65 -11.16 15.62
CA LEU J 433 60.80 -9.79 15.12
C LEU J 433 62.26 -9.41 14.93
N PRO J 434 62.54 -8.62 13.87
CA PRO J 434 63.89 -8.12 13.57
C PRO J 434 64.37 -7.10 14.61
N LYS J 435 65.58 -6.60 14.44
CA LYS J 435 66.13 -5.60 15.36
C LYS J 435 65.93 -4.18 14.84
N VAL J 436 66.02 -3.20 15.73
CA VAL J 436 65.73 -1.82 15.36
C VAL J 436 66.94 -0.90 15.61
N ARG J 437 67.12 0.08 14.73
CA ARG J 437 68.19 1.08 14.87
C ARG J 437 67.76 2.21 15.81
N ILE J 438 68.68 2.62 16.67
CA ILE J 438 68.39 3.67 17.66
C ILE J 438 69.44 4.77 17.68
N ARG J 439 68.98 6.02 17.65
CA ARG J 439 69.85 7.18 17.83
C ARG J 439 69.93 7.54 19.31
N THR J 440 71.14 7.54 19.88
CA THR J 440 71.29 7.81 21.31
C THR J 440 72.68 8.34 21.68
N ARG J 441 72.75 8.99 22.83
CA ARG J 441 74.02 9.46 23.39
C ARG J 441 74.34 8.73 24.67
N ARG J 442 73.30 8.27 25.35
CA ARG J 442 73.45 7.52 26.60
C ARG J 442 73.53 6.02 26.34
N ALA J 443 74.29 5.66 25.31
CA ALA J 443 74.42 4.26 24.92
C ALA J 443 75.10 3.40 25.98
N ALA J 444 75.89 4.05 26.83
CA ALA J 444 76.60 3.36 27.90
C ALA J 444 75.69 3.16 29.11
N GLU J 445 74.70 4.04 29.26
CA GLU J 445 73.79 4.00 30.40
C GLU J 445 72.61 3.07 30.14
N LEU J 446 72.42 2.70 28.88
CA LEU J 446 71.33 1.80 28.50
C LEU J 446 71.88 0.47 28.02
N LEU J 447 73.13 0.18 28.39
CA LEU J 447 73.83 -0.99 27.90
C LEU J 447 73.25 -2.30 28.42
N ASP J 448 73.12 -2.43 29.72
CA ASP J 448 72.63 -3.66 30.34
C ASP J 448 71.26 -3.42 31.00
N LYS J 449 70.31 -2.92 30.22
CA LYS J 449 68.98 -2.63 30.76
C LYS J 449 67.87 -3.00 29.79
N ARG J 450 66.70 -3.34 30.35
CA ARG J 450 65.51 -3.57 29.56
C ARG J 450 64.93 -2.22 29.16
N ILE J 451 64.88 -1.93 27.86
CA ILE J 451 64.36 -0.65 27.40
C ILE J 451 63.12 -0.79 26.54
N VAL J 452 62.30 0.25 26.54
CA VAL J 452 61.11 0.29 25.69
C VAL J 452 61.37 1.18 24.49
N ILE J 453 61.15 0.63 23.30
CA ILE J 453 61.34 1.39 22.07
C ILE J 453 60.09 1.34 21.20
N SER J 454 59.94 2.36 20.36
CA SER J 454 58.82 2.46 19.43
C SER J 454 59.31 2.76 18.01
N ILE J 455 58.80 2.03 17.04
CA ILE J 455 59.16 2.22 15.64
C ILE J 455 58.64 3.53 15.04
N ASP J 456 59.45 4.16 14.20
CA ASP J 456 59.02 5.34 13.45
C ASP J 456 58.72 5.05 11.97
N SER J 457 59.66 4.42 11.27
CA SER J 457 59.47 4.10 9.86
C SER J 457 60.34 2.94 9.35
N TRP J 458 59.87 2.28 8.29
CA TRP J 458 60.63 1.23 7.62
C TRP J 458 60.58 1.38 6.11
N PRO J 459 61.36 2.31 5.56
CA PRO J 459 61.24 2.62 4.15
C PRO J 459 62.01 1.65 3.26
N THR J 460 61.70 1.68 1.96
CA THR J 460 62.33 0.78 0.96
C THR J 460 63.85 0.79 1.00
N THR J 461 64.46 1.94 1.25
CA THR J 461 65.92 2.09 1.11
C THR J 461 66.67 1.88 2.41
N HIS J 462 66.06 1.18 3.36
CA HIS J 462 66.73 0.81 4.63
C HIS J 462 66.51 -0.64 4.96
N LYS J 463 67.59 -1.36 5.20
CA LYS J 463 67.52 -2.80 5.43
C LYS J 463 66.82 -3.16 6.74
N TYR J 464 66.70 -2.20 7.66
CA TYR J 464 66.10 -2.42 8.99
C TYR J 464 65.17 -1.28 9.38
N PRO J 465 64.16 -1.59 10.19
CA PRO J 465 63.23 -0.58 10.71
C PRO J 465 63.93 0.40 11.65
N LEU J 466 63.44 1.64 11.73
CA LEU J 466 64.05 2.64 12.61
C LEU J 466 63.17 2.99 13.81
N GLY J 467 63.77 2.93 15.01
CA GLY J 467 63.04 3.21 16.24
C GLY J 467 63.78 4.08 17.24
N HIS J 468 63.02 4.75 18.11
CA HIS J 468 63.59 5.62 19.14
C HIS J 468 63.11 5.20 20.50
N PHE J 469 64.01 5.23 21.49
CA PHE J 469 63.67 4.74 22.83
C PHE J 469 62.54 5.52 23.52
N VAL J 470 61.77 4.82 24.35
CA VAL J 470 60.72 5.46 25.17
C VAL J 470 60.95 5.56 26.68
N ARG J 471 61.37 4.44 27.30
CA ARG J 471 61.55 4.34 28.74
C ARG J 471 62.66 3.39 29.14
N ASP J 472 63.14 3.56 30.38
CA ASP J 472 64.15 2.67 30.95
C ASP J 472 63.51 1.85 32.06
N LEU J 473 63.15 0.61 31.74
CA LEU J 473 62.60 -0.33 32.72
C LEU J 473 63.55 -0.76 33.84
N GLY J 474 64.80 -1.06 33.50
CA GLY J 474 65.77 -1.52 34.50
C GLY J 474 66.81 -2.52 34.01
N THR J 475 67.64 -2.98 34.95
CA THR J 475 68.69 -3.97 34.69
C THR J 475 68.12 -5.38 34.46
N ILE J 476 68.88 -6.23 33.76
CA ILE J 476 68.39 -7.55 33.41
C ILE J 476 68.53 -8.52 34.58
N GLU J 477 67.61 -9.48 34.67
CA GLU J 477 67.59 -10.50 35.73
C GLU J 477 67.34 -9.92 37.12
N SER J 478 66.72 -8.75 37.18
CA SER J 478 66.30 -8.17 38.45
C SER J 478 64.79 -8.29 38.60
N ALA J 479 64.34 -8.49 39.84
CA ALA J 479 62.93 -8.69 40.12
C ALA J 479 62.05 -7.52 39.66
N GLN J 480 62.60 -6.32 39.72
CA GLN J 480 61.87 -5.13 39.33
C GLN J 480 61.73 -5.03 37.81
N ALA J 481 62.85 -5.12 37.11
CA ALA J 481 62.86 -4.96 35.66
C ALA J 481 62.19 -6.12 34.93
N GLU J 482 62.44 -7.35 35.40
CA GLU J 482 61.91 -8.53 34.74
C GLU J 482 60.40 -8.69 34.91
N THR J 483 59.89 -8.37 36.10
CA THR J 483 58.45 -8.44 36.35
C THR J 483 57.71 -7.40 35.54
N GLU J 484 58.27 -6.18 35.50
CA GLU J 484 57.66 -5.08 34.78
C GLU J 484 57.66 -5.33 33.27
N ALA J 485 58.75 -5.92 32.77
CA ALA J 485 58.84 -6.27 31.36
C ALA J 485 57.90 -7.41 31.04
N LEU J 486 57.76 -8.33 32.00
CA LEU J 486 56.89 -9.49 31.85
C LEU J 486 55.44 -9.07 31.68
N LEU J 487 55.00 -8.12 32.50
CA LEU J 487 53.61 -7.67 32.49
C LEU J 487 53.25 -6.96 31.19
N LEU J 488 54.00 -5.92 30.84
CA LEU J 488 53.65 -5.07 29.71
C LEU J 488 53.88 -5.75 28.35
N GLU J 489 54.57 -6.88 28.36
CA GLU J 489 54.75 -7.67 27.15
C GLU J 489 53.51 -8.50 26.86
N HIS J 490 52.75 -8.80 27.91
CA HIS J 490 51.50 -9.54 27.76
C HIS J 490 50.30 -8.60 27.88
N ASP J 491 50.55 -7.32 27.63
CA ASP J 491 49.50 -6.29 27.67
C ASP J 491 48.74 -6.31 28.98
N VAL J 492 49.43 -6.01 30.07
CA VAL J 492 48.82 -5.98 31.39
C VAL J 492 49.02 -4.62 32.06
N GLU J 493 47.94 -3.86 32.18
CA GLU J 493 48.00 -2.55 32.83
C GLU J 493 48.29 -2.70 34.32
N TYR J 494 49.46 -2.23 34.74
CA TYR J 494 49.87 -2.35 36.13
C TYR J 494 49.94 -0.99 36.84
N ARG J 495 49.74 0.08 36.07
CA ARG J 495 49.77 1.43 36.64
C ARG J 495 48.64 1.60 37.65
N PRO J 496 48.86 2.45 38.67
CA PRO J 496 47.85 2.69 39.70
C PRO J 496 46.59 3.33 39.13
N PHE J 497 45.45 3.09 39.77
CA PHE J 497 44.17 3.62 39.31
C PHE J 497 44.16 5.14 39.33
N SER J 498 43.65 5.74 38.26
CA SER J 498 43.59 7.19 38.13
C SER J 498 42.65 7.81 39.16
N LYS J 499 42.69 9.13 39.27
CA LYS J 499 41.86 9.84 40.23
C LYS J 499 40.38 9.69 39.90
N LYS J 500 40.05 9.73 38.61
CA LYS J 500 38.68 9.57 38.15
C LYS J 500 38.11 8.21 38.56
N VAL J 501 38.96 7.20 38.60
CA VAL J 501 38.56 5.86 39.03
C VAL J 501 38.28 5.82 40.54
N LEU J 502 39.21 6.37 41.31
CA LEU J 502 39.11 6.33 42.77
C LEU J 502 37.98 7.20 43.32
N GLU J 503 37.50 8.13 42.50
CA GLU J 503 36.40 9.02 42.93
C GLU J 503 35.06 8.30 42.92
N CYS J 504 34.97 7.20 42.20
CA CYS J 504 33.74 6.41 42.13
C CYS J 504 33.56 5.54 43.38
N LEU J 505 34.61 5.48 44.19
CA LEU J 505 34.56 4.74 45.45
C LEU J 505 33.69 5.45 46.47
N PRO J 506 33.12 4.70 47.43
CA PRO J 506 32.30 5.27 48.51
C PRO J 506 33.00 6.41 49.25
N ALA J 507 32.24 7.43 49.62
CA ALA J 507 32.79 8.60 50.29
C ALA J 507 33.25 8.28 51.71
N GLU J 508 32.73 7.21 52.28
CA GLU J 508 33.10 6.80 53.63
C GLU J 508 34.56 6.37 53.69
N GLY J 509 34.98 5.56 52.73
CA GLY J 509 36.34 5.06 52.69
C GLY J 509 36.44 3.67 53.32
N HIS J 510 37.46 3.48 54.16
CA HIS J 510 37.67 2.20 54.82
C HIS J 510 36.73 2.01 56.00
N ASP J 511 36.07 3.08 56.42
CA ASP J 511 35.14 3.01 57.54
C ASP J 511 33.70 2.81 57.07
N TRP J 512 33.55 2.26 55.86
CA TRP J 512 32.24 1.91 55.34
C TRP J 512 31.68 0.74 56.13
N LYS J 513 30.37 0.71 56.31
CA LYS J 513 29.74 -0.35 57.08
C LYS J 513 28.31 -0.61 56.61
N ALA J 514 27.94 -1.89 56.57
CA ALA J 514 26.56 -2.28 56.27
C ALA J 514 25.66 -1.81 57.40
N PRO J 515 24.48 -1.27 57.05
CA PRO J 515 23.55 -0.74 58.06
C PRO J 515 23.10 -1.81 59.04
N THR J 516 23.05 -1.45 60.32
CA THR J 516 22.63 -2.38 61.37
C THR J 516 21.20 -2.86 61.13
N LYS J 517 20.31 -1.91 60.87
CA LYS J 517 18.92 -2.24 60.55
C LYS J 517 18.66 -2.02 59.06
N LEU J 518 18.01 -3.01 58.44
CA LEU J 518 17.75 -2.96 57.00
C LEU J 518 16.45 -2.20 56.69
N ASP J 519 15.86 -1.61 57.71
CA ASP J 519 14.63 -0.82 57.54
C ASP J 519 14.81 0.60 58.05
N ASP J 520 16.03 0.94 58.42
CA ASP J 520 16.35 2.27 58.93
C ASP J 520 16.07 3.34 57.88
N PRO J 521 15.32 4.39 58.26
CA PRO J 521 14.90 5.48 57.38
C PRO J 521 16.06 6.10 56.59
N GLU J 522 17.16 6.39 57.26
CA GLU J 522 18.33 6.96 56.61
C GLU J 522 18.92 5.99 55.58
N ALA J 523 19.07 4.74 55.98
CA ALA J 523 19.68 3.72 55.12
C ALA J 523 18.80 3.40 53.91
N VAL J 524 17.49 3.43 54.12
CA VAL J 524 16.54 3.17 53.03
C VAL J 524 16.46 4.39 52.10
N SER J 525 16.62 5.57 52.66
CA SER J 525 16.62 6.80 51.88
C SER J 525 17.77 6.83 50.89
N LYS J 526 18.94 6.37 51.32
CA LYS J 526 20.12 6.32 50.47
C LYS J 526 20.05 5.11 49.54
N ASP J 527 19.63 3.98 50.09
CA ASP J 527 19.53 2.74 49.33
C ASP J 527 18.11 2.20 49.38
N PRO J 528 17.29 2.53 48.37
CA PRO J 528 15.90 2.07 48.32
C PRO J 528 15.80 0.60 47.96
N LEU J 529 16.90 0.00 47.53
CA LEU J 529 16.94 -1.42 47.19
C LEU J 529 17.28 -2.28 48.40
N LEU J 530 17.53 -1.62 49.53
CA LEU J 530 17.94 -2.30 50.76
C LEU J 530 16.81 -3.17 51.32
N THR J 531 15.58 -2.87 50.92
CA THR J 531 14.43 -3.65 51.37
C THR J 531 14.41 -5.03 50.74
N LYS J 532 15.06 -5.15 49.59
CA LYS J 532 15.15 -6.43 48.89
C LYS J 532 16.30 -7.27 49.45
N ARG J 533 17.18 -6.62 50.21
CA ARG J 533 18.34 -7.28 50.79
C ARG J 533 17.92 -8.23 51.91
N LYS J 534 18.25 -9.51 51.76
CA LYS J 534 17.95 -10.51 52.79
C LYS J 534 18.97 -10.44 53.92
N ASP J 535 18.63 -11.00 55.07
CA ASP J 535 19.52 -10.97 56.22
C ASP J 535 19.97 -12.39 56.59
N LEU J 536 21.25 -12.68 56.34
CA LEU J 536 21.81 -13.98 56.64
C LEU J 536 22.97 -13.87 57.62
N ARG J 537 22.91 -12.85 58.48
CA ARG J 537 23.95 -12.63 59.48
C ARG J 537 23.81 -13.59 60.67
N ASP J 538 22.74 -14.38 60.67
CA ASP J 538 22.52 -15.37 61.70
C ASP J 538 23.15 -16.70 61.27
N LYS J 539 23.46 -16.81 59.99
CA LYS J 539 24.06 -18.01 59.43
C LYS J 539 25.53 -18.11 59.82
N LEU J 540 26.09 -19.32 59.75
CA LEU J 540 27.48 -19.55 60.12
C LEU J 540 28.39 -19.62 58.89
N ILE J 541 28.76 -18.45 58.38
CA ILE J 541 29.55 -18.34 57.17
C ILE J 541 31.06 -18.37 57.46
N CYS J 542 31.80 -19.14 56.67
CA CYS J 542 33.26 -19.17 56.77
C CYS J 542 33.89 -19.17 55.38
N SER J 543 35.10 -18.64 55.27
CA SER J 543 35.79 -18.58 53.99
C SER J 543 37.07 -19.40 53.99
N ILE J 544 37.21 -20.28 53.00
CA ILE J 544 38.39 -21.13 52.89
C ILE J 544 39.26 -20.72 51.71
N ASP J 545 40.31 -19.96 52.01
CA ASP J 545 41.19 -19.39 50.99
C ASP J 545 42.65 -19.54 51.41
N PRO J 546 43.60 -19.40 50.46
CA PRO J 546 45.04 -19.48 50.76
C PRO J 546 45.47 -18.58 51.92
N PRO J 547 46.63 -18.86 52.53
CA PRO J 547 47.17 -18.13 53.69
C PRO J 547 47.14 -16.62 53.54
N GLY J 548 47.83 -16.07 52.55
CA GLY J 548 47.93 -14.63 52.38
C GLY J 548 46.82 -14.03 51.53
N CYS J 549 45.62 -14.61 51.62
CA CYS J 549 44.49 -14.12 50.83
C CYS J 549 43.72 -13.03 51.58
N VAL J 550 43.69 -11.84 50.99
CA VAL J 550 42.97 -10.72 51.57
C VAL J 550 41.73 -10.40 50.74
N ASP J 551 41.77 -10.74 49.47
CA ASP J 551 40.63 -10.54 48.58
C ASP J 551 39.74 -11.79 48.52
N ILE J 552 38.78 -11.87 49.43
CA ILE J 552 37.91 -13.04 49.53
C ILE J 552 36.65 -12.88 48.69
N ASN J 553 36.42 -13.82 47.78
CA ASN J 553 35.26 -13.79 46.91
C ASN J 553 34.10 -14.64 47.43
N ASP J 554 34.42 -15.83 47.94
CA ASP J 554 33.41 -16.83 48.28
C ASP J 554 33.39 -17.25 49.75
N ALA J 555 32.20 -17.59 50.24
CA ALA J 555 31.98 -17.90 51.65
C ALA J 555 30.88 -18.95 51.74
N LEU J 556 31.09 -19.97 52.56
CA LEU J 556 30.17 -21.11 52.59
C LEU J 556 29.56 -21.32 53.97
N HIS J 557 28.41 -21.98 53.99
CA HIS J 557 27.76 -22.39 55.23
C HIS J 557 26.84 -23.58 54.97
N ALA J 558 26.46 -24.27 56.04
CA ALA J 558 25.58 -25.43 55.92
C ALA J 558 24.77 -25.69 57.19
N LYS J 559 23.47 -25.88 57.02
CA LYS J 559 22.59 -26.23 58.12
C LYS J 559 21.74 -27.44 57.76
N LYS J 560 21.27 -28.16 58.76
CA LYS J 560 20.40 -29.31 58.53
C LYS J 560 18.95 -28.96 58.82
N LEU J 561 18.15 -28.89 57.76
CA LEU J 561 16.73 -28.55 57.87
C LEU J 561 15.97 -29.66 58.62
N PRO J 562 14.88 -29.28 59.30
CA PRO J 562 14.10 -30.24 60.10
C PRO J 562 13.47 -31.37 59.29
N ASN J 563 13.35 -31.20 57.98
CA ASN J 563 12.76 -32.23 57.14
C ASN J 563 13.77 -33.26 56.66
N GLY J 564 14.97 -33.22 57.24
CA GLY J 564 16.00 -34.20 56.92
C GLY J 564 16.98 -33.71 55.86
N ASN J 565 16.54 -32.76 55.04
CA ASN J 565 17.37 -32.23 53.95
C ASN J 565 18.39 -31.22 54.45
N TRP J 566 19.36 -30.91 53.60
CA TRP J 566 20.42 -29.97 53.94
C TRP J 566 20.20 -28.61 53.30
N GLU J 567 20.62 -27.55 54.00
CA GLU J 567 20.57 -26.21 53.46
C GLU J 567 21.99 -25.70 53.19
N VAL J 568 22.35 -25.63 51.92
CA VAL J 568 23.68 -25.18 51.54
C VAL J 568 23.62 -23.77 50.94
N GLY J 569 24.49 -22.90 51.43
CA GLY J 569 24.52 -21.52 50.96
C GLY J 569 25.91 -21.07 50.52
N VAL J 570 26.03 -20.72 49.25
CA VAL J 570 27.26 -20.15 48.72
C VAL J 570 27.10 -18.64 48.58
N HIS J 571 27.98 -17.90 49.24
CA HIS J 571 27.88 -16.44 49.30
C HIS J 571 29.02 -15.76 48.58
N ILE J 572 28.68 -14.98 47.56
CA ILE J 572 29.68 -14.33 46.73
C ILE J 572 29.68 -12.82 46.97
N ALA J 573 30.86 -12.21 46.91
CA ALA J 573 31.02 -10.77 47.16
C ALA J 573 30.12 -9.93 46.25
N ASP J 574 29.44 -8.96 46.85
CA ASP J 574 28.50 -8.13 46.11
C ASP J 574 29.22 -6.93 45.48
N VAL J 575 30.00 -7.20 44.45
CA VAL J 575 30.79 -6.18 43.78
C VAL J 575 29.92 -5.20 42.99
N THR J 576 28.82 -5.72 42.44
CA THR J 576 27.89 -4.91 41.64
C THR J 576 27.36 -3.68 42.40
N HIS J 577 27.19 -3.83 43.70
CA HIS J 577 26.68 -2.74 44.54
C HIS J 577 27.63 -1.54 44.56
N PHE J 578 28.89 -1.77 44.23
CA PHE J 578 29.89 -0.71 44.29
C PHE J 578 30.32 -0.22 42.90
N VAL J 579 30.44 -1.14 41.94
CA VAL J 579 30.79 -0.75 40.58
C VAL J 579 29.53 -0.63 39.70
N LYS J 580 29.31 0.56 39.18
CA LYS J 580 28.12 0.83 38.38
C LYS J 580 28.49 1.13 36.93
N PRO J 581 27.69 0.61 35.98
CA PRO J 581 27.93 0.81 34.55
C PRO J 581 28.01 2.28 34.17
N GLY J 582 29.00 2.64 33.35
CA GLY J 582 29.16 4.01 32.92
C GLY J 582 30.32 4.71 33.61
N THR J 583 30.54 4.39 34.88
CA THR J 583 31.60 5.00 35.66
C THR J 583 32.98 4.60 35.14
N ALA J 584 33.99 5.39 35.50
CA ALA J 584 35.35 5.11 35.08
C ALA J 584 35.90 3.87 35.80
N LEU J 585 35.33 3.60 36.98
CA LEU J 585 35.71 2.42 37.75
C LEU J 585 35.29 1.17 37.00
N ASP J 586 34.05 1.17 36.50
CA ASP J 586 33.54 0.06 35.71
C ASP J 586 34.30 -0.03 34.39
N ALA J 587 34.65 1.12 33.84
CA ALA J 587 35.38 1.19 32.58
C ALA J 587 36.74 0.50 32.68
N GLU J 588 37.49 0.84 33.73
CA GLU J 588 38.80 0.25 33.95
C GLU J 588 38.67 -1.22 34.30
N GLY J 589 37.58 -1.56 35.00
CA GLY J 589 37.32 -2.94 35.38
C GLY J 589 37.10 -3.83 34.18
N ALA J 590 36.37 -3.33 33.20
CA ALA J 590 36.10 -4.06 31.97
C ALA J 590 37.38 -4.15 31.13
N ALA J 591 38.16 -3.08 31.13
CA ALA J 591 39.39 -3.02 30.36
C ALA J 591 40.38 -4.08 30.79
N ARG J 592 40.61 -4.18 32.09
CA ARG J 592 41.53 -5.17 32.65
C ARG J 592 40.99 -6.58 32.49
N GLY J 593 39.67 -6.72 32.57
CA GLY J 593 39.02 -8.01 32.39
C GLY J 593 39.21 -8.96 33.56
N THR J 594 40.44 -9.10 34.01
CA THR J 594 40.77 -9.94 35.16
C THR J 594 42.05 -9.47 35.81
N SER J 595 42.22 -9.80 37.09
CA SER J 595 43.44 -9.46 37.82
C SER J 595 44.46 -10.58 37.62
N VAL J 596 45.70 -10.20 37.29
CA VAL J 596 46.75 -11.19 37.08
C VAL J 596 47.44 -11.55 38.39
N TYR J 597 47.85 -12.81 38.50
CA TYR J 597 48.45 -13.31 39.73
C TYR J 597 49.90 -13.75 39.52
N LEU J 598 50.81 -13.09 40.21
CA LEU J 598 52.23 -13.40 40.12
C LEU J 598 52.74 -13.77 41.51
N VAL J 599 53.88 -14.45 41.56
CA VAL J 599 54.52 -14.75 42.83
C VAL J 599 55.02 -13.45 43.45
N ASP J 600 55.51 -12.57 42.58
CA ASP J 600 56.00 -11.26 43.00
C ASP J 600 54.87 -10.41 43.56
N LYS J 601 54.09 -9.81 42.65
CA LYS J 601 53.05 -8.88 43.03
C LYS J 601 51.66 -9.43 42.73
N ARG J 602 50.69 -8.53 42.60
CA ARG J 602 49.32 -8.89 42.28
C ARG J 602 48.59 -7.68 41.74
N ILE J 603 48.47 -7.60 40.41
CA ILE J 603 47.80 -6.47 39.79
C ILE J 603 46.29 -6.63 39.86
N ASP J 604 45.65 -5.84 40.71
CA ASP J 604 44.21 -5.95 40.95
C ASP J 604 43.38 -5.37 39.81
N MET J 605 42.19 -5.95 39.62
CA MET J 605 41.25 -5.46 38.62
C MET J 605 40.50 -4.25 39.17
N LEU J 606 40.29 -4.25 40.48
CA LEU J 606 39.59 -3.17 41.17
C LEU J 606 40.50 -2.60 42.26
N PRO J 607 40.28 -1.33 42.64
CA PRO J 607 41.07 -0.67 43.69
C PRO J 607 41.17 -1.48 44.98
N MET J 608 42.26 -1.27 45.72
CA MET J 608 42.52 -2.02 46.96
C MET J 608 41.41 -1.82 48.00
N LEU J 609 40.92 -0.59 48.10
CA LEU J 609 39.88 -0.25 49.07
C LEU J 609 38.62 -1.07 48.85
N LEU J 610 38.37 -1.44 47.60
CA LEU J 610 37.16 -2.15 47.23
C LEU J 610 37.35 -3.67 47.30
N GLY J 611 38.43 -4.15 46.69
CA GLY J 611 38.66 -5.57 46.55
C GLY J 611 39.22 -6.27 47.78
N THR J 612 40.03 -5.56 48.55
CA THR J 612 40.60 -6.12 49.77
C THR J 612 39.77 -5.87 51.04
N ASP J 613 38.78 -4.99 50.96
CA ASP J 613 38.03 -4.63 52.17
C ASP J 613 36.50 -4.54 52.03
N LEU J 614 36.02 -3.54 51.29
CA LEU J 614 34.60 -3.24 51.23
C LEU J 614 33.77 -4.38 50.64
N CYS J 615 34.29 -5.00 49.58
CA CYS J 615 33.62 -6.12 48.93
C CYS J 615 34.10 -7.46 49.47
N SER J 616 35.36 -7.49 49.90
CA SER J 616 35.96 -8.71 50.44
C SER J 616 35.17 -9.23 51.64
N LEU J 617 34.77 -10.50 51.57
CA LEU J 617 33.99 -11.11 52.63
C LEU J 617 34.86 -11.45 53.84
N LYS J 618 35.43 -10.40 54.45
CA LYS J 618 36.28 -10.55 55.62
C LYS J 618 35.48 -11.07 56.82
N PRO J 619 36.16 -11.74 57.76
CA PRO J 619 35.47 -12.22 58.96
C PRO J 619 35.18 -11.10 59.95
N TYR J 620 34.26 -11.35 60.88
CA TYR J 620 33.95 -10.46 61.98
C TYR J 620 33.31 -9.13 61.58
N VAL J 621 32.97 -8.99 60.29
CA VAL J 621 32.38 -7.75 59.80
C VAL J 621 31.15 -8.01 58.92
N ASP J 622 30.21 -7.08 58.96
CA ASP J 622 29.02 -7.16 58.12
C ASP J 622 29.36 -6.79 56.68
N ARG J 623 29.15 -7.73 55.77
CA ARG J 623 29.47 -7.50 54.36
C ARG J 623 28.31 -7.85 53.43
N PHE J 624 28.08 -7.01 52.42
CA PHE J 624 27.07 -7.28 51.41
C PHE J 624 27.51 -8.46 50.54
N ALA J 625 26.56 -9.30 50.15
CA ALA J 625 26.88 -10.47 49.34
C ALA J 625 25.70 -10.92 48.49
N PHE J 626 26.01 -11.55 47.37
CA PHE J 626 24.98 -12.16 46.55
C PHE J 626 24.99 -13.62 46.96
N SER J 627 23.90 -14.07 47.54
CA SER J 627 23.83 -15.43 48.07
C SER J 627 22.99 -16.38 47.23
N VAL J 628 23.45 -17.62 47.11
CA VAL J 628 22.69 -18.67 46.45
C VAL J 628 22.46 -19.82 47.42
N ILE J 629 21.20 -20.05 47.77
CA ILE J 629 20.86 -21.08 48.75
C ILE J 629 20.12 -22.27 48.13
N TRP J 630 20.65 -23.47 48.36
CA TRP J 630 20.01 -24.69 47.88
C TRP J 630 19.33 -25.44 49.01
N GLU J 631 18.34 -26.25 48.66
CA GLU J 631 17.79 -27.24 49.57
C GLU J 631 17.96 -28.61 48.91
N LEU J 632 18.89 -29.40 49.43
CA LEU J 632 19.21 -30.69 48.82
C LEU J 632 19.21 -31.83 49.83
N ASP J 633 18.96 -33.04 49.35
CA ASP J 633 18.93 -34.21 50.22
C ASP J 633 20.33 -34.69 50.59
N ASP J 634 20.40 -35.87 51.21
CA ASP J 634 21.67 -36.42 51.65
C ASP J 634 22.50 -36.91 50.47
N SER J 635 21.84 -37.20 49.36
CA SER J 635 22.51 -37.67 48.15
C SER J 635 22.89 -36.50 47.24
N ALA J 636 22.89 -35.29 47.82
CA ALA J 636 23.29 -34.08 47.12
C ALA J 636 22.46 -33.77 45.88
N ASN J 637 21.18 -34.12 45.92
CA ASN J 637 20.28 -33.82 44.80
C ASN J 637 19.48 -32.57 45.10
N ILE J 638 19.58 -31.60 44.20
CA ILE J 638 18.90 -30.31 44.37
C ILE J 638 17.38 -30.46 44.28
N VAL J 639 16.69 -30.06 45.34
CA VAL J 639 15.24 -30.04 45.36
C VAL J 639 14.75 -28.69 44.85
N ASN J 640 15.37 -27.63 45.35
CA ASN J 640 15.06 -26.27 44.90
C ASN J 640 16.24 -25.33 45.13
N VAL J 641 16.21 -24.17 44.48
CA VAL J 641 17.30 -23.21 44.58
C VAL J 641 16.78 -21.76 44.54
N ASN J 642 17.30 -20.93 45.42
CA ASN J 642 16.90 -19.52 45.47
C ASN J 642 18.09 -18.56 45.41
N PHE J 643 17.96 -17.52 44.61
CA PHE J 643 18.99 -16.49 44.49
C PHE J 643 18.52 -15.22 45.18
N MET J 644 19.41 -14.60 45.95
CA MET J 644 19.03 -13.42 46.73
C MET J 644 20.25 -12.60 47.16
N LYS J 645 20.15 -11.28 47.04
CA LYS J 645 21.16 -10.40 47.57
C LYS J 645 20.98 -10.28 49.08
N SER J 646 22.06 -10.47 49.82
CA SER J 646 21.96 -10.52 51.27
C SER J 646 23.10 -9.78 51.98
N VAL J 647 23.03 -9.75 53.30
CA VAL J 647 24.10 -9.21 54.12
C VAL J 647 24.54 -10.28 55.12
N ILE J 648 25.83 -10.58 55.13
CA ILE J 648 26.36 -11.65 55.97
C ILE J 648 27.48 -11.19 56.88
N ARG J 649 27.93 -12.08 57.75
CA ARG J 649 29.07 -11.82 58.62
C ARG J 649 29.87 -13.11 58.80
N SER J 650 31.03 -13.16 58.18
CA SER J 650 31.86 -14.36 58.19
C SER J 650 32.37 -14.69 59.60
N ARG J 651 32.11 -15.92 60.04
CA ARG J 651 32.52 -16.37 61.36
C ARG J 651 34.04 -16.44 61.48
N GLU J 652 34.68 -16.98 60.45
CA GLU J 652 36.14 -17.14 60.44
C GLU J 652 36.68 -17.34 59.03
N ALA J 653 37.80 -16.69 58.73
CA ALA J 653 38.48 -16.86 57.46
C ALA J 653 39.56 -17.93 57.56
N PHE J 654 39.21 -19.16 57.23
CA PHE J 654 40.14 -20.28 57.35
C PHE J 654 41.15 -20.32 56.21
N SER J 655 42.25 -21.03 56.44
CA SER J 655 43.19 -21.38 55.38
C SER J 655 42.93 -22.83 55.00
N TYR J 656 43.39 -23.23 53.82
CA TYR J 656 43.17 -24.59 53.35
C TYR J 656 43.76 -25.64 54.29
N GLU J 657 44.93 -25.34 54.84
CA GLU J 657 45.57 -26.23 55.80
C GLU J 657 44.88 -26.12 57.16
N GLN J 658 44.49 -24.92 57.52
CA GLN J 658 43.84 -24.67 58.80
C GLN J 658 42.44 -25.28 58.85
N ALA J 659 41.73 -25.24 57.73
CA ALA J 659 40.39 -25.79 57.65
C ALA J 659 40.40 -27.32 57.72
N GLN J 660 41.37 -27.93 57.05
CA GLN J 660 41.49 -29.38 57.03
C GLN J 660 41.81 -29.94 58.41
N LEU J 661 42.69 -29.26 59.14
CA LEU J 661 43.06 -29.68 60.48
C LEU J 661 41.90 -29.60 61.46
N ARG J 662 41.06 -28.58 61.32
CA ARG J 662 39.93 -28.43 62.22
C ARG J 662 38.98 -29.62 62.09
N ILE J 663 38.70 -30.01 60.85
CA ILE J 663 37.88 -31.20 60.59
C ILE J 663 38.55 -32.48 61.06
N ASP J 664 39.85 -32.58 60.82
CA ASP J 664 40.63 -33.77 61.12
C ASP J 664 40.70 -34.12 62.61
N ASP J 665 40.82 -33.09 63.44
CA ASP J 665 41.08 -33.27 64.86
C ASP J 665 39.99 -34.04 65.61
N LYS J 666 38.74 -33.69 65.32
CA LYS J 666 37.60 -34.23 66.06
C LYS J 666 37.49 -33.45 67.36
N THR J 667 38.37 -32.46 67.51
CA THR J 667 38.45 -31.65 68.72
C THR J 667 37.21 -30.81 69.00
N GLN J 668 36.63 -30.24 67.96
CA GLN J 668 35.55 -29.27 68.14
C GLN J 668 34.17 -29.78 67.72
N ASN J 669 33.21 -29.66 68.63
CA ASN J 669 31.82 -30.02 68.37
C ASN J 669 30.99 -28.80 68.01
N ASP J 670 31.66 -27.66 67.84
CA ASP J 670 30.98 -26.38 67.63
C ASP J 670 30.14 -26.37 66.36
N GLU J 671 28.97 -25.74 66.46
CA GLU J 671 28.01 -25.70 65.36
C GLU J 671 28.64 -25.35 64.01
N LEU J 672 29.67 -24.51 64.04
CA LEU J 672 30.37 -24.11 62.83
C LEU J 672 31.13 -25.28 62.20
N THR J 673 31.92 -25.97 63.03
CA THR J 673 32.72 -27.09 62.55
C THR J 673 31.83 -28.25 62.09
N MET J 674 30.70 -28.43 62.77
CA MET J 674 29.74 -29.47 62.40
C MET J 674 29.16 -29.17 61.02
N GLY J 675 29.07 -27.90 60.68
CA GLY J 675 28.59 -27.50 59.36
C GLY J 675 29.66 -27.66 58.31
N MET J 676 30.92 -27.42 58.71
CA MET J 676 32.05 -27.56 57.80
C MET J 676 32.22 -29.01 57.36
N ARG J 677 32.04 -29.93 58.30
CA ARG J 677 32.10 -31.35 58.01
C ARG J 677 31.00 -31.76 57.04
N ALA J 678 29.81 -31.19 57.24
CA ALA J 678 28.66 -31.49 56.40
C ALA J 678 28.91 -31.07 54.96
N LEU J 679 29.55 -29.91 54.79
CA LEU J 679 29.85 -29.40 53.46
C LEU J 679 30.78 -30.36 52.73
N LEU J 680 31.76 -30.89 53.45
CA LEU J 680 32.71 -31.84 52.88
C LEU J 680 31.99 -33.11 52.43
N LYS J 681 31.02 -33.55 53.22
CA LYS J 681 30.25 -34.74 52.90
C LYS J 681 29.46 -34.55 51.61
N LEU J 682 28.89 -33.35 51.44
CA LEU J 682 28.14 -33.02 50.24
C LEU J 682 29.05 -32.95 49.01
N SER J 683 30.23 -32.38 49.18
CA SER J 683 31.17 -32.19 48.08
C SER J 683 31.59 -33.52 47.47
N VAL J 684 31.85 -34.51 48.32
CA VAL J 684 32.25 -35.83 47.84
C VAL J 684 31.14 -36.45 47.00
N LYS J 685 29.90 -36.31 47.48
CA LYS J 685 28.73 -36.80 46.75
C LYS J 685 28.57 -36.06 45.44
N LEU J 686 28.82 -34.76 45.47
CA LEU J 686 28.67 -33.90 44.29
C LEU J 686 29.75 -34.18 43.24
N LYS J 687 30.98 -34.36 43.70
CA LYS J 687 32.09 -34.69 42.83
C LYS J 687 31.88 -36.05 42.18
N GLN J 688 31.39 -37.01 42.97
CA GLN J 688 31.17 -38.37 42.48
C GLN J 688 30.11 -38.38 41.38
N LYS J 689 29.06 -37.58 41.55
CA LYS J 689 28.00 -37.51 40.55
C LYS J 689 28.55 -36.95 39.25
N ARG J 690 29.41 -35.94 39.35
CA ARG J 690 30.03 -35.34 38.17
C ARG J 690 30.90 -36.36 37.44
N LEU J 691 31.65 -37.14 38.20
CA LEU J 691 32.52 -38.17 37.61
C LEU J 691 31.67 -39.22 36.90
N GLU J 692 30.57 -39.61 37.53
CA GLU J 692 29.64 -40.55 36.93
C GLU J 692 29.02 -39.94 35.67
N ALA J 693 28.70 -38.65 35.75
CA ALA J 693 28.09 -37.94 34.64
C ALA J 693 29.03 -37.87 33.44
N GLY J 694 30.31 -37.65 33.70
CA GLY J 694 31.29 -37.52 32.63
C GLY J 694 32.25 -36.38 32.82
N ALA J 695 32.45 -35.95 34.07
CA ALA J 695 33.35 -34.84 34.36
C ALA J 695 34.79 -35.24 34.11
N LEU J 696 35.58 -34.29 33.62
CA LEU J 696 36.99 -34.54 33.32
C LEU J 696 37.85 -34.33 34.57
N ASN J 697 39.01 -34.98 34.57
CA ASN J 697 39.97 -34.81 35.66
C ASN J 697 41.37 -34.54 35.12
N LEU J 698 41.54 -33.38 34.49
CA LEU J 698 42.84 -32.98 33.99
C LEU J 698 43.71 -32.53 35.15
N ALA J 699 45.00 -32.29 34.88
CA ALA J 699 45.92 -31.91 35.94
C ALA J 699 47.08 -31.07 35.43
N SER J 700 47.45 -30.06 36.21
CA SER J 700 48.66 -29.28 35.97
C SER J 700 49.07 -28.53 37.23
N PRO J 701 49.48 -29.26 38.29
CA PRO J 701 49.84 -28.62 39.56
C PRO J 701 51.20 -27.93 39.45
N GLU J 702 51.21 -26.67 39.05
CA GLU J 702 52.45 -25.91 38.91
C GLU J 702 53.14 -25.69 40.24
N VAL J 703 54.45 -25.47 40.19
CA VAL J 703 55.25 -25.30 41.39
C VAL J 703 55.04 -23.93 42.02
N LYS J 704 55.31 -23.83 43.32
CA LYS J 704 55.20 -22.57 44.04
C LYS J 704 56.57 -22.10 44.49
N VAL J 705 56.96 -20.91 44.05
CA VAL J 705 58.28 -20.37 44.39
C VAL J 705 58.34 -19.93 45.85
N HIS J 706 58.94 -20.78 46.69
CA HIS J 706 59.11 -20.43 48.08
C HIS J 706 60.08 -19.30 48.20
N MET J 707 59.78 -18.35 49.08
CA MET J 707 60.68 -17.23 49.31
C MET J 707 61.15 -17.24 50.75
N ASP J 708 62.46 -17.21 50.94
CA ASP J 708 63.01 -17.17 52.29
C ASP J 708 62.69 -15.85 52.95
N SER J 709 62.32 -15.89 54.23
CA SER J 709 62.08 -14.68 54.99
C SER J 709 63.39 -13.91 55.07
N GLU J 710 64.47 -14.64 55.26
CA GLU J 710 65.81 -14.05 55.39
C GLU J 710 66.27 -13.31 54.14
N THR J 711 66.01 -13.86 52.96
CA THR J 711 66.55 -13.27 51.75
C THR J 711 65.45 -12.98 50.72
N SER J 712 65.50 -11.78 50.15
CA SER J 712 64.51 -11.37 49.15
C SER J 712 64.61 -12.28 47.93
N ASP J 713 65.83 -12.63 47.55
CA ASP J 713 66.05 -13.52 46.42
C ASP J 713 65.48 -14.90 46.70
N PRO J 714 64.89 -15.51 45.68
CA PRO J 714 64.23 -16.82 45.82
C PRO J 714 65.25 -17.95 45.84
N ASN J 715 65.03 -18.94 46.69
CA ASN J 715 65.99 -20.04 46.85
C ASN J 715 65.36 -21.43 46.75
N GLU J 716 64.09 -21.54 47.15
CA GLU J 716 63.43 -22.84 47.21
C GLU J 716 62.23 -22.95 46.27
N VAL J 717 62.11 -24.10 45.63
CA VAL J 717 60.96 -24.39 44.78
C VAL J 717 60.25 -25.65 45.26
N GLU J 718 59.03 -25.48 45.77
CA GLU J 718 58.24 -26.60 46.27
C GLU J 718 57.02 -26.86 45.40
N ILE J 719 56.13 -27.72 45.86
CA ILE J 719 54.92 -28.04 45.12
C ILE J 719 53.67 -27.91 46.00
N LYS J 720 52.65 -27.27 45.46
CA LYS J 720 51.39 -27.10 46.19
C LYS J 720 50.59 -28.40 46.20
N LYS J 721 50.17 -28.83 47.39
CA LYS J 721 49.42 -30.06 47.53
C LYS J 721 47.92 -29.78 47.63
N LEU J 722 47.13 -30.55 46.88
CA LEU J 722 45.68 -30.42 46.91
C LEU J 722 45.09 -31.12 48.13
N LEU J 723 44.57 -30.34 49.07
CA LEU J 723 43.92 -30.90 50.25
C LEU J 723 42.45 -31.17 49.96
N ALA J 724 41.79 -31.88 50.88
CA ALA J 724 40.38 -32.20 50.70
C ALA J 724 39.51 -30.95 50.79
N THR J 725 40.03 -29.92 51.44
CA THR J 725 39.32 -28.64 51.54
C THR J 725 39.28 -27.93 50.19
N ASN J 726 40.26 -28.21 49.34
CA ASN J 726 40.27 -27.64 48.00
C ASN J 726 39.16 -28.24 47.15
N SER J 727 38.88 -29.52 47.36
CA SER J 727 37.78 -30.18 46.68
C SER J 727 36.44 -29.76 47.27
N LEU J 728 36.47 -29.35 48.54
CA LEU J 728 35.28 -28.87 49.23
C LEU J 728 34.82 -27.56 48.59
N VAL J 729 35.73 -26.61 48.49
CA VAL J 729 35.41 -25.31 47.92
C VAL J 729 35.07 -25.41 46.43
N GLU J 730 35.88 -26.18 45.69
CA GLU J 730 35.68 -26.35 44.25
C GLU J 730 34.29 -26.85 43.90
N GLU J 731 33.82 -27.86 44.61
CA GLU J 731 32.52 -28.47 44.32
C GLU J 731 31.35 -27.52 44.54
N PHE J 732 31.43 -26.69 45.58
CA PHE J 732 30.36 -25.75 45.88
C PHE J 732 30.42 -24.48 45.04
N MET J 733 31.62 -24.15 44.55
CA MET J 733 31.75 -23.03 43.62
C MET J 733 31.14 -23.39 42.28
N LEU J 734 31.38 -24.63 41.84
CA LEU J 734 30.81 -25.14 40.61
C LEU J 734 29.29 -25.21 40.72
N LEU J 735 28.81 -25.65 41.87
CA LEU J 735 27.37 -25.77 42.11
C LEU J 735 26.70 -24.39 42.05
N ALA J 736 27.39 -23.39 42.60
CA ALA J 736 26.89 -22.02 42.59
C ALA J 736 26.81 -21.47 41.18
N ASN J 737 27.89 -21.66 40.42
CA ASN J 737 27.97 -21.18 39.05
C ASN J 737 26.93 -21.82 38.13
N ILE J 738 26.64 -23.10 38.37
CA ILE J 738 25.67 -23.83 37.55
C ILE J 738 24.25 -23.31 37.78
N SER J 739 23.85 -23.20 39.04
CA SER J 739 22.51 -22.74 39.38
C SER J 739 22.26 -21.31 38.91
N VAL J 740 23.27 -20.46 39.04
CA VAL J 740 23.17 -19.08 38.58
C VAL J 740 23.06 -19.02 37.05
N ALA J 741 23.83 -19.85 36.38
CA ALA J 741 23.81 -19.92 34.92
C ALA J 741 22.43 -20.29 34.40
N ARG J 742 21.79 -21.26 35.06
CA ARG J 742 20.45 -21.69 34.68
C ARG J 742 19.43 -20.57 34.90
N LYS J 743 19.62 -19.81 35.98
CA LYS J 743 18.66 -18.78 36.35
C LYS J 743 18.76 -17.54 35.47
N ILE J 744 19.98 -17.08 35.20
CA ILE J 744 20.18 -15.88 34.40
C ILE J 744 19.81 -16.12 32.93
N TYR J 745 20.00 -17.35 32.46
CA TYR J 745 19.67 -17.70 31.09
C TYR J 745 18.16 -17.82 30.92
N ASP J 746 17.48 -18.24 31.98
CA ASP J 746 16.02 -18.32 31.97
C ASP J 746 15.41 -16.93 31.96
N ALA J 747 16.12 -15.98 32.56
CA ALA J 747 15.64 -14.60 32.65
C ALA J 747 16.03 -13.79 31.42
N PHE J 748 17.26 -13.99 30.95
CA PHE J 748 17.75 -13.29 29.77
C PHE J 748 18.34 -14.27 28.76
N PRO J 749 17.48 -14.90 27.96
CA PRO J 749 17.85 -15.97 27.02
C PRO J 749 18.74 -15.50 25.88
N GLN J 750 18.91 -14.19 25.71
CA GLN J 750 19.61 -13.67 24.55
C GLN J 750 20.90 -12.91 24.89
N THR J 751 21.04 -12.50 26.14
CA THR J 751 22.23 -11.74 26.55
C THR J 751 22.83 -12.25 27.86
N ALA J 752 22.71 -13.54 28.11
CA ALA J 752 23.23 -14.12 29.34
C ALA J 752 24.73 -14.37 29.27
N MET J 753 25.48 -13.76 30.18
CA MET J 753 26.92 -13.96 30.25
C MET J 753 27.22 -15.39 30.69
N LEU J 754 27.67 -16.21 29.74
CA LEU J 754 27.93 -17.62 30.01
C LEU J 754 29.38 -17.98 29.68
N ARG J 755 29.72 -19.26 29.81
CA ARG J 755 31.05 -19.75 29.49
C ARG J 755 31.00 -21.18 28.99
N ARG J 756 31.47 -21.39 27.76
CA ARG J 756 31.42 -22.71 27.13
C ARG J 756 32.81 -23.31 26.95
N HIS J 757 32.85 -24.61 26.68
CA HIS J 757 34.10 -25.30 26.41
C HIS J 757 33.91 -26.29 25.27
N ALA J 758 34.54 -26.01 24.13
CA ALA J 758 34.39 -26.84 22.94
C ALA J 758 35.01 -28.22 23.12
N ALA J 759 34.38 -29.23 22.52
CA ALA J 759 34.91 -30.58 22.54
C ALA J 759 36.17 -30.66 21.69
N PRO J 760 37.21 -31.34 22.19
CA PRO J 760 38.49 -31.45 21.49
C PRO J 760 38.38 -32.26 20.20
N PRO J 761 38.97 -31.75 19.11
CA PRO J 761 38.99 -32.44 17.82
C PRO J 761 39.78 -33.74 17.90
N SER J 762 39.51 -34.68 17.00
CA SER J 762 40.21 -35.96 16.99
C SER J 762 41.69 -35.77 16.63
N THR J 763 41.97 -34.75 15.84
CA THR J 763 43.33 -34.48 15.38
C THR J 763 44.28 -34.17 16.53
N ASN J 764 43.75 -33.62 17.61
CA ASN J 764 44.57 -33.26 18.76
C ASN J 764 45.06 -34.48 19.54
N PHE J 765 44.26 -35.54 19.53
CA PHE J 765 44.59 -36.75 20.30
C PHE J 765 45.16 -37.87 19.43
N GLU J 766 45.08 -37.70 18.11
CA GLU J 766 45.63 -38.70 17.19
C GLU J 766 47.14 -38.84 17.35
N ILE J 767 47.80 -37.74 17.69
CA ILE J 767 49.24 -37.74 17.90
C ILE J 767 49.59 -38.34 19.27
N LEU J 768 48.75 -38.08 20.26
CA LEU J 768 48.97 -38.61 21.60
C LEU J 768 48.69 -40.10 21.64
N ASN J 769 47.60 -40.51 20.99
CA ASN J 769 47.26 -41.93 20.90
C ASN J 769 48.27 -42.70 20.06
N GLU J 770 48.92 -41.99 19.14
CA GLU J 770 49.96 -42.57 18.31
C GLU J 770 51.17 -42.97 19.15
N MET J 771 51.57 -42.09 20.06
CA MET J 771 52.70 -42.35 20.95
C MET J 771 52.33 -43.37 22.01
N LEU J 772 51.07 -43.39 22.43
CA LEU J 772 50.60 -44.31 23.45
C LEU J 772 50.50 -45.73 22.92
N ASN J 773 49.87 -45.90 21.76
CA ASN J 773 49.67 -47.22 21.17
C ASN J 773 50.98 -47.84 20.68
N THR J 774 51.96 -46.99 20.40
CA THR J 774 53.26 -47.46 19.90
C THR J 774 54.18 -47.87 21.04
N ARG J 775 54.34 -46.99 22.03
CA ARG J 775 55.26 -47.23 23.12
C ARG J 775 54.63 -47.97 24.29
N LYS J 776 53.52 -47.46 24.80
CA LYS J 776 52.88 -48.03 25.97
C LYS J 776 51.70 -48.93 25.63
N ASN J 777 51.38 -49.01 24.34
CA ASN J 777 50.26 -49.82 23.84
C ASN J 777 48.94 -49.49 24.53
N MET J 778 48.58 -48.21 24.52
CA MET J 778 47.31 -47.76 25.09
C MET J 778 46.67 -46.71 24.19
N SER J 779 45.47 -46.27 24.55
CA SER J 779 44.74 -45.31 23.74
C SER J 779 43.66 -44.57 24.53
N ILE J 780 43.30 -43.38 24.05
CA ILE J 780 42.21 -42.61 24.65
C ILE J 780 40.99 -42.68 23.73
N SER J 781 39.82 -42.92 24.32
CA SER J 781 38.61 -43.21 23.55
C SER J 781 38.11 -42.05 22.70
N LEU J 782 38.02 -40.86 23.29
CA LEU J 782 37.52 -39.66 22.61
C LEU J 782 36.05 -39.75 22.18
N GLU J 783 35.40 -40.85 22.52
CA GLU J 783 33.99 -41.05 22.18
C GLU J 783 33.11 -40.11 23.00
N SER J 784 33.44 -39.98 24.27
CA SER J 784 32.72 -39.07 25.16
C SER J 784 33.68 -38.56 26.24
N SER J 785 33.24 -37.53 26.97
CA SER J 785 34.04 -36.96 28.04
C SER J 785 34.31 -38.01 29.12
N LYS J 786 33.31 -38.83 29.40
CA LYS J 786 33.47 -39.91 30.37
C LYS J 786 34.41 -40.98 29.83
N ALA J 787 34.31 -41.24 28.53
CA ALA J 787 35.19 -42.21 27.88
C ALA J 787 36.63 -41.72 27.88
N LEU J 788 36.81 -40.42 27.64
CA LEU J 788 38.13 -39.82 27.64
C LEU J 788 38.72 -39.85 29.05
N ALA J 789 37.86 -39.69 30.06
CA ALA J 789 38.30 -39.67 31.44
C ALA J 789 38.69 -41.07 31.93
N ASP J 790 37.88 -42.06 31.57
CA ASP J 790 38.13 -43.44 31.98
C ASP J 790 39.40 -44.00 31.36
N SER J 791 39.60 -43.72 30.07
CA SER J 791 40.78 -44.20 29.36
C SER J 791 42.04 -43.48 29.81
N LEU J 792 41.88 -42.23 30.22
CA LEU J 792 43.01 -41.44 30.73
C LEU J 792 43.35 -41.90 32.14
N ASP J 793 42.35 -42.40 32.85
CA ASP J 793 42.52 -42.85 34.23
C ASP J 793 43.29 -44.16 34.29
N ARG J 794 42.97 -45.08 33.39
CA ARG J 794 43.64 -46.38 33.34
C ARG J 794 45.03 -46.27 32.71
N CYS J 795 45.31 -45.13 32.11
CA CYS J 795 46.62 -44.87 31.51
C CYS J 795 47.66 -44.63 32.61
N VAL J 796 48.09 -45.70 33.26
CA VAL J 796 49.03 -45.59 34.37
C VAL J 796 50.08 -46.70 34.36
N ASP J 797 51.34 -46.32 34.57
CA ASP J 797 52.43 -47.28 34.63
C ASP J 797 52.74 -47.66 36.08
N PRO J 798 52.83 -48.97 36.35
CA PRO J 798 53.06 -49.47 37.71
C PRO J 798 54.48 -49.18 38.22
N GLU J 799 55.45 -49.12 37.32
CA GLU J 799 56.84 -48.89 37.70
C GLU J 799 57.10 -47.43 38.04
N ASP J 800 56.20 -46.55 37.60
CA ASP J 800 56.33 -45.12 37.86
C ASP J 800 54.97 -44.45 37.99
N PRO J 801 54.59 -44.06 39.21
CA PRO J 801 53.30 -43.45 39.52
C PRO J 801 53.10 -42.11 38.82
N TYR J 802 54.18 -41.40 38.53
CA TYR J 802 54.09 -40.08 37.92
C TYR J 802 53.76 -40.14 36.43
N PHE J 803 53.84 -41.33 35.85
CA PHE J 803 53.52 -41.51 34.43
C PHE J 803 52.12 -41.05 34.11
N ASN J 804 51.17 -41.38 34.98
CA ASN J 804 49.78 -40.98 34.82
C ASN J 804 49.61 -39.46 34.87
N THR J 805 50.38 -38.83 35.74
CA THR J 805 50.35 -37.38 35.88
C THR J 805 50.91 -36.72 34.61
N LEU J 806 51.97 -37.33 34.06
CA LEU J 806 52.61 -36.81 32.86
C LEU J 806 51.67 -36.85 31.66
N VAL J 807 50.90 -37.93 31.53
CA VAL J 807 49.96 -38.05 30.43
C VAL J 807 48.84 -37.03 30.58
N ARG J 808 48.39 -36.83 31.81
CA ARG J 808 47.33 -35.86 32.10
C ARG J 808 47.75 -34.43 31.78
N ILE J 809 48.95 -34.05 32.20
CA ILE J 809 49.45 -32.70 31.97
C ILE J 809 49.80 -32.50 30.49
N MET J 810 49.87 -33.59 29.76
CA MET J 810 50.20 -33.55 28.33
C MET J 810 48.93 -33.60 27.49
N SER J 811 47.91 -34.29 27.99
CA SER J 811 46.62 -34.35 27.31
C SER J 811 45.80 -33.09 27.60
N THR J 812 46.32 -32.26 28.49
CA THR J 812 45.70 -30.99 28.81
C THR J 812 46.06 -29.96 27.74
N ARG J 813 47.23 -30.14 27.14
CA ARG J 813 47.72 -29.23 26.11
C ARG J 813 46.93 -29.35 24.81
N CYS J 814 46.22 -30.45 24.64
CA CYS J 814 45.44 -30.67 23.41
C CYS J 814 43.94 -30.50 23.63
N MET J 815 43.58 -29.66 24.60
CA MET J 815 42.19 -29.32 24.86
C MET J 815 41.85 -27.96 24.27
N MET J 816 40.62 -27.82 23.78
CA MET J 816 40.17 -26.56 23.22
C MET J 816 39.98 -25.51 24.32
N ALA J 817 40.34 -24.27 24.02
CA ALA J 817 40.25 -23.19 25.00
C ALA J 817 38.80 -22.83 25.32
N ALA J 818 38.48 -22.80 26.61
CA ALA J 818 37.15 -22.38 27.04
C ALA J 818 37.04 -20.86 26.90
N GLN J 819 35.86 -20.40 26.50
CA GLN J 819 35.66 -18.97 26.26
C GLN J 819 34.34 -18.47 26.82
N TYR J 820 34.30 -17.18 27.16
CA TYR J 820 33.07 -16.54 27.57
C TYR J 820 32.24 -16.19 26.34
N PHE J 821 30.93 -16.05 26.52
CA PHE J 821 30.04 -15.69 25.42
C PHE J 821 28.69 -15.25 25.95
N TYR J 822 27.83 -14.77 25.06
CA TYR J 822 26.46 -14.44 25.44
C TYR J 822 25.49 -15.42 24.78
N SER J 823 24.42 -15.75 25.50
CA SER J 823 23.50 -16.82 25.10
C SER J 823 22.83 -16.62 23.74
N GLY J 824 22.88 -15.40 23.22
CA GLY J 824 22.27 -15.11 21.93
C GLY J 824 23.20 -15.35 20.76
N ALA J 825 24.47 -15.61 21.06
CA ALA J 825 25.48 -15.81 20.03
C ALA J 825 25.51 -17.26 19.54
N TYR J 826 25.04 -18.18 20.38
CA TYR J 826 25.04 -19.59 20.04
C TYR J 826 23.72 -20.24 20.42
N SER J 827 23.49 -21.46 19.91
CA SER J 827 22.31 -22.23 20.25
C SER J 827 22.54 -22.97 21.56
N TYR J 828 21.49 -23.56 22.11
CA TYR J 828 21.56 -24.26 23.39
C TYR J 828 22.55 -25.45 23.45
N PRO J 829 22.58 -26.31 22.41
CA PRO J 829 23.56 -27.40 22.47
C PRO J 829 25.01 -26.92 22.47
N ASP J 830 25.24 -25.69 22.05
CA ASP J 830 26.59 -25.13 22.01
C ASP J 830 27.01 -24.53 23.35
N PHE J 831 26.09 -24.55 24.32
CA PHE J 831 26.38 -24.05 25.66
C PHE J 831 27.20 -25.08 26.42
N ARG J 832 27.30 -26.27 25.85
CA ARG J 832 27.96 -27.42 26.49
C ARG J 832 29.38 -27.15 26.95
N HIS J 833 29.70 -27.56 28.16
CA HIS J 833 31.06 -27.48 28.69
C HIS J 833 31.63 -28.87 28.81
N TYR J 834 32.55 -29.20 27.90
CA TYR J 834 33.08 -30.56 27.79
C TYR J 834 33.85 -31.01 29.04
N GLY J 835 34.75 -30.16 29.52
CA GLY J 835 35.59 -30.48 30.65
C GLY J 835 34.87 -30.66 31.97
N LEU J 836 33.62 -30.18 32.03
CA LEU J 836 32.83 -30.27 33.25
C LEU J 836 31.59 -31.13 33.05
N ALA J 837 31.30 -31.44 31.79
CA ALA J 837 30.13 -32.24 31.42
C ALA J 837 28.83 -31.65 31.92
N VAL J 838 28.66 -30.34 31.70
CA VAL J 838 27.43 -29.65 32.07
C VAL J 838 26.81 -28.95 30.85
N ASP J 839 25.49 -28.88 30.83
CA ASP J 839 24.77 -28.29 29.70
C ASP J 839 24.92 -26.77 29.66
N ILE J 840 25.16 -26.17 30.82
CA ILE J 840 25.28 -24.73 30.92
C ILE J 840 26.17 -24.33 32.10
N TYR J 841 26.90 -23.23 31.96
CA TYR J 841 27.85 -22.81 32.99
C TYR J 841 28.25 -21.35 32.82
N THR J 842 28.65 -20.74 33.93
CA THR J 842 29.01 -19.33 33.96
C THR J 842 29.93 -19.01 35.15
N HIS J 843 30.57 -17.85 35.11
CA HIS J 843 31.42 -17.40 36.21
C HIS J 843 30.67 -16.38 37.02
N PHE J 844 30.63 -16.56 38.32
CA PHE J 844 29.76 -15.75 39.18
C PHE J 844 30.35 -15.58 40.58
N THR J 845 31.19 -16.52 41.00
CA THR J 845 31.64 -16.59 42.39
C THR J 845 32.79 -15.64 42.74
N SER J 846 33.39 -15.02 41.74
CA SER J 846 34.53 -14.14 41.96
C SER J 846 34.38 -12.79 41.26
N PRO J 847 33.51 -11.95 41.79
CA PRO J 847 33.29 -10.61 41.24
C PRO J 847 34.54 -9.74 41.34
N ILE J 848 35.24 -9.84 42.48
CA ILE J 848 36.39 -8.99 42.76
C ILE J 848 37.55 -9.17 41.78
N ARG J 849 37.84 -10.42 41.40
CA ARG J 849 38.97 -10.69 40.52
C ARG J 849 38.55 -11.02 39.09
N ARG J 850 37.25 -11.09 38.84
CA ARG J 850 36.74 -11.34 37.49
C ARG J 850 35.55 -10.44 37.16
N TYR J 851 35.66 -9.72 36.04
CA TYR J 851 34.59 -8.80 35.63
C TYR J 851 33.40 -9.57 35.06
N CYS J 852 33.65 -10.79 34.59
CA CYS J 852 32.58 -11.64 34.08
C CYS J 852 31.55 -11.91 35.17
N ASP J 853 32.04 -12.15 36.38
CA ASP J 853 31.16 -12.39 37.52
C ASP J 853 30.30 -11.17 37.77
N VAL J 854 30.91 -9.99 37.63
CA VAL J 854 30.19 -8.74 37.87
C VAL J 854 28.97 -8.65 36.97
N VAL J 855 29.16 -9.03 35.71
CA VAL J 855 28.06 -9.06 34.74
C VAL J 855 27.01 -10.08 35.16
N ALA J 856 27.47 -11.25 35.57
CA ALA J 856 26.58 -12.32 36.02
C ALA J 856 25.79 -11.90 37.25
N HIS J 857 26.43 -11.15 38.14
CA HIS J 857 25.78 -10.64 39.34
C HIS J 857 24.64 -9.70 38.99
N ARG J 858 24.90 -8.77 38.08
CA ARG J 858 23.89 -7.80 37.66
C ARG J 858 22.72 -8.50 36.96
N GLN J 859 23.03 -9.55 36.22
CA GLN J 859 22.00 -10.31 35.50
C GLN J 859 21.15 -11.14 36.46
N LEU J 860 21.79 -11.67 37.50
CA LEU J 860 21.07 -12.45 38.51
C LEU J 860 20.17 -11.55 39.34
N ALA J 861 20.65 -10.34 39.62
CA ALA J 861 19.88 -9.36 40.37
C ALA J 861 18.61 -8.98 39.62
N GLY J 862 18.71 -8.89 38.30
CA GLY J 862 17.56 -8.61 37.47
C GLY J 862 16.69 -9.85 37.32
N ALA J 863 17.32 -11.01 37.42
CA ALA J 863 16.62 -12.28 37.30
C ALA J 863 15.67 -12.51 38.47
N ILE J 864 16.10 -12.15 39.66
CA ILE J 864 15.30 -12.34 40.85
C ILE J 864 14.37 -11.15 41.11
N GLY J 865 14.62 -10.04 40.41
CA GLY J 865 13.79 -8.86 40.52
C GLY J 865 14.27 -7.87 41.56
N TYR J 866 15.54 -8.00 41.95
CA TYR J 866 16.13 -7.09 42.93
C TYR J 866 16.31 -5.69 42.34
N GLU J 867 16.79 -5.64 41.10
CA GLU J 867 17.06 -4.38 40.43
C GLU J 867 17.14 -4.63 38.92
N PRO J 868 16.49 -3.77 38.12
CA PRO J 868 16.48 -3.94 36.66
C PRO J 868 17.88 -3.99 36.05
N LEU J 869 18.07 -4.89 35.10
CA LEU J 869 19.37 -5.07 34.46
C LEU J 869 19.69 -3.90 33.54
N SER J 870 20.91 -3.40 33.63
CA SER J 870 21.35 -2.27 32.81
C SER J 870 21.25 -2.59 31.33
N LEU J 871 21.02 -1.55 30.52
CA LEU J 871 20.85 -1.71 29.09
C LEU J 871 22.09 -2.29 28.43
N THR J 872 23.25 -2.01 29.01
CA THR J 872 24.53 -2.48 28.46
C THR J 872 24.68 -3.99 28.52
N HIS J 873 23.89 -4.64 29.37
CA HIS J 873 23.96 -6.09 29.51
C HIS J 873 22.76 -6.76 28.84
N ARG J 874 22.07 -5.99 27.99
CA ARG J 874 20.95 -6.52 27.22
C ARG J 874 21.12 -6.14 25.75
N ASP J 875 22.28 -5.58 25.43
CA ASP J 875 22.63 -5.25 24.06
C ASP J 875 23.56 -6.34 23.53
N LYS J 876 23.11 -7.04 22.49
CA LYS J 876 23.89 -8.13 21.90
C LYS J 876 25.23 -7.64 21.38
N ASN J 877 25.27 -6.38 20.96
CA ASN J 877 26.50 -5.78 20.45
C ASN J 877 27.48 -5.44 21.57
N LYS J 878 26.97 -4.84 22.63
CA LYS J 878 27.80 -4.50 23.79
C LYS J 878 28.30 -5.74 24.51
N MET J 879 27.47 -6.78 24.55
CA MET J 879 27.84 -8.04 25.19
C MET J 879 28.94 -8.75 24.42
N ASP J 880 28.94 -8.58 23.10
CA ASP J 880 29.95 -9.21 22.24
C ASP J 880 31.32 -8.58 22.49
N MET J 881 31.32 -7.28 22.75
CA MET J 881 32.56 -6.56 23.03
C MET J 881 33.12 -6.92 24.40
N ILE J 882 32.23 -7.08 25.37
CA ILE J 882 32.63 -7.46 26.72
C ILE J 882 33.25 -8.85 26.73
N CYS J 883 32.61 -9.77 26.00
CA CYS J 883 33.09 -11.15 25.94
C CYS J 883 34.43 -11.28 25.22
N ARG J 884 34.57 -10.60 24.09
CA ARG J 884 35.82 -10.65 23.34
C ARG J 884 36.97 -10.00 24.09
N ASN J 885 36.65 -9.06 24.98
CA ASN J 885 37.67 -8.40 25.80
C ASN J 885 38.13 -9.26 26.96
N ILE J 886 37.18 -9.76 27.75
CA ILE J 886 37.53 -10.57 28.92
C ILE J 886 38.15 -11.90 28.53
N ASN J 887 37.86 -12.35 27.31
CA ASN J 887 38.51 -13.55 26.77
C ASN J 887 39.99 -13.29 26.50
N ARG J 888 40.29 -12.11 25.97
CA ARG J 888 41.67 -11.73 25.67
C ARG J 888 42.42 -11.41 26.96
N LYS J 889 41.75 -10.77 27.89
CA LYS J 889 42.36 -10.44 29.18
C LYS J 889 42.60 -11.69 30.01
N HIS J 890 41.74 -12.69 29.83
CA HIS J 890 41.89 -13.96 30.53
C HIS J 890 43.14 -14.69 30.07
N ARG J 891 43.35 -14.74 28.76
CA ARG J 891 44.53 -15.38 28.18
C ARG J 891 45.80 -14.65 28.60
N ASN J 892 45.74 -13.32 28.58
CA ASN J 892 46.87 -12.49 28.98
C ASN J 892 47.19 -12.65 30.47
N ALA J 893 46.18 -12.98 31.26
CA ALA J 893 46.36 -13.15 32.70
C ALA J 893 47.14 -14.42 33.02
N GLN J 894 46.73 -15.53 32.42
CA GLN J 894 47.37 -16.82 32.67
C GLN J 894 48.78 -16.87 32.10
N PHE J 895 48.97 -16.26 30.93
CA PHE J 895 50.29 -16.22 30.29
C PHE J 895 51.27 -15.39 31.11
N ALA J 896 50.80 -14.26 31.63
CA ALA J 896 51.62 -13.42 32.49
C ALA J 896 51.91 -14.13 33.81
N GLY J 897 50.92 -14.88 34.30
CA GLY J 897 51.07 -15.64 35.52
C GLY J 897 52.10 -16.74 35.38
N ARG J 898 52.02 -17.47 34.27
CA ARG J 898 52.98 -18.55 34.01
C ARG J 898 54.37 -18.01 33.74
N ALA J 899 54.44 -16.81 33.17
CA ALA J 899 55.72 -16.17 32.88
C ALA J 899 56.38 -15.72 34.18
N SER J 900 55.57 -15.33 35.16
CA SER J 900 56.08 -14.91 36.46
C SER J 900 56.72 -16.09 37.18
N ILE J 901 56.10 -17.26 37.06
CA ILE J 901 56.67 -18.48 37.61
C ILE J 901 57.98 -18.79 36.93
N GLU J 902 58.00 -18.62 35.61
CA GLU J 902 59.16 -18.93 34.78
C GLU J 902 60.40 -18.12 35.20
N TYR J 903 60.19 -16.84 35.51
CA TYR J 903 61.30 -15.97 35.89
C TYR J 903 61.88 -16.34 37.26
N TYR J 904 61.01 -16.49 38.25
CA TYR J 904 61.45 -16.78 39.61
C TYR J 904 62.11 -18.14 39.73
N VAL J 905 61.55 -19.14 39.06
CA VAL J 905 62.13 -20.48 39.05
C VAL J 905 63.47 -20.44 38.32
N GLY J 906 63.54 -19.63 37.25
CA GLY J 906 64.77 -19.46 36.50
C GLY J 906 65.85 -18.78 37.33
N GLN J 907 65.44 -18.01 38.33
CA GLN J 907 66.37 -17.33 39.22
C GLN J 907 66.85 -18.26 40.34
N VAL J 908 66.04 -19.28 40.65
CA VAL J 908 66.41 -20.27 41.64
C VAL J 908 67.54 -21.14 41.11
N MET J 909 67.44 -21.49 39.83
CA MET J 909 68.44 -22.35 39.19
C MET J 909 69.52 -21.53 38.50
N ARG J 910 69.62 -20.25 38.86
CA ARG J 910 70.56 -19.33 38.22
C ARG J 910 72.00 -19.79 38.36
N ASN J 911 72.45 -19.98 39.60
CA ASN J 911 73.81 -20.44 39.86
C ASN J 911 73.82 -21.77 40.61
N ASN J 912 73.01 -22.71 40.16
CA ASN J 912 72.92 -24.02 40.81
C ASN J 912 72.78 -25.16 39.80
N GLU J 913 73.47 -26.26 40.08
CA GLU J 913 73.37 -27.46 39.25
C GLU J 913 73.01 -28.66 40.11
N SER J 914 71.97 -29.38 39.73
CA SER J 914 71.52 -30.54 40.49
C SER J 914 70.90 -31.60 39.59
N THR J 915 71.25 -32.85 39.84
CA THR J 915 70.70 -33.97 39.07
C THR J 915 69.26 -34.23 39.48
N GLU J 916 68.32 -33.81 38.63
CA GLU J 916 66.90 -33.96 38.92
C GLU J 916 66.27 -35.04 38.04
N THR J 917 65.01 -35.34 38.32
CA THR J 917 64.26 -36.33 37.55
C THR J 917 63.58 -35.67 36.34
N GLY J 918 63.76 -36.27 35.17
CA GLY J 918 63.20 -35.71 33.95
C GLY J 918 62.38 -36.72 33.15
N TYR J 919 61.51 -36.20 32.29
CA TYR J 919 60.66 -37.04 31.45
C TYR J 919 60.64 -36.53 30.02
N VAL J 920 60.89 -37.43 29.07
CA VAL J 920 60.90 -37.07 27.65
C VAL J 920 59.48 -36.90 27.12
N ILE J 921 59.16 -35.68 26.68
CA ILE J 921 57.82 -35.37 26.18
C ILE J 921 57.80 -35.22 24.66
N LYS J 922 58.94 -34.84 24.08
CA LYS J 922 59.04 -34.65 22.64
C LYS J 922 60.34 -35.23 22.10
N VAL J 923 60.23 -36.06 21.06
CA VAL J 923 61.40 -36.67 20.44
C VAL J 923 61.53 -36.21 19.00
N PHE J 924 62.69 -35.64 18.67
CA PHE J 924 62.96 -35.17 17.32
C PHE J 924 64.33 -35.61 16.84
N ASN J 925 64.63 -35.33 15.58
CA ASN J 925 65.92 -35.69 14.99
C ASN J 925 67.01 -34.66 15.30
N ASN J 926 66.60 -33.51 15.81
CA ASN J 926 67.53 -32.45 16.17
C ASN J 926 67.84 -32.48 17.66
N GLY J 927 67.15 -33.35 18.38
CA GLY J 927 67.32 -33.48 19.82
C GLY J 927 66.05 -33.91 20.52
N ILE J 928 66.04 -33.79 21.84
CA ILE J 928 64.86 -34.17 22.62
C ILE J 928 64.44 -33.04 23.56
N VAL J 929 63.20 -33.13 24.05
CA VAL J 929 62.68 -32.19 25.02
C VAL J 929 62.26 -32.92 26.29
N VAL J 930 62.90 -32.57 27.41
CA VAL J 930 62.60 -33.22 28.68
C VAL J 930 61.93 -32.27 29.67
N LEU J 931 61.02 -32.80 30.46
CA LEU J 931 60.30 -32.02 31.46
C LEU J 931 60.75 -32.38 32.87
N VAL J 932 61.10 -31.37 33.65
CA VAL J 932 61.48 -31.56 35.04
C VAL J 932 60.33 -31.16 35.96
N PRO J 933 59.62 -32.16 36.52
CA PRO J 933 58.46 -31.93 37.39
C PRO J 933 58.81 -31.19 38.68
N LYS J 934 60.07 -31.31 39.13
CA LYS J 934 60.50 -30.67 40.36
C LYS J 934 60.46 -29.15 40.25
N PHE J 935 60.87 -28.63 39.09
CA PHE J 935 60.89 -27.19 38.87
C PHE J 935 59.79 -26.76 37.91
N GLY J 936 59.15 -27.74 37.27
CA GLY J 936 58.08 -27.47 36.32
C GLY J 936 58.55 -26.72 35.09
N VAL J 937 59.77 -27.02 34.66
CA VAL J 937 60.36 -26.34 33.51
C VAL J 937 60.74 -27.32 32.41
N GLU J 938 60.31 -27.04 31.19
CA GLU J 938 60.67 -27.86 30.03
C GLU J 938 61.98 -27.36 29.43
N GLY J 939 62.83 -28.29 29.04
CA GLY J 939 64.12 -27.96 28.46
C GLY J 939 64.39 -28.66 27.15
N LEU J 940 65.20 -28.03 26.30
CA LEU J 940 65.56 -28.60 25.00
C LEU J 940 67.02 -29.02 24.96
N ILE J 941 67.25 -30.29 24.67
CA ILE J 941 68.60 -30.81 24.54
C ILE J 941 68.95 -31.02 23.07
N ARG J 942 69.72 -30.11 22.51
CA ARG J 942 70.11 -30.17 21.11
C ARG J 942 71.01 -31.38 20.86
N LEU J 943 70.96 -31.90 19.63
CA LEU J 943 71.70 -33.11 19.27
C LEU J 943 73.21 -32.98 19.48
N ASP J 944 73.74 -31.78 19.28
CA ASP J 944 75.16 -31.52 19.46
C ASP J 944 75.58 -31.69 20.91
N ASN J 945 74.70 -31.27 21.83
CA ASN J 945 74.97 -31.40 23.25
C ASN J 945 74.28 -32.62 23.85
N LEU J 946 73.63 -33.40 22.99
CA LEU J 946 72.95 -34.61 23.43
C LEU J 946 73.89 -35.80 23.42
N THR J 947 74.69 -35.90 22.37
CA THR J 947 75.58 -37.03 22.19
C THR J 947 76.76 -36.69 21.27
N GLU J 948 77.69 -37.62 21.13
CA GLU J 948 78.83 -37.43 20.25
C GLU J 948 78.54 -38.05 18.88
N ASP J 949 79.18 -37.52 17.85
CA ASP J 949 78.98 -37.96 16.47
C ASP J 949 77.50 -37.90 16.06
N PRO J 950 77.04 -36.71 15.66
CA PRO J 950 75.64 -36.47 15.30
C PRO J 950 75.23 -37.19 14.02
N ASN J 951 76.21 -37.59 13.22
CA ASN J 951 75.94 -38.30 11.96
C ASN J 951 75.67 -39.78 12.17
N SER J 952 75.96 -40.27 13.37
CA SER J 952 75.74 -41.68 13.69
C SER J 952 74.40 -41.89 14.39
N ALA J 953 73.79 -40.82 14.87
CA ALA J 953 72.50 -40.90 15.55
C ALA J 953 71.36 -41.03 14.55
N ALA J 954 70.34 -41.80 14.94
CA ALA J 954 69.20 -42.04 14.06
C ALA J 954 67.87 -41.80 14.78
N PHE J 955 66.89 -41.28 14.04
CA PHE J 955 65.57 -41.00 14.59
C PHE J 955 64.50 -41.83 13.89
N ASP J 956 63.78 -42.63 14.66
CA ASP J 956 62.68 -43.43 14.12
C ASP J 956 61.35 -42.80 14.50
N GLU J 957 60.72 -42.14 13.52
CA GLU J 957 59.45 -41.45 13.75
C GLU J 957 58.32 -42.42 14.11
N VAL J 958 58.39 -43.62 13.57
CA VAL J 958 57.37 -44.64 13.80
C VAL J 958 57.31 -45.05 15.28
N GLU J 959 58.48 -45.12 15.91
CA GLU J 959 58.57 -45.54 17.30
C GLU J 959 58.87 -44.39 18.26
N TYR J 960 59.07 -43.20 17.70
CA TYR J 960 59.47 -42.02 18.47
C TYR J 960 60.73 -42.28 19.29
N LYS J 961 61.63 -43.07 18.71
CA LYS J 961 62.88 -43.45 19.36
C LYS J 961 64.05 -42.66 18.79
N LEU J 962 64.94 -42.20 19.67
CA LEU J 962 66.15 -41.51 19.24
C LEU J 962 67.40 -42.19 19.78
N THR J 963 68.06 -42.97 18.93
CA THR J 963 69.26 -43.68 19.31
C THR J 963 70.53 -42.85 19.05
N PHE J 964 71.40 -42.79 20.05
CA PHE J 964 72.63 -42.02 19.95
C PHE J 964 73.67 -42.50 20.96
N VAL J 965 74.91 -42.07 20.77
CA VAL J 965 76.00 -42.46 21.67
C VAL J 965 76.46 -41.28 22.54
N PRO J 966 76.12 -41.33 23.85
CA PRO J 966 76.39 -40.27 24.83
C PRO J 966 77.83 -39.77 24.79
N THR J 967 78.02 -38.50 25.17
CA THR J 967 79.33 -37.86 25.11
C THR J 967 80.34 -38.54 26.05
N ASN J 968 79.87 -38.93 27.22
CA ASN J 968 80.74 -39.57 28.21
C ASN J 968 80.73 -41.09 28.11
N SER J 969 80.28 -41.61 26.97
CA SER J 969 80.22 -43.05 26.77
C SER J 969 80.43 -43.43 25.31
N ASP J 970 80.24 -44.71 25.00
CA ASP J 970 80.41 -45.21 23.65
C ASP J 970 79.45 -46.35 23.36
N LYS J 971 78.40 -46.45 24.18
CA LYS J 971 77.39 -47.50 24.01
C LYS J 971 76.10 -46.91 23.44
N PRO J 972 75.65 -47.46 22.30
CA PRO J 972 74.43 -47.02 21.61
C PRO J 972 73.20 -47.11 22.51
N ARG J 973 72.71 -45.97 22.97
CA ARG J 973 71.55 -45.93 23.85
C ARG J 973 70.30 -45.47 23.11
N ASP J 974 69.23 -46.24 23.23
CA ASP J 974 67.95 -45.90 22.61
C ASP J 974 67.05 -45.16 23.60
N VAL J 975 66.77 -43.90 23.33
CA VAL J 975 65.92 -43.09 24.19
C VAL J 975 64.52 -42.95 23.60
N TYR J 976 63.57 -43.66 24.20
CA TYR J 976 62.18 -43.61 23.75
C TYR J 976 61.48 -42.41 24.39
N VAL J 977 60.16 -42.34 24.21
CA VAL J 977 59.36 -41.28 24.80
C VAL J 977 58.81 -41.75 26.15
N PHE J 978 58.40 -40.80 26.98
CA PHE J 978 57.80 -41.07 28.29
C PHE J 978 58.79 -41.72 29.27
N ASP J 979 60.07 -41.69 28.92
CA ASP J 979 61.10 -42.31 29.76
C ASP J 979 61.55 -41.39 30.89
N LYS J 980 61.70 -41.97 32.08
CA LYS J 980 62.23 -41.22 33.22
C LYS J 980 63.75 -41.25 33.18
N VAL J 981 64.36 -40.09 32.92
CA VAL J 981 65.81 -40.01 32.79
C VAL J 981 66.41 -39.01 33.78
N GLU J 982 67.67 -39.25 34.13
CA GLU J 982 68.40 -38.35 35.02
C GLU J 982 68.93 -37.16 34.20
N VAL J 983 68.68 -35.95 34.69
CA VAL J 983 69.07 -34.75 33.96
C VAL J 983 69.72 -33.70 34.85
N GLN J 984 70.87 -33.20 34.42
CA GLN J 984 71.56 -32.12 35.13
C GLN J 984 71.00 -30.77 34.69
N VAL J 985 70.45 -30.02 35.64
CA VAL J 985 69.86 -28.72 35.33
C VAL J 985 70.91 -27.60 35.38
N ARG J 986 70.70 -26.60 34.53
CA ARG J 986 71.60 -25.45 34.45
C ARG J 986 70.91 -24.30 33.73
N SER J 987 71.10 -23.09 34.23
CA SER J 987 70.46 -21.91 33.64
C SER J 987 71.49 -20.96 33.03
N VAL J 988 71.16 -20.43 31.86
CA VAL J 988 72.05 -19.47 31.18
C VAL J 988 71.24 -18.51 30.33
N MET J 989 71.45 -17.21 30.54
CA MET J 989 70.78 -16.19 29.75
C MET J 989 71.39 -16.11 28.36
N ASP J 990 70.56 -16.30 27.34
CA ASP J 990 71.02 -16.25 25.95
C ASP J 990 71.45 -14.82 25.61
N PRO J 991 72.64 -14.68 24.99
CA PRO J 991 73.21 -13.36 24.67
C PRO J 991 72.50 -12.67 23.51
N ILE J 992 71.49 -13.31 22.94
CA ILE J 992 70.76 -12.73 21.81
C ILE J 992 69.31 -12.39 22.17
N THR J 993 68.66 -13.28 22.92
CA THR J 993 67.26 -13.09 23.29
C THR J 993 67.12 -12.50 24.68
N SER J 994 68.19 -12.56 25.46
CA SER J 994 68.21 -12.07 26.84
C SER J 994 67.13 -12.73 27.71
N LYS J 995 66.80 -13.97 27.39
CA LYS J 995 65.81 -14.73 28.14
C LYS J 995 66.47 -15.86 28.92
N ARG J 996 66.16 -15.94 30.21
CA ARG J 996 66.74 -16.95 31.07
C ARG J 996 66.22 -18.35 30.72
N LYS J 997 66.97 -19.06 29.90
CA LYS J 997 66.58 -20.42 29.50
C LYS J 997 67.32 -21.46 30.33
N ALA J 998 66.74 -22.65 30.43
CA ALA J 998 67.31 -23.72 31.24
C ALA J 998 67.97 -24.80 30.39
N GLU J 999 69.28 -24.70 30.21
CA GLU J 999 70.03 -25.71 29.46
C GLU J 999 70.17 -26.99 30.26
N LEU J 1000 69.65 -28.08 29.71
CA LEU J 1000 69.65 -29.36 30.40
C LEU J 1000 70.58 -30.37 29.73
N LEU J 1001 71.34 -31.10 30.55
CA LEU J 1001 72.20 -32.17 30.05
C LEU J 1001 71.82 -33.49 30.69
N LEU J 1002 71.34 -34.42 29.85
CA LEU J 1002 70.92 -35.73 30.33
C LEU J 1002 72.11 -36.58 30.77
N LYS J 1003 71.83 -37.68 31.47
CA LYS J 1003 72.88 -38.57 31.95
C LYS J 1003 72.46 -40.03 31.83
N PHE K 150 -86.46 -8.28 -28.25
CA PHE K 150 -86.15 -9.70 -28.40
C PHE K 150 -87.36 -10.52 -27.97
N ILE K 151 -87.78 -11.45 -28.83
CA ILE K 151 -88.89 -12.34 -28.54
C ILE K 151 -88.31 -13.71 -28.25
N PRO K 152 -88.45 -14.18 -27.01
CA PRO K 152 -87.95 -15.51 -26.65
C PRO K 152 -88.34 -16.59 -27.65
N LEU K 153 -87.43 -17.52 -27.91
CA LEU K 153 -87.61 -18.51 -28.97
C LEU K 153 -88.29 -19.83 -28.57
N LEU K 154 -88.62 -19.99 -27.29
CA LEU K 154 -89.17 -21.27 -26.84
C LEU K 154 -90.65 -21.20 -26.45
N LYS K 155 -91.45 -22.05 -27.09
CA LYS K 155 -92.88 -22.16 -26.79
C LYS K 155 -93.20 -23.23 -25.76
N GLU K 156 -92.19 -23.97 -25.34
CA GLU K 156 -92.38 -25.05 -24.37
C GLU K 156 -91.61 -24.75 -23.09
N LYS K 157 -92.26 -24.90 -21.94
CA LYS K 157 -91.63 -24.48 -20.70
C LYS K 157 -91.76 -25.54 -19.61
N PRO K 158 -90.86 -26.52 -19.62
CA PRO K 158 -90.88 -27.60 -18.63
C PRO K 158 -90.46 -27.08 -17.26
N ASN K 159 -90.76 -27.83 -16.21
CA ASN K 159 -90.40 -27.43 -14.85
C ASN K 159 -91.00 -26.07 -14.54
N ALA K 160 -92.12 -25.77 -15.17
CA ALA K 160 -92.80 -24.49 -14.98
C ALA K 160 -93.62 -24.38 -13.71
N LEU K 161 -93.53 -23.16 -13.10
CA LEU K 161 -94.30 -22.90 -11.90
C LEU K 161 -95.38 -21.92 -12.35
N LYS K 162 -95.02 -21.13 -13.36
CA LYS K 162 -95.90 -20.13 -13.93
C LYS K 162 -96.00 -20.43 -15.43
N PRO K 163 -97.19 -20.81 -15.90
CA PRO K 163 -97.43 -21.13 -17.31
C PRO K 163 -96.70 -20.20 -18.27
N LEU K 164 -96.27 -20.75 -19.41
CA LEU K 164 -95.56 -19.97 -20.41
C LEU K 164 -96.36 -18.74 -20.83
N SER K 165 -97.66 -18.80 -20.57
CA SER K 165 -98.58 -17.72 -20.92
C SER K 165 -98.11 -16.41 -20.27
N GLU K 166 -98.27 -16.33 -18.95
CA GLU K 166 -97.87 -15.15 -18.19
C GLU K 166 -96.48 -14.68 -18.59
N SER K 167 -95.68 -15.62 -19.07
CA SER K 167 -94.32 -15.32 -19.53
C SER K 167 -94.31 -14.43 -20.76
N LEU K 168 -95.21 -14.71 -21.70
CA LEU K 168 -95.28 -13.96 -22.93
C LEU K 168 -96.13 -12.71 -22.78
N ARG K 169 -95.73 -11.82 -21.90
CA ARG K 169 -96.52 -10.62 -21.63
C ARG K 169 -95.80 -9.34 -22.02
N LEU K 170 -96.46 -8.51 -22.82
CA LEU K 170 -95.88 -7.25 -23.27
C LEU K 170 -95.87 -6.22 -22.15
N VAL K 171 -94.68 -5.80 -21.75
CA VAL K 171 -94.53 -4.82 -20.68
C VAL K 171 -94.64 -3.40 -21.22
N ASP K 172 -95.08 -2.47 -20.37
CA ASP K 172 -95.22 -1.08 -20.76
C ASP K 172 -93.87 -0.36 -20.77
N ASP K 173 -93.88 0.88 -21.25
CA ASP K 173 -92.66 1.68 -21.31
C ASP K 173 -92.55 2.62 -20.11
N ASP K 174 -91.56 2.39 -19.26
CA ASP K 174 -91.35 3.21 -18.08
C ASP K 174 -90.24 4.23 -18.31
N GLU K 175 -89.97 5.05 -17.30
CA GLU K 175 -88.93 6.06 -17.39
C GLU K 175 -87.55 5.45 -17.31
N ASN K 176 -87.43 4.39 -16.51
CA ASN K 176 -86.15 3.69 -16.35
C ASN K 176 -85.76 2.90 -17.58
N ASN K 177 -86.73 2.21 -18.17
CA ASN K 177 -86.49 1.40 -19.36
C ASN K 177 -87.69 1.40 -20.30
N PRO K 178 -87.50 0.84 -21.49
CA PRO K 178 -88.56 0.77 -22.50
C PRO K 178 -89.27 -0.59 -22.47
N SER K 179 -90.19 -0.80 -23.41
CA SER K 179 -90.92 -2.05 -23.51
C SER K 179 -90.00 -3.21 -23.88
N HIS K 180 -90.34 -4.41 -23.43
CA HIS K 180 -89.56 -5.59 -23.72
C HIS K 180 -90.09 -6.78 -22.99
N TYR K 181 -89.82 -7.97 -23.54
CA TYR K 181 -90.28 -9.22 -22.93
C TYR K 181 -89.49 -9.60 -21.66
N PRO K 182 -90.20 -10.10 -20.67
CA PRO K 182 -89.59 -10.59 -19.41
C PRO K 182 -88.87 -11.93 -19.57
N HIS K 183 -87.86 -12.18 -18.73
CA HIS K 183 -87.17 -13.45 -18.70
C HIS K 183 -88.23 -14.49 -18.32
N PRO K 184 -88.52 -15.46 -19.21
CA PRO K 184 -89.51 -16.52 -19.02
C PRO K 184 -89.39 -17.37 -17.77
N TYR K 185 -88.17 -17.66 -17.35
CA TYR K 185 -87.96 -18.50 -16.17
C TYR K 185 -87.54 -17.68 -14.97
N GLU K 186 -87.85 -16.39 -15.00
CA GLU K 186 -87.51 -15.50 -13.91
C GLU K 186 -88.17 -15.96 -12.62
N TYR K 187 -89.43 -16.37 -12.75
CA TYR K 187 -90.22 -16.83 -11.62
C TYR K 187 -89.58 -18.03 -10.96
N GLU K 188 -89.54 -19.15 -11.68
CA GLU K 188 -88.97 -20.37 -11.15
C GLU K 188 -87.56 -20.15 -10.59
N ILE K 189 -86.77 -19.31 -11.24
CA ILE K 189 -85.42 -19.03 -10.72
C ILE K 189 -85.51 -18.46 -9.31
N ASP K 190 -86.60 -17.74 -9.03
CA ASP K 190 -86.82 -17.14 -7.71
C ASP K 190 -87.51 -18.06 -6.73
N HIS K 191 -88.49 -18.82 -7.22
CA HIS K 191 -89.27 -19.70 -6.36
C HIS K 191 -88.81 -21.14 -6.18
N GLN K 192 -88.43 -21.80 -7.26
CA GLN K 192 -88.16 -23.24 -7.18
C GLN K 192 -87.02 -23.54 -6.20
N GLU K 193 -87.24 -24.56 -5.37
CA GLU K 193 -86.26 -24.96 -4.36
C GLU K 193 -85.04 -25.66 -4.95
N TYR K 194 -83.87 -25.34 -4.40
CA TYR K 194 -82.64 -26.01 -4.78
C TYR K 194 -82.60 -27.46 -4.27
N SER K 195 -82.01 -28.35 -5.05
CA SER K 195 -81.84 -29.75 -4.62
C SER K 195 -81.11 -29.85 -3.28
N PRO K 196 -81.68 -30.59 -2.32
CA PRO K 196 -81.20 -30.57 -0.93
C PRO K 196 -79.82 -31.19 -0.76
N GLU K 197 -79.27 -31.70 -1.86
CA GLU K 197 -77.94 -32.32 -1.88
C GLU K 197 -76.84 -31.31 -2.18
N ILE K 198 -77.19 -30.21 -2.85
CA ILE K 198 -76.27 -29.09 -2.98
C ILE K 198 -75.90 -28.59 -1.59
N LEU K 199 -76.80 -28.84 -0.63
CA LEU K 199 -76.75 -28.27 0.71
C LEU K 199 -75.93 -28.99 1.78
N GLN K 200 -75.40 -30.16 1.47
CA GLN K 200 -74.64 -30.87 2.48
C GLN K 200 -73.19 -30.93 2.06
N ILE K 201 -72.28 -30.90 3.04
CA ILE K 201 -70.88 -31.03 2.74
C ILE K 201 -70.70 -32.51 2.40
N ARG K 202 -70.02 -32.80 1.30
CA ARG K 202 -69.83 -34.20 0.90
C ARG K 202 -68.45 -34.49 0.33
N GLU K 203 -68.04 -35.75 0.39
CA GLU K 203 -66.75 -36.15 -0.13
C GLU K 203 -66.74 -35.91 -1.64
N GLU K 204 -65.65 -35.35 -2.13
CA GLU K 204 -65.52 -35.03 -3.56
C GLU K 204 -65.32 -36.23 -4.48
N ILE K 205 -65.93 -36.14 -5.66
CA ILE K 205 -65.81 -37.14 -6.72
C ILE K 205 -64.89 -36.69 -7.83
N PRO K 206 -63.71 -37.33 -7.93
CA PRO K 206 -62.73 -36.86 -8.91
C PRO K 206 -63.24 -36.97 -10.33
N SER K 207 -62.57 -36.24 -11.23
CA SER K 207 -62.95 -36.24 -12.63
C SER K 207 -62.55 -37.61 -13.16
N LYS K 208 -63.27 -38.11 -14.16
CA LYS K 208 -62.86 -39.37 -14.77
C LYS K 208 -61.49 -39.20 -15.41
N SER K 209 -60.73 -40.27 -15.48
CA SER K 209 -59.41 -40.18 -16.04
C SER K 209 -59.65 -39.88 -17.50
N TRP K 210 -58.96 -38.87 -18.00
CA TRP K 210 -59.18 -38.35 -19.32
C TRP K 210 -59.23 -39.47 -20.36
N ASP K 211 -58.43 -40.52 -20.14
CA ASP K 211 -58.27 -41.53 -21.15
C ASP K 211 -59.23 -42.73 -21.07
N ASP K 212 -60.07 -42.79 -20.04
CA ASP K 212 -61.07 -43.86 -19.97
C ASP K 212 -62.26 -43.67 -20.90
N SER K 213 -62.27 -42.51 -21.55
CA SER K 213 -63.37 -42.17 -22.41
C SER K 213 -62.96 -41.15 -23.45
N VAL K 214 -63.78 -41.12 -24.50
CA VAL K 214 -63.67 -40.22 -25.63
C VAL K 214 -64.80 -39.19 -25.43
N PRO K 215 -64.60 -37.95 -25.92
CA PRO K 215 -65.75 -37.04 -25.84
C PRO K 215 -66.81 -37.48 -26.80
N ILE K 216 -68.07 -37.29 -26.41
CA ILE K 216 -69.17 -37.73 -27.24
C ILE K 216 -69.58 -36.56 -28.15
N TRP K 217 -69.43 -36.74 -29.45
CA TRP K 217 -69.82 -35.73 -30.41
C TRP K 217 -71.32 -35.79 -30.68
N VAL K 218 -72.01 -34.67 -30.54
CA VAL K 218 -73.46 -34.65 -30.71
C VAL K 218 -73.85 -33.72 -31.86
N ASP K 219 -74.20 -34.28 -33.02
CA ASP K 219 -74.57 -33.46 -34.17
C ASP K 219 -75.79 -34.00 -34.91
N THR K 220 -76.40 -35.07 -34.40
CA THR K 220 -77.68 -35.50 -34.95
C THR K 220 -78.77 -35.32 -33.92
N SER K 221 -80.01 -35.35 -34.38
CA SER K 221 -81.15 -35.19 -33.51
C SER K 221 -81.18 -36.38 -32.56
N THR K 222 -80.75 -37.52 -33.07
CA THR K 222 -80.82 -38.79 -32.35
C THR K 222 -79.83 -38.84 -31.19
N GLU K 223 -78.59 -38.49 -31.49
CA GLU K 223 -77.55 -38.40 -30.48
C GLU K 223 -77.95 -37.43 -29.38
N LEU K 224 -78.56 -36.32 -29.79
CA LEU K 224 -79.02 -35.30 -28.86
C LEU K 224 -80.10 -35.81 -27.93
N GLU K 225 -80.97 -36.65 -28.46
CA GLU K 225 -82.06 -37.19 -27.69
C GLU K 225 -81.54 -38.21 -26.71
N SER K 226 -80.56 -38.99 -27.15
CA SER K 226 -79.90 -39.92 -26.26
C SER K 226 -79.23 -39.11 -25.15
N MET K 227 -78.49 -38.07 -25.51
CA MET K 227 -77.82 -37.23 -24.53
C MET K 227 -78.83 -36.69 -23.52
N LEU K 228 -80.00 -36.30 -24.00
CA LEU K 228 -81.04 -35.73 -23.14
C LEU K 228 -81.50 -36.73 -22.10
N GLU K 229 -81.76 -37.96 -22.54
CA GLU K 229 -82.17 -39.04 -21.65
C GLU K 229 -81.12 -39.32 -20.58
N ASP K 230 -79.88 -39.09 -20.97
CA ASP K 230 -78.73 -39.28 -20.11
C ASP K 230 -78.64 -38.17 -19.05
N LEU K 231 -78.90 -36.93 -19.46
CA LEU K 231 -78.75 -35.84 -18.52
C LEU K 231 -79.89 -35.88 -17.54
N LYS K 232 -80.99 -36.50 -17.94
CA LYS K 232 -82.17 -36.61 -17.09
C LYS K 232 -81.85 -37.46 -15.86
N ASN K 233 -80.79 -38.27 -15.97
CA ASN K 233 -80.38 -39.19 -14.92
C ASN K 233 -79.33 -38.65 -13.97
N THR K 234 -78.91 -37.41 -14.14
CA THR K 234 -77.89 -36.82 -13.29
C THR K 234 -78.48 -36.06 -12.10
N LYS K 235 -77.63 -35.66 -11.17
CA LYS K 235 -78.05 -34.76 -10.12
C LYS K 235 -77.34 -33.45 -10.32
N GLU K 236 -76.33 -33.48 -11.19
CA GLU K 236 -75.56 -32.29 -11.53
C GLU K 236 -74.89 -32.48 -12.88
N ILE K 237 -74.75 -31.39 -13.64
CA ILE K 237 -74.01 -31.43 -14.90
C ILE K 237 -73.19 -30.16 -15.08
N ALA K 238 -72.10 -30.25 -15.83
CA ALA K 238 -71.25 -29.07 -16.11
C ALA K 238 -71.44 -28.63 -17.57
N VAL K 239 -71.59 -27.33 -17.80
CA VAL K 239 -71.90 -26.80 -19.12
C VAL K 239 -70.95 -25.67 -19.52
N ASP K 240 -70.57 -25.63 -20.80
CA ASP K 240 -69.82 -24.48 -21.32
C ASP K 240 -70.19 -24.29 -22.79
N LEU K 241 -69.80 -23.16 -23.38
CA LEU K 241 -70.06 -22.87 -24.79
C LEU K 241 -68.86 -22.27 -25.44
N GLU K 242 -68.82 -22.36 -26.78
CA GLU K 242 -67.92 -21.52 -27.56
C GLU K 242 -68.73 -20.59 -28.47
N HIS K 243 -68.32 -19.33 -28.53
CA HIS K 243 -69.07 -18.28 -29.21
C HIS K 243 -68.14 -17.62 -30.21
N HIS K 244 -68.66 -17.32 -31.41
CA HIS K 244 -67.90 -16.67 -32.46
C HIS K 244 -68.54 -15.36 -32.91
N ASP K 245 -67.74 -14.30 -33.00
CA ASP K 245 -68.30 -13.00 -33.35
C ASP K 245 -67.61 -12.23 -34.49
N TYR K 246 -66.64 -12.85 -35.17
CA TYR K 246 -65.96 -12.19 -36.30
C TYR K 246 -66.77 -12.22 -37.60
N ARG K 247 -67.40 -13.34 -37.93
CA ARG K 247 -68.17 -13.46 -39.16
C ARG K 247 -69.67 -13.55 -38.90
N SER K 248 -70.14 -12.67 -38.03
CA SER K 248 -71.54 -12.64 -37.62
C SER K 248 -71.75 -11.31 -36.90
N TYR K 249 -72.89 -10.66 -37.10
CA TYR K 249 -73.09 -9.36 -36.46
C TYR K 249 -73.22 -9.47 -34.93
N TYR K 250 -74.25 -10.16 -34.44
CA TYR K 250 -74.43 -10.34 -32.99
C TYR K 250 -73.55 -11.45 -32.41
N GLY K 251 -73.29 -12.46 -33.23
CA GLY K 251 -72.56 -13.64 -32.81
C GLY K 251 -73.37 -14.92 -33.01
N ILE K 252 -72.71 -16.07 -33.03
CA ILE K 252 -73.40 -17.36 -33.09
C ILE K 252 -72.75 -18.34 -32.12
N VAL K 253 -73.57 -19.22 -31.52
CA VAL K 253 -73.06 -20.23 -30.60
C VAL K 253 -72.57 -21.45 -31.38
N CYS K 254 -71.26 -21.69 -31.33
CA CYS K 254 -70.63 -22.71 -32.17
C CYS K 254 -70.49 -24.09 -31.56
N LEU K 255 -70.35 -24.16 -30.23
CA LEU K 255 -70.21 -25.43 -29.56
C LEU K 255 -70.86 -25.37 -28.21
N MET K 256 -71.38 -26.51 -27.75
CA MET K 256 -71.73 -26.62 -26.35
C MET K 256 -71.07 -27.84 -25.76
N GLN K 257 -70.46 -27.65 -24.60
CA GLN K 257 -69.81 -28.71 -23.86
C GLN K 257 -70.66 -29.05 -22.65
N ILE K 258 -70.95 -30.32 -22.48
CA ILE K 258 -71.67 -30.75 -21.29
C ILE K 258 -71.02 -31.99 -20.70
N SER K 259 -70.72 -31.96 -19.41
CA SER K 259 -70.17 -33.12 -18.73
C SER K 259 -71.08 -33.61 -17.60
N THR K 260 -71.27 -34.93 -17.56
CA THR K 260 -71.80 -35.59 -16.39
C THR K 260 -70.63 -36.11 -15.55
N ARG K 261 -70.92 -36.79 -14.44
CA ARG K 261 -69.84 -37.37 -13.65
C ARG K 261 -69.07 -38.40 -14.46
N GLU K 262 -69.75 -39.03 -15.42
CA GLU K 262 -69.19 -40.13 -16.17
C GLU K 262 -68.66 -39.76 -17.58
N ARG K 263 -69.34 -38.86 -18.28
CA ARG K 263 -68.98 -38.59 -19.67
C ARG K 263 -68.97 -37.11 -20.05
N ASP K 264 -68.25 -36.79 -21.12
CA ASP K 264 -68.20 -35.45 -21.68
C ASP K 264 -68.87 -35.36 -23.03
N TYR K 265 -69.71 -34.35 -23.21
CA TYR K 265 -70.40 -34.15 -24.49
C TYR K 265 -69.98 -32.88 -25.18
N LEU K 266 -69.85 -32.97 -26.51
CA LEU K 266 -69.51 -31.83 -27.34
C LEU K 266 -70.58 -31.65 -28.39
N VAL K 267 -71.31 -30.55 -28.30
CA VAL K 267 -72.52 -30.41 -29.10
C VAL K 267 -72.35 -29.39 -30.25
N ASP K 268 -72.56 -29.86 -31.47
CA ASP K 268 -72.61 -28.98 -32.62
C ASP K 268 -73.88 -28.14 -32.56
N THR K 269 -73.73 -26.91 -32.08
CA THR K 269 -74.86 -25.99 -31.88
C THR K 269 -75.17 -25.27 -33.15
N LEU K 270 -74.36 -25.50 -34.17
CA LEU K 270 -74.64 -24.96 -35.48
C LEU K 270 -75.69 -25.85 -36.14
N LYS K 271 -75.38 -27.13 -36.24
CA LYS K 271 -76.30 -28.06 -36.87
C LYS K 271 -77.58 -28.23 -36.07
N LEU K 272 -77.47 -28.12 -34.75
CA LEU K 272 -78.61 -28.40 -33.89
C LEU K 272 -79.24 -27.16 -33.28
N ARG K 273 -79.00 -26.01 -33.90
CA ARG K 273 -79.55 -24.74 -33.43
C ARG K 273 -81.03 -24.81 -33.08
N GLU K 274 -81.82 -25.43 -33.95
CA GLU K 274 -83.27 -25.41 -33.82
C GLU K 274 -83.76 -26.60 -33.01
N ASN K 275 -82.81 -27.44 -32.57
CA ASN K 275 -83.16 -28.64 -31.82
C ASN K 275 -82.87 -28.53 -30.33
N LEU K 276 -81.94 -27.68 -29.95
CA LEU K 276 -81.40 -27.69 -28.60
C LEU K 276 -82.38 -27.28 -27.49
N HIS K 277 -83.50 -26.66 -27.85
CA HIS K 277 -84.48 -26.25 -26.84
C HIS K 277 -84.99 -27.37 -25.92
N ILE K 278 -84.94 -28.62 -26.37
CA ILE K 278 -85.44 -29.74 -25.57
C ILE K 278 -84.63 -29.97 -24.30
N LEU K 279 -83.45 -29.37 -24.22
CA LEU K 279 -82.65 -29.46 -23.02
C LEU K 279 -83.24 -28.68 -21.87
N ASN K 280 -84.25 -27.87 -22.17
CA ASN K 280 -84.91 -27.13 -21.13
C ASN K 280 -85.49 -28.05 -20.07
N GLU K 281 -85.75 -29.30 -20.46
CA GLU K 281 -86.19 -30.35 -19.54
C GLU K 281 -85.24 -30.46 -18.37
N VAL K 282 -83.95 -30.48 -18.70
CA VAL K 282 -82.89 -30.63 -17.72
C VAL K 282 -82.34 -29.28 -17.25
N PHE K 283 -82.20 -28.33 -18.17
CA PHE K 283 -81.60 -27.04 -17.83
C PHE K 283 -82.47 -26.20 -16.91
N THR K 284 -83.78 -26.41 -16.93
CA THR K 284 -84.67 -25.71 -16.00
C THR K 284 -85.24 -26.63 -14.92
N ASN K 285 -84.71 -27.84 -14.84
CA ASN K 285 -85.06 -28.77 -13.76
C ASN K 285 -84.27 -28.35 -12.55
N PRO K 286 -84.94 -27.89 -11.50
CA PRO K 286 -84.19 -27.27 -10.41
C PRO K 286 -83.44 -28.26 -9.52
N SER K 287 -83.75 -29.55 -9.63
CA SER K 287 -83.13 -30.59 -8.81
C SER K 287 -81.84 -31.14 -9.44
N ILE K 288 -81.42 -30.53 -10.55
CA ILE K 288 -80.19 -30.92 -11.23
C ILE K 288 -79.34 -29.67 -11.30
N VAL K 289 -78.20 -29.68 -10.63
CA VAL K 289 -77.34 -28.51 -10.64
C VAL K 289 -76.71 -28.37 -12.00
N LYS K 290 -76.65 -27.14 -12.50
CA LYS K 290 -75.93 -26.79 -13.73
C LYS K 290 -74.76 -25.93 -13.31
N VAL K 291 -73.57 -26.46 -13.54
CA VAL K 291 -72.36 -25.80 -13.12
C VAL K 291 -71.72 -25.12 -14.30
N PHE K 292 -71.52 -23.81 -14.17
CA PHE K 292 -70.87 -23.01 -15.18
C PHE K 292 -69.72 -22.32 -14.50
N HIS K 293 -68.68 -22.01 -15.28
CA HIS K 293 -67.68 -21.05 -14.89
C HIS K 293 -67.72 -19.90 -15.87
N GLY K 294 -67.76 -18.67 -15.38
CA GLY K 294 -67.80 -17.51 -16.24
C GLY K 294 -68.96 -17.48 -17.23
N ALA K 295 -70.15 -17.82 -16.76
CA ALA K 295 -71.32 -18.01 -17.63
C ALA K 295 -72.25 -16.81 -17.82
N PHE K 296 -71.88 -15.63 -17.32
CA PHE K 296 -72.79 -14.48 -17.34
C PHE K 296 -73.19 -14.07 -18.76
N MET K 297 -72.21 -14.06 -19.67
CA MET K 297 -72.48 -13.96 -21.10
C MET K 297 -73.13 -15.21 -21.67
N ASN K 298 -72.63 -16.40 -21.30
CA ASN K 298 -73.19 -17.64 -21.83
C ASN K 298 -74.69 -17.80 -21.58
N ILE K 299 -75.19 -17.30 -20.44
CA ILE K 299 -76.63 -17.28 -20.15
C ILE K 299 -77.46 -16.52 -21.19
N ILE K 300 -76.96 -15.34 -21.55
CA ILE K 300 -77.50 -14.50 -22.60
C ILE K 300 -77.58 -15.22 -23.96
N TRP K 301 -76.46 -15.81 -24.36
CA TRP K 301 -76.32 -16.51 -25.64
C TRP K 301 -77.17 -17.78 -25.78
N LEU K 302 -77.32 -18.53 -24.69
CA LEU K 302 -78.22 -19.68 -24.71
C LEU K 302 -79.61 -19.22 -25.09
N GLN K 303 -80.06 -18.15 -24.43
CA GLN K 303 -81.32 -17.49 -24.72
C GLN K 303 -81.46 -17.08 -26.17
N ARG K 304 -80.53 -16.23 -26.58
CA ARG K 304 -80.54 -15.62 -27.90
C ARG K 304 -80.63 -16.66 -29.00
N ASP K 305 -79.75 -17.67 -28.95
CA ASP K 305 -79.60 -18.60 -30.07
C ASP K 305 -80.39 -19.90 -29.96
N LEU K 306 -80.57 -20.41 -28.75
CA LEU K 306 -81.07 -21.76 -28.60
C LEU K 306 -82.36 -21.79 -27.81
N GLY K 307 -82.66 -20.67 -27.18
CA GLY K 307 -83.88 -20.56 -26.41
C GLY K 307 -83.78 -21.37 -25.13
N LEU K 308 -82.56 -21.44 -24.58
CA LEU K 308 -82.32 -22.28 -23.38
C LEU K 308 -82.10 -21.43 -22.14
N TYR K 309 -82.66 -21.92 -21.03
CA TYR K 309 -82.64 -21.20 -19.76
C TYR K 309 -82.07 -22.11 -18.70
N VAL K 310 -81.65 -21.50 -17.60
CA VAL K 310 -81.03 -22.26 -16.53
C VAL K 310 -81.70 -21.93 -15.21
N VAL K 311 -82.27 -22.95 -14.58
CA VAL K 311 -82.77 -22.89 -13.22
C VAL K 311 -82.05 -24.00 -12.47
N GLY K 312 -81.30 -23.60 -11.44
CA GLY K 312 -80.41 -24.49 -10.71
C GLY K 312 -78.95 -24.20 -11.04
N LEU K 313 -78.62 -22.95 -11.30
CA LEU K 313 -77.25 -22.58 -11.64
C LEU K 313 -76.34 -22.46 -10.42
N PHE K 314 -75.15 -23.05 -10.53
CA PHE K 314 -74.03 -22.75 -9.65
C PHE K 314 -72.81 -22.25 -10.47
N ASP K 315 -72.40 -20.99 -10.28
CA ASP K 315 -71.31 -20.39 -11.06
C ASP K 315 -70.03 -20.44 -10.21
N THR K 316 -69.04 -21.22 -10.63
CA THR K 316 -67.82 -21.36 -9.82
C THR K 316 -67.00 -20.08 -9.71
N TYR K 317 -67.25 -19.12 -10.59
CA TYR K 317 -66.60 -17.83 -10.50
C TYR K 317 -66.99 -17.07 -9.23
N HIS K 318 -68.29 -17.11 -8.92
CA HIS K 318 -68.76 -16.48 -7.71
C HIS K 318 -68.29 -17.30 -6.52
N ALA K 319 -68.23 -18.61 -6.70
CA ALA K 319 -67.70 -19.49 -5.67
C ALA K 319 -66.25 -19.11 -5.36
N SER K 320 -65.46 -18.96 -6.40
CA SER K 320 -64.05 -18.61 -6.23
C SER K 320 -63.90 -17.27 -5.54
N LYS K 321 -64.73 -16.30 -5.90
CA LYS K 321 -64.67 -14.99 -5.31
C LYS K 321 -65.06 -15.00 -3.84
N ALA K 322 -66.16 -15.70 -3.54
CA ALA K 322 -66.68 -15.74 -2.19
C ALA K 322 -65.67 -16.36 -1.26
N ILE K 323 -65.00 -17.39 -1.75
CA ILE K 323 -63.97 -18.06 -0.98
C ILE K 323 -62.73 -17.18 -0.83
N GLY K 324 -62.50 -16.32 -1.81
CA GLY K 324 -61.37 -15.41 -1.76
C GLY K 324 -60.10 -16.03 -2.32
N LEU K 325 -60.25 -16.86 -3.34
CA LEU K 325 -59.12 -17.48 -4.01
C LEU K 325 -58.29 -16.44 -4.75
N PRO K 326 -56.99 -16.68 -4.84
CA PRO K 326 -56.08 -15.69 -5.46
C PRO K 326 -56.40 -15.43 -6.92
N ARG K 327 -56.70 -16.48 -7.69
CA ARG K 327 -57.09 -16.29 -9.09
C ARG K 327 -58.44 -16.92 -9.41
N HIS K 328 -59.35 -16.09 -9.92
CA HIS K 328 -60.65 -16.56 -10.38
C HIS K 328 -60.53 -17.46 -11.58
N SER K 329 -59.63 -17.10 -12.48
CA SER K 329 -59.51 -17.75 -13.79
C SER K 329 -59.84 -19.23 -13.75
N LEU K 330 -60.57 -19.69 -14.77
CA LEU K 330 -60.97 -21.10 -14.87
C LEU K 330 -59.78 -22.06 -15.01
N ALA K 331 -58.81 -21.68 -15.82
CA ALA K 331 -57.62 -22.50 -16.02
C ALA K 331 -56.88 -22.77 -14.71
N TYR K 332 -56.77 -21.75 -13.88
CA TYR K 332 -56.15 -21.89 -12.57
C TYR K 332 -56.61 -23.15 -11.87
N LEU K 333 -57.90 -23.42 -11.92
CA LEU K 333 -58.45 -24.63 -11.32
C LEU K 333 -57.93 -25.89 -12.00
N LEU K 334 -57.89 -25.85 -13.33
CA LEU K 334 -57.37 -26.95 -14.12
C LEU K 334 -55.88 -27.14 -13.86
N GLU K 335 -55.17 -26.02 -13.74
CA GLU K 335 -53.73 -26.02 -13.53
C GLU K 335 -53.34 -26.66 -12.21
N ASN K 336 -54.12 -26.38 -11.16
CA ASN K 336 -53.76 -26.84 -9.83
C ASN K 336 -54.43 -28.14 -9.40
N PHE K 337 -55.63 -28.40 -9.91
CA PHE K 337 -56.38 -29.58 -9.50
C PHE K 337 -56.39 -30.74 -10.50
N ALA K 338 -56.17 -30.43 -11.76
CA ALA K 338 -56.27 -31.44 -12.80
C ALA K 338 -54.89 -31.65 -13.36
N ASN K 339 -53.94 -30.86 -12.89
CA ASN K 339 -52.57 -30.98 -13.36
C ASN K 339 -52.53 -30.84 -14.89
N PHE K 340 -53.35 -29.92 -15.40
CA PHE K 340 -53.50 -29.74 -16.83
C PHE K 340 -53.08 -28.35 -17.28
N LYS K 341 -52.31 -28.28 -18.37
CA LYS K 341 -51.80 -27.00 -18.82
C LYS K 341 -52.69 -26.42 -19.91
N THR K 342 -53.25 -25.23 -19.67
CA THR K 342 -54.16 -24.59 -20.63
C THR K 342 -53.48 -24.05 -21.90
N SER K 343 -54.18 -24.09 -23.04
CA SER K 343 -53.64 -23.53 -24.29
C SER K 343 -54.50 -22.42 -24.91
N LYS K 344 -53.90 -21.25 -25.08
CA LYS K 344 -54.54 -20.04 -25.64
C LYS K 344 -54.97 -19.98 -27.12
N LYS K 345 -54.12 -20.51 -27.99
CA LYS K 345 -54.18 -20.29 -29.43
C LYS K 345 -55.44 -20.76 -30.14
N TYR K 346 -55.98 -21.90 -29.74
CA TYR K 346 -57.10 -22.50 -30.45
C TYR K 346 -58.33 -21.60 -30.45
N GLN K 347 -58.57 -20.92 -29.34
CA GLN K 347 -59.74 -20.07 -29.20
C GLN K 347 -59.77 -18.88 -30.17
N LEU K 348 -58.61 -18.25 -30.39
CA LEU K 348 -58.56 -17.02 -31.18
C LEU K 348 -59.01 -17.20 -32.63
N ALA K 349 -58.51 -18.24 -33.28
CA ALA K 349 -58.94 -18.58 -34.63
C ALA K 349 -60.37 -19.07 -34.55
N ASP K 350 -61.15 -18.83 -35.60
CA ASP K 350 -62.56 -19.23 -35.58
C ASP K 350 -62.72 -20.74 -35.43
N TRP K 351 -63.71 -21.14 -34.63
CA TRP K 351 -63.94 -22.53 -34.31
C TRP K 351 -64.89 -23.18 -35.27
N ARG K 352 -65.33 -22.41 -36.25
CA ARG K 352 -66.32 -22.87 -37.22
C ARG K 352 -65.81 -24.06 -38.04
N ILE K 353 -64.53 -24.05 -38.38
CA ILE K 353 -63.96 -25.07 -39.27
C ILE K 353 -64.05 -26.48 -38.68
N ARG K 354 -64.34 -27.43 -39.57
CA ARG K 354 -64.49 -28.84 -39.22
C ARG K 354 -63.85 -29.70 -40.30
N PRO K 355 -63.47 -30.93 -39.96
CA PRO K 355 -63.69 -31.48 -38.62
C PRO K 355 -62.80 -30.81 -37.56
N LEU K 356 -63.30 -30.74 -36.34
CA LEU K 356 -62.54 -30.15 -35.24
C LEU K 356 -61.27 -30.94 -34.95
N SER K 357 -60.20 -30.22 -34.65
CA SER K 357 -58.90 -30.82 -34.38
C SER K 357 -58.89 -31.58 -33.06
N LYS K 358 -58.19 -32.72 -33.03
CA LYS K 358 -58.13 -33.55 -31.84
C LYS K 358 -57.60 -32.74 -30.65
N PRO K 359 -56.59 -31.91 -30.88
CA PRO K 359 -56.11 -31.02 -29.83
C PRO K 359 -57.21 -30.02 -29.45
N MET K 360 -57.89 -29.49 -30.47
CA MET K 360 -59.01 -28.58 -30.26
C MET K 360 -60.15 -29.29 -29.56
N THR K 361 -60.40 -30.56 -29.84
CA THR K 361 -61.39 -31.30 -29.03
C THR K 361 -60.97 -31.46 -27.55
N ALA K 362 -59.68 -31.72 -27.37
CA ALA K 362 -59.13 -32.12 -26.08
C ALA K 362 -59.29 -31.09 -24.96
N TYR K 363 -59.09 -29.82 -25.28
CA TYR K 363 -59.22 -28.78 -24.25
C TYR K 363 -60.64 -28.73 -23.69
N ALA K 364 -61.62 -28.82 -24.60
CA ALA K 364 -63.01 -28.82 -24.19
C ALA K 364 -63.30 -30.04 -23.33
N ARG K 365 -62.76 -31.18 -23.74
CA ARG K 365 -63.00 -32.40 -22.96
C ARG K 365 -62.44 -32.21 -21.54
N ALA K 366 -61.22 -31.69 -21.45
CA ALA K 366 -60.60 -31.40 -20.16
C ALA K 366 -61.36 -30.31 -19.37
N ASP K 367 -61.80 -29.28 -20.11
CA ASP K 367 -62.36 -28.09 -19.48
C ASP K 367 -63.62 -28.36 -18.67
N THR K 368 -64.51 -29.21 -19.19
CA THR K 368 -65.74 -29.51 -18.46
C THR K 368 -65.41 -30.18 -17.13
N HIS K 369 -64.46 -31.10 -17.16
CA HIS K 369 -64.04 -31.80 -15.96
C HIS K 369 -63.45 -30.84 -14.98
N PHE K 370 -62.65 -29.90 -15.48
CA PHE K 370 -62.03 -28.91 -14.61
C PHE K 370 -63.11 -28.06 -13.94
N LEU K 371 -64.12 -27.69 -14.71
CA LEU K 371 -65.21 -26.88 -14.19
C LEU K 371 -65.97 -27.64 -13.10
N LEU K 372 -66.18 -28.93 -13.34
CA LEU K 372 -66.88 -29.75 -12.36
C LEU K 372 -66.08 -29.81 -11.07
N ASN K 373 -64.77 -29.94 -11.20
CA ASN K 373 -63.90 -29.99 -10.03
C ASN K 373 -63.97 -28.68 -9.26
N ILE K 374 -63.99 -27.57 -9.99
CA ILE K 374 -64.07 -26.26 -9.36
C ILE K 374 -65.38 -26.13 -8.60
N TYR K 375 -66.46 -26.61 -9.21
CA TYR K 375 -67.77 -26.55 -8.57
C TYR K 375 -67.77 -27.37 -7.29
N ASP K 376 -67.14 -28.53 -7.34
CA ASP K 376 -67.06 -29.39 -6.16
C ASP K 376 -66.29 -28.69 -5.06
N GLN K 377 -65.20 -28.02 -5.43
CA GLN K 377 -64.38 -27.30 -4.45
C GLN K 377 -65.21 -26.19 -3.81
N LEU K 378 -66.00 -25.52 -4.64
CA LEU K 378 -66.86 -24.44 -4.16
C LEU K 378 -67.93 -24.93 -3.19
N ARG K 379 -68.49 -26.11 -3.47
CA ARG K 379 -69.62 -26.62 -2.71
C ARG K 379 -69.37 -26.87 -1.22
N ASN K 380 -68.19 -27.41 -0.89
CA ASN K 380 -67.89 -27.82 0.46
C ASN K 380 -67.27 -26.72 1.28
N LYS K 381 -66.33 -25.99 0.69
CA LYS K 381 -65.67 -24.87 1.36
C LYS K 381 -66.64 -23.73 1.66
N LEU K 382 -67.51 -23.42 0.71
CA LEU K 382 -68.54 -22.41 0.89
C LEU K 382 -69.47 -22.80 2.03
N ILE K 383 -69.88 -24.06 2.08
CA ILE K 383 -70.73 -24.52 3.17
C ILE K 383 -70.01 -24.32 4.50
N GLU K 384 -68.76 -24.77 4.55
CA GLU K 384 -67.90 -24.61 5.73
C GLU K 384 -67.71 -23.14 6.17
N SER K 385 -67.57 -22.26 5.19
CA SER K 385 -67.21 -20.87 5.42
C SER K 385 -68.40 -19.95 5.73
N ASN K 386 -69.60 -20.53 5.78
CA ASN K 386 -70.84 -19.78 5.90
C ASN K 386 -71.05 -18.80 4.74
N LYS K 387 -70.67 -19.21 3.52
CA LYS K 387 -70.82 -18.31 2.39
C LYS K 387 -71.60 -18.89 1.20
N LEU K 388 -72.22 -20.06 1.37
CA LEU K 388 -72.88 -20.73 0.24
C LEU K 388 -74.12 -19.96 -0.19
N ALA K 389 -74.87 -19.45 0.77
CA ALA K 389 -76.10 -18.74 0.47
C ALA K 389 -75.84 -17.54 -0.43
N GLY K 390 -74.71 -16.87 -0.20
CA GLY K 390 -74.33 -15.75 -1.04
C GLY K 390 -74.07 -16.11 -2.49
N VAL K 391 -73.39 -17.22 -2.72
CA VAL K 391 -73.07 -17.67 -4.07
C VAL K 391 -74.32 -18.11 -4.83
N LEU K 392 -75.27 -18.73 -4.16
CA LEU K 392 -76.48 -19.12 -4.88
C LEU K 392 -77.27 -17.89 -5.27
N TYR K 393 -77.22 -16.85 -4.44
CA TYR K 393 -77.89 -15.61 -4.77
C TYR K 393 -77.29 -14.97 -6.02
N GLU K 394 -75.96 -14.82 -6.05
CA GLU K 394 -75.25 -14.34 -7.22
C GLU K 394 -75.55 -15.17 -8.45
N SER K 395 -75.58 -16.48 -8.26
CA SER K 395 -75.83 -17.40 -9.36
C SER K 395 -77.23 -17.20 -9.93
N ARG K 396 -78.22 -16.96 -9.06
CA ARG K 396 -79.55 -16.66 -9.54
C ARG K 396 -79.59 -15.31 -10.28
N ASN K 397 -78.80 -14.35 -9.84
CA ASN K 397 -78.73 -13.09 -10.57
C ASN K 397 -78.09 -13.28 -11.96
N VAL K 398 -77.10 -14.14 -12.07
CA VAL K 398 -76.56 -14.45 -13.38
C VAL K 398 -77.61 -15.13 -14.27
N ALA K 399 -78.26 -16.14 -13.71
CA ALA K 399 -79.30 -16.87 -14.43
C ALA K 399 -80.49 -15.98 -14.79
N LYS K 400 -80.84 -15.07 -13.87
CA LYS K 400 -82.04 -14.25 -13.98
C LYS K 400 -82.07 -13.33 -15.21
N ARG K 401 -80.93 -12.75 -15.57
CA ARG K 401 -80.89 -11.74 -16.62
C ARG K 401 -81.37 -12.26 -17.98
N ARG K 402 -82.07 -11.41 -18.71
CA ARG K 402 -82.55 -11.75 -20.04
C ARG K 402 -81.97 -10.81 -21.10
N PHE K 403 -81.43 -11.37 -22.17
CA PHE K 403 -80.83 -10.58 -23.24
C PHE K 403 -81.84 -9.71 -23.98
N GLU K 404 -81.41 -8.50 -24.35
CA GLU K 404 -82.27 -7.56 -25.07
C GLU K 404 -81.53 -6.88 -26.22
N TYR K 405 -82.30 -6.44 -27.23
CA TYR K 405 -81.73 -5.73 -28.37
C TYR K 405 -81.13 -4.39 -27.93
N SER K 406 -80.08 -3.95 -28.61
CA SER K 406 -79.31 -2.80 -28.15
C SER K 406 -80.16 -1.53 -28.06
N LYS K 407 -81.06 -1.34 -29.03
CA LYS K 407 -81.94 -0.18 -29.03
C LYS K 407 -82.86 -0.17 -27.80
N TYR K 408 -83.33 -1.35 -27.40
CA TYR K 408 -84.31 -1.49 -26.33
C TYR K 408 -83.70 -1.56 -24.92
N ARG K 409 -82.37 -1.51 -24.83
CA ARG K 409 -81.69 -1.67 -23.55
C ARG K 409 -82.05 -0.57 -22.55
N PRO K 410 -82.18 -0.96 -21.29
CA PRO K 410 -82.61 -0.04 -20.22
C PRO K 410 -81.68 1.17 -20.18
N LEU K 411 -82.21 2.30 -19.74
CA LEU K 411 -81.42 3.52 -19.68
C LEU K 411 -80.20 3.37 -18.78
N THR K 412 -80.41 2.92 -17.55
CA THR K 412 -79.30 2.73 -16.63
C THR K 412 -78.74 1.32 -16.83
N PRO K 413 -77.58 1.21 -17.50
CA PRO K 413 -76.94 -0.08 -17.77
C PRO K 413 -76.66 -0.86 -16.49
N SER K 414 -77.31 -2.01 -16.34
CA SER K 414 -77.15 -2.86 -15.17
C SER K 414 -76.65 -4.25 -15.54
N SER K 415 -76.41 -5.08 -14.54
CA SER K 415 -75.94 -6.44 -14.76
C SER K 415 -77.12 -7.41 -14.88
N GLU K 416 -78.32 -6.85 -14.97
CA GLU K 416 -79.55 -7.63 -15.10
C GLU K 416 -79.90 -7.79 -16.58
N VAL K 417 -79.42 -6.87 -17.40
CA VAL K 417 -79.69 -6.90 -18.83
C VAL K 417 -78.41 -6.69 -19.64
N TYR K 418 -78.27 -7.45 -20.72
CA TYR K 418 -77.09 -7.34 -21.58
C TYR K 418 -77.48 -6.91 -22.98
N SER K 419 -76.79 -5.90 -23.50
CA SER K 419 -77.06 -5.38 -24.84
C SER K 419 -76.06 -4.30 -25.22
N LEU K 535 -33.31 41.69 -49.31
CA LEU K 535 -32.60 40.57 -48.69
C LEU K 535 -31.45 40.09 -49.57
N LEU K 536 -31.76 39.14 -50.44
CA LEU K 536 -30.77 38.38 -51.21
C LEU K 536 -30.37 39.07 -52.50
N GLU K 537 -30.95 40.23 -52.74
CA GLU K 537 -30.65 41.02 -53.92
C GLU K 537 -29.18 41.40 -53.89
N THR K 538 -28.63 41.49 -52.67
CA THR K 538 -27.28 42.00 -52.46
C THR K 538 -26.18 41.20 -53.16
N ILE K 539 -26.25 39.87 -53.15
CA ILE K 539 -25.18 39.12 -53.84
C ILE K 539 -25.55 38.87 -55.30
N SER K 540 -24.63 39.23 -56.20
CA SER K 540 -24.85 39.15 -57.63
C SER K 540 -24.73 37.73 -58.20
N VAL K 541 -25.48 37.47 -59.26
CA VAL K 541 -25.32 36.23 -60.00
C VAL K 541 -23.93 36.19 -60.60
N PRO K 542 -23.48 37.33 -61.10
CA PRO K 542 -22.13 37.45 -61.69
C PRO K 542 -21.04 37.18 -60.67
N GLN K 543 -21.21 37.70 -59.46
CA GLN K 543 -20.25 37.49 -58.38
C GLN K 543 -20.21 36.01 -58.01
N ILE K 544 -21.38 35.37 -58.01
CA ILE K 544 -21.47 33.95 -57.70
C ILE K 544 -20.84 33.13 -58.80
N ARG K 545 -21.03 33.56 -60.05
CA ARG K 545 -20.46 32.89 -61.20
C ARG K 545 -18.95 32.71 -61.02
N ASP K 546 -18.29 33.78 -60.56
CA ASP K 546 -16.86 33.74 -60.31
C ASP K 546 -16.54 32.66 -59.29
N VAL K 547 -17.44 32.45 -58.34
CA VAL K 547 -17.27 31.42 -57.32
C VAL K 547 -17.20 30.03 -57.95
N MET K 548 -18.08 29.78 -58.92
CA MET K 548 -18.09 28.52 -59.65
C MET K 548 -16.78 28.32 -60.40
N GLU K 549 -16.20 29.41 -60.88
CA GLU K 549 -14.94 29.36 -61.62
C GLU K 549 -13.78 28.98 -60.72
N ARG K 550 -13.62 29.71 -59.62
CA ARG K 550 -12.53 29.46 -58.68
C ARG K 550 -12.64 28.08 -58.05
N PHE K 551 -13.86 27.60 -57.89
CA PHE K 551 -14.10 26.27 -57.36
C PHE K 551 -13.62 25.21 -58.35
N SER K 552 -13.93 25.42 -59.63
CA SER K 552 -13.49 24.51 -60.68
C SER K 552 -11.97 24.50 -60.79
N VAL K 553 -11.36 25.65 -60.51
CA VAL K 553 -9.90 25.76 -60.47
C VAL K 553 -9.35 24.96 -59.30
N LEU K 554 -9.94 25.17 -58.12
CA LEU K 554 -9.53 24.48 -56.91
C LEU K 554 -9.76 22.97 -57.00
N CYS K 555 -10.91 22.59 -57.53
CA CYS K 555 -11.27 21.18 -57.68
C CYS K 555 -10.38 20.49 -58.69
N ASN K 556 -10.15 21.15 -59.82
CA ASN K 556 -9.30 20.60 -60.88
C ASN K 556 -7.87 20.38 -60.41
N SER K 557 -7.35 21.34 -59.65
CA SER K 557 -5.99 21.26 -59.13
C SER K 557 -5.83 20.08 -58.19
N ASN K 558 -6.85 19.84 -57.37
CA ASN K 558 -6.83 18.73 -56.42
C ASN K 558 -6.75 17.38 -57.11
N ILE K 559 -7.49 17.23 -58.21
CA ILE K 559 -7.51 15.99 -58.97
C ILE K 559 -6.11 15.59 -59.41
N THR K 568 -2.82 -2.00 -55.21
CA THR K 568 -3.01 -3.35 -54.70
C THR K 568 -2.75 -3.41 -53.20
N ASN K 569 -3.42 -4.35 -52.53
CA ASN K 569 -3.17 -4.62 -51.12
C ASN K 569 -2.70 -6.05 -50.89
N SER K 570 -1.60 -6.19 -50.15
CA SER K 570 -1.06 -7.51 -49.81
C SER K 570 -0.75 -7.55 -48.32
N SER K 571 -0.85 -8.72 -47.71
CA SER K 571 -0.66 -8.80 -46.25
C SER K 571 0.71 -9.34 -45.85
N ILE K 572 1.54 -8.45 -45.31
CA ILE K 572 2.87 -8.82 -44.84
C ILE K 572 2.93 -9.78 -43.65
N LEU K 573 2.08 -9.54 -42.64
CA LEU K 573 2.13 -10.34 -41.42
C LEU K 573 0.77 -10.76 -40.86
N LEU K 574 0.02 -9.78 -40.33
CA LEU K 574 -1.28 -10.07 -39.73
C LEU K 574 -2.43 -9.75 -40.68
N GLY K 575 -2.11 -9.59 -41.96
CA GLY K 575 -3.10 -9.19 -42.95
C GLY K 575 -4.05 -10.28 -43.40
N LYS K 576 -3.59 -11.48 -43.07
CA LYS K 576 -4.29 -12.65 -43.59
C LYS K 576 -5.38 -13.11 -42.65
N ILE K 577 -5.09 -13.09 -41.36
CA ILE K 577 -5.96 -13.72 -40.36
C ILE K 577 -6.88 -12.74 -39.62
N LEU K 578 -6.40 -11.52 -39.39
CA LEU K 578 -7.18 -10.52 -38.65
C LEU K 578 -8.50 -10.11 -39.30
N PRO K 579 -8.50 -9.76 -40.59
CA PRO K 579 -9.80 -9.40 -41.18
C PRO K 579 -10.48 -10.61 -41.82
N ARG K 580 -10.52 -11.72 -41.11
CA ARG K 580 -11.13 -12.95 -41.61
C ARG K 580 -12.66 -12.86 -41.53
N GLU K 581 -13.32 -13.19 -42.64
CA GLU K 581 -14.77 -13.22 -42.69
C GLU K 581 -15.31 -14.30 -41.76
N GLU K 582 -16.44 -14.01 -41.11
CA GLU K 582 -17.02 -14.92 -40.14
C GLU K 582 -17.61 -16.17 -40.79
N HIS K 583 -17.12 -17.33 -40.37
CA HIS K 583 -17.65 -18.60 -40.85
C HIS K 583 -18.18 -19.42 -39.68
N ASP K 584 -19.17 -20.27 -39.95
CA ASP K 584 -19.74 -21.13 -38.93
C ASP K 584 -19.68 -22.58 -39.35
N ILE K 585 -19.56 -23.47 -38.37
CA ILE K 585 -19.51 -24.90 -38.65
C ILE K 585 -20.57 -25.68 -37.88
N ALA K 586 -21.04 -26.77 -38.46
CA ALA K 586 -22.04 -27.62 -37.84
C ALA K 586 -21.62 -29.08 -37.92
N TYR K 587 -21.34 -29.67 -36.77
CA TYR K 587 -20.91 -31.06 -36.70
C TYR K 587 -22.08 -32.02 -36.86
N SER K 588 -21.94 -32.95 -37.79
CA SER K 588 -23.00 -33.92 -38.07
C SER K 588 -22.95 -35.11 -37.11
N LYS K 589 -23.66 -36.17 -37.45
CA LYS K 589 -23.71 -37.36 -36.61
C LYS K 589 -22.39 -38.13 -36.62
N ASP K 590 -21.66 -38.01 -37.71
CA ASP K 590 -20.38 -38.70 -37.86
C ASP K 590 -19.24 -37.97 -37.15
N GLY K 591 -19.47 -36.70 -36.81
CA GLY K 591 -18.48 -35.91 -36.13
C GLY K 591 -17.56 -35.17 -37.08
N LEU K 592 -18.03 -34.96 -38.31
CA LEU K 592 -17.25 -34.25 -39.32
C LEU K 592 -17.69 -32.80 -39.44
N PRO K 593 -16.72 -31.87 -39.41
CA PRO K 593 -16.99 -30.43 -39.49
C PRO K 593 -17.54 -30.01 -40.84
N ASN K 594 -18.66 -29.30 -40.84
CA ASN K 594 -19.29 -28.83 -42.07
C ASN K 594 -19.46 -27.33 -42.09
N LYS K 595 -18.80 -26.67 -43.04
CA LYS K 595 -18.86 -25.22 -43.18
C LYS K 595 -20.27 -24.76 -43.53
N VAL K 596 -20.87 -23.97 -42.64
CA VAL K 596 -22.18 -23.41 -42.90
C VAL K 596 -22.04 -22.50 -44.11
N LYS K 597 -23.03 -22.54 -45.00
CA LYS K 597 -22.95 -21.74 -46.21
C LYS K 597 -22.93 -20.26 -45.84
N THR K 598 -22.12 -19.49 -46.56
CA THR K 598 -22.08 -18.06 -46.37
C THR K 598 -23.48 -17.59 -46.70
N GLU K 599 -24.04 -18.19 -47.73
CA GLU K 599 -25.41 -17.92 -48.14
C GLU K 599 -26.41 -18.30 -47.05
N ASP K 600 -26.19 -19.42 -46.37
CA ASP K 600 -27.17 -19.87 -45.39
C ASP K 600 -27.52 -18.84 -44.32
N ILE K 601 -26.51 -18.12 -43.85
CA ILE K 601 -26.72 -17.15 -42.77
C ILE K 601 -27.70 -16.06 -43.19
N ARG K 602 -27.56 -15.59 -44.43
CA ARG K 602 -28.44 -14.56 -44.95
C ARG K 602 -29.89 -15.02 -45.03
N ILE K 603 -30.09 -16.26 -45.47
CA ILE K 603 -31.44 -16.81 -45.65
C ILE K 603 -32.23 -16.91 -44.35
N ARG K 604 -31.57 -17.32 -43.27
CA ARG K 604 -32.21 -17.42 -41.96
C ARG K 604 -32.60 -16.03 -41.47
N ALA K 605 -31.73 -15.07 -41.71
CA ALA K 605 -31.93 -13.69 -41.27
C ALA K 605 -33.17 -13.08 -41.95
N GLN K 606 -33.33 -13.35 -43.24
CA GLN K 606 -34.48 -12.83 -43.97
C GLN K 606 -35.73 -13.46 -43.39
N ASN K 607 -35.66 -14.77 -43.18
CA ASN K 607 -36.77 -15.52 -42.63
C ASN K 607 -37.13 -15.10 -41.22
N PHE K 608 -36.10 -14.86 -40.41
CA PHE K 608 -36.32 -14.44 -39.04
C PHE K 608 -37.01 -13.08 -39.01
N LYS K 609 -36.59 -12.19 -39.89
CA LYS K 609 -37.18 -10.87 -39.97
C LYS K 609 -38.65 -10.97 -40.38
N SER K 610 -38.93 -11.86 -41.33
CA SER K 610 -40.30 -12.08 -41.78
C SER K 610 -41.16 -12.60 -40.64
N ALA K 611 -40.62 -13.57 -39.92
CA ALA K 611 -41.41 -14.29 -38.91
C ALA K 611 -41.88 -13.38 -37.80
N LEU K 612 -41.01 -12.49 -37.32
CA LEU K 612 -41.42 -11.54 -36.30
C LEU K 612 -42.47 -10.54 -36.76
N ALA K 613 -42.27 -9.98 -37.95
CA ALA K 613 -43.16 -8.92 -38.43
C ALA K 613 -44.59 -9.40 -38.67
N ASN K 614 -44.72 -10.53 -39.35
CA ASN K 614 -46.03 -11.16 -39.51
C ASN K 614 -46.55 -11.65 -38.17
N LEU K 615 -45.63 -12.23 -37.40
CA LEU K 615 -45.94 -12.86 -36.14
C LEU K 615 -46.46 -11.91 -35.07
N GLU K 616 -45.94 -10.68 -35.05
CA GLU K 616 -46.18 -9.74 -33.95
C GLU K 616 -47.62 -9.31 -33.67
N ASP K 617 -48.41 -9.14 -34.73
CA ASP K 617 -49.67 -8.38 -34.68
C ASP K 617 -50.82 -8.83 -33.75
N ILE K 618 -51.09 -10.12 -33.64
CA ILE K 618 -52.33 -10.58 -32.99
C ILE K 618 -52.20 -11.15 -31.57
N ILE K 619 -53.02 -10.62 -30.66
CA ILE K 619 -53.00 -11.07 -29.28
C ILE K 619 -54.33 -10.79 -28.59
N PHE K 620 -54.92 -11.83 -28.00
CA PHE K 620 -56.19 -11.69 -27.29
C PHE K 620 -56.05 -12.03 -25.82
N GLU K 621 -56.56 -11.14 -24.97
CA GLU K 621 -56.49 -11.34 -23.53
C GLU K 621 -57.88 -11.45 -22.91
N ILE K 622 -58.08 -12.49 -22.10
CA ILE K 622 -59.37 -12.71 -21.45
C ILE K 622 -59.23 -12.67 -19.93
ZN ZN M . 41.23 32.81 29.65
#